data_7JNT
#
_entry.id   7JNT
#
_cell.length_a   93.617
_cell.length_b   100.992
_cell.length_c   102.888
_cell.angle_alpha   83.11
_cell.angle_beta   73.53
_cell.angle_gamma   78.38
#
_symmetry.space_group_name_H-M   'P 1'
#
loop_
_entity.id
_entity.type
_entity.pdbx_description
1 polymer 'Rho-associated protein kinase 2'
2 non-polymer N-[(3-methoxyphenyl)methyl]-5H-[1]benzopyrano[3,4-c]pyridine-8-carboxamide
3 non-polymer '2-(N-MORPHOLINO)-ETHANESULFONIC ACID'
4 non-polymer 'CHLORIDE ION'
5 water water
#
_entity_poly.entity_id   1
_entity_poly.type   'polypeptide(L)'
_entity_poly.pdbx_seq_one_letter_code
;GDGAGASRQRKLEALIRDPRSPINVESLLDGLNSLVLDLDFPALRKNKNIDNFLNRYEKIVKKIRGLQMKAEDYDVVKVI
GRGAFGEVQLVRHKASQKVYAMKLLSKFEMIKRSDSAFFWEERDIMAFANSPWVVQLFYAFQDDRYLYMVMEYMPGGDLV
NLMSNYDVPEKWAKFYTAEVVLALDAIHSMGLIHRDVKPDNMLLDKHGHLKLADFGTCMKMDETGMVHCDTAVGTPDYIS
PEVLKSQGGDGFYGRECDWWSVGVFLYEMLVGDTPFYADSLVGTYSKIMDHKNSLCFPEDAEISKHAKNLICAFLTDREV
RLGRNGVEEIRQHPFFKNDQWHWDNIRETAAPVVPELSSDIDSSNFDDIEDDKGDVETFPIPKAFVGNQLPFIGFTYYR
;
_entity_poly.pdbx_strand_id   A,B,C,D,E,F,G,H
#
loop_
_chem_comp.id
_chem_comp.type
_chem_comp.name
_chem_comp.formula
CL non-polymer 'CHLORIDE ION' 'Cl -1'
MES non-polymer '2-(N-MORPHOLINO)-ETHANESULFONIC ACID' 'C6 H13 N O4 S'
VFA non-polymer N-[(3-methoxyphenyl)methyl]-5H-[1]benzopyrano[3,4-c]pyridine-8-carboxamide 'C21 H18 N2 O3'
#
# COMPACT_ATOMS: atom_id res chain seq x y z
N SER A 7 -26.01 13.23 -5.44
CA SER A 7 -26.73 12.97 -4.19
C SER A 7 -26.02 13.60 -2.96
N ARG A 8 -26.83 14.05 -1.97
CA ARG A 8 -26.30 14.63 -0.75
C ARG A 8 -25.54 13.58 0.05
N GLN A 9 -26.08 12.34 0.13
CA GLN A 9 -25.43 11.26 0.84
C GLN A 9 -24.15 10.79 0.13
N ARG A 10 -24.09 10.95 -1.21
CA ARG A 10 -22.91 10.59 -2.00
C ARG A 10 -21.83 11.65 -1.79
N LYS A 11 -22.22 12.94 -1.79
CA LYS A 11 -21.31 14.07 -1.56
C LYS A 11 -20.68 13.96 -0.16
N LEU A 12 -21.49 13.60 0.83
CA LEU A 12 -21.04 13.43 2.21
C LEU A 12 -20.12 12.22 2.38
N GLU A 13 -20.41 11.12 1.68
CA GLU A 13 -19.56 9.93 1.75
C GLU A 13 -18.20 10.16 1.07
N ALA A 14 -18.16 11.04 0.04
CA ALA A 14 -16.93 11.39 -0.67
C ALA A 14 -16.00 12.21 0.26
N LEU A 15 -16.60 13.09 1.10
CA LEU A 15 -15.86 13.89 2.07
C LEU A 15 -15.17 13.01 3.10
N ILE A 16 -15.84 11.95 3.55
CA ILE A 16 -15.27 11.06 4.57
C ILE A 16 -14.19 10.11 3.98
N ARG A 17 -14.28 9.80 2.68
CA ARG A 17 -13.31 8.90 2.03
C ARG A 17 -11.97 9.59 1.73
N ASP A 18 -12.02 10.90 1.43
CA ASP A 18 -10.85 11.72 1.13
C ASP A 18 -9.81 11.68 2.27
N PRO A 19 -8.59 11.23 1.96
CA PRO A 19 -7.54 11.18 3.02
C PRO A 19 -7.05 12.55 3.49
N ARG A 20 -7.25 13.59 2.68
CA ARG A 20 -6.89 14.94 3.07
C ARG A 20 -8.00 15.64 3.88
N SER A 21 -9.19 15.02 3.98
CA SER A 21 -10.37 15.58 4.63
C SER A 21 -10.30 15.66 6.14
N PRO A 22 -10.75 16.80 6.72
CA PRO A 22 -10.79 16.91 8.18
C PRO A 22 -11.83 15.99 8.84
N ILE A 23 -12.75 15.41 8.05
CA ILE A 23 -13.76 14.50 8.56
C ILE A 23 -13.60 13.07 8.05
N ASN A 24 -12.36 12.64 7.75
CA ASN A 24 -12.14 11.24 7.38
C ASN A 24 -12.35 10.37 8.65
N VAL A 25 -12.42 9.04 8.51
CA VAL A 25 -12.67 8.18 9.66
C VAL A 25 -11.61 8.34 10.75
N GLU A 26 -10.32 8.50 10.39
CA GLU A 26 -9.27 8.69 11.40
C GLU A 26 -9.50 9.94 12.25
N SER A 27 -9.88 11.07 11.62
CA SER A 27 -10.16 12.31 12.34
C SER A 27 -11.44 12.21 13.16
N LEU A 28 -12.45 11.46 12.67
CA LEU A 28 -13.70 11.26 13.41
C LEU A 28 -13.45 10.42 14.67
N LEU A 29 -12.52 9.44 14.59
CA LEU A 29 -12.13 8.63 15.73
C LEU A 29 -11.32 9.49 16.72
N ASP A 30 -10.50 10.43 16.21
CA ASP A 30 -9.74 11.35 17.05
C ASP A 30 -10.68 12.21 17.85
N GLY A 31 -11.75 12.71 17.22
CA GLY A 31 -12.77 13.51 17.87
C GLY A 31 -13.40 12.79 19.03
N LEU A 32 -13.73 11.51 18.85
CA LEU A 32 -14.33 10.72 19.90
C LEU A 32 -13.31 10.42 21.01
N ASN A 33 -12.08 10.02 20.66
CA ASN A 33 -11.03 9.74 21.64
C ASN A 33 -10.73 10.95 22.51
N SER A 34 -10.58 12.12 21.88
CA SER A 34 -10.26 13.39 22.52
C SER A 34 -11.37 13.83 23.44
N LEU A 35 -12.62 13.65 23.02
CA LEU A 35 -13.78 14.00 23.82
C LEU A 35 -13.80 13.17 25.11
N VAL A 36 -13.53 11.86 25.00
CA VAL A 36 -13.47 10.97 26.17
C VAL A 36 -12.29 11.34 27.09
N LEU A 37 -11.10 11.61 26.52
CA LEU A 37 -9.91 11.99 27.29
C LEU A 37 -10.14 13.29 28.08
N ASP A 38 -10.75 14.29 27.43
CA ASP A 38 -11.02 15.61 28.02
C ASP A 38 -12.20 15.66 28.99
N LEU A 39 -13.00 14.61 29.07
CA LEU A 39 -14.15 14.57 29.97
C LEU A 39 -13.96 13.56 31.12
N ASP A 40 -13.05 12.56 30.96
CA ASP A 40 -12.87 11.54 31.99
C ASP A 40 -12.04 11.99 33.18
N PHE A 41 -12.62 12.89 33.98
CA PHE A 41 -12.05 13.45 35.19
C PHE A 41 -13.13 13.42 36.27
N PRO A 42 -12.76 13.09 37.52
CA PRO A 42 -13.77 12.99 38.59
C PRO A 42 -14.67 14.21 38.80
N ALA A 43 -14.09 15.41 38.68
CA ALA A 43 -14.83 16.65 38.86
C ALA A 43 -15.90 16.86 37.77
N LEU A 44 -15.53 16.57 36.50
CA LEU A 44 -16.41 16.72 35.34
C LEU A 44 -17.51 15.66 35.34
N ARG A 45 -17.19 14.44 35.79
CA ARG A 45 -18.12 13.33 35.92
C ARG A 45 -19.28 13.58 36.91
N LYS A 46 -19.24 14.70 37.66
CA LYS A 46 -20.35 15.06 38.56
C LYS A 46 -21.59 15.44 37.70
N ASN A 47 -21.35 16.02 36.49
CA ASN A 47 -22.37 16.37 35.50
C ASN A 47 -22.92 15.06 34.95
N LYS A 48 -24.26 14.88 35.01
CA LYS A 48 -24.92 13.64 34.55
C LYS A 48 -24.75 13.41 33.06
N ASN A 49 -24.83 14.49 32.24
CA ASN A 49 -24.63 14.41 30.79
C ASN A 49 -23.28 13.77 30.47
N ILE A 50 -22.20 14.25 31.12
CA ILE A 50 -20.84 13.78 30.96
C ILE A 50 -20.65 12.36 31.50
N ASP A 51 -21.15 12.09 32.71
CA ASP A 51 -21.00 10.78 33.32
C ASP A 51 -21.72 9.67 32.52
N ASN A 52 -22.95 9.94 32.07
CA ASN A 52 -23.70 8.94 31.33
C ASN A 52 -23.07 8.66 29.95
N PHE A 53 -22.59 9.72 29.25
CA PHE A 53 -21.93 9.60 27.96
C PHE A 53 -20.68 8.73 28.10
N LEU A 54 -19.84 8.98 29.13
CA LEU A 54 -18.63 8.20 29.38
C LEU A 54 -18.94 6.74 29.67
N ASN A 55 -20.05 6.46 30.38
CA ASN A 55 -20.47 5.08 30.66
C ASN A 55 -20.86 4.35 29.37
N ARG A 56 -21.59 5.04 28.46
CA ARG A 56 -22.01 4.49 27.17
C ARG A 56 -20.82 4.19 26.25
N TYR A 57 -19.85 5.13 26.15
CA TYR A 57 -18.73 4.95 25.25
C TYR A 57 -17.48 4.34 25.84
N GLU A 58 -17.52 3.93 27.13
CA GLU A 58 -16.38 3.33 27.81
C GLU A 58 -15.84 2.05 27.12
N LYS A 59 -16.70 1.04 26.96
CA LYS A 59 -16.28 -0.24 26.38
C LYS A 59 -15.77 -0.11 24.93
N ILE A 60 -16.49 0.66 24.09
CA ILE A 60 -16.09 0.80 22.69
C ILE A 60 -14.77 1.60 22.53
N VAL A 61 -14.57 2.63 23.35
CA VAL A 61 -13.36 3.45 23.28
C VAL A 61 -12.13 2.66 23.77
N LYS A 62 -12.31 1.78 24.75
CA LYS A 62 -11.22 0.94 25.25
C LYS A 62 -10.84 -0.10 24.18
N LYS A 63 -11.86 -0.64 23.46
CA LYS A 63 -11.68 -1.63 22.41
C LYS A 63 -10.88 -0.99 21.26
N ILE A 64 -11.25 0.25 20.86
CA ILE A 64 -10.66 1.08 19.79
C ILE A 64 -9.19 1.44 20.11
N ARG A 65 -8.91 1.72 21.38
CA ARG A 65 -7.59 2.05 21.88
C ARG A 65 -6.61 0.89 21.76
N GLY A 66 -7.10 -0.33 21.93
CA GLY A 66 -6.29 -1.53 21.80
C GLY A 66 -6.02 -1.91 20.36
N LEU A 67 -6.97 -1.57 19.45
CA LEU A 67 -6.85 -1.90 18.02
C LEU A 67 -5.99 -0.89 17.29
N GLN A 68 -6.07 0.40 17.67
CA GLN A 68 -5.34 1.47 16.97
C GLN A 68 -3.86 1.45 17.25
N MET A 69 -3.08 2.01 16.32
CA MET A 69 -1.63 2.11 16.45
C MET A 69 -1.24 2.88 17.71
N LYS A 70 -0.29 2.34 18.46
CA LYS A 70 0.15 2.97 19.69
C LYS A 70 1.67 2.83 19.88
N ALA A 71 2.25 3.65 20.76
CA ALA A 71 3.70 3.62 20.99
C ALA A 71 4.20 2.24 21.42
N GLU A 72 3.34 1.44 22.05
CA GLU A 72 3.70 0.10 22.52
C GLU A 72 3.88 -0.90 21.38
N ASP A 73 3.45 -0.57 20.15
CA ASP A 73 3.68 -1.41 18.99
C ASP A 73 5.14 -1.32 18.49
N TYR A 74 5.94 -0.38 19.03
CA TYR A 74 7.32 -0.19 18.61
C TYR A 74 8.30 -0.43 19.75
N ASP A 75 9.48 -0.90 19.41
CA ASP A 75 10.55 -1.07 20.35
C ASP A 75 11.50 0.09 20.12
N VAL A 76 11.84 0.86 21.16
CA VAL A 76 12.78 1.96 21.00
C VAL A 76 14.18 1.42 21.00
N VAL A 77 14.92 1.65 19.92
CA VAL A 77 16.29 1.18 19.84
C VAL A 77 17.25 2.22 20.40
N LYS A 78 17.13 3.48 19.97
CA LYS A 78 18.04 4.54 20.38
C LYS A 78 17.44 5.90 20.09
N VAL A 79 17.87 6.95 20.81
CA VAL A 79 17.43 8.30 20.50
C VAL A 79 18.46 8.87 19.51
N ILE A 80 18.05 9.23 18.29
CA ILE A 80 18.95 9.73 17.27
C ILE A 80 18.85 11.26 17.03
N GLY A 81 17.91 11.91 17.71
CA GLY A 81 17.72 13.35 17.59
C GLY A 81 16.93 13.91 18.73
N ARG A 82 17.05 15.21 18.93
CA ARG A 82 16.34 15.91 19.98
C ARG A 82 15.88 17.27 19.43
N GLY A 83 14.74 17.72 19.88
CA GLY A 83 14.20 18.99 19.46
C GLY A 83 13.58 19.73 20.60
N ALA A 84 13.06 20.91 20.29
CA ALA A 84 12.42 21.79 21.27
C ALA A 84 11.29 21.10 22.02
N PHE A 85 10.44 20.34 21.30
CA PHE A 85 9.26 19.70 21.89
C PHE A 85 9.32 18.18 22.07
N GLY A 86 10.45 17.54 21.78
CA GLY A 86 10.57 16.11 21.96
C GLY A 86 11.85 15.51 21.43
N GLU A 87 11.73 14.29 20.88
CA GLU A 87 12.89 13.60 20.34
C GLU A 87 12.55 12.73 19.14
N VAL A 88 13.57 12.24 18.45
CA VAL A 88 13.42 11.35 17.32
C VAL A 88 14.11 10.08 17.74
N GLN A 89 13.37 8.97 17.71
CA GLN A 89 13.87 7.68 18.11
C GLN A 89 14.00 6.76 16.91
N LEU A 90 15.02 5.90 16.91
CA LEU A 90 15.14 4.83 15.93
C LEU A 90 14.34 3.71 16.57
N VAL A 91 13.26 3.27 15.92
CA VAL A 91 12.36 2.25 16.47
C VAL A 91 12.22 1.04 15.52
N ARG A 92 11.75 -0.09 16.05
CA ARG A 92 11.44 -1.26 15.26
C ARG A 92 9.99 -1.65 15.55
N HIS A 93 9.15 -1.79 14.51
CA HIS A 93 7.76 -2.19 14.71
C HIS A 93 7.77 -3.65 15.20
N LYS A 94 7.18 -3.93 16.36
CA LYS A 94 7.17 -5.27 16.96
C LYS A 94 6.57 -6.39 16.07
N ALA A 95 5.47 -6.11 15.36
CA ALA A 95 4.85 -7.12 14.52
C ALA A 95 5.56 -7.33 13.18
N SER A 96 5.82 -6.25 12.43
CA SER A 96 6.44 -6.34 11.10
C SER A 96 7.97 -6.46 11.11
N GLN A 97 8.61 -6.10 12.24
CA GLN A 97 10.06 -6.09 12.43
C GLN A 97 10.78 -5.03 11.57
N LYS A 98 10.02 -4.08 10.99
CA LYS A 98 10.54 -3.04 10.12
C LYS A 98 11.03 -1.88 10.96
N VAL A 99 12.14 -1.26 10.52
CA VAL A 99 12.78 -0.15 11.22
C VAL A 99 12.32 1.21 10.66
N TYR A 100 12.06 2.16 11.56
CA TYR A 100 11.63 3.50 11.19
C TYR A 100 12.29 4.53 12.12
N ALA A 101 12.14 5.82 11.80
CA ALA A 101 12.53 6.93 12.67
C ALA A 101 11.20 7.50 13.16
N MET A 102 11.02 7.66 14.47
CA MET A 102 9.77 8.15 15.03
C MET A 102 9.97 9.44 15.78
N LYS A 103 9.33 10.49 15.32
CA LYS A 103 9.39 11.78 15.97
C LYS A 103 8.26 11.88 16.98
N LEU A 104 8.58 12.37 18.17
CA LEU A 104 7.61 12.55 19.25
C LEU A 104 7.48 14.04 19.52
N LEU A 105 6.25 14.51 19.76
CA LEU A 105 6.00 15.90 20.08
C LEU A 105 5.14 15.94 21.34
N SER A 106 5.63 16.59 22.40
CA SER A 106 4.91 16.71 23.66
C SER A 106 3.74 17.67 23.54
N LYS A 107 2.50 17.17 23.78
CA LYS A 107 1.28 17.98 23.73
C LYS A 107 1.35 19.08 24.79
N PHE A 108 1.81 18.73 26.00
CA PHE A 108 1.99 19.66 27.11
C PHE A 108 2.93 20.83 26.74
N GLU A 109 4.14 20.54 26.22
CA GLU A 109 5.09 21.59 25.83
C GLU A 109 4.56 22.44 24.68
N MET A 110 3.90 21.83 23.68
CA MET A 110 3.30 22.56 22.56
C MET A 110 2.20 23.50 23.00
N ILE A 111 1.41 23.12 24.00
CA ILE A 111 0.34 23.98 24.49
C ILE A 111 0.94 25.08 25.39
N LYS A 112 1.79 24.69 26.35
CA LYS A 112 2.44 25.63 27.26
C LYS A 112 3.21 26.71 26.52
N ARG A 113 4.00 26.32 25.50
CA ARG A 113 4.78 27.29 24.73
C ARG A 113 4.05 27.79 23.50
N SER A 114 2.70 27.86 23.56
CA SER A 114 1.73 28.31 22.55
C SER A 114 2.17 28.08 21.07
N ASP A 115 2.73 26.90 20.79
CA ASP A 115 3.18 26.51 19.46
C ASP A 115 2.53 25.16 19.12
N SER A 116 1.22 25.16 18.80
CA SER A 116 0.49 23.91 18.53
C SER A 116 -0.22 23.85 17.16
N ALA A 117 0.41 24.35 16.10
CA ALA A 117 -0.18 24.29 14.75
C ALA A 117 0.84 23.95 13.65
N PHE A 118 2.15 24.01 13.97
CA PHE A 118 3.24 23.75 13.03
C PHE A 118 3.25 22.33 12.45
N PHE A 119 2.76 21.35 13.22
CA PHE A 119 2.79 19.93 12.85
C PHE A 119 1.85 19.54 11.72
N TRP A 120 0.85 20.39 11.40
CA TRP A 120 -0.09 20.09 10.33
C TRP A 120 0.62 20.06 8.99
N GLU A 121 1.37 21.13 8.67
CA GLU A 121 2.13 21.16 7.42
C GLU A 121 3.27 20.13 7.42
N GLU A 122 3.89 19.89 8.58
CA GLU A 122 4.97 18.91 8.67
C GLU A 122 4.47 17.52 8.35
N ARG A 123 3.33 17.14 8.92
CA ARG A 123 2.72 15.85 8.67
C ARG A 123 2.30 15.76 7.20
N ASP A 124 1.62 16.79 6.67
CA ASP A 124 1.15 16.79 5.29
C ASP A 124 2.25 16.72 4.26
N ILE A 125 3.38 17.43 4.46
CA ILE A 125 4.51 17.41 3.52
C ILE A 125 5.07 16.00 3.43
N MET A 126 5.29 15.38 4.59
CA MET A 126 5.85 14.04 4.63
C MET A 126 4.88 12.94 4.16
N ALA A 127 3.57 13.11 4.42
CA ALA A 127 2.59 12.13 3.99
C ALA A 127 2.26 12.21 2.51
N PHE A 128 2.14 13.44 1.96
CA PHE A 128 1.63 13.60 0.61
C PHE A 128 2.55 14.21 -0.43
N ALA A 129 3.86 14.40 -0.15
CA ALA A 129 4.78 14.95 -1.14
C ALA A 129 5.00 14.05 -2.35
N ASN A 130 5.12 12.71 -2.14
CA ASN A 130 5.40 11.74 -3.19
C ASN A 130 6.68 12.12 -3.94
N SER A 131 7.71 12.56 -3.18
CA SER A 131 8.96 13.03 -3.73
C SER A 131 10.11 12.26 -3.13
N PRO A 132 11.10 11.86 -3.96
CA PRO A 132 12.29 11.22 -3.39
C PRO A 132 13.17 12.20 -2.58
N TRP A 133 12.88 13.50 -2.62
CA TRP A 133 13.63 14.51 -1.87
C TRP A 133 13.07 14.82 -0.49
N VAL A 134 11.92 14.25 -0.12
CA VAL A 134 11.26 14.50 1.15
C VAL A 134 11.15 13.18 1.92
N VAL A 135 11.52 13.19 3.21
CA VAL A 135 11.38 12.01 4.06
C VAL A 135 9.86 11.59 4.11
N GLN A 136 9.59 10.32 3.81
CA GLN A 136 8.22 9.82 3.83
C GLN A 136 7.71 9.44 5.22
N LEU A 137 6.48 9.86 5.49
CA LEU A 137 5.78 9.51 6.69
C LEU A 137 4.83 8.36 6.32
N PHE A 138 4.87 7.28 7.10
CA PHE A 138 3.99 6.13 6.90
C PHE A 138 2.78 6.25 7.81
N TYR A 139 3.01 6.60 9.09
CA TYR A 139 1.94 6.73 10.07
C TYR A 139 2.08 7.98 10.92
N ALA A 140 0.96 8.50 11.33
CA ALA A 140 0.88 9.62 12.25
C ALA A 140 -0.19 9.17 13.24
N PHE A 141 0.15 9.10 14.52
CA PHE A 141 -0.79 8.68 15.55
C PHE A 141 -0.54 9.52 16.82
N GLN A 142 -1.32 9.28 17.87
CA GLN A 142 -1.21 10.07 19.09
C GLN A 142 -1.75 9.32 20.29
N ASP A 143 -1.31 9.74 21.47
CA ASP A 143 -1.85 9.27 22.75
C ASP A 143 -2.19 10.52 23.61
N ASP A 144 -2.49 10.37 24.90
CA ASP A 144 -2.82 11.53 25.73
C ASP A 144 -1.63 12.52 25.90
N ARG A 145 -0.39 12.04 25.80
CA ARG A 145 0.78 12.88 26.01
C ARG A 145 1.53 13.32 24.74
N TYR A 146 1.58 12.48 23.71
CA TYR A 146 2.36 12.79 22.52
C TYR A 146 1.66 12.63 21.18
N LEU A 147 2.23 13.28 20.17
CA LEU A 147 1.96 13.12 18.75
C LEU A 147 3.17 12.31 18.25
N TYR A 148 2.94 11.33 17.39
CA TYR A 148 4.01 10.49 16.85
C TYR A 148 4.00 10.54 15.33
N MET A 149 5.17 10.57 14.73
CA MET A 149 5.30 10.57 13.28
C MET A 149 6.30 9.51 12.90
N VAL A 150 5.83 8.41 12.31
CA VAL A 150 6.63 7.27 11.89
C VAL A 150 7.11 7.53 10.46
N MET A 151 8.41 7.73 10.29
CA MET A 151 9.00 8.09 9.02
C MET A 151 10.03 7.08 8.56
N GLU A 152 10.47 7.21 7.30
CA GLU A 152 11.54 6.36 6.80
C GLU A 152 12.82 6.76 7.51
N TYR A 153 13.60 5.77 7.92
CA TYR A 153 14.86 6.02 8.59
C TYR A 153 15.93 6.30 7.50
N MET A 154 16.77 7.33 7.74
CA MET A 154 17.87 7.77 6.88
C MET A 154 19.15 7.39 7.56
N PRO A 155 19.72 6.24 7.22
CA PRO A 155 20.91 5.76 7.96
C PRO A 155 22.25 6.45 7.64
N GLY A 156 22.29 7.25 6.58
CA GLY A 156 23.50 7.97 6.19
C GLY A 156 23.83 9.18 7.04
N GLY A 157 22.90 9.59 7.92
CA GLY A 157 23.10 10.73 8.80
C GLY A 157 22.92 12.05 8.09
N ASP A 158 23.25 13.16 8.76
CA ASP A 158 23.07 14.46 8.16
C ASP A 158 24.36 15.01 7.51
N LEU A 159 24.26 16.19 6.85
CA LEU A 159 25.40 16.79 6.19
C LEU A 159 26.37 17.47 7.18
N VAL A 160 25.95 17.70 8.43
CA VAL A 160 26.87 18.21 9.47
C VAL A 160 27.91 17.11 9.76
N ASN A 161 27.42 15.86 9.94
CA ASN A 161 28.23 14.68 10.18
C ASN A 161 29.15 14.38 8.99
N LEU A 162 28.65 14.55 7.76
CA LEU A 162 29.47 14.32 6.58
C LEU A 162 30.65 15.31 6.53
N MET A 163 30.36 16.59 6.78
CA MET A 163 31.36 17.63 6.74
C MET A 163 32.44 17.50 7.81
N SER A 164 32.09 16.94 8.99
CA SER A 164 33.08 16.76 10.04
C SER A 164 33.97 15.52 9.84
N ASN A 165 33.52 14.55 9.04
CA ASN A 165 34.33 13.36 8.78
C ASN A 165 35.08 13.40 7.45
N TYR A 166 34.79 14.38 6.58
CA TYR A 166 35.43 14.49 5.28
C TYR A 166 35.80 15.92 4.94
N ASP A 167 36.87 16.05 4.17
CA ASP A 167 37.32 17.29 3.59
C ASP A 167 36.58 17.22 2.27
N VAL A 168 35.55 18.04 2.11
CA VAL A 168 34.70 17.95 0.92
C VAL A 168 35.32 18.56 -0.35
N PRO A 169 35.59 17.74 -1.36
CA PRO A 169 36.06 18.29 -2.65
C PRO A 169 34.90 18.95 -3.41
N GLU A 170 35.23 19.90 -4.27
CA GLU A 170 34.25 20.64 -5.06
C GLU A 170 33.35 19.74 -5.91
N LYS A 171 33.82 18.55 -6.36
CA LYS A 171 32.99 17.64 -7.16
C LYS A 171 31.83 17.07 -6.31
N TRP A 172 32.10 16.83 -5.01
CA TRP A 172 31.11 16.35 -4.05
C TRP A 172 30.16 17.47 -3.72
N ALA A 173 30.69 18.68 -3.43
CA ALA A 173 29.92 19.87 -3.09
C ALA A 173 28.92 20.20 -4.20
N LYS A 174 29.32 19.99 -5.45
CA LYS A 174 28.50 20.20 -6.63
C LYS A 174 27.30 19.27 -6.63
N PHE A 175 27.52 17.98 -6.31
CA PHE A 175 26.48 16.98 -6.22
C PHE A 175 25.47 17.28 -5.11
N TYR A 176 25.97 17.58 -3.89
CA TYR A 176 25.08 17.84 -2.75
C TYR A 176 24.31 19.14 -2.90
N THR A 177 24.92 20.16 -3.52
CA THR A 177 24.23 21.43 -3.74
C THR A 177 23.12 21.24 -4.74
N ALA A 178 23.39 20.50 -5.84
CA ALA A 178 22.41 20.20 -6.89
C ALA A 178 21.19 19.45 -6.33
N GLU A 179 21.44 18.49 -5.41
CA GLU A 179 20.42 17.70 -4.74
C GLU A 179 19.60 18.54 -3.78
N VAL A 180 20.21 19.54 -3.13
CA VAL A 180 19.49 20.48 -2.25
C VAL A 180 18.63 21.42 -3.10
N VAL A 181 19.15 21.84 -4.25
CA VAL A 181 18.44 22.69 -5.19
C VAL A 181 17.17 21.98 -5.66
N LEU A 182 17.28 20.72 -6.13
CA LEU A 182 16.10 19.95 -6.57
C LEU A 182 15.08 19.71 -5.45
N ALA A 183 15.58 19.47 -4.24
CA ALA A 183 14.74 19.24 -3.06
C ALA A 183 13.98 20.48 -2.68
N LEU A 184 14.64 21.65 -2.71
CA LEU A 184 13.97 22.91 -2.38
C LEU A 184 13.01 23.33 -3.48
N ASP A 185 13.31 23.01 -4.73
CA ASP A 185 12.41 23.28 -5.83
C ASP A 185 11.10 22.45 -5.64
N ALA A 186 11.21 21.21 -5.15
CA ALA A 186 10.05 20.36 -4.89
C ALA A 186 9.16 20.94 -3.77
N ILE A 187 9.77 21.43 -2.69
CA ILE A 187 9.06 22.06 -1.58
C ILE A 187 8.39 23.33 -2.05
N HIS A 188 9.11 24.14 -2.84
CA HIS A 188 8.61 25.40 -3.38
C HIS A 188 7.43 25.15 -4.32
N SER A 189 7.49 24.08 -5.13
CA SER A 189 6.42 23.67 -6.04
C SER A 189 5.14 23.30 -5.31
N MET A 190 5.27 22.78 -4.08
CA MET A 190 4.10 22.49 -3.26
C MET A 190 3.53 23.76 -2.57
N GLY A 191 4.03 24.95 -2.93
CA GLY A 191 3.61 26.23 -2.37
C GLY A 191 4.16 26.50 -1.00
N LEU A 192 5.32 25.92 -0.64
CA LEU A 192 5.90 26.13 0.69
C LEU A 192 7.28 26.73 0.69
N ILE A 193 7.60 27.41 1.80
CA ILE A 193 8.92 27.97 2.08
C ILE A 193 9.40 27.24 3.32
N HIS A 194 10.56 26.60 3.24
CA HIS A 194 11.18 25.85 4.34
C HIS A 194 11.49 26.73 5.56
N ARG A 195 12.25 27.84 5.38
CA ARG A 195 12.64 28.79 6.43
C ARG A 195 13.73 28.30 7.40
N ASP A 196 14.22 27.06 7.25
CA ASP A 196 15.26 26.55 8.13
C ASP A 196 16.19 25.60 7.38
N VAL A 197 16.61 25.99 6.17
CA VAL A 197 17.52 25.17 5.39
C VAL A 197 18.92 25.26 6.03
N LYS A 198 19.40 24.12 6.50
CA LYS A 198 20.70 23.99 7.13
C LYS A 198 21.12 22.52 7.03
N PRO A 199 22.44 22.22 7.03
CA PRO A 199 22.89 20.83 6.86
C PRO A 199 22.41 19.85 7.93
N ASP A 200 21.92 20.34 9.07
CA ASP A 200 21.37 19.49 10.13
C ASP A 200 20.07 18.79 9.66
N ASN A 201 19.30 19.46 8.77
CA ASN A 201 18.03 19.04 8.18
C ASN A 201 18.18 18.39 6.77
N MET A 202 19.42 18.14 6.34
CA MET A 202 19.70 17.48 5.08
C MET A 202 20.21 16.11 5.44
N LEU A 203 19.39 15.06 5.22
CA LEU A 203 19.73 13.68 5.56
C LEU A 203 20.10 12.86 4.35
N LEU A 204 20.88 11.81 4.56
CA LEU A 204 21.33 10.94 3.49
C LEU A 204 20.72 9.55 3.69
N ASP A 205 20.24 8.93 2.62
CA ASP A 205 19.60 7.62 2.70
C ASP A 205 20.65 6.47 2.65
N LYS A 206 20.20 5.22 2.54
CA LYS A 206 21.07 4.06 2.50
C LYS A 206 22.05 4.08 1.32
N HIS A 207 21.74 4.85 0.26
CA HIS A 207 22.56 4.95 -0.94
C HIS A 207 23.43 6.24 -1.03
N GLY A 208 23.30 7.13 -0.06
CA GLY A 208 24.04 8.40 -0.03
C GLY A 208 23.34 9.57 -0.68
N HIS A 209 22.05 9.41 -1.03
CA HIS A 209 21.28 10.47 -1.66
C HIS A 209 20.51 11.29 -0.64
N LEU A 210 20.32 12.58 -0.93
CA LEU A 210 19.67 13.53 0.00
C LEU A 210 18.13 13.51 0.04
N LYS A 211 17.60 13.81 1.22
CA LYS A 211 16.20 14.05 1.56
C LYS A 211 16.18 15.12 2.62
N LEU A 212 15.19 16.00 2.55
CA LEU A 212 15.00 17.04 3.56
C LEU A 212 14.12 16.49 4.67
N ALA A 213 14.34 17.01 5.87
CA ALA A 213 13.61 16.63 7.08
C ALA A 213 13.38 17.86 7.98
N ASP A 214 12.55 17.74 9.05
CA ASP A 214 12.19 18.82 9.97
C ASP A 214 11.48 19.92 9.20
N PHE A 215 10.18 19.72 8.98
CA PHE A 215 9.36 20.70 8.28
C PHE A 215 8.52 21.54 9.27
N GLY A 216 8.99 21.67 10.52
CA GLY A 216 8.33 22.44 11.59
C GLY A 216 8.27 23.93 11.35
N THR A 217 9.10 24.44 10.46
CA THR A 217 9.10 25.87 10.12
C THR A 217 8.47 26.16 8.75
N CYS A 218 8.06 25.14 7.99
CA CYS A 218 7.45 25.35 6.68
C CYS A 218 6.18 26.15 6.74
N MET A 219 6.00 27.07 5.78
CA MET A 219 4.82 27.93 5.69
C MET A 219 4.31 27.96 4.27
N LYS A 220 2.97 27.92 4.11
CA LYS A 220 2.36 27.99 2.79
C LYS A 220 2.45 29.45 2.31
N MET A 221 2.97 29.69 1.09
CA MET A 221 3.05 31.08 0.60
C MET A 221 1.73 31.52 -0.03
N ASP A 222 1.44 32.83 0.01
CA ASP A 222 0.23 33.41 -0.59
C ASP A 222 0.36 33.52 -2.15
N GLU A 223 -0.66 34.07 -2.83
CA GLU A 223 -0.74 34.21 -4.30
C GLU A 223 0.48 34.94 -4.92
N THR A 224 1.10 35.83 -4.14
CA THR A 224 2.31 36.56 -4.55
C THR A 224 3.62 35.73 -4.41
N GLY A 225 3.55 34.60 -3.72
CA GLY A 225 4.70 33.75 -3.43
C GLY A 225 5.42 34.18 -2.15
N MET A 226 4.72 34.89 -1.25
CA MET A 226 5.27 35.42 -0.02
C MET A 226 4.66 34.80 1.27
N VAL A 227 5.35 34.97 2.40
CA VAL A 227 4.91 34.44 3.70
C VAL A 227 5.08 35.54 4.76
N HIS A 228 4.12 35.67 5.69
CA HIS A 228 4.23 36.69 6.74
C HIS A 228 5.09 36.25 7.94
N THR A 235 17.99 29.92 13.35
CA THR A 235 19.39 29.46 13.22
C THR A 235 20.33 30.63 12.84
N PRO A 236 21.29 30.99 13.72
CA PRO A 236 22.13 32.16 13.45
C PRO A 236 23.02 32.10 12.21
N ASP A 237 23.79 31.02 12.02
CA ASP A 237 24.72 30.92 10.90
C ASP A 237 24.06 30.88 9.53
N TYR A 238 22.84 30.34 9.44
CA TYR A 238 22.15 30.16 8.16
C TYR A 238 21.03 31.15 7.86
N ILE A 239 20.65 32.00 8.85
CA ILE A 239 19.57 32.97 8.68
C ILE A 239 19.94 34.09 7.69
N SER A 240 18.98 34.42 6.83
CA SER A 240 19.15 35.44 5.79
C SER A 240 19.05 36.85 6.41
N PRO A 241 19.52 37.90 5.71
CA PRO A 241 19.40 39.25 6.26
C PRO A 241 17.94 39.72 6.42
N GLU A 242 17.06 39.42 5.44
CA GLU A 242 15.67 39.87 5.49
C GLU A 242 14.88 39.34 6.68
N VAL A 243 15.17 38.12 7.15
CA VAL A 243 14.48 37.60 8.32
C VAL A 243 15.04 38.26 9.60
N LEU A 244 16.34 38.60 9.61
CA LEU A 244 16.96 39.32 10.72
C LEU A 244 16.41 40.77 10.85
N LYS A 245 16.20 41.45 9.70
CA LYS A 245 15.68 42.82 9.70
C LYS A 245 14.17 42.88 9.99
N PHE A 252 7.31 38.90 6.14
CA PHE A 252 7.20 39.23 4.71
C PHE A 252 8.42 38.74 3.88
N TYR A 253 8.55 37.39 3.71
CA TYR A 253 9.68 36.76 2.99
C TYR A 253 9.19 35.79 1.92
N GLY A 254 9.97 35.64 0.84
CA GLY A 254 9.62 34.72 -0.23
C GLY A 254 10.53 33.52 -0.29
N ARG A 255 10.52 32.80 -1.44
CA ARG A 255 11.31 31.61 -1.62
C ARG A 255 12.83 31.85 -1.63
N GLU A 256 13.28 33.02 -2.13
CA GLU A 256 14.71 33.36 -2.19
C GLU A 256 15.37 33.39 -0.80
N CYS A 257 14.58 33.36 0.29
CA CYS A 257 15.00 33.26 1.68
C CYS A 257 15.69 31.87 1.90
N ASP A 258 15.16 30.82 1.25
CA ASP A 258 15.72 29.48 1.31
C ASP A 258 17.01 29.38 0.46
N TRP A 259 17.08 30.15 -0.64
CA TRP A 259 18.24 30.16 -1.52
C TRP A 259 19.46 30.81 -0.89
N TRP A 260 19.27 31.69 0.10
CA TRP A 260 20.36 32.29 0.85
C TRP A 260 21.11 31.18 1.59
N SER A 261 20.37 30.34 2.30
CA SER A 261 20.87 29.23 3.10
C SER A 261 21.67 28.24 2.24
N VAL A 262 21.30 28.07 0.96
CA VAL A 262 22.03 27.22 0.01
C VAL A 262 23.42 27.80 -0.29
N GLY A 263 23.52 29.13 -0.38
CA GLY A 263 24.80 29.80 -0.57
C GLY A 263 25.73 29.63 0.62
N VAL A 264 25.17 29.75 1.84
CA VAL A 264 25.89 29.56 3.09
C VAL A 264 26.39 28.11 3.17
N PHE A 265 25.56 27.15 2.74
CA PHE A 265 25.85 25.73 2.75
C PHE A 265 26.98 25.40 1.77
N LEU A 266 26.94 25.95 0.56
CA LEU A 266 27.99 25.71 -0.44
C LEU A 266 29.32 26.30 0.05
N TYR A 267 29.27 27.47 0.71
CA TYR A 267 30.46 28.09 1.29
C TYR A 267 31.01 27.20 2.40
N GLU A 268 30.17 26.76 3.36
CA GLU A 268 30.63 25.91 4.45
C GLU A 268 31.26 24.61 3.95
N MET A 269 30.73 24.05 2.87
CA MET A 269 31.23 22.79 2.32
C MET A 269 32.61 22.94 1.71
N LEU A 270 32.85 24.05 0.99
CA LEU A 270 34.11 24.28 0.30
C LEU A 270 35.20 24.90 1.15
N VAL A 271 34.83 25.76 2.10
CA VAL A 271 35.77 26.47 2.93
C VAL A 271 36.07 25.73 4.24
N GLY A 272 35.04 25.09 4.79
CA GLY A 272 35.17 24.36 6.04
C GLY A 272 34.61 25.11 7.25
N ASP A 273 34.25 26.39 7.05
CA ASP A 273 33.69 27.26 8.08
C ASP A 273 32.50 28.04 7.47
N THR A 274 31.62 28.60 8.32
CA THR A 274 30.47 29.39 7.88
C THR A 274 30.91 30.78 7.41
N PRO A 275 30.28 31.36 6.36
CA PRO A 275 30.76 32.66 5.87
C PRO A 275 30.68 33.83 6.85
N PHE A 276 29.75 33.78 7.79
CA PHE A 276 29.56 34.87 8.75
C PHE A 276 29.77 34.42 10.18
N TYR A 277 30.70 33.47 10.37
CA TYR A 277 31.04 32.98 11.70
C TYR A 277 31.64 34.12 12.54
N ALA A 278 31.24 34.18 13.82
CA ALA A 278 31.76 35.12 14.81
C ALA A 278 31.63 34.51 16.20
N ASP A 279 32.45 34.95 17.16
CA ASP A 279 32.46 34.43 18.52
C ASP A 279 31.12 34.59 19.26
N SER A 280 30.36 35.66 18.96
CA SER A 280 29.06 35.88 19.61
C SER A 280 27.89 35.80 18.62
N LEU A 281 26.65 35.66 19.14
CA LEU A 281 25.47 35.64 18.29
C LEU A 281 25.27 37.02 17.65
N VAL A 282 25.52 38.10 18.40
CA VAL A 282 25.38 39.47 17.88
C VAL A 282 26.42 39.79 16.79
N GLY A 283 27.62 39.23 16.93
CA GLY A 283 28.69 39.39 15.95
C GLY A 283 28.32 38.73 14.64
N THR A 284 27.69 37.55 14.72
CA THR A 284 27.23 36.79 13.55
C THR A 284 26.10 37.55 12.83
N TYR A 285 25.14 38.10 13.59
CA TYR A 285 24.04 38.88 13.03
C TYR A 285 24.56 40.14 12.34
N SER A 286 25.57 40.80 12.95
CA SER A 286 26.18 42.00 12.39
C SER A 286 26.91 41.68 11.08
N LYS A 287 27.57 40.51 11.00
CA LYS A 287 28.27 40.05 9.81
C LYS A 287 27.29 39.74 8.68
N ILE A 288 26.11 39.17 8.99
CA ILE A 288 25.11 38.85 7.98
C ILE A 288 24.48 40.13 7.41
N MET A 289 24.22 41.14 8.28
CA MET A 289 23.67 42.40 7.80
C MET A 289 24.69 43.11 6.88
N ASP A 290 25.99 43.02 7.21
CA ASP A 290 27.09 43.61 6.46
C ASP A 290 27.67 42.65 5.40
N HIS A 291 26.88 41.69 4.92
CA HIS A 291 27.35 40.69 3.95
C HIS A 291 28.06 41.26 2.70
N LYS A 292 27.69 42.48 2.28
CA LYS A 292 28.32 43.10 1.11
C LYS A 292 29.82 43.34 1.32
N ASN A 293 30.27 43.49 2.59
CA ASN A 293 31.68 43.72 2.91
C ASN A 293 32.29 42.61 3.78
N SER A 294 31.46 41.85 4.52
CA SER A 294 31.94 40.80 5.43
C SER A 294 32.22 39.45 4.76
N LEU A 295 31.64 39.23 3.58
CA LEU A 295 31.88 37.99 2.85
C LEU A 295 33.20 38.03 2.11
N CYS A 296 34.12 37.15 2.47
CA CYS A 296 35.39 37.06 1.77
C CYS A 296 35.94 35.66 1.84
N PHE A 297 36.46 35.21 0.72
CA PHE A 297 37.01 33.87 0.61
C PHE A 297 38.45 33.87 1.05
N PRO A 298 38.82 32.96 1.98
CA PRO A 298 40.23 32.90 2.40
C PRO A 298 41.17 32.56 1.23
N GLU A 299 42.39 33.14 1.24
CA GLU A 299 43.33 32.95 0.14
C GLU A 299 43.84 31.51 -0.01
N ASP A 300 43.76 30.73 1.06
CA ASP A 300 44.22 29.31 1.00
C ASP A 300 43.13 28.48 0.31
N ALA A 301 41.88 28.91 0.50
CA ALA A 301 40.64 28.27 -0.03
C ALA A 301 40.86 27.69 -1.43
N GLU A 302 40.54 26.42 -1.61
CA GLU A 302 40.69 25.75 -2.93
C GLU A 302 39.34 25.84 -3.64
N ILE A 303 38.88 27.04 -3.96
CA ILE A 303 37.54 27.24 -4.58
C ILE A 303 37.67 27.85 -5.98
N SER A 304 36.90 27.31 -6.94
CA SER A 304 36.88 27.76 -8.32
C SER A 304 36.18 29.12 -8.47
N LYS A 305 36.36 29.77 -9.63
CA LYS A 305 35.73 31.05 -9.92
C LYS A 305 34.21 30.89 -10.03
N HIS A 306 33.75 29.76 -10.61
CA HIS A 306 32.33 29.44 -10.75
C HIS A 306 31.66 29.18 -9.39
N ALA A 307 32.40 28.56 -8.46
CA ALA A 307 31.92 28.29 -7.11
C ALA A 307 31.78 29.61 -6.33
N LYS A 308 32.77 30.50 -6.44
CA LYS A 308 32.70 31.81 -5.79
C LYS A 308 31.55 32.63 -6.40
N ASN A 309 31.38 32.57 -7.72
CA ASN A 309 30.31 33.29 -8.39
C ASN A 309 28.92 32.80 -7.92
N LEU A 310 28.74 31.48 -7.80
CA LEU A 310 27.47 30.91 -7.34
C LEU A 310 27.16 31.27 -5.90
N ILE A 311 28.17 31.20 -5.01
CA ILE A 311 28.00 31.58 -3.59
C ILE A 311 27.59 33.04 -3.49
N CYS A 312 28.25 33.91 -4.27
CA CYS A 312 27.97 35.34 -4.31
C CYS A 312 26.61 35.66 -4.89
N ALA A 313 26.12 34.90 -5.89
CA ALA A 313 24.78 35.11 -6.44
C ALA A 313 23.65 34.78 -5.44
N PHE A 314 23.93 33.90 -4.48
CA PHE A 314 22.98 33.54 -3.43
C PHE A 314 23.10 34.47 -2.23
N LEU A 315 24.33 34.89 -1.90
CA LEU A 315 24.58 35.73 -0.75
C LEU A 315 24.54 37.24 -1.09
N THR A 316 23.40 37.69 -1.63
CA THR A 316 23.11 39.09 -1.98
C THR A 316 21.78 39.50 -1.30
N ASP A 317 21.33 40.79 -1.45
CA ASP A 317 20.04 41.23 -0.92
C ASP A 317 18.93 40.48 -1.70
N ARG A 318 17.79 40.19 -1.02
CA ARG A 318 16.67 39.43 -1.59
C ARG A 318 16.21 39.88 -2.98
N GLU A 319 16.25 41.19 -3.24
CA GLU A 319 15.82 41.81 -4.49
C GLU A 319 16.59 41.36 -5.73
N VAL A 320 17.88 41.10 -5.58
CA VAL A 320 18.72 40.68 -6.70
C VAL A 320 19.27 39.24 -6.57
N ARG A 321 18.83 38.49 -5.53
CA ARG A 321 19.26 37.13 -5.21
C ARG A 321 18.89 36.07 -6.24
N LEU A 322 19.81 35.13 -6.52
CA LEU A 322 19.60 34.00 -7.44
C LEU A 322 18.53 33.08 -6.83
N GLY A 323 17.53 32.73 -7.62
CA GLY A 323 16.41 31.92 -7.14
C GLY A 323 15.12 32.69 -6.97
N ARG A 324 15.18 34.03 -7.02
CA ARG A 324 14.00 34.90 -6.93
C ARG A 324 13.05 34.62 -8.10
N ASN A 325 13.60 34.43 -9.31
CA ASN A 325 12.86 34.11 -10.54
C ASN A 325 12.84 32.57 -10.81
N GLY A 326 12.49 31.77 -9.79
CA GLY A 326 12.45 30.31 -9.89
C GLY A 326 13.79 29.60 -9.74
N VAL A 327 13.89 28.35 -10.28
CA VAL A 327 15.10 27.53 -10.19
C VAL A 327 15.85 27.40 -11.52
N GLU A 328 15.23 27.75 -12.67
CA GLU A 328 15.89 27.61 -13.98
C GLU A 328 17.22 28.36 -14.08
N GLU A 329 17.32 29.56 -13.46
CA GLU A 329 18.55 30.35 -13.46
C GLU A 329 19.67 29.65 -12.67
N ILE A 330 19.29 28.95 -11.57
CA ILE A 330 20.21 28.18 -10.72
C ILE A 330 20.73 26.97 -11.50
N ARG A 331 19.81 26.26 -12.18
CA ARG A 331 20.15 25.07 -12.95
C ARG A 331 21.21 25.35 -14.02
N GLN A 332 21.07 26.46 -14.75
CA GLN A 332 22.00 26.79 -15.83
C GLN A 332 23.30 27.44 -15.38
N HIS A 333 23.58 27.50 -14.07
CA HIS A 333 24.83 28.11 -13.61
C HIS A 333 26.03 27.25 -14.02
N PRO A 334 27.12 27.89 -14.50
CA PRO A 334 28.30 27.11 -14.94
C PRO A 334 28.94 26.21 -13.89
N PHE A 335 28.76 26.52 -12.58
CA PHE A 335 29.31 25.68 -11.51
C PHE A 335 28.87 24.21 -11.62
N PHE A 336 27.62 23.97 -12.00
CA PHE A 336 27.03 22.64 -12.07
C PHE A 336 27.44 21.81 -13.30
N LYS A 337 28.31 22.34 -14.19
CA LYS A 337 28.78 21.59 -15.36
C LYS A 337 29.70 20.48 -14.89
N ASN A 338 29.41 19.21 -15.28
CA ASN A 338 30.17 18.04 -14.85
C ASN A 338 30.02 16.85 -15.83
N ASP A 339 30.81 15.78 -15.64
CA ASP A 339 30.73 14.60 -16.52
C ASP A 339 30.10 13.35 -15.86
N GLN A 340 29.30 13.54 -14.81
CA GLN A 340 28.72 12.42 -14.07
C GLN A 340 27.21 12.37 -14.13
N TRP A 341 26.54 13.52 -14.00
CA TRP A 341 25.08 13.55 -13.93
C TRP A 341 24.46 14.73 -14.68
N HIS A 342 23.15 14.63 -14.92
CA HIS A 342 22.23 15.63 -15.46
C HIS A 342 21.17 15.90 -14.38
N TRP A 343 20.42 17.00 -14.51
CA TRP A 343 19.39 17.32 -13.52
C TRP A 343 18.27 16.29 -13.47
N ASP A 344 17.99 15.64 -14.60
CA ASP A 344 16.92 14.66 -14.70
C ASP A 344 17.30 13.26 -14.19
N ASN A 345 18.59 13.01 -13.91
CA ASN A 345 19.00 11.68 -13.44
C ASN A 345 19.96 11.69 -12.24
N ILE A 346 20.25 12.87 -11.64
CA ILE A 346 21.21 12.98 -10.53
C ILE A 346 20.93 12.01 -9.34
N ARG A 347 19.66 11.79 -8.98
CA ARG A 347 19.33 10.87 -7.88
C ARG A 347 19.47 9.38 -8.22
N GLU A 348 19.68 9.04 -9.51
CA GLU A 348 19.88 7.67 -9.93
C GLU A 348 21.33 7.39 -10.38
N THR A 349 22.26 8.30 -10.06
CA THR A 349 23.70 8.15 -10.32
C THR A 349 24.37 7.83 -8.97
N ALA A 350 25.60 7.34 -8.98
CA ALA A 350 26.31 7.00 -7.75
C ALA A 350 26.61 8.23 -6.90
N ALA A 351 26.25 8.16 -5.61
CA ALA A 351 26.50 9.24 -4.67
C ALA A 351 27.99 9.29 -4.29
N PRO A 352 28.55 10.47 -3.89
CA PRO A 352 29.99 10.53 -3.53
C PRO A 352 30.38 9.60 -2.40
N VAL A 353 29.56 9.55 -1.34
CA VAL A 353 29.79 8.69 -0.19
C VAL A 353 28.59 7.75 -0.03
N VAL A 354 28.82 6.46 -0.24
CA VAL A 354 27.79 5.46 -0.05
C VAL A 354 27.97 4.90 1.35
N PRO A 355 26.93 4.97 2.21
CA PRO A 355 27.10 4.52 3.60
C PRO A 355 27.46 3.04 3.74
N GLU A 356 28.36 2.74 4.68
CA GLU A 356 28.79 1.39 4.97
C GLU A 356 28.09 1.00 6.27
N LEU A 357 26.96 0.31 6.16
CA LEU A 357 26.14 -0.04 7.30
C LEU A 357 26.29 -1.49 7.66
N SER A 358 26.32 -1.81 8.96
CA SER A 358 26.49 -3.18 9.41
C SER A 358 25.17 -3.91 9.72
N SER A 359 24.04 -3.18 9.79
CA SER A 359 22.70 -3.73 10.07
C SER A 359 21.58 -2.68 9.82
N ASP A 360 20.30 -3.09 9.92
CA ASP A 360 19.15 -2.19 9.76
C ASP A 360 18.99 -1.18 10.89
N ILE A 361 19.71 -1.35 12.02
CA ILE A 361 19.65 -0.41 13.13
C ILE A 361 20.99 0.30 13.38
N ASP A 362 21.91 0.26 12.40
CA ASP A 362 23.19 0.93 12.47
C ASP A 362 22.94 2.43 12.49
N SER A 363 23.26 3.07 13.63
CA SER A 363 23.11 4.53 13.76
C SER A 363 24.46 5.19 14.00
N SER A 364 25.54 4.64 13.42
CA SER A 364 26.90 5.16 13.53
C SER A 364 27.08 6.54 12.87
N ASN A 365 26.20 6.90 11.94
CA ASN A 365 26.24 8.21 11.32
C ASN A 365 25.44 9.25 12.12
N PHE A 366 25.04 8.92 13.37
CA PHE A 366 24.32 9.82 14.27
C PHE A 366 25.06 9.89 15.59
N ASP A 367 25.30 11.10 16.07
CA ASP A 367 25.98 11.29 17.36
C ASP A 367 25.05 10.85 18.48
N ASP A 368 25.63 10.36 19.58
CA ASP A 368 24.83 9.92 20.72
C ASP A 368 24.11 11.10 21.37
N ILE A 369 22.88 10.88 21.83
CA ILE A 369 22.10 11.94 22.46
C ILE A 369 22.09 11.71 23.99
N GLU A 370 22.36 12.77 24.78
CA GLU A 370 22.40 12.69 26.24
C GLU A 370 21.01 12.91 26.84
N ASP A 371 20.59 12.01 27.76
CA ASP A 371 19.25 12.12 28.37
C ASP A 371 19.13 13.21 29.45
N VAL A 376 10.11 15.67 32.97
CA VAL A 376 8.89 14.92 32.64
C VAL A 376 7.71 15.64 33.27
N GLU A 377 6.74 16.12 32.45
CA GLU A 377 5.59 16.82 33.01
C GLU A 377 4.29 16.55 32.27
N THR A 378 3.20 16.60 33.04
CA THR A 378 1.86 16.30 32.53
C THR A 378 0.89 17.46 32.76
N PHE A 379 -0.25 17.45 32.04
CA PHE A 379 -1.31 18.44 32.20
C PHE A 379 -1.94 18.27 33.58
N PRO A 380 -2.26 19.37 34.27
CA PRO A 380 -2.90 19.24 35.59
C PRO A 380 -4.34 18.71 35.49
N ILE A 381 -4.80 17.93 36.48
CA ILE A 381 -6.18 17.41 36.47
C ILE A 381 -7.13 18.60 36.59
N PRO A 382 -8.03 18.75 35.60
CA PRO A 382 -8.89 19.94 35.61
C PRO A 382 -10.17 19.82 36.44
N LYS A 383 -10.62 20.97 36.93
CA LYS A 383 -11.86 21.10 37.69
C LYS A 383 -13.07 21.31 36.75
N ALA A 384 -12.81 21.85 35.54
CA ALA A 384 -13.81 22.09 34.49
C ALA A 384 -13.22 21.73 33.10
N PHE A 385 -14.08 21.64 32.06
CA PHE A 385 -13.63 21.30 30.71
C PHE A 385 -12.64 22.32 30.17
N VAL A 386 -11.44 21.85 29.79
CA VAL A 386 -10.41 22.72 29.25
C VAL A 386 -10.10 22.42 27.78
N GLY A 387 -10.31 21.18 27.35
CA GLY A 387 -10.10 20.81 25.95
C GLY A 387 -8.66 20.79 25.49
N ASN A 388 -7.75 20.18 26.26
CA ASN A 388 -6.33 20.11 25.86
C ASN A 388 -6.09 19.19 24.66
N GLN A 389 -7.00 18.25 24.39
CA GLN A 389 -6.87 17.32 23.28
C GLN A 389 -7.43 17.88 21.97
N LEU A 390 -8.29 18.92 22.03
CA LEU A 390 -8.90 19.56 20.86
C LEU A 390 -7.94 20.03 19.75
N PRO A 391 -6.75 20.62 20.04
CA PRO A 391 -5.88 21.05 18.94
C PRO A 391 -5.26 19.90 18.12
N PHE A 392 -5.36 18.67 18.62
CA PHE A 392 -4.75 17.48 18.02
C PHE A 392 -5.74 16.56 17.25
N ILE A 393 -7.01 16.92 17.19
CA ILE A 393 -8.02 16.17 16.46
C ILE A 393 -7.76 16.26 14.96
N GLY A 394 -7.57 15.12 14.31
CA GLY A 394 -7.27 15.09 12.90
C GLY A 394 -5.83 14.76 12.57
N PHE A 395 -5.00 14.53 13.62
CA PHE A 395 -3.59 14.23 13.42
C PHE A 395 -3.35 12.81 12.91
N THR A 396 -4.12 11.85 13.40
CA THR A 396 -4.00 10.46 12.99
C THR A 396 -4.12 10.28 11.46
N TYR A 397 -3.21 9.48 10.92
CA TYR A 397 -3.10 9.16 9.50
C TYR A 397 -2.43 7.78 9.33
N TYR A 398 -3.02 6.93 8.49
CA TYR A 398 -2.46 5.62 8.18
C TYR A 398 -2.31 5.52 6.67
N ARG A 399 -1.06 5.33 6.16
CA ARG A 399 -0.80 5.24 4.72
C ARG A 399 -1.47 4.01 4.12
N GLY B 5 -1.96 -7.48 13.29
CA GLY B 5 -1.64 -6.20 12.67
C GLY B 5 -2.70 -5.74 11.69
N ALA B 6 -2.81 -6.45 10.55
CA ALA B 6 -3.88 -6.22 9.57
C ALA B 6 -5.22 -6.76 10.13
N SER B 7 -5.16 -7.74 11.07
CA SER B 7 -6.32 -8.30 11.76
C SER B 7 -6.94 -7.21 12.64
N ARG B 8 -6.11 -6.36 13.28
CA ARG B 8 -6.58 -5.25 14.11
C ARG B 8 -7.31 -4.20 13.23
N GLN B 9 -6.74 -3.88 12.07
CA GLN B 9 -7.35 -2.93 11.13
C GLN B 9 -8.64 -3.50 10.51
N ARG B 10 -8.72 -4.82 10.36
CA ARG B 10 -9.91 -5.48 9.79
C ARG B 10 -11.02 -5.46 10.84
N LYS B 11 -10.67 -5.79 12.11
CA LYS B 11 -11.60 -5.81 13.25
C LYS B 11 -12.18 -4.42 13.45
N LEU B 12 -11.35 -3.38 13.35
CA LEU B 12 -11.76 -1.99 13.51
C LEU B 12 -12.65 -1.51 12.40
N GLU B 13 -12.36 -1.91 11.16
CA GLU B 13 -13.18 -1.51 10.01
C GLU B 13 -14.55 -2.19 10.05
N ALA B 14 -14.63 -3.41 10.60
CA ALA B 14 -15.87 -4.15 10.76
C ALA B 14 -16.77 -3.45 11.77
N LEU B 15 -16.19 -2.91 12.87
CA LEU B 15 -16.92 -2.17 13.90
C LEU B 15 -17.57 -0.92 13.32
N ILE B 16 -16.88 -0.20 12.44
CA ILE B 16 -17.42 1.02 11.86
C ILE B 16 -18.48 0.77 10.77
N ARG B 17 -18.39 -0.39 10.09
CA ARG B 17 -19.34 -0.73 9.03
C ARG B 17 -20.69 -1.20 9.58
N ASP B 18 -20.66 -1.85 10.74
CA ASP B 18 -21.84 -2.37 11.43
C ASP B 18 -22.86 -1.28 11.71
N PRO B 19 -24.08 -1.40 11.17
CA PRO B 19 -25.10 -0.38 11.42
C PRO B 19 -25.61 -0.36 12.87
N ARG B 20 -25.43 -1.46 13.63
CA ARG B 20 -25.80 -1.51 15.04
C ARG B 20 -24.71 -0.95 15.96
N SER B 21 -23.52 -0.64 15.41
CA SER B 21 -22.37 -0.18 16.17
C SER B 21 -22.46 1.26 16.68
N PRO B 22 -22.03 1.50 17.95
CA PRO B 22 -21.99 2.89 18.46
C PRO B 22 -20.90 3.76 17.79
N ILE B 23 -19.99 3.14 17.02
CA ILE B 23 -18.95 3.89 16.31
C ILE B 23 -19.09 3.81 14.78
N ASN B 24 -20.33 3.68 14.27
CA ASN B 24 -20.54 3.73 12.83
C ASN B 24 -20.30 5.18 12.35
N VAL B 25 -20.21 5.42 11.04
CA VAL B 25 -19.91 6.78 10.54
C VAL B 25 -20.98 7.80 10.98
N GLU B 26 -22.27 7.41 11.02
CA GLU B 26 -23.32 8.34 11.46
C GLU B 26 -23.11 8.78 12.90
N SER B 27 -22.70 7.83 13.78
CA SER B 27 -22.43 8.12 15.17
C SER B 27 -21.19 8.95 15.35
N LEU B 28 -20.17 8.74 14.51
CA LEU B 28 -18.93 9.51 14.54
C LEU B 28 -19.18 10.96 14.09
N LEU B 29 -20.07 11.16 13.11
CA LEU B 29 -20.47 12.50 12.67
C LEU B 29 -21.31 13.18 13.78
N ASP B 30 -22.12 12.40 14.52
CA ASP B 30 -22.89 12.95 15.65
C ASP B 30 -21.95 13.48 16.71
N GLY B 31 -20.88 12.75 17.01
CA GLY B 31 -19.86 13.16 17.96
C GLY B 31 -19.24 14.50 17.59
N LEU B 32 -18.92 14.69 16.31
CA LEU B 32 -18.35 15.95 15.84
C LEU B 32 -19.38 17.08 15.89
N ASN B 33 -20.60 16.83 15.41
CA ASN B 33 -21.67 17.83 15.41
C ASN B 33 -22.00 18.31 16.81
N SER B 34 -22.14 17.37 17.75
CA SER B 34 -22.48 17.63 19.15
C SER B 34 -21.37 18.41 19.85
N LEU B 35 -20.12 18.06 19.57
CA LEU B 35 -18.96 18.75 20.13
C LEU B 35 -18.96 20.22 19.68
N VAL B 36 -19.22 20.47 18.39
CA VAL B 36 -19.29 21.83 17.86
C VAL B 36 -20.48 22.61 18.47
N LEU B 37 -21.67 21.98 18.56
CA LEU B 37 -22.87 22.59 19.14
C LEU B 37 -22.64 22.99 20.60
N ASP B 38 -22.03 22.10 21.38
CA ASP B 38 -21.78 22.32 22.81
C ASP B 38 -20.63 23.26 23.14
N LEU B 39 -19.82 23.63 22.16
CA LEU B 39 -18.68 24.53 22.37
C LEU B 39 -18.86 25.90 21.70
N ASP B 40 -19.73 26.00 20.68
CA ASP B 40 -19.91 27.26 19.96
C ASP B 40 -20.77 28.29 20.70
N PHE B 41 -20.22 28.80 21.81
CA PHE B 41 -20.81 29.83 22.64
C PHE B 41 -19.73 30.88 22.94
N PRO B 42 -20.10 32.17 22.94
CA PRO B 42 -19.09 33.24 23.15
C PRO B 42 -18.25 33.10 24.41
N ALA B 43 -18.86 32.67 25.53
CA ALA B 43 -18.16 32.49 26.79
C ALA B 43 -17.09 31.40 26.71
N LEU B 44 -17.42 30.26 26.09
CA LEU B 44 -16.53 29.11 25.93
C LEU B 44 -15.40 29.40 24.95
N ARG B 45 -15.70 30.18 23.90
CA ARG B 45 -14.73 30.61 22.88
C ARG B 45 -13.60 31.51 23.44
N LYS B 46 -13.68 31.91 24.73
CA LYS B 46 -12.61 32.68 25.37
C LYS B 46 -11.35 31.78 25.51
N ASN B 47 -11.56 30.45 25.72
CA ASN B 47 -10.53 29.43 25.79
C ASN B 47 -9.95 29.29 24.37
N LYS B 48 -8.61 29.41 24.24
CA LYS B 48 -7.91 29.30 22.96
C LYS B 48 -8.05 27.93 22.31
N ASN B 49 -8.00 26.85 23.12
CA ASN B 49 -8.17 25.47 22.65
C ASN B 49 -9.51 25.31 21.92
N ILE B 50 -10.60 25.81 22.54
CA ILE B 50 -11.96 25.75 22.02
C ILE B 50 -12.11 26.64 20.79
N ASP B 51 -11.64 27.88 20.88
CA ASP B 51 -11.79 28.83 19.78
C ASP B 51 -11.03 28.38 18.52
N ASN B 52 -9.80 27.88 18.67
CA ASN B 52 -9.02 27.44 17.52
C ASN B 52 -9.61 26.19 16.87
N PHE B 53 -10.11 25.21 17.68
CA PHE B 53 -10.76 24.00 17.19
C PHE B 53 -12.00 24.38 16.35
N LEU B 54 -12.85 25.27 16.87
CA LEU B 54 -14.06 25.71 16.16
C LEU B 54 -13.70 26.43 14.85
N ASN B 55 -12.61 27.18 14.81
CA ASN B 55 -12.20 27.87 13.59
C ASN B 55 -11.76 26.85 12.52
N ARG B 56 -11.05 25.78 12.93
CA ARG B 56 -10.59 24.71 12.04
C ARG B 56 -11.77 23.90 11.44
N TYR B 57 -12.77 23.57 12.27
CA TYR B 57 -13.89 22.75 11.84
C TYR B 57 -15.12 23.53 11.38
N GLU B 58 -15.06 24.86 11.36
CA GLU B 58 -16.20 25.70 10.95
C GLU B 58 -16.73 25.41 9.54
N LYS B 59 -15.87 25.50 8.50
CA LYS B 59 -16.29 25.28 7.13
C LYS B 59 -16.81 23.86 6.86
N ILE B 60 -16.12 22.82 7.37
CA ILE B 60 -16.52 21.44 7.14
C ILE B 60 -17.83 21.11 7.87
N VAL B 61 -18.05 21.64 9.08
CA VAL B 61 -19.26 21.36 9.85
C VAL B 61 -20.49 22.05 9.22
N LYS B 62 -20.30 23.22 8.61
CA LYS B 62 -21.38 23.92 7.92
C LYS B 62 -21.74 23.14 6.65
N LYS B 63 -20.75 22.58 5.96
CA LYS B 63 -20.93 21.78 4.74
C LYS B 63 -21.72 20.49 5.08
N ILE B 64 -21.38 19.82 6.22
CA ILE B 64 -22.01 18.60 6.73
C ILE B 64 -23.48 18.85 7.12
N ARG B 65 -23.73 20.00 7.71
CA ARG B 65 -25.05 20.40 8.15
C ARG B 65 -26.04 20.59 6.99
N GLY B 66 -25.53 21.08 5.86
CA GLY B 66 -26.32 21.30 4.66
C GLY B 66 -26.57 20.01 3.90
N LEU B 67 -25.64 19.06 3.96
CA LEU B 67 -25.80 17.78 3.27
C LEU B 67 -26.67 16.80 4.04
N GLN B 68 -26.55 16.78 5.38
CA GLN B 68 -27.27 15.82 6.22
C GLN B 68 -28.76 16.08 6.27
N MET B 69 -29.54 15.01 6.50
CA MET B 69 -30.99 15.10 6.64
C MET B 69 -31.40 16.06 7.74
N LYS B 70 -32.36 16.92 7.45
CA LYS B 70 -32.84 17.93 8.37
C LYS B 70 -34.35 18.12 8.25
N ALA B 71 -34.98 18.73 9.27
CA ALA B 71 -36.42 18.94 9.28
C ALA B 71 -36.92 19.72 8.09
N GLU B 72 -36.06 20.59 7.51
CA GLU B 72 -36.39 21.41 6.34
C GLU B 72 -36.56 20.59 5.06
N ASP B 73 -36.11 19.32 5.04
CA ASP B 73 -36.32 18.44 3.90
C ASP B 73 -37.79 17.92 3.83
N TYR B 74 -38.61 18.15 4.88
CA TYR B 74 -39.99 17.67 4.96
C TYR B 74 -40.98 18.81 5.06
N ASP B 75 -42.16 18.61 4.51
CA ASP B 75 -43.26 19.57 4.61
C ASP B 75 -44.20 18.99 5.65
N VAL B 76 -44.56 19.76 6.67
CA VAL B 76 -45.49 19.27 7.68
C VAL B 76 -46.90 19.42 7.18
N VAL B 77 -47.63 18.32 7.10
CA VAL B 77 -48.99 18.35 6.61
C VAL B 77 -49.98 18.55 7.75
N LYS B 78 -49.84 17.78 8.84
CA LYS B 78 -50.76 17.84 9.97
C LYS B 78 -50.14 17.15 11.20
N VAL B 79 -50.58 17.52 12.42
CA VAL B 79 -50.13 16.82 13.63
C VAL B 79 -51.13 15.71 13.85
N ILE B 80 -50.69 14.44 13.80
CA ILE B 80 -51.59 13.30 13.96
C ILE B 80 -51.49 12.61 15.33
N GLY B 81 -50.51 12.99 16.14
CA GLY B 81 -50.32 12.40 17.45
C GLY B 81 -49.57 13.33 18.37
N ARG B 82 -49.75 13.13 19.66
CA ARG B 82 -49.09 13.92 20.69
C ARG B 82 -48.65 12.98 21.81
N GLY B 83 -47.59 13.35 22.50
CA GLY B 83 -47.04 12.55 23.58
C GLY B 83 -46.24 13.38 24.57
N ALA B 84 -45.76 12.74 25.63
CA ALA B 84 -45.03 13.40 26.70
C ALA B 84 -43.90 14.35 26.24
N PHE B 85 -42.98 13.89 25.37
CA PHE B 85 -41.85 14.71 24.94
C PHE B 85 -41.93 15.27 23.52
N GLY B 86 -43.10 15.23 22.89
CA GLY B 86 -43.25 15.77 21.55
C GLY B 86 -44.53 15.41 20.83
N GLU B 87 -44.45 15.29 19.51
CA GLU B 87 -45.60 15.00 18.68
C GLU B 87 -45.22 14.17 17.46
N VAL B 88 -46.21 13.61 16.76
CA VAL B 88 -46.01 12.86 15.53
C VAL B 88 -46.76 13.62 14.46
N GLN B 89 -46.04 14.00 13.41
CA GLN B 89 -46.55 14.79 12.29
C GLN B 89 -46.66 13.93 11.05
N LEU B 90 -47.67 14.17 10.22
CA LEU B 90 -47.79 13.54 8.92
C LEU B 90 -46.98 14.50 8.03
N VAL B 91 -45.87 14.03 7.45
CA VAL B 91 -45.00 14.87 6.64
C VAL B 91 -44.83 14.31 5.20
N ARG B 92 -44.35 15.15 4.28
CA ARG B 92 -44.04 14.73 2.91
C ARG B 92 -42.61 15.12 2.65
N HIS B 93 -41.76 14.18 2.22
CA HIS B 93 -40.38 14.50 1.89
C HIS B 93 -40.38 15.38 0.63
N LYS B 94 -39.81 16.58 0.70
CA LYS B 94 -39.81 17.53 -0.40
C LYS B 94 -39.20 17.00 -1.71
N ALA B 95 -38.09 16.26 -1.66
CA ALA B 95 -37.46 15.76 -2.88
C ALA B 95 -38.17 14.54 -3.50
N SER B 96 -38.43 13.48 -2.69
CA SER B 96 -39.05 12.27 -3.18
C SER B 96 -40.57 12.32 -3.32
N GLN B 97 -41.21 13.29 -2.64
CA GLN B 97 -42.66 13.48 -2.57
C GLN B 97 -43.38 12.35 -1.81
N LYS B 98 -42.61 11.51 -1.08
CA LYS B 98 -43.13 10.38 -0.33
C LYS B 98 -43.63 10.82 1.02
N VAL B 99 -44.75 10.25 1.47
CA VAL B 99 -45.38 10.58 2.72
C VAL B 99 -44.94 9.64 3.87
N TYR B 100 -44.65 10.22 5.04
CA TYR B 100 -44.23 9.46 6.22
C TYR B 100 -44.90 10.03 7.47
N ALA B 101 -44.74 9.33 8.61
CA ALA B 101 -45.14 9.83 9.92
C ALA B 101 -43.82 10.14 10.63
N MET B 102 -43.64 11.37 11.14
CA MET B 102 -42.40 11.75 11.81
C MET B 102 -42.62 12.06 13.28
N LYS B 103 -42.06 11.25 14.18
CA LYS B 103 -42.12 11.53 15.61
C LYS B 103 -40.96 12.49 16.00
N LEU B 104 -41.27 13.49 16.83
CA LEU B 104 -40.30 14.49 17.34
C LEU B 104 -40.16 14.34 18.85
N LEU B 105 -38.94 14.45 19.37
CA LEU B 105 -38.68 14.34 20.80
C LEU B 105 -37.82 15.52 21.20
N SER B 106 -38.30 16.36 22.13
CA SER B 106 -37.61 17.55 22.61
C SER B 106 -36.43 17.17 23.48
N LYS B 107 -35.21 17.57 23.07
CA LYS B 107 -33.99 17.32 23.83
C LYS B 107 -34.05 18.04 25.18
N PHE B 108 -34.57 19.27 25.17
CA PHE B 108 -34.74 20.08 26.38
C PHE B 108 -35.64 19.37 27.41
N GLU B 109 -36.86 18.96 27.03
CA GLU B 109 -37.76 18.28 27.96
C GLU B 109 -37.24 16.92 28.41
N MET B 110 -36.53 16.18 27.54
CA MET B 110 -35.97 14.88 27.91
C MET B 110 -34.85 15.04 28.95
N ILE B 111 -34.06 16.12 28.83
CA ILE B 111 -32.99 16.36 29.79
C ILE B 111 -33.59 16.90 31.10
N LYS B 112 -34.44 17.94 31.01
CA LYS B 112 -35.14 18.54 32.17
C LYS B 112 -35.90 17.49 32.98
N ARG B 113 -36.67 16.61 32.32
CA ARG B 113 -37.43 15.59 33.04
C ARG B 113 -36.69 14.27 33.19
N SER B 114 -35.33 14.33 33.23
CA SER B 114 -34.35 13.24 33.38
C SER B 114 -34.79 11.89 32.75
N ASP B 115 -35.37 11.94 31.55
CA ASP B 115 -35.83 10.76 30.81
C ASP B 115 -35.17 10.82 29.40
N SER B 116 -33.86 10.51 29.31
CA SER B 116 -33.14 10.62 28.04
C SER B 116 -32.41 9.32 27.61
N ALA B 117 -33.05 8.15 27.79
CA ALA B 117 -32.47 6.87 27.37
C ALA B 117 -33.46 5.91 26.72
N PHE B 118 -34.76 6.20 26.84
CA PHE B 118 -35.83 5.35 26.32
C PHE B 118 -35.85 5.19 24.79
N PHE B 119 -35.38 6.21 24.06
CA PHE B 119 -35.42 6.27 22.61
C PHE B 119 -34.45 5.29 21.91
N TRP B 120 -33.47 4.74 22.65
CA TRP B 120 -32.51 3.82 22.05
C TRP B 120 -33.17 2.54 21.60
N GLU B 121 -33.92 1.90 22.52
CA GLU B 121 -34.64 0.67 22.14
C GLU B 121 -35.78 0.96 21.17
N GLU B 122 -36.41 2.13 21.28
CA GLU B 122 -37.49 2.49 20.38
C GLU B 122 -36.98 2.60 18.94
N ARG B 123 -35.87 3.29 18.76
CA ARG B 123 -35.26 3.45 17.45
C ARG B 123 -34.79 2.10 16.91
N ASP B 124 -34.12 1.29 17.75
CA ASP B 124 -33.63 -0.02 17.33
C ASP B 124 -34.71 -1.01 16.94
N ILE B 125 -35.83 -1.05 17.68
CA ILE B 125 -36.94 -1.96 17.36
C ILE B 125 -37.51 -1.61 15.99
N MET B 126 -37.75 -0.34 15.74
CA MET B 126 -38.31 0.11 14.47
C MET B 126 -37.34 0.00 13.28
N ALA B 127 -36.05 0.25 13.53
CA ALA B 127 -35.07 0.15 12.46
C ALA B 127 -34.73 -1.30 12.09
N PHE B 128 -34.62 -2.19 13.08
CA PHE B 128 -34.10 -3.53 12.82
C PHE B 128 -35.02 -4.73 13.11
N ALA B 129 -36.33 -4.53 13.37
CA ALA B 129 -37.20 -5.67 13.64
C ALA B 129 -37.41 -6.56 12.43
N ASN B 130 -37.57 -5.95 11.22
CA ASN B 130 -37.89 -6.67 9.96
C ASN B 130 -39.11 -7.58 10.15
N SER B 131 -40.12 -7.00 10.76
CA SER B 131 -41.35 -7.69 11.09
C SER B 131 -42.51 -6.93 10.53
N PRO B 132 -43.48 -7.62 9.94
CA PRO B 132 -44.69 -6.93 9.47
C PRO B 132 -45.55 -6.41 10.65
N TRP B 133 -45.25 -6.80 11.89
CA TRP B 133 -46.00 -6.38 13.07
C TRP B 133 -45.45 -5.14 13.74
N VAL B 134 -44.33 -4.58 13.26
CA VAL B 134 -43.66 -3.44 13.87
C VAL B 134 -43.57 -2.34 12.84
N VAL B 135 -43.93 -1.10 13.24
CA VAL B 135 -43.81 0.07 12.34
C VAL B 135 -42.31 0.26 11.97
N GLN B 136 -42.04 0.37 10.69
CA GLN B 136 -40.69 0.51 10.16
C GLN B 136 -40.19 1.95 10.23
N LEU B 137 -38.95 2.12 10.67
CA LEU B 137 -38.29 3.41 10.71
C LEU B 137 -37.33 3.46 9.52
N PHE B 138 -37.39 4.52 8.72
CA PHE B 138 -36.50 4.70 7.58
C PHE B 138 -35.29 5.56 7.96
N TYR B 139 -35.55 6.64 8.68
CA TYR B 139 -34.49 7.55 9.10
C TYR B 139 -34.66 7.97 10.55
N ALA B 140 -33.55 8.25 11.18
CA ALA B 140 -33.48 8.80 12.54
C ALA B 140 -32.43 9.91 12.39
N PHE B 141 -32.84 11.15 12.60
CA PHE B 141 -31.94 12.29 12.51
C PHE B 141 -32.16 13.19 13.74
N GLN B 142 -31.36 14.26 13.86
CA GLN B 142 -31.48 15.16 14.99
C GLN B 142 -30.90 16.52 14.68
N ASP B 143 -31.46 17.56 15.29
CA ASP B 143 -30.91 18.91 15.23
C ASP B 143 -30.56 19.38 16.69
N ASP B 144 -30.29 20.68 16.92
CA ASP B 144 -29.97 21.15 18.27
C ASP B 144 -31.15 21.01 19.25
N ARG B 145 -32.41 21.06 18.75
CA ARG B 145 -33.58 20.98 19.60
C ARG B 145 -34.29 19.62 19.66
N TYR B 146 -34.33 18.87 18.55
CA TYR B 146 -35.09 17.63 18.51
C TYR B 146 -34.38 16.41 17.98
N LEU B 147 -34.93 15.23 18.34
CA LEU B 147 -34.63 13.93 17.79
C LEU B 147 -35.84 13.66 16.83
N TYR B 148 -35.57 13.14 15.63
CA TYR B 148 -36.63 12.84 14.66
C TYR B 148 -36.59 11.36 14.28
N MET B 149 -37.75 10.78 14.10
CA MET B 149 -37.86 9.40 13.66
C MET B 149 -38.89 9.39 12.54
N VAL B 150 -38.43 9.10 11.30
CA VAL B 150 -39.25 9.05 10.09
C VAL B 150 -39.69 7.62 9.91
N MET B 151 -40.98 7.35 10.06
CA MET B 151 -41.51 5.99 10.02
C MET B 151 -42.54 5.86 8.91
N GLU B 152 -42.96 4.61 8.61
CA GLU B 152 -44.02 4.40 7.64
C GLU B 152 -45.34 4.88 8.24
N TYR B 153 -46.12 5.62 7.44
CA TYR B 153 -47.39 6.17 7.86
C TYR B 153 -48.43 5.06 7.85
N MET B 154 -49.21 4.96 8.95
CA MET B 154 -50.26 3.96 9.05
C MET B 154 -51.58 4.72 8.91
N PRO B 155 -52.19 4.71 7.71
CA PRO B 155 -53.38 5.54 7.48
C PRO B 155 -54.70 5.02 8.04
N GLY B 156 -54.73 3.78 8.49
CA GLY B 156 -55.94 3.17 9.04
C GLY B 156 -56.30 3.64 10.45
N GLY B 157 -55.39 4.37 11.09
CA GLY B 157 -55.60 4.88 12.44
C GLY B 157 -55.37 3.81 13.50
N ASP B 158 -55.72 4.11 14.75
CA ASP B 158 -55.51 3.15 15.84
C ASP B 158 -56.78 2.37 16.21
N LEU B 159 -56.66 1.40 17.15
CA LEU B 159 -57.85 0.62 17.53
C LEU B 159 -58.77 1.37 18.47
N VAL B 160 -58.36 2.54 19.03
CA VAL B 160 -59.25 3.38 19.82
C VAL B 160 -60.30 3.95 18.86
N ASN B 161 -59.84 4.47 17.72
CA ASN B 161 -60.65 5.02 16.63
C ASN B 161 -61.58 3.98 16.04
N LEU B 162 -61.08 2.76 15.83
CA LEU B 162 -61.91 1.68 15.31
C LEU B 162 -63.06 1.35 16.27
N MET B 163 -62.76 1.24 17.57
CA MET B 163 -63.75 0.91 18.58
C MET B 163 -64.83 1.97 18.76
N SER B 164 -64.51 3.25 18.54
CA SER B 164 -65.51 4.30 18.65
C SER B 164 -66.39 4.44 17.42
N ASN B 165 -65.94 3.95 16.25
CA ASN B 165 -66.76 4.02 15.03
C ASN B 165 -67.52 2.72 14.71
N TYR B 166 -67.21 1.63 15.42
CA TYR B 166 -67.85 0.36 15.16
C TYR B 166 -68.22 -0.36 16.44
N ASP B 167 -69.29 -1.11 16.36
CA ASP B 167 -69.73 -2.02 17.41
C ASP B 167 -68.99 -3.26 16.98
N VAL B 168 -67.92 -3.63 17.71
CA VAL B 168 -67.08 -4.72 17.27
C VAL B 168 -67.72 -6.10 17.51
N PRO B 169 -68.00 -6.84 16.42
CA PRO B 169 -68.44 -8.23 16.58
C PRO B 169 -67.28 -9.13 17.02
N GLU B 170 -67.60 -10.22 17.72
CA GLU B 170 -66.63 -11.18 18.21
C GLU B 170 -65.72 -11.76 17.14
N LYS B 171 -66.20 -11.86 15.88
CA LYS B 171 -65.35 -12.38 14.79
C LYS B 171 -64.22 -11.40 14.47
N TRP B 172 -64.48 -10.09 14.59
CA TRP B 172 -63.50 -9.06 14.36
C TRP B 172 -62.52 -9.03 15.54
N ALA B 173 -63.06 -9.08 16.78
CA ALA B 173 -62.26 -9.09 18.01
C ALA B 173 -61.28 -10.25 18.03
N LYS B 174 -61.68 -11.40 17.50
CA LYS B 174 -60.85 -12.59 17.36
C LYS B 174 -59.67 -12.31 16.43
N PHE B 175 -59.93 -11.64 15.28
CA PHE B 175 -58.91 -11.28 14.30
C PHE B 175 -57.90 -10.30 14.88
N TYR B 176 -58.37 -9.22 15.52
CA TYR B 176 -57.47 -8.22 16.08
C TYR B 176 -56.67 -8.75 17.28
N THR B 177 -57.27 -9.63 18.08
CA THR B 177 -56.58 -10.19 19.23
C THR B 177 -55.50 -11.12 18.74
N ALA B 178 -55.82 -11.99 17.77
CA ALA B 178 -54.84 -12.89 17.20
C ALA B 178 -53.63 -12.13 16.61
N GLU B 179 -53.85 -10.99 15.95
CA GLU B 179 -52.78 -10.18 15.37
C GLU B 179 -51.95 -9.51 16.49
N VAL B 180 -52.57 -9.13 17.61
CA VAL B 180 -51.87 -8.52 18.74
C VAL B 180 -51.00 -9.61 19.43
N VAL B 181 -51.55 -10.84 19.55
CA VAL B 181 -50.87 -11.98 20.10
C VAL B 181 -49.56 -12.25 19.29
N LEU B 182 -49.62 -12.29 17.93
CA LEU B 182 -48.46 -12.47 17.04
C LEU B 182 -47.47 -11.32 17.11
N ALA B 183 -47.99 -10.10 17.22
CA ALA B 183 -47.13 -8.91 17.31
C ALA B 183 -46.33 -8.92 18.61
N LEU B 184 -46.97 -9.37 19.69
CA LEU B 184 -46.33 -9.44 20.98
C LEU B 184 -45.32 -10.53 21.04
N ASP B 185 -45.63 -11.69 20.46
CA ASP B 185 -44.69 -12.80 20.37
C ASP B 185 -43.44 -12.38 19.58
N ALA B 186 -43.57 -11.51 18.58
CA ALA B 186 -42.40 -11.01 17.83
C ALA B 186 -41.54 -10.15 18.72
N ILE B 187 -42.13 -9.28 19.53
CA ILE B 187 -41.36 -8.44 20.45
C ILE B 187 -40.69 -9.31 21.54
N HIS B 188 -41.44 -10.27 22.08
CA HIS B 188 -40.92 -11.16 23.11
C HIS B 188 -39.73 -11.98 22.57
N SER B 189 -39.82 -12.41 21.30
CA SER B 189 -38.75 -13.13 20.59
C SER B 189 -37.51 -12.30 20.38
N MET B 190 -37.66 -10.97 20.24
CA MET B 190 -36.51 -10.08 20.15
C MET B 190 -35.89 -9.79 21.55
N GLY B 191 -36.38 -10.44 22.60
CA GLY B 191 -35.89 -10.25 23.95
C GLY B 191 -36.46 -9.06 24.66
N LEU B 192 -37.63 -8.57 24.24
CA LEU B 192 -38.22 -7.37 24.85
C LEU B 192 -39.62 -7.55 25.46
N ILE B 193 -39.93 -6.71 26.44
CA ILE B 193 -41.25 -6.64 27.07
C ILE B 193 -41.75 -5.24 26.76
N HIS B 194 -42.94 -5.14 26.14
CA HIS B 194 -43.53 -3.87 25.75
C HIS B 194 -43.85 -2.95 26.94
N ARG B 195 -44.63 -3.46 27.93
CA ARG B 195 -45.01 -2.74 29.15
C ARG B 195 -46.10 -1.66 28.97
N ASP B 196 -46.59 -1.45 27.74
CA ASP B 196 -47.62 -0.44 27.49
C ASP B 196 -48.54 -0.85 26.34
N VAL B 197 -48.96 -2.12 26.33
CA VAL B 197 -49.85 -2.62 25.28
C VAL B 197 -51.22 -2.04 25.52
N LYS B 198 -51.70 -1.23 24.58
CA LYS B 198 -53.00 -0.57 24.65
C LYS B 198 -53.46 -0.24 23.22
N PRO B 199 -54.78 -0.10 22.97
CA PRO B 199 -55.25 0.13 21.60
C PRO B 199 -54.78 1.44 20.96
N ASP B 200 -54.28 2.39 21.74
CA ASP B 200 -53.74 3.65 21.22
C ASP B 200 -52.43 3.40 20.42
N ASN B 201 -51.67 2.35 20.82
CA ASN B 201 -50.41 1.90 20.24
C ASN B 201 -50.58 0.75 19.20
N MET B 202 -51.81 0.40 18.85
CA MET B 202 -52.10 -0.63 17.86
C MET B 202 -52.61 0.11 16.64
N LEU B 203 -51.80 0.21 15.57
CA LEU B 203 -52.16 0.93 14.36
C LEU B 203 -52.53 0.01 13.24
N LEU B 204 -53.31 0.50 12.29
CA LEU B 204 -53.76 -0.28 11.14
C LEU B 204 -53.13 0.31 9.89
N ASP B 205 -52.59 -0.59 9.04
CA ASP B 205 -51.96 -0.16 7.79
C ASP B 205 -52.99 0.11 6.68
N LYS B 206 -52.53 0.48 5.45
CA LYS B 206 -53.39 0.77 4.30
C LYS B 206 -54.32 -0.37 3.97
N HIS B 207 -54.03 -1.60 4.43
CA HIS B 207 -54.85 -2.79 4.18
C HIS B 207 -55.72 -3.25 5.38
N GLY B 208 -55.62 -2.56 6.52
CA GLY B 208 -56.40 -2.92 7.69
C GLY B 208 -55.71 -3.89 8.66
N HIS B 209 -54.41 -4.16 8.44
CA HIS B 209 -53.67 -5.08 9.30
C HIS B 209 -52.88 -4.33 10.35
N LEU B 210 -52.70 -4.97 11.49
CA LEU B 210 -52.05 -4.35 12.65
C LEU B 210 -50.51 -4.28 12.62
N LYS B 211 -49.99 -3.21 13.24
CA LYS B 211 -48.59 -2.97 13.56
C LYS B 211 -48.58 -2.24 14.89
N LEU B 212 -47.62 -2.59 15.73
CA LEU B 212 -47.42 -1.92 17.01
C LEU B 212 -46.56 -0.69 16.80
N ALA B 213 -46.76 0.33 17.63
CA ALA B 213 -46.03 1.60 17.62
C ALA B 213 -45.80 2.06 19.10
N ASP B 214 -45.02 3.12 19.34
CA ASP B 214 -44.63 3.63 20.67
C ASP B 214 -43.91 2.59 21.49
N PHE B 215 -42.63 2.47 21.25
CA PHE B 215 -41.80 1.51 21.97
C PHE B 215 -40.97 2.18 23.07
N GLY B 216 -41.45 3.34 23.58
CA GLY B 216 -40.83 4.15 24.62
C GLY B 216 -40.74 3.47 25.98
N THR B 217 -41.51 2.42 26.21
CA THR B 217 -41.47 1.69 27.48
C THR B 217 -40.82 0.30 27.34
N CYS B 218 -40.45 -0.13 26.13
CA CYS B 218 -39.86 -1.45 25.92
C CYS B 218 -38.57 -1.61 26.70
N MET B 219 -38.36 -2.80 27.26
CA MET B 219 -37.17 -3.11 28.02
C MET B 219 -36.65 -4.47 27.64
N LYS B 220 -35.31 -4.61 27.58
CA LYS B 220 -34.67 -5.89 27.27
C LYS B 220 -34.77 -6.79 28.50
N MET B 221 -35.13 -8.06 28.32
CA MET B 221 -35.24 -9.01 29.44
C MET B 221 -33.87 -9.56 29.85
N ASP B 222 -33.74 -9.98 31.11
CA ASP B 222 -32.55 -10.64 31.67
C ASP B 222 -32.51 -12.10 31.17
N GLU B 223 -31.48 -12.88 31.57
CA GLU B 223 -31.45 -14.31 31.21
C GLU B 223 -32.67 -15.05 31.84
N THR B 224 -33.22 -14.52 32.96
CA THR B 224 -34.39 -15.06 33.66
C THR B 224 -35.73 -14.78 32.92
N GLY B 225 -35.72 -13.85 31.97
CA GLY B 225 -36.90 -13.41 31.23
C GLY B 225 -37.63 -12.29 31.94
N MET B 226 -36.94 -11.58 32.84
CA MET B 226 -37.51 -10.53 33.68
C MET B 226 -36.98 -9.14 33.39
N VAL B 227 -37.69 -8.11 33.87
CA VAL B 227 -37.33 -6.72 33.71
C VAL B 227 -37.43 -6.01 35.07
N PRO B 236 -52.90 3.53 32.64
CA PRO B 236 -53.65 3.20 33.87
C PRO B 236 -54.69 2.10 33.66
N ASP B 237 -55.60 2.25 32.69
CA ASP B 237 -56.62 1.25 32.38
C ASP B 237 -56.07 -0.14 31.97
N TYR B 238 -54.87 -0.17 31.40
CA TYR B 238 -54.24 -1.38 30.85
C TYR B 238 -53.08 -1.97 31.67
N ILE B 239 -52.58 -1.27 32.72
CA ILE B 239 -51.48 -1.81 33.53
C ILE B 239 -51.91 -3.01 34.43
N SER B 240 -51.03 -4.02 34.54
CA SER B 240 -51.19 -5.22 35.36
C SER B 240 -51.10 -4.93 36.86
N PRO B 241 -51.66 -5.82 37.71
CA PRO B 241 -51.55 -5.58 39.17
C PRO B 241 -50.10 -5.59 39.67
N GLU B 242 -49.26 -6.53 39.18
CA GLU B 242 -47.86 -6.59 39.59
C GLU B 242 -47.07 -5.33 39.26
N VAL B 243 -47.36 -4.68 38.13
CA VAL B 243 -46.71 -3.43 37.74
C VAL B 243 -47.13 -2.32 38.70
N LEU B 244 -48.44 -2.29 39.05
CA LEU B 244 -48.99 -1.32 39.99
C LEU B 244 -48.37 -1.45 41.38
N LYS B 245 -48.23 -2.69 41.92
CA LYS B 245 -47.62 -2.94 43.22
C LYS B 245 -46.07 -2.71 43.25
N SER B 246 -45.57 -1.64 42.58
CA SER B 246 -44.16 -1.25 42.49
C SER B 246 -44.07 0.29 42.45
N PHE B 252 -39.99 -6.69 39.81
CA PHE B 252 -39.47 -7.46 38.67
C PHE B 252 -40.64 -8.07 37.87
N TYR B 253 -40.74 -7.76 36.54
CA TYR B 253 -41.87 -8.25 35.72
C TYR B 253 -41.46 -9.18 34.60
N GLY B 254 -42.30 -10.17 34.31
CA GLY B 254 -42.09 -11.04 33.17
C GLY B 254 -42.88 -10.59 31.95
N ARG B 255 -42.91 -11.41 30.91
CA ARG B 255 -43.65 -11.17 29.67
C ARG B 255 -45.18 -11.24 29.89
N GLU B 256 -45.64 -11.91 30.96
CA GLU B 256 -47.06 -12.06 31.27
C GLU B 256 -47.73 -10.73 31.62
N CYS B 257 -46.98 -9.65 31.88
CA CYS B 257 -47.60 -8.35 32.12
C CYS B 257 -48.14 -7.77 30.80
N ASP B 258 -47.55 -8.15 29.63
CA ASP B 258 -48.04 -7.79 28.31
C ASP B 258 -49.31 -8.60 28.00
N TRP B 259 -49.39 -9.87 28.47
CA TRP B 259 -50.57 -10.69 28.25
C TRP B 259 -51.76 -10.23 29.04
N TRP B 260 -51.55 -9.55 30.18
CA TRP B 260 -52.61 -8.97 31.00
C TRP B 260 -53.35 -7.93 30.13
N SER B 261 -52.57 -7.04 29.48
CA SER B 261 -52.98 -5.96 28.63
C SER B 261 -53.85 -6.45 27.48
N VAL B 262 -53.55 -7.66 26.94
CA VAL B 262 -54.32 -8.34 25.88
C VAL B 262 -55.72 -8.76 26.39
N GLY B 263 -55.81 -9.21 27.65
CA GLY B 263 -57.09 -9.58 28.24
C GLY B 263 -57.98 -8.35 28.43
N VAL B 264 -57.38 -7.23 28.83
CA VAL B 264 -58.09 -5.97 29.00
C VAL B 264 -58.61 -5.47 27.63
N PHE B 265 -57.79 -5.61 26.58
CA PHE B 265 -58.11 -5.22 25.22
C PHE B 265 -59.25 -6.05 24.65
N LEU B 266 -59.20 -7.37 24.86
CA LEU B 266 -60.26 -8.25 24.35
C LEU B 266 -61.59 -7.94 25.06
N TYR B 267 -61.53 -7.65 26.37
CA TYR B 267 -62.71 -7.27 27.14
C TYR B 267 -63.25 -5.95 26.59
N GLU B 268 -62.40 -4.92 26.40
CA GLU B 268 -62.87 -3.62 25.91
C GLU B 268 -63.54 -3.74 24.54
N MET B 269 -63.01 -4.61 23.68
CA MET B 269 -63.53 -4.79 22.34
C MET B 269 -64.91 -5.39 22.32
N LEU B 270 -65.15 -6.36 23.21
CA LEU B 270 -66.40 -7.10 23.25
C LEU B 270 -67.48 -6.45 24.09
N VAL B 271 -67.09 -5.83 25.20
CA VAL B 271 -68.02 -5.22 26.14
C VAL B 271 -68.30 -3.74 25.82
N GLY B 272 -67.29 -3.03 25.33
CA GLY B 272 -67.44 -1.61 25.00
C GLY B 272 -66.86 -0.68 26.02
N ASP B 273 -66.43 -1.22 27.18
CA ASP B 273 -65.80 -0.51 28.30
C ASP B 273 -64.60 -1.32 28.79
N THR B 274 -63.62 -0.67 29.44
CA THR B 274 -62.47 -1.35 30.03
C THR B 274 -62.92 -2.10 31.31
N PRO B 275 -62.33 -3.27 31.64
CA PRO B 275 -62.84 -4.05 32.78
C PRO B 275 -62.75 -3.40 34.15
N PHE B 276 -61.80 -2.50 34.33
CA PHE B 276 -61.59 -1.82 35.62
C PHE B 276 -61.76 -0.30 35.50
N TYR B 277 -62.67 0.12 34.63
CA TYR B 277 -62.99 1.51 34.43
C TYR B 277 -63.59 2.07 35.73
N ALA B 278 -63.20 3.30 36.04
CA ALA B 278 -63.69 4.10 37.14
C ALA B 278 -63.48 5.58 36.79
N ASP B 279 -64.26 6.47 37.41
CA ASP B 279 -64.21 7.91 37.12
C ASP B 279 -62.83 8.52 37.37
N SER B 280 -62.09 8.01 38.38
CA SER B 280 -60.78 8.55 38.71
C SER B 280 -59.64 7.56 38.44
N LEU B 281 -58.38 8.05 38.40
CA LEU B 281 -57.21 7.19 38.23
C LEU B 281 -57.08 6.28 39.45
N VAL B 282 -57.34 6.80 40.66
CA VAL B 282 -57.23 6.01 41.90
C VAL B 282 -58.28 4.90 41.96
N GLY B 283 -59.47 5.19 41.43
CA GLY B 283 -60.58 4.23 41.38
C GLY B 283 -60.23 3.04 40.51
N THR B 284 -59.62 3.33 39.33
CA THR B 284 -59.14 2.32 38.36
C THR B 284 -58.06 1.47 39.06
N TYR B 285 -57.04 2.10 39.69
CA TYR B 285 -55.96 1.38 40.40
C TYR B 285 -56.51 0.46 41.49
N SER B 286 -57.52 0.92 42.22
CA SER B 286 -58.15 0.15 43.28
C SER B 286 -58.88 -1.08 42.71
N LYS B 287 -59.56 -0.90 41.55
CA LYS B 287 -60.26 -1.96 40.86
C LYS B 287 -59.30 -3.00 40.28
N ILE B 288 -58.12 -2.57 39.73
CA ILE B 288 -57.13 -3.50 39.18
C ILE B 288 -56.53 -4.33 40.29
N MET B 289 -56.21 -3.73 41.46
CA MET B 289 -55.67 -4.48 42.60
C MET B 289 -56.67 -5.56 43.07
N ASP B 290 -57.97 -5.20 43.09
CA ASP B 290 -59.06 -6.04 43.53
C ASP B 290 -59.67 -6.88 42.38
N HIS B 291 -58.90 -7.14 41.31
CA HIS B 291 -59.40 -7.88 40.13
C HIS B 291 -60.11 -9.19 40.45
N LYS B 292 -59.75 -9.86 41.54
CA LYS B 292 -60.39 -11.13 41.91
C LYS B 292 -61.89 -10.96 42.20
N ASN B 293 -62.30 -9.76 42.62
CA ASN B 293 -63.70 -9.48 42.92
C ASN B 293 -64.30 -8.37 42.02
N SER B 294 -63.47 -7.51 41.43
CA SER B 294 -63.96 -6.40 40.61
C SER B 294 -64.25 -6.77 39.15
N LEU B 295 -63.68 -7.89 38.64
CA LEU B 295 -63.92 -8.29 37.27
C LEU B 295 -65.25 -8.99 37.17
N CYS B 296 -66.16 -8.44 36.38
CA CYS B 296 -67.44 -9.09 36.13
C CYS B 296 -68.00 -8.66 34.79
N PHE B 297 -68.54 -9.63 34.05
CA PHE B 297 -69.10 -9.37 32.76
C PHE B 297 -70.53 -8.91 32.91
N PRO B 298 -70.90 -7.76 32.33
CA PRO B 298 -72.29 -7.29 32.41
C PRO B 298 -73.27 -8.30 31.79
N GLU B 299 -74.48 -8.42 32.36
CA GLU B 299 -75.45 -9.39 31.86
C GLU B 299 -75.98 -9.09 30.46
N ASP B 300 -75.83 -7.85 29.98
CA ASP B 300 -76.23 -7.47 28.63
C ASP B 300 -75.06 -7.51 27.60
N ALA B 301 -73.86 -7.96 28.02
CA ALA B 301 -72.73 -8.06 27.12
C ALA B 301 -72.82 -9.31 26.27
N GLU B 302 -72.80 -9.13 24.96
CA GLU B 302 -72.84 -10.17 23.96
C GLU B 302 -71.43 -10.81 23.84
N ILE B 303 -71.17 -11.84 24.62
CA ILE B 303 -69.86 -12.50 24.65
C ILE B 303 -70.03 -14.00 24.84
N SER B 304 -69.22 -14.79 24.13
CA SER B 304 -69.24 -16.23 24.19
C SER B 304 -68.54 -16.77 25.47
N LYS B 305 -68.75 -18.07 25.77
CA LYS B 305 -68.11 -18.71 26.92
C LYS B 305 -66.60 -18.80 26.71
N HIS B 306 -66.14 -19.05 25.45
CA HIS B 306 -64.73 -19.13 25.11
C HIS B 306 -64.04 -17.78 25.26
N ALA B 307 -64.75 -16.68 24.90
CA ALA B 307 -64.22 -15.32 25.01
C ALA B 307 -64.08 -14.95 26.48
N LYS B 308 -65.08 -15.29 27.33
CA LYS B 308 -64.99 -15.01 28.77
C LYS B 308 -63.85 -15.84 29.38
N ASN B 309 -63.73 -17.10 28.97
CA ASN B 309 -62.66 -17.96 29.48
C ASN B 309 -61.28 -17.41 29.11
N LEU B 310 -61.10 -16.92 27.87
CA LEU B 310 -59.81 -16.36 27.45
C LEU B 310 -59.45 -15.08 28.21
N ILE B 311 -60.41 -14.16 28.39
CA ILE B 311 -60.23 -12.93 29.15
C ILE B 311 -59.84 -13.26 30.60
N CYS B 312 -60.52 -14.25 31.20
CA CYS B 312 -60.26 -14.69 32.57
C CYS B 312 -58.91 -15.36 32.71
N ALA B 313 -58.43 -16.11 31.70
CA ALA B 313 -57.11 -16.74 31.76
C ALA B 313 -55.96 -15.68 31.72
N PHE B 314 -56.22 -14.50 31.13
CA PHE B 314 -55.25 -13.41 31.07
C PHE B 314 -55.36 -12.50 32.30
N LEU B 315 -56.60 -12.30 32.79
CA LEU B 315 -56.83 -11.42 33.93
C LEU B 315 -56.80 -12.15 35.28
N THR B 316 -55.68 -12.82 35.55
CA THR B 316 -55.40 -13.52 36.79
C THR B 316 -54.05 -12.99 37.38
N ASP B 317 -53.62 -13.48 38.56
CA ASP B 317 -52.33 -13.15 39.13
C ASP B 317 -51.24 -13.72 38.21
N ARG B 318 -50.10 -13.03 38.14
CA ARG B 318 -48.99 -13.39 37.27
C ARG B 318 -48.55 -14.86 37.32
N GLU B 319 -48.63 -15.49 38.49
CA GLU B 319 -48.20 -16.87 38.73
C GLU B 319 -48.95 -17.90 37.91
N VAL B 320 -50.25 -17.66 37.69
CA VAL B 320 -51.08 -18.61 36.96
C VAL B 320 -51.62 -18.05 35.62
N ARG B 321 -51.18 -16.84 35.23
CA ARG B 321 -51.58 -16.14 34.00
C ARG B 321 -51.20 -16.85 32.67
N LEU B 322 -52.15 -16.88 31.70
CA LEU B 322 -51.95 -17.46 30.38
C LEU B 322 -50.89 -16.64 29.62
N GLY B 323 -49.97 -17.35 28.96
CA GLY B 323 -48.86 -16.74 28.23
C GLY B 323 -47.53 -16.71 28.97
N ARG B 324 -47.53 -17.10 30.30
CA ARG B 324 -46.34 -17.16 31.16
C ARG B 324 -45.35 -18.24 30.64
N ASN B 325 -45.90 -19.36 30.14
CA ASN B 325 -45.14 -20.49 29.59
C ASN B 325 -45.03 -20.40 28.04
N GLY B 326 -45.20 -19.22 27.46
CA GLY B 326 -45.14 -19.05 26.01
C GLY B 326 -46.48 -18.85 25.32
N VAL B 327 -46.41 -18.55 24.03
CA VAL B 327 -47.57 -18.26 23.20
C VAL B 327 -48.36 -19.52 22.78
N GLU B 328 -47.74 -20.72 22.76
CA GLU B 328 -48.44 -21.93 22.33
C GLU B 328 -49.76 -22.18 23.02
N GLU B 329 -49.82 -21.96 24.34
CA GLU B 329 -51.04 -22.15 25.11
C GLU B 329 -52.18 -21.17 24.67
N ILE B 330 -51.82 -19.93 24.27
CA ILE B 330 -52.74 -18.92 23.77
C ILE B 330 -53.25 -19.31 22.40
N ARG B 331 -52.35 -19.71 21.49
CA ARG B 331 -52.72 -20.15 20.15
C ARG B 331 -53.74 -21.25 20.13
N GLN B 332 -53.60 -22.25 21.02
CA GLN B 332 -54.53 -23.38 21.01
C GLN B 332 -55.81 -23.14 21.81
N HIS B 333 -56.06 -21.91 22.31
CA HIS B 333 -57.28 -21.62 23.03
C HIS B 333 -58.49 -21.75 22.09
N PRO B 334 -59.59 -22.38 22.55
CA PRO B 334 -60.78 -22.54 21.70
C PRO B 334 -61.38 -21.26 21.12
N PHE B 335 -61.17 -20.10 21.77
CA PHE B 335 -61.69 -18.84 21.26
C PHE B 335 -61.24 -18.55 19.83
N PHE B 336 -59.98 -18.84 19.49
CA PHE B 336 -59.39 -18.55 18.19
C PHE B 336 -59.80 -19.48 17.05
N LYS B 337 -60.64 -20.51 17.33
CA LYS B 337 -61.15 -21.41 16.28
C LYS B 337 -62.06 -20.60 15.33
N ASN B 338 -61.78 -20.64 14.02
CA ASN B 338 -62.53 -19.91 13.01
C ASN B 338 -62.32 -20.56 11.60
N ASP B 339 -63.12 -20.15 10.60
CA ASP B 339 -63.00 -20.68 9.25
C ASP B 339 -62.43 -19.68 8.25
N GLN B 340 -61.77 -18.60 8.72
CA GLN B 340 -61.22 -17.57 7.87
C GLN B 340 -59.70 -17.53 7.75
N TRP B 341 -58.99 -17.74 8.87
CA TRP B 341 -57.53 -17.65 8.88
C TRP B 341 -56.89 -18.70 9.79
N HIS B 342 -55.57 -18.89 9.59
CA HIS B 342 -54.67 -19.72 10.37
C HIS B 342 -53.61 -18.78 10.97
N TRP B 343 -52.89 -19.22 11.99
CA TRP B 343 -51.84 -18.39 12.60
C TRP B 343 -50.73 -18.02 11.62
N ASP B 344 -50.45 -18.91 10.65
CA ASP B 344 -49.36 -18.69 9.68
C ASP B 344 -49.76 -17.77 8.52
N ASN B 345 -51.05 -17.45 8.34
CA ASN B 345 -51.46 -16.61 7.21
C ASN B 345 -52.41 -15.48 7.54
N ILE B 346 -52.76 -15.24 8.82
CA ILE B 346 -53.73 -14.22 9.20
C ILE B 346 -53.44 -12.83 8.59
N ARG B 347 -52.17 -12.40 8.56
CA ARG B 347 -51.80 -11.10 7.99
C ARG B 347 -51.91 -11.02 6.45
N GLU B 348 -52.16 -12.15 5.79
CA GLU B 348 -52.31 -12.22 4.33
C GLU B 348 -53.76 -12.53 3.92
N THR B 349 -54.72 -12.53 4.88
CA THR B 349 -56.16 -12.70 4.67
C THR B 349 -56.80 -11.31 4.72
N ALA B 350 -58.03 -11.18 4.23
CA ALA B 350 -58.75 -9.92 4.23
C ALA B 350 -59.05 -9.42 5.65
N ALA B 351 -58.65 -8.18 5.98
CA ALA B 351 -58.89 -7.60 7.29
C ALA B 351 -60.40 -7.22 7.41
N PRO B 352 -60.95 -7.18 8.65
CA PRO B 352 -62.38 -6.83 8.82
C PRO B 352 -62.76 -5.47 8.23
N VAL B 353 -61.91 -4.47 8.43
CA VAL B 353 -62.11 -3.13 7.91
C VAL B 353 -60.91 -2.71 7.06
N VAL B 354 -61.10 -2.53 5.75
CA VAL B 354 -60.04 -2.08 4.86
C VAL B 354 -60.24 -0.58 4.65
N PRO B 355 -59.22 0.25 4.96
CA PRO B 355 -59.40 1.73 4.83
C PRO B 355 -59.68 2.25 3.42
N GLU B 356 -60.58 3.23 3.33
CA GLU B 356 -60.94 3.90 2.07
C GLU B 356 -60.33 5.30 2.14
N LEU B 357 -59.19 5.49 1.46
CA LEU B 357 -58.48 6.76 1.55
C LEU B 357 -58.57 7.57 0.26
N SER B 358 -58.78 8.88 0.33
CA SER B 358 -58.95 9.74 -0.86
C SER B 358 -57.64 10.34 -1.45
N SER B 359 -56.55 10.27 -0.70
CA SER B 359 -55.24 10.73 -1.12
C SER B 359 -54.14 10.13 -0.18
N ASP B 360 -52.87 10.32 -0.53
CA ASP B 360 -51.73 9.86 0.27
C ASP B 360 -51.55 10.66 1.59
N ILE B 361 -52.29 11.76 1.78
CA ILE B 361 -52.24 12.53 3.02
C ILE B 361 -53.61 12.53 3.77
N ASP B 362 -54.51 11.61 3.43
CA ASP B 362 -55.79 11.47 4.08
C ASP B 362 -55.53 10.95 5.51
N SER B 363 -55.86 11.80 6.49
CA SER B 363 -55.70 11.46 7.90
C SER B 363 -57.05 11.45 8.60
N SER B 364 -58.13 11.03 7.89
CA SER B 364 -59.49 10.97 8.41
C SER B 364 -59.65 9.94 9.53
N ASN B 365 -58.75 8.93 9.60
CA ASN B 365 -58.79 7.96 10.69
C ASN B 365 -58.00 8.44 11.93
N PHE B 366 -57.63 9.72 11.98
CA PHE B 366 -56.92 10.34 13.09
C PHE B 366 -57.70 11.57 13.54
N ASP B 367 -57.96 11.68 14.84
CA ASP B 367 -58.65 12.87 15.35
C ASP B 367 -57.72 14.07 15.25
N ASP B 368 -58.29 15.27 15.08
CA ASP B 368 -57.46 16.47 14.96
C ASP B 368 -56.70 16.76 16.23
N ILE B 369 -55.46 17.27 16.10
CA ILE B 369 -54.60 17.61 17.24
C ILE B 369 -54.05 19.04 17.07
N VAL B 376 -42.01 27.10 22.49
CA VAL B 376 -41.25 25.96 23.00
C VAL B 376 -40.01 26.42 23.80
N GLU B 377 -39.72 25.80 24.97
CA GLU B 377 -38.58 26.20 25.78
C GLU B 377 -37.24 25.66 25.27
N THR B 378 -36.24 26.54 25.11
CA THR B 378 -34.91 26.16 24.63
C THR B 378 -33.88 26.10 25.78
N PHE B 379 -32.72 25.44 25.55
CA PHE B 379 -31.63 25.37 26.52
C PHE B 379 -31.02 26.76 26.68
N PRO B 380 -30.72 27.16 27.93
CA PRO B 380 -30.10 28.48 28.12
C PRO B 380 -28.65 28.51 27.62
N ILE B 381 -28.19 29.68 27.13
CA ILE B 381 -26.81 29.84 26.66
C ILE B 381 -25.88 29.67 27.86
N PRO B 382 -24.97 28.69 27.77
CA PRO B 382 -24.12 28.40 28.93
C PRO B 382 -22.86 29.24 29.06
N LYS B 383 -22.45 29.41 30.33
CA LYS B 383 -21.22 30.13 30.70
C LYS B 383 -20.01 29.17 30.67
N ALA B 384 -20.25 27.86 30.89
CA ALA B 384 -19.24 26.81 30.86
C ALA B 384 -19.78 25.55 30.11
N PHE B 385 -18.88 24.61 29.73
CA PHE B 385 -19.29 23.40 29.02
C PHE B 385 -20.27 22.57 29.86
N VAL B 386 -21.44 22.30 29.29
CA VAL B 386 -22.46 21.50 29.97
C VAL B 386 -22.72 20.17 29.28
N GLY B 387 -22.50 20.09 27.97
CA GLY B 387 -22.67 18.85 27.22
C GLY B 387 -24.10 18.37 27.08
N ASN B 388 -25.03 19.27 26.71
CA ASN B 388 -26.43 18.87 26.52
C ASN B 388 -26.65 17.98 25.30
N GLN B 389 -25.73 18.00 24.32
CA GLN B 389 -25.84 17.19 23.12
C GLN B 389 -25.28 15.77 23.29
N LEU B 390 -24.44 15.55 24.30
CA LEU B 390 -23.79 14.26 24.60
C LEU B 390 -24.72 13.04 24.73
N PRO B 391 -25.93 13.15 25.37
CA PRO B 391 -26.77 11.95 25.49
C PRO B 391 -27.38 11.46 24.16
N PHE B 392 -27.31 12.29 23.10
CA PHE B 392 -27.92 12.04 21.81
C PHE B 392 -26.94 11.58 20.71
N ILE B 393 -25.64 11.41 21.05
CA ILE B 393 -24.60 10.96 20.12
C ILE B 393 -24.87 9.51 19.74
N GLY B 394 -25.08 9.25 18.47
CA GLY B 394 -25.35 7.91 17.99
C GLY B 394 -26.79 7.68 17.57
N PHE B 395 -27.64 8.72 17.68
CA PHE B 395 -29.03 8.59 17.33
C PHE B 395 -29.27 8.53 15.82
N THR B 396 -28.48 9.30 15.04
CA THR B 396 -28.61 9.33 13.59
C THR B 396 -28.48 7.93 12.96
N TYR B 397 -29.38 7.63 12.02
CA TYR B 397 -29.46 6.37 11.30
C TYR B 397 -30.11 6.60 9.93
N TYR B 398 -29.50 6.07 8.86
CA TYR B 398 -30.06 6.15 7.52
C TYR B 398 -30.18 4.74 6.96
N ARG B 399 -31.42 4.30 6.62
CA ARG B 399 -31.67 2.94 6.09
C ARG B 399 -30.95 2.73 4.76
N GLY C 5 -0.50 -21.38 24.75
CA GLY C 5 -0.79 -21.57 26.16
C GLY C 5 0.32 -22.33 26.87
N ALA C 6 0.42 -23.64 26.58
CA ALA C 6 1.52 -24.46 27.09
C ALA C 6 2.83 -24.15 26.32
N SER C 7 2.71 -23.58 25.09
CA SER C 7 3.86 -23.15 24.31
C SER C 7 4.51 -21.93 24.98
N ARG C 8 3.70 -21.04 25.60
CA ARG C 8 4.22 -19.89 26.34
C ARG C 8 4.98 -20.37 27.59
N GLN C 9 4.42 -21.35 28.29
CA GLN C 9 5.07 -21.92 29.48
C GLN C 9 6.36 -22.70 29.11
N ARG C 10 6.40 -23.28 27.91
CA ARG C 10 7.56 -24.03 27.45
C ARG C 10 8.67 -23.04 27.06
N LYS C 11 8.30 -21.94 26.35
CA LYS C 11 9.22 -20.89 25.94
C LYS C 11 9.85 -20.24 27.17
N LEU C 12 9.04 -19.98 28.22
CA LEU C 12 9.50 -19.38 29.46
C LEU C 12 10.40 -20.30 30.25
N GLU C 13 10.10 -21.61 30.28
CA GLU C 13 10.92 -22.58 30.99
C GLU C 13 12.28 -22.76 30.28
N ALA C 14 12.33 -22.60 28.95
CA ALA C 14 13.56 -22.70 28.17
C ALA C 14 14.49 -21.53 28.49
N LEU C 15 13.92 -20.33 28.71
CA LEU C 15 14.66 -19.12 29.06
C LEU C 15 15.34 -19.28 30.41
N ILE C 16 14.65 -19.90 31.39
CA ILE C 16 15.21 -20.08 32.72
C ILE C 16 16.25 -21.21 32.78
N ARG C 17 16.15 -22.21 31.87
CA ARG C 17 17.10 -23.33 31.83
C ARG C 17 18.44 -22.94 31.22
N ASP C 18 18.40 -22.07 30.23
CA ASP C 18 19.57 -21.57 29.51
C ASP C 18 20.61 -20.96 30.46
N PRO C 19 21.83 -21.52 30.49
CA PRO C 19 22.85 -20.97 31.40
C PRO C 19 23.38 -19.60 30.97
N ARG C 20 23.18 -19.22 29.71
CA ARG C 20 23.56 -17.89 29.23
C ARG C 20 22.46 -16.84 29.44
N SER C 21 21.25 -17.26 29.91
CA SER C 21 20.11 -16.38 30.09
C SER C 21 20.21 -15.49 31.35
N PRO C 22 19.88 -14.19 31.21
CA PRO C 22 19.87 -13.30 32.38
C PRO C 22 18.82 -13.66 33.44
N ILE C 23 17.88 -14.55 33.12
CA ILE C 23 16.85 -14.99 34.05
C ILE C 23 16.95 -16.48 34.42
N ASN C 24 18.16 -17.06 34.46
CA ASN C 24 18.31 -18.42 34.94
C ASN C 24 18.06 -18.41 36.47
N VAL C 25 18.02 -19.55 37.16
CA VAL C 25 17.73 -19.55 38.60
C VAL C 25 18.81 -18.83 39.43
N GLU C 26 20.09 -18.96 39.09
CA GLU C 26 21.16 -18.26 39.82
C GLU C 26 20.98 -16.75 39.77
N SER C 27 20.64 -16.18 38.61
CA SER C 27 20.43 -14.74 38.48
C SER C 27 19.20 -14.29 39.24
N LEU C 28 18.12 -15.11 39.23
CA LEU C 28 16.89 -14.83 39.96
C LEU C 28 17.14 -14.79 41.46
N LEU C 29 18.01 -15.69 41.96
CA LEU C 29 18.40 -15.70 43.38
C LEU C 29 19.30 -14.48 43.69
N ASP C 30 20.13 -14.05 42.75
CA ASP C 30 20.95 -12.84 42.93
C ASP C 30 20.06 -11.62 43.08
N GLY C 31 19.00 -11.54 42.29
CA GLY C 31 18.02 -10.46 42.38
C GLY C 31 17.39 -10.37 43.74
N LEU C 32 17.02 -11.50 44.31
CA LEU C 32 16.44 -11.54 45.65
C LEU C 32 17.48 -11.20 46.73
N ASN C 33 18.69 -11.78 46.67
CA ASN C 33 19.74 -11.50 47.64
C ASN C 33 20.12 -10.02 47.66
N SER C 34 20.30 -9.43 46.47
CA SER C 34 20.69 -8.05 46.31
C SER C 34 19.62 -7.11 46.80
N LEU C 35 18.35 -7.43 46.55
CA LEU C 35 17.22 -6.64 47.00
C LEU C 35 17.19 -6.59 48.53
N VAL C 36 17.39 -7.73 49.18
CA VAL C 36 17.44 -7.80 50.64
C VAL C 36 18.65 -7.03 51.20
N LEU C 37 19.84 -7.19 50.61
CA LEU C 37 21.07 -6.50 51.03
C LEU C 37 20.89 -4.98 50.95
N ASP C 38 20.31 -4.50 49.84
CA ASP C 38 20.12 -3.07 49.61
C ASP C 38 18.99 -2.41 50.37
N LEU C 39 18.13 -3.20 51.03
CA LEU C 39 17.00 -2.68 51.79
C LEU C 39 17.16 -2.89 53.29
N ASP C 40 18.00 -3.84 53.72
CA ASP C 40 18.14 -4.14 55.16
C ASP C 40 19.02 -3.15 55.91
N PHE C 41 18.51 -1.92 56.03
CA PHE C 41 19.11 -0.80 56.75
C PHE C 41 18.04 -0.17 57.64
N PRO C 42 18.39 0.21 58.88
CA PRO C 42 17.38 0.77 59.79
C PRO C 42 16.57 1.96 59.26
N ALA C 43 17.23 2.88 58.53
CA ALA C 43 16.57 4.04 57.97
C ALA C 43 15.51 3.66 56.92
N LEU C 44 15.85 2.69 56.05
CA LEU C 44 14.96 2.22 54.98
C LEU C 44 13.78 1.42 55.53
N ARG C 45 14.04 0.65 56.59
CA ARG C 45 13.03 -0.15 57.29
C ARG C 45 11.91 0.70 57.94
N LYS C 46 12.03 2.04 57.94
CA LYS C 46 10.96 2.89 58.45
C LYS C 46 9.74 2.80 57.51
N ASN C 47 9.98 2.59 56.19
CA ASN C 47 8.97 2.38 55.15
C ASN C 47 8.34 1.01 55.42
N LYS C 48 6.99 0.97 55.54
CA LYS C 48 6.26 -0.26 55.84
C LYS C 48 6.40 -1.30 54.73
N ASN C 49 6.39 -0.87 53.46
CA ASN C 49 6.54 -1.77 52.30
C ASN C 49 7.86 -2.57 52.42
N ILE C 50 8.96 -1.86 52.71
CA ILE C 50 10.29 -2.41 52.88
C ILE C 50 10.40 -3.28 54.12
N ASP C 51 9.91 -2.79 55.26
CA ASP C 51 9.99 -3.54 56.51
C ASP C 51 9.19 -4.85 56.47
N ASN C 52 7.99 -4.83 55.92
CA ASN C 52 7.17 -6.03 55.84
C ASN C 52 7.76 -7.07 54.89
N PHE C 53 8.30 -6.63 53.73
CA PHE C 53 8.95 -7.51 52.77
C PHE C 53 10.14 -8.22 53.39
N LEU C 54 11.00 -7.46 54.11
CA LEU C 54 12.16 -8.02 54.80
C LEU C 54 11.77 -9.03 55.87
N ASN C 55 10.65 -8.79 56.58
CA ASN C 55 10.17 -9.71 57.59
C ASN C 55 9.73 -11.04 56.96
N ARG C 56 9.05 -10.97 55.80
CA ARG C 56 8.59 -12.15 55.06
C ARG C 56 9.76 -13.00 54.51
N TYR C 57 10.79 -12.34 53.94
CA TYR C 57 11.89 -13.04 53.32
C TYR C 57 13.11 -13.25 54.20
N GLU C 58 13.03 -12.87 55.48
CA GLU C 58 14.15 -13.02 56.41
C GLU C 58 14.66 -14.48 56.57
N LYS C 59 13.78 -15.40 56.97
CA LYS C 59 14.16 -16.78 57.20
C LYS C 59 14.67 -17.50 55.94
N ILE C 60 13.98 -17.31 54.79
CA ILE C 60 14.36 -17.97 53.55
C ILE C 60 15.69 -17.45 53.00
N VAL C 61 15.95 -16.13 53.13
CA VAL C 61 17.19 -15.55 52.63
C VAL C 61 18.40 -15.99 53.48
N LYS C 62 18.20 -16.16 54.79
CA LYS C 62 19.27 -16.64 55.66
C LYS C 62 19.59 -18.12 55.35
N LYS C 63 18.55 -18.91 55.04
CA LYS C 63 18.68 -20.32 54.67
C LYS C 63 19.47 -20.45 53.33
N ILE C 64 19.12 -19.61 52.31
CA ILE C 64 19.75 -19.57 50.99
C ILE C 64 21.23 -19.18 51.09
N ARG C 65 21.55 -18.25 52.01
CA ARG C 65 22.91 -17.76 52.25
C ARG C 65 23.84 -18.84 52.78
N GLY C 66 23.30 -19.74 53.60
CA GLY C 66 24.06 -20.84 54.15
C GLY C 66 24.25 -21.97 53.15
N LEU C 67 23.31 -22.14 52.21
CA LEU C 67 23.40 -23.20 51.21
C LEU C 67 24.29 -22.81 50.03
N GLN C 68 24.26 -21.53 49.64
CA GLN C 68 25.03 -21.07 48.49
C GLN C 68 26.53 -21.02 48.74
N MET C 69 27.31 -21.17 47.67
CA MET C 69 28.76 -21.14 47.75
C MET C 69 29.24 -19.81 48.31
N LYS C 70 30.19 -19.87 49.24
CA LYS C 70 30.71 -18.69 49.92
C LYS C 70 32.22 -18.80 50.15
N ALA C 71 32.87 -17.67 50.41
CA ALA C 71 34.32 -17.63 50.62
C ALA C 71 34.79 -18.57 51.73
N GLU C 72 33.93 -18.83 52.71
CA GLU C 72 34.23 -19.71 53.85
C GLU C 72 34.34 -21.18 53.46
N ASP C 73 33.89 -21.55 52.26
CA ASP C 73 34.05 -22.93 51.76
C ASP C 73 35.52 -23.19 51.29
N TYR C 74 36.37 -22.15 51.19
CA TYR C 74 37.75 -22.26 50.74
C TYR C 74 38.76 -21.85 51.81
N ASP C 75 39.91 -22.49 51.80
CA ASP C 75 41.03 -22.14 52.67
C ASP C 75 42.01 -21.38 51.80
N VAL C 76 42.40 -20.17 52.21
CA VAL C 76 43.37 -19.40 51.42
C VAL C 76 44.76 -19.91 51.70
N VAL C 77 45.47 -20.32 50.66
CA VAL C 77 46.83 -20.79 50.81
C VAL C 77 47.84 -19.67 50.65
N LYS C 78 47.70 -18.86 49.60
CA LYS C 78 48.66 -17.79 49.30
C LYS C 78 48.09 -16.83 48.27
N VAL C 79 48.55 -15.56 48.25
CA VAL C 79 48.14 -14.62 47.22
C VAL C 79 49.15 -14.77 46.07
N ILE C 80 48.70 -15.18 44.88
CA ILE C 80 49.58 -15.41 43.74
C ILE C 80 49.48 -14.32 42.67
N GLY C 81 48.59 -13.37 42.84
CA GLY C 81 48.45 -12.27 41.89
C GLY C 81 47.78 -11.07 42.49
N ARG C 82 48.00 -9.93 41.88
CA ARG C 82 47.40 -8.68 42.33
C ARG C 82 47.03 -7.86 41.09
N GLY C 83 45.99 -7.04 41.24
CA GLY C 83 45.46 -6.18 40.17
C GLY C 83 44.69 -5.01 40.73
N ALA C 84 44.26 -4.11 39.87
CA ALA C 84 43.52 -2.89 40.22
C ALA C 84 42.37 -3.04 41.21
N PHE C 85 41.49 -4.07 41.05
CA PHE C 85 40.32 -4.19 41.94
C PHE C 85 40.33 -5.40 42.86
N GLY C 86 41.50 -5.97 43.13
CA GLY C 86 41.58 -7.12 44.02
C GLY C 86 42.84 -7.95 43.87
N GLU C 87 42.70 -9.27 44.05
CA GLU C 87 43.82 -10.19 44.00
C GLU C 87 43.38 -11.61 43.57
N VAL C 88 44.37 -12.47 43.25
CA VAL C 88 44.13 -13.86 42.93
C VAL C 88 44.79 -14.69 44.03
N GLN C 89 44.02 -15.57 44.63
CA GLN C 89 44.49 -16.41 45.71
C GLN C 89 44.57 -17.86 45.27
N LEU C 90 45.56 -18.59 45.75
CA LEU C 90 45.63 -20.02 45.55
C LEU C 90 44.80 -20.56 46.75
N VAL C 91 43.70 -21.25 46.49
CA VAL C 91 42.80 -21.72 47.54
C VAL C 91 42.58 -23.23 47.45
N ARG C 92 42.08 -23.83 48.54
CA ARG C 92 41.74 -25.23 48.54
C ARG C 92 40.28 -25.32 48.99
N HIS C 93 39.42 -26.00 48.24
CA HIS C 93 38.03 -26.18 48.64
C HIS C 93 38.00 -27.10 49.86
N LYS C 94 37.45 -26.64 50.99
CA LYS C 94 37.43 -27.39 52.24
C LYS C 94 36.81 -28.78 52.13
N ALA C 95 35.69 -28.92 51.42
CA ALA C 95 35.01 -30.22 51.33
C ALA C 95 35.66 -31.19 50.36
N SER C 96 35.92 -30.77 49.10
CA SER C 96 36.53 -31.64 48.10
C SER C 96 38.05 -31.78 48.21
N GLN C 97 38.72 -30.85 48.89
CA GLN C 97 40.18 -30.78 49.05
C GLN C 97 40.91 -30.44 47.74
N LYS C 98 40.15 -30.00 46.70
CA LYS C 98 40.68 -29.65 45.39
C LYS C 98 41.21 -28.23 45.40
N VAL C 99 42.32 -28.01 44.69
CA VAL C 99 43.00 -26.73 44.62
C VAL C 99 42.56 -25.91 43.40
N TYR C 100 42.32 -24.60 43.59
CA TYR C 100 41.91 -23.71 42.52
C TYR C 100 42.64 -22.35 42.65
N ALA C 101 42.51 -21.47 41.64
CA ALA C 101 42.96 -20.10 41.70
C ALA C 101 41.65 -19.27 41.81
N MET C 102 41.54 -18.39 42.81
CA MET C 102 40.33 -17.61 42.99
C MET C 102 40.59 -16.11 42.85
N LYS C 103 39.98 -15.46 41.83
CA LYS C 103 40.06 -14.00 41.64
C LYS C 103 38.94 -13.27 42.41
N LEU C 104 39.33 -12.30 43.24
CA LEU C 104 38.44 -11.47 44.04
C LEU C 104 38.37 -10.07 43.44
N LEU C 105 37.16 -9.50 43.39
CA LEU C 105 36.96 -8.17 42.85
C LEU C 105 36.13 -7.38 43.85
N SER C 106 36.67 -6.27 44.35
CA SER C 106 36.01 -5.41 45.32
C SER C 106 34.85 -4.66 44.70
N LYS C 107 33.63 -4.89 45.20
CA LYS C 107 32.43 -4.18 44.71
C LYS C 107 32.56 -2.66 44.96
N PHE C 108 33.02 -2.26 46.15
CA PHE C 108 33.23 -0.86 46.50
C PHE C 108 34.15 -0.13 45.52
N GLU C 109 35.32 -0.72 45.26
CA GLU C 109 36.31 -0.14 44.38
C GLU C 109 35.86 -0.09 42.94
N MET C 110 35.11 -1.10 42.50
CA MET C 110 34.59 -1.12 41.13
C MET C 110 33.51 -0.04 40.96
N ILE C 111 32.71 0.22 41.99
CA ILE C 111 31.69 1.26 41.93
C ILE C 111 32.34 2.64 42.05
N LYS C 112 33.18 2.85 43.07
CA LYS C 112 33.92 4.09 43.28
C LYS C 112 34.73 4.49 42.03
N ARG C 113 35.46 3.55 41.42
CA ARG C 113 36.26 3.88 40.25
C ARG C 113 35.51 3.68 38.93
N SER C 114 34.16 3.80 38.97
CA SER C 114 33.18 3.67 37.87
C SER C 114 33.57 2.64 36.78
N ASP C 115 34.10 1.48 37.22
CA ASP C 115 34.50 0.40 36.31
C ASP C 115 33.82 -0.88 36.82
N SER C 116 32.49 -1.02 36.58
CA SER C 116 31.71 -2.17 37.08
C SER C 116 30.96 -2.96 35.97
N ALA C 117 31.59 -3.16 34.81
CA ALA C 117 30.97 -3.93 33.74
C ALA C 117 31.95 -4.89 33.02
N PHE C 118 33.26 -4.72 33.24
CA PHE C 118 34.32 -5.52 32.60
C PHE C 118 34.28 -7.01 32.93
N PHE C 119 33.80 -7.36 34.12
CA PHE C 119 33.78 -8.71 34.63
C PHE C 119 32.74 -9.62 33.96
N TRP C 120 31.77 -9.07 33.21
CA TRP C 120 30.77 -9.89 32.52
C TRP C 120 31.41 -10.71 31.43
N GLU C 121 32.17 -10.06 30.53
CA GLU C 121 32.86 -10.80 29.46
C GLU C 121 33.95 -11.68 30.00
N GLU C 122 34.61 -11.28 31.09
CA GLU C 122 35.67 -12.09 31.69
C GLU C 122 35.09 -13.39 32.23
N ARG C 123 33.96 -13.30 32.97
CA ARG C 123 33.30 -14.48 33.49
C ARG C 123 32.79 -15.37 32.34
N ASP C 124 32.14 -14.78 31.33
CA ASP C 124 31.60 -15.53 30.20
C ASP C 124 32.65 -16.22 29.38
N ILE C 125 33.79 -15.58 29.10
CA ILE C 125 34.88 -16.20 28.32
C ILE C 125 35.40 -17.45 29.05
N MET C 126 35.65 -17.34 30.36
CA MET C 126 36.15 -18.44 31.14
C MET C 126 35.13 -19.57 31.39
N ALA C 127 33.84 -19.22 31.53
CA ALA C 127 32.81 -20.23 31.76
C ALA C 127 32.47 -20.98 30.46
N PHE C 128 32.34 -20.25 29.34
CA PHE C 128 31.79 -20.84 28.14
C PHE C 128 32.68 -20.97 26.93
N ALA C 129 34.00 -20.73 27.03
CA ALA C 129 34.86 -20.83 25.84
C ALA C 129 34.99 -22.25 25.34
N ASN C 130 35.07 -23.23 26.25
CA ASN C 130 35.30 -24.65 25.90
C ASN C 130 36.52 -24.79 24.98
N SER C 131 37.60 -24.12 25.39
CA SER C 131 38.83 -24.08 24.65
C SER C 131 39.96 -24.44 25.58
N PRO C 132 40.89 -25.29 25.11
CA PRO C 132 42.07 -25.58 25.93
C PRO C 132 43.00 -24.35 26.06
N TRP C 133 42.78 -23.28 25.31
CA TRP C 133 43.59 -22.08 25.36
C TRP C 133 43.11 -21.03 26.36
N VAL C 134 41.97 -21.25 27.02
CA VAL C 134 41.37 -20.29 27.93
C VAL C 134 41.26 -20.94 29.30
N VAL C 135 41.68 -20.24 30.36
CA VAL C 135 41.55 -20.74 31.73
C VAL C 135 40.05 -20.96 32.05
N GLN C 136 39.72 -22.15 32.51
CA GLN C 136 38.35 -22.53 32.80
C GLN C 136 37.88 -22.01 34.17
N LEU C 137 36.67 -21.48 34.21
CA LEU C 137 36.04 -21.02 35.43
C LEU C 137 35.02 -22.09 35.84
N PHE C 138 35.10 -22.55 37.09
CA PHE C 138 34.18 -23.55 37.60
C PHE C 138 33.01 -22.88 38.31
N TYR C 139 33.30 -21.88 39.13
CA TYR C 139 32.28 -21.18 39.88
C TYR C 139 32.51 -19.68 39.84
N ALA C 140 31.42 -18.94 39.89
CA ALA C 140 31.39 -17.50 40.01
C ALA C 140 30.35 -17.28 41.09
N PHE C 141 30.75 -16.63 42.16
CA PHE C 141 29.84 -16.34 43.27
C PHE C 141 30.15 -14.95 43.83
N GLN C 142 29.39 -14.50 44.83
CA GLN C 142 29.55 -13.17 45.38
C GLN C 142 29.02 -13.09 46.79
N ASP C 143 29.49 -12.09 47.52
CA ASP C 143 28.97 -11.77 48.84
C ASP C 143 28.71 -10.22 48.84
N ASP C 144 28.45 -9.59 50.00
CA ASP C 144 28.19 -8.15 50.03
C ASP C 144 29.41 -7.31 49.63
N ARG C 145 30.63 -7.82 49.84
CA ARG C 145 31.84 -7.06 49.52
C ARG C 145 32.56 -7.43 48.19
N TYR C 146 32.54 -8.73 47.80
CA TYR C 146 33.31 -9.16 46.64
C TYR C 146 32.55 -10.02 45.66
N LEU C 147 33.11 -10.08 44.42
CA LEU C 147 32.80 -11.01 43.34
C LEU C 147 33.97 -12.03 43.38
N TYR C 148 33.69 -13.32 43.23
CA TYR C 148 34.72 -14.36 43.25
C TYR C 148 34.67 -15.18 41.97
N MET C 149 35.83 -15.54 41.43
CA MET C 149 35.90 -16.38 40.23
C MET C 149 36.85 -17.51 40.52
N VAL C 150 36.32 -18.74 40.68
CA VAL C 150 37.07 -19.96 40.98
C VAL C 150 37.49 -20.59 39.66
N MET C 151 38.77 -20.59 39.37
CA MET C 151 39.31 -21.08 38.11
C MET C 151 40.30 -22.22 38.29
N GLU C 152 40.66 -22.89 37.18
CA GLU C 152 41.68 -23.93 37.26
C GLU C 152 43.03 -23.25 37.52
N TYR C 153 43.79 -23.76 38.49
CA TYR C 153 45.09 -23.25 38.85
C TYR C 153 46.11 -23.66 37.76
N MET C 154 46.96 -22.70 37.31
CA MET C 154 48.04 -22.87 36.33
C MET C 154 49.35 -22.84 37.07
N PRO C 155 49.89 -24.00 37.46
CA PRO C 155 51.08 -24.01 38.31
C PRO C 155 52.41 -23.68 37.63
N GLY C 156 52.42 -23.64 36.30
CA GLY C 156 53.64 -23.34 35.54
C GLY C 156 54.04 -21.87 35.55
N GLY C 157 53.16 -20.99 36.04
CA GLY C 157 53.44 -19.56 36.10
C GLY C 157 53.26 -18.89 34.75
N ASP C 158 53.66 -17.61 34.65
CA ASP C 158 53.48 -16.88 33.40
C ASP C 158 54.75 -16.84 32.50
N LEU C 159 54.64 -16.26 31.31
CA LEU C 159 55.76 -16.16 30.40
C LEU C 159 56.79 -15.07 30.78
N VAL C 160 56.43 -14.17 31.70
CA VAL C 160 57.39 -13.20 32.23
C VAL C 160 58.43 -13.99 33.08
N ASN C 161 57.93 -14.89 33.93
CA ASN C 161 58.71 -15.77 34.79
C ASN C 161 59.58 -16.70 33.98
N LEU C 162 59.04 -17.24 32.89
CA LEU C 162 59.81 -18.13 32.01
C LEU C 162 60.99 -17.38 31.40
N MET C 163 60.75 -16.18 30.88
CA MET C 163 61.77 -15.36 30.25
C MET C 163 62.88 -14.93 31.19
N SER C 164 62.57 -14.71 32.47
CA SER C 164 63.60 -14.31 33.42
C SER C 164 64.44 -15.48 33.90
N ASN C 165 63.95 -16.73 33.83
CA ASN C 165 64.73 -17.88 34.27
C ASN C 165 65.43 -18.64 33.14
N TYR C 166 65.14 -18.30 31.88
CA TYR C 166 65.71 -18.99 30.73
C TYR C 166 66.06 -18.03 29.65
N ASP C 167 67.12 -18.36 28.92
CA ASP C 167 67.51 -17.64 27.71
C ASP C 167 66.72 -18.41 26.67
N VAL C 168 65.67 -17.81 26.12
CA VAL C 168 64.77 -18.53 25.23
C VAL C 168 65.35 -18.77 23.84
N PRO C 169 65.56 -20.05 23.47
CA PRO C 169 66.00 -20.35 22.09
C PRO C 169 64.84 -20.16 21.11
N GLU C 170 65.16 -19.86 19.86
CA GLU C 170 64.16 -19.64 18.83
C GLU C 170 63.19 -20.81 18.63
N LYS C 171 63.61 -22.06 18.90
CA LYS C 171 62.74 -23.22 18.78
C LYS C 171 61.62 -23.19 19.84
N TRP C 172 61.93 -22.67 21.03
CA TRP C 172 60.97 -22.49 22.12
C TRP C 172 60.05 -21.33 21.80
N ALA C 173 60.62 -20.19 21.34
CA ALA C 173 59.87 -18.99 20.96
C ALA C 173 58.85 -19.31 19.88
N LYS C 174 59.21 -20.21 18.94
CA LYS C 174 58.33 -20.67 17.86
C LYS C 174 57.13 -21.40 18.42
N PHE C 175 57.35 -22.27 19.44
CA PHE C 175 56.31 -23.05 20.10
C PHE C 175 55.35 -22.12 20.86
N TYR C 176 55.88 -21.21 21.69
CA TYR C 176 55.03 -20.31 22.47
C TYR C 176 54.27 -19.32 21.60
N THR C 177 54.86 -18.85 20.52
CA THR C 177 54.19 -17.91 19.61
C THR C 177 53.07 -18.62 18.92
N ALA C 178 53.29 -19.84 18.45
CA ALA C 178 52.27 -20.61 17.78
C ALA C 178 51.06 -20.89 18.71
N GLU C 179 51.31 -21.14 19.99
CA GLU C 179 50.24 -21.39 20.94
C GLU C 179 49.45 -20.10 21.20
N VAL C 180 50.15 -18.95 21.24
CA VAL C 180 49.52 -17.64 21.45
C VAL C 180 48.65 -17.31 20.21
N VAL C 181 49.13 -17.66 18.99
CA VAL C 181 48.42 -17.45 17.73
C VAL C 181 47.09 -18.22 17.78
N LEU C 182 47.13 -19.50 18.17
CA LEU C 182 45.93 -20.33 18.29
C LEU C 182 44.99 -19.83 19.38
N ALA C 183 45.55 -19.37 20.52
CA ALA C 183 44.74 -18.85 21.63
C ALA C 183 43.99 -17.56 21.23
N LEU C 184 44.65 -16.67 20.48
CA LEU C 184 44.08 -15.41 20.00
C LEU C 184 43.06 -15.65 18.90
N ASP C 185 43.33 -16.61 18.02
CA ASP C 185 42.38 -17.00 17.01
C ASP C 185 41.08 -17.53 17.66
N ALA C 186 41.18 -18.23 18.79
CA ALA C 186 40.01 -18.74 19.52
C ALA C 186 39.21 -17.59 20.14
N ILE C 187 39.89 -16.59 20.73
CA ILE C 187 39.24 -15.43 21.32
C ILE C 187 38.55 -14.62 20.22
N HIS C 188 39.23 -14.42 19.09
CA HIS C 188 38.71 -13.67 17.96
C HIS C 188 37.48 -14.36 17.37
N SER C 189 37.52 -15.71 17.27
CA SER C 189 36.41 -16.53 16.78
C SER C 189 35.18 -16.42 17.67
N MET C 190 35.34 -16.16 18.96
CA MET C 190 34.21 -15.91 19.85
C MET C 190 33.65 -14.47 19.72
N GLY C 191 34.15 -13.69 18.76
CA GLY C 191 33.73 -12.30 18.57
C GLY C 191 34.36 -11.31 19.52
N LEU C 192 35.56 -11.61 20.05
CA LEU C 192 36.23 -10.71 21.00
C LEU C 192 37.62 -10.24 20.60
N ILE C 193 38.04 -9.09 21.13
CA ILE C 193 39.37 -8.52 20.97
C ILE C 193 39.92 -8.44 22.38
N HIS C 194 41.10 -9.07 22.62
CA HIS C 194 41.74 -9.09 23.93
C HIS C 194 42.12 -7.69 24.45
N ARG C 195 42.89 -6.92 23.64
CA ARG C 195 43.35 -5.56 23.96
C ARG C 195 44.49 -5.46 25.01
N ASP C 196 44.94 -6.59 25.56
CA ASP C 196 46.01 -6.58 26.54
C ASP C 196 46.85 -7.86 26.48
N VAL C 197 47.21 -8.28 25.24
CA VAL C 197 48.05 -9.45 25.05
C VAL C 197 49.45 -9.11 25.51
N LYS C 198 49.92 -9.77 26.55
CA LYS C 198 51.26 -9.56 27.13
C LYS C 198 51.63 -10.82 27.89
N PRO C 199 52.94 -11.10 28.05
CA PRO C 199 53.36 -12.36 28.68
C PRO C 199 52.93 -12.53 30.13
N ASP C 200 52.51 -11.48 30.81
CA ASP C 200 52.01 -11.54 32.17
C ASP C 200 50.65 -12.31 32.23
N ASN C 201 49.87 -12.26 31.14
CA ASN C 201 48.57 -12.88 30.94
C ASN C 201 48.63 -14.23 30.19
N MET C 202 49.84 -14.74 29.91
CA MET C 202 50.05 -16.01 29.23
C MET C 202 50.54 -16.97 30.29
N LEU C 203 49.72 -17.92 30.71
CA LEU C 203 50.03 -18.83 31.79
C LEU C 203 50.33 -20.20 31.26
N LEU C 204 51.11 -20.98 32.02
CA LEU C 204 51.47 -22.34 31.65
C LEU C 204 50.81 -23.32 32.61
N ASP C 205 50.19 -24.38 32.09
CA ASP C 205 49.51 -25.38 32.92
C ASP C 205 50.50 -26.41 33.52
N LYS C 206 49.99 -27.49 34.17
CA LYS C 206 50.81 -28.54 34.78
C LYS C 206 51.70 -29.27 33.78
N HIS C 207 51.40 -29.19 32.45
CA HIS C 207 52.22 -29.81 31.42
C HIS C 207 53.10 -28.84 30.60
N GLY C 208 53.04 -27.54 30.88
CA GLY C 208 53.85 -26.56 30.18
C GLY C 208 53.17 -25.89 28.99
N HIS C 209 51.86 -26.15 28.81
CA HIS C 209 51.10 -25.62 27.70
C HIS C 209 50.36 -24.35 28.09
N LEU C 210 50.24 -23.45 27.10
CA LEU C 210 49.67 -22.13 27.30
C LEU C 210 48.13 -22.05 27.42
N LYS C 211 47.68 -21.10 28.23
CA LYS C 211 46.29 -20.67 28.40
C LYS C 211 46.35 -19.17 28.68
N LEU C 212 45.42 -18.43 28.10
CA LEU C 212 45.30 -17.02 28.35
C LEU C 212 44.46 -16.80 29.62
N ALA C 213 44.74 -15.70 30.31
CA ALA C 213 44.07 -15.30 31.54
C ALA C 213 43.92 -13.75 31.55
N ASP C 214 43.14 -13.20 32.49
CA ASP C 214 42.88 -11.76 32.63
C ASP C 214 42.14 -11.21 31.42
N PHE C 215 40.86 -11.49 31.35
CA PHE C 215 40.03 -11.04 30.24
C PHE C 215 39.27 -9.74 30.58
N GLY C 216 39.81 -8.95 31.51
CA GLY C 216 39.22 -7.70 31.97
C GLY C 216 39.19 -6.58 30.95
N THR C 217 39.94 -6.70 29.88
CA THR C 217 39.94 -5.71 28.80
C THR C 217 39.27 -6.22 27.54
N CYS C 218 38.83 -7.49 27.49
CA CYS C 218 38.17 -8.04 26.31
C CYS C 218 36.91 -7.28 25.96
N MET C 219 36.68 -7.08 24.67
CA MET C 219 35.51 -6.37 24.19
C MET C 219 34.93 -7.10 23.01
N LYS C 220 33.58 -7.15 22.95
CA LYS C 220 32.90 -7.79 21.84
C LYS C 220 33.04 -6.87 20.65
N MET C 221 33.44 -7.43 19.53
CA MET C 221 33.53 -6.66 18.30
C MET C 221 32.11 -6.24 17.88
N ASP C 222 31.93 -5.00 17.35
CA ASP C 222 30.63 -4.60 16.84
C ASP C 222 30.40 -5.31 15.47
N GLU C 223 29.33 -4.95 14.76
CA GLU C 223 29.03 -5.59 13.50
C GLU C 223 30.13 -5.38 12.45
N THR C 224 30.89 -4.28 12.57
CA THR C 224 32.03 -3.94 11.70
C THR C 224 33.33 -4.73 12.05
N GLY C 225 33.37 -5.35 13.22
CA GLY C 225 34.56 -6.05 13.72
C GLY C 225 35.50 -5.13 14.50
N MET C 226 34.96 -4.00 14.97
CA MET C 226 35.68 -2.93 15.64
C MET C 226 35.23 -2.74 17.08
N VAL C 227 36.06 -2.06 17.87
CA VAL C 227 35.77 -1.79 19.27
C VAL C 227 36.07 -0.30 19.52
N HIS C 228 35.10 0.46 20.07
CA HIS C 228 35.29 1.89 20.29
C HIS C 228 35.65 2.23 21.76
N CYS C 229 34.76 1.89 22.72
CA CYS C 229 34.95 2.17 24.16
C CYS C 229 36.23 1.54 24.75
N GLY C 234 47.12 1.33 30.74
CA GLY C 234 48.17 0.81 31.59
C GLY C 234 49.53 0.93 30.93
N THR C 235 50.45 -0.04 31.24
CA THR C 235 51.81 -0.14 30.67
C THR C 235 51.69 -0.24 29.16
N PRO C 236 52.45 0.57 28.44
CA PRO C 236 52.24 0.64 27.00
C PRO C 236 53.14 -0.23 26.17
N ASP C 237 54.11 -0.93 26.76
CA ASP C 237 55.10 -1.74 26.04
C ASP C 237 54.51 -2.62 24.93
N TYR C 238 53.32 -3.12 25.14
CA TYR C 238 52.65 -4.03 24.21
C TYR C 238 51.50 -3.42 23.40
N ILE C 239 51.18 -2.16 23.64
CA ILE C 239 50.04 -1.50 23.01
C ILE C 239 50.37 -1.00 21.62
N SER C 240 49.48 -1.23 20.65
CA SER C 240 49.66 -0.85 19.25
C SER C 240 49.58 0.67 19.01
N PRO C 241 50.16 1.21 17.91
CA PRO C 241 50.07 2.66 17.68
C PRO C 241 48.63 3.17 17.48
N GLU C 242 47.73 2.38 16.86
CA GLU C 242 46.34 2.80 16.69
C GLU C 242 45.56 2.85 17.99
N VAL C 243 45.84 1.95 18.94
CA VAL C 243 45.16 1.96 20.24
C VAL C 243 45.63 3.19 21.04
N LEU C 244 46.93 3.48 20.99
CA LEU C 244 47.52 4.63 21.64
C LEU C 244 46.92 5.93 21.10
N LYS C 245 46.87 6.11 19.75
CA LYS C 245 46.32 7.31 19.10
C LYS C 245 44.80 7.45 19.30
N SER C 246 44.10 6.33 19.49
CA SER C 246 42.65 6.38 19.70
C SER C 246 42.31 6.74 21.16
N GLN C 247 43.22 6.44 22.12
CA GLN C 247 43.02 6.77 23.53
C GLN C 247 42.82 8.30 23.80
N GLY C 248 43.14 9.13 22.82
CA GLY C 248 42.95 10.58 22.89
C GLY C 248 42.22 11.13 21.68
N GLY C 251 38.63 7.33 18.99
CA GLY C 251 39.10 6.49 17.88
C GLY C 251 38.35 5.17 17.74
N PHE C 252 38.96 4.17 17.06
CA PHE C 252 38.37 2.84 16.78
C PHE C 252 39.43 1.85 16.32
N TYR C 253 39.26 0.54 16.61
CA TYR C 253 40.27 -0.45 16.19
C TYR C 253 39.74 -1.91 16.16
N GLY C 254 40.41 -2.76 15.37
CA GLY C 254 40.05 -4.15 15.15
C GLY C 254 40.94 -5.21 15.77
N ARG C 255 40.83 -6.44 15.28
CA ARG C 255 41.59 -7.58 15.80
C ARG C 255 43.10 -7.43 15.63
N GLU C 256 43.52 -6.74 14.59
CA GLU C 256 44.93 -6.54 14.29
C GLU C 256 45.69 -5.87 15.43
N CYS C 257 44.99 -5.23 16.39
CA CYS C 257 45.69 -4.64 17.55
C CYS C 257 46.31 -5.73 18.41
N ASP C 258 45.69 -6.93 18.46
CA ASP C 258 46.17 -8.11 19.19
C ASP C 258 47.33 -8.76 18.46
N TRP C 259 47.34 -8.75 17.12
CA TRP C 259 48.47 -9.31 16.35
C TRP C 259 49.74 -8.45 16.48
N TRP C 260 49.59 -7.15 16.74
CA TRP C 260 50.71 -6.26 17.02
C TRP C 260 51.45 -6.78 18.28
N SER C 261 50.65 -7.08 19.34
CA SER C 261 51.14 -7.57 20.62
C SER C 261 51.97 -8.83 20.48
N VAL C 262 51.59 -9.71 19.56
CA VAL C 262 52.28 -10.94 19.24
C VAL C 262 53.70 -10.68 18.68
N GLY C 263 53.86 -9.67 17.81
CA GLY C 263 55.16 -9.31 17.25
C GLY C 263 56.10 -8.77 18.32
N VAL C 264 55.53 -8.00 19.28
CA VAL C 264 56.25 -7.44 20.43
C VAL C 264 56.72 -8.59 21.33
N PHE C 265 55.87 -9.58 21.55
CA PHE C 265 56.13 -10.76 22.38
C PHE C 265 57.23 -11.63 21.76
N LEU C 266 57.15 -11.87 20.46
CA LEU C 266 58.18 -12.66 19.77
C LEU C 266 59.53 -11.93 19.80
N TYR C 267 59.52 -10.59 19.68
CA TYR C 267 60.73 -9.78 19.76
C TYR C 267 61.30 -9.89 21.17
N GLU C 268 60.49 -9.69 22.21
CA GLU C 268 60.99 -9.78 23.58
C GLU C 268 61.59 -11.15 23.91
N MET C 269 60.99 -12.23 23.38
CA MET C 269 61.49 -13.57 23.62
C MET C 269 62.84 -13.83 23.03
N LEU C 270 63.07 -13.32 21.81
CA LEU C 270 64.32 -13.58 21.10
C LEU C 270 65.44 -12.58 21.41
N VAL C 271 65.09 -11.33 21.68
CA VAL C 271 66.05 -10.27 21.92
C VAL C 271 66.36 -10.10 23.40
N GLY C 272 65.36 -10.29 24.25
CA GLY C 272 65.55 -10.15 25.69
C GLY C 272 65.03 -8.83 26.25
N ASP C 273 64.62 -7.92 25.38
CA ASP C 273 64.06 -6.61 25.73
C ASP C 273 62.86 -6.37 24.81
N THR C 274 61.91 -5.51 25.23
CA THR C 274 60.79 -5.17 24.35
C THR C 274 61.31 -4.23 23.25
N PRO C 275 60.66 -4.21 22.06
CA PRO C 275 61.17 -3.39 20.95
C PRO C 275 61.16 -1.88 21.14
N PHE C 276 60.25 -1.38 21.95
CA PHE C 276 60.10 0.06 22.16
C PHE C 276 60.33 0.43 23.62
N TYR C 277 61.21 -0.31 24.29
CA TYR C 277 61.56 -0.04 25.67
C TYR C 277 62.24 1.34 25.78
N ALA C 278 61.90 2.05 26.85
CA ALA C 278 62.47 3.31 27.26
C ALA C 278 62.31 3.46 28.78
N ASP C 279 63.16 4.28 29.41
CA ASP C 279 63.12 4.46 30.86
C ASP C 279 61.79 5.01 31.39
N SER C 280 61.09 5.82 30.59
CA SER C 280 59.80 6.39 31.00
C SER C 280 58.62 5.85 30.20
N LEU C 281 57.37 6.05 30.69
CA LEU C 281 56.19 5.65 29.93
C LEU C 281 56.08 6.50 28.68
N VAL C 282 56.39 7.81 28.77
CA VAL C 282 56.27 8.67 27.58
C VAL C 282 57.29 8.34 26.52
N GLY C 283 58.47 7.89 26.94
CA GLY C 283 59.52 7.48 26.02
C GLY C 283 59.10 6.28 25.21
N THR C 284 58.46 5.29 25.88
CA THR C 284 57.92 4.07 25.30
C THR C 284 56.83 4.42 24.31
N TYR C 285 55.85 5.28 24.71
CA TYR C 285 54.76 5.72 23.82
C TYR C 285 55.28 6.43 22.59
N SER C 286 56.28 7.29 22.75
CA SER C 286 56.89 8.03 21.65
C SER C 286 57.61 7.09 20.67
N LYS C 287 58.28 6.05 21.19
CA LYS C 287 58.94 5.03 20.37
C LYS C 287 57.91 4.18 19.60
N ILE C 288 56.75 3.84 20.22
CA ILE C 288 55.67 3.09 19.54
C ILE C 288 55.06 3.89 18.42
N MET C 289 54.83 5.19 18.62
CA MET C 289 54.29 6.04 17.56
C MET C 289 55.27 6.13 16.38
N ASP C 290 56.57 6.21 16.69
CA ASP C 290 57.65 6.30 15.72
C ASP C 290 58.20 4.90 15.32
N HIS C 291 57.43 3.83 15.49
CA HIS C 291 57.86 2.48 15.16
C HIS C 291 58.54 2.35 13.77
N LYS C 292 58.12 3.11 12.74
CA LYS C 292 58.72 3.03 11.40
C LYS C 292 60.22 3.32 11.41
N ASN C 293 60.70 4.10 12.39
CA ASN C 293 62.11 4.43 12.50
C ASN C 293 62.75 3.89 13.81
N SER C 294 61.92 3.67 14.87
CA SER C 294 62.42 3.21 16.17
C SER C 294 62.63 1.71 16.29
N LEU C 295 61.99 0.90 15.42
CA LEU C 295 62.18 -0.54 15.47
C LEU C 295 63.46 -0.93 14.81
N CYS C 296 64.37 -1.52 15.57
CA CYS C 296 65.60 -2.05 14.98
C CYS C 296 66.18 -3.17 15.81
N PHE C 297 66.64 -4.20 15.12
CA PHE C 297 67.22 -5.35 15.77
C PHE C 297 68.64 -5.11 16.15
N PRO C 298 69.01 -5.32 17.42
CA PRO C 298 70.41 -5.14 17.82
C PRO C 298 71.35 -6.08 17.06
N GLU C 299 72.58 -5.62 16.77
CA GLU C 299 73.51 -6.42 15.98
C GLU C 299 74.05 -7.64 16.72
N ASP C 300 73.89 -7.70 18.05
CA ASP C 300 74.29 -8.88 18.82
C ASP C 300 73.13 -9.88 19.05
N ALA C 301 71.90 -9.54 18.62
CA ALA C 301 70.75 -10.42 18.81
C ALA C 301 70.79 -11.63 17.89
N GLU C 302 70.72 -12.84 18.48
CA GLU C 302 70.70 -14.08 17.74
C GLU C 302 69.27 -14.34 17.23
N ILE C 303 68.98 -13.90 16.01
CA ILE C 303 67.64 -14.06 15.44
C ILE C 303 67.72 -14.39 13.96
N SER C 304 66.83 -15.28 13.49
CA SER C 304 66.81 -15.68 12.07
C SER C 304 66.15 -14.63 11.17
N LYS C 305 66.34 -14.74 9.84
CA LYS C 305 65.73 -13.84 8.86
C LYS C 305 64.21 -14.02 8.86
N HIS C 306 63.72 -15.26 9.03
CA HIS C 306 62.28 -15.56 9.10
C HIS C 306 61.64 -14.98 10.35
N ALA C 307 62.38 -14.98 11.50
CA ALA C 307 61.90 -14.42 12.76
C ALA C 307 61.82 -12.90 12.64
N LYS C 308 62.83 -12.24 12.03
CA LYS C 308 62.80 -10.78 11.82
C LYS C 308 61.68 -10.43 10.85
N ASN C 309 61.47 -11.24 9.81
CA ASN C 309 60.39 -10.99 8.86
C ASN C 309 59.02 -11.10 9.53
N LEU C 310 58.82 -12.11 10.39
CA LEU C 310 57.55 -12.26 11.10
C LEU C 310 57.27 -11.12 12.09
N ILE C 311 58.27 -10.70 12.87
CA ILE C 311 58.14 -9.58 13.81
C ILE C 311 57.79 -8.29 13.01
N CYS C 312 58.49 -8.05 11.90
CA CYS C 312 58.25 -6.90 11.05
C CYS C 312 56.87 -6.93 10.39
N ALA C 313 56.35 -8.10 10.00
CA ALA C 313 55.00 -8.19 9.38
C ALA C 313 53.87 -7.85 10.40
N PHE C 314 54.13 -8.04 11.68
CA PHE C 314 53.19 -7.71 12.75
C PHE C 314 53.35 -6.25 13.21
N LEU C 315 54.58 -5.73 13.15
CA LEU C 315 54.91 -4.40 13.62
C LEU C 315 54.96 -3.37 12.52
N THR C 316 53.83 -3.27 11.80
CA THR C 316 53.56 -2.31 10.73
C THR C 316 52.25 -1.56 11.11
N ASP C 317 51.78 -0.63 10.25
CA ASP C 317 50.52 0.07 10.42
C ASP C 317 49.37 -0.94 10.23
N ARG C 318 48.26 -0.75 10.94
CA ARG C 318 47.11 -1.67 10.91
C ARG C 318 46.61 -2.06 9.52
N GLU C 319 46.67 -1.14 8.57
CA GLU C 319 46.16 -1.34 7.22
C GLU C 319 46.86 -2.46 6.47
N VAL C 320 48.17 -2.62 6.70
CA VAL C 320 48.95 -3.62 6.00
C VAL C 320 49.50 -4.75 6.93
N ARG C 321 49.08 -4.76 8.21
CA ARG C 321 49.51 -5.71 9.24
C ARG C 321 49.09 -7.15 9.02
N LEU C 322 50.01 -8.10 9.30
CA LEU C 322 49.74 -9.54 9.20
C LEU C 322 48.68 -9.93 10.25
N GLY C 323 47.67 -10.69 9.84
CA GLY C 323 46.58 -11.08 10.73
C GLY C 323 45.29 -10.30 10.53
N ARG C 324 45.34 -9.26 9.71
CA ARG C 324 44.15 -8.45 9.39
C ARG C 324 43.14 -9.30 8.58
N ASN C 325 43.65 -10.17 7.67
CA ASN C 325 42.89 -11.08 6.82
C ASN C 325 42.73 -12.49 7.45
N GLY C 326 42.83 -12.60 8.78
CA GLY C 326 42.74 -13.90 9.44
C GLY C 326 44.06 -14.59 9.77
N VAL C 327 43.95 -15.75 10.42
CA VAL C 327 45.09 -16.48 10.90
C VAL C 327 45.78 -17.39 9.83
N GLU C 328 45.16 -17.63 8.67
CA GLU C 328 45.77 -18.49 7.65
C GLU C 328 47.12 -17.99 7.16
N GLU C 329 47.24 -16.68 6.95
CA GLU C 329 48.47 -16.04 6.50
C GLU C 329 49.59 -16.20 7.54
N ILE C 330 49.22 -16.16 8.85
CA ILE C 330 50.18 -16.28 9.93
C ILE C 330 50.70 -17.67 10.00
N ARG C 331 49.79 -18.66 9.95
CA ARG C 331 50.10 -20.09 10.00
C ARG C 331 51.07 -20.53 8.94
N GLN C 332 50.93 -19.99 7.71
CA GLN C 332 51.83 -20.39 6.63
C GLN C 332 53.12 -19.59 6.54
N HIS C 333 53.43 -18.77 7.58
CA HIS C 333 54.69 -18.04 7.58
C HIS C 333 55.86 -19.01 7.72
N PRO C 334 56.96 -18.80 6.97
CA PRO C 334 58.12 -19.72 7.06
C PRO C 334 58.75 -19.89 8.43
N PHE C 335 58.60 -18.90 9.32
CA PHE C 335 59.15 -19.00 10.67
C PHE C 335 58.65 -20.25 11.41
N PHE C 336 57.37 -20.60 11.25
CA PHE C 336 56.74 -21.71 11.95
C PHE C 336 57.08 -23.11 11.43
N LYS C 337 57.88 -23.22 10.36
CA LYS C 337 58.34 -24.51 9.83
C LYS C 337 59.24 -25.19 10.88
N ASN C 338 58.91 -26.43 11.28
CA ASN C 338 59.63 -27.18 12.30
C ASN C 338 59.40 -28.71 12.15
N ASP C 339 60.17 -29.54 12.91
CA ASP C 339 60.03 -30.99 12.86
C ASP C 339 59.40 -31.59 14.10
N GLN C 340 58.72 -30.79 14.92
CA GLN C 340 58.17 -31.28 16.19
C GLN C 340 56.66 -31.28 16.28
N TRP C 341 56.02 -30.26 15.71
CA TRP C 341 54.55 -30.14 15.82
C TRP C 341 53.91 -29.59 14.56
N HIS C 342 52.59 -29.77 14.47
CA HIS C 342 51.67 -29.23 13.46
C HIS C 342 50.67 -28.34 14.20
N TRP C 343 49.97 -27.48 13.49
CA TRP C 343 48.97 -26.59 14.10
C TRP C 343 47.84 -27.35 14.78
N ASP C 344 47.49 -28.53 14.23
CA ASP C 344 46.39 -29.34 14.76
C ASP C 344 46.76 -30.20 15.97
N ASN C 345 48.06 -30.32 16.31
CA ASN C 345 48.46 -31.15 17.45
C ASN C 345 49.46 -30.52 18.42
N ILE C 346 49.87 -29.24 18.22
CA ILE C 346 50.89 -28.59 19.05
C ILE C 346 50.61 -28.73 20.56
N ARG C 347 49.36 -28.55 21.00
CA ARG C 347 49.02 -28.66 22.42
C ARG C 347 49.07 -30.08 23.01
N GLU C 348 49.27 -31.08 22.16
CA GLU C 348 49.37 -32.49 22.58
C GLU C 348 50.77 -33.05 22.39
N THR C 349 51.76 -32.21 22.02
CA THR C 349 53.18 -32.53 21.90
C THR C 349 53.87 -32.06 23.20
N ALA C 350 55.09 -32.54 23.45
CA ALA C 350 55.84 -32.15 24.65
C ALA C 350 56.22 -30.65 24.64
N ALA C 351 55.89 -29.94 25.71
CA ALA C 351 56.16 -28.51 25.84
C ALA C 351 57.64 -28.32 26.14
N PRO C 352 58.24 -27.15 25.78
CA PRO C 352 59.68 -26.95 26.04
C PRO C 352 60.08 -27.08 27.49
N VAL C 353 59.29 -26.52 28.40
CA VAL C 353 59.54 -26.60 29.84
C VAL C 353 58.33 -27.23 30.54
N VAL C 354 58.51 -28.41 31.11
CA VAL C 354 57.44 -29.06 31.86
C VAL C 354 57.64 -28.77 33.33
N PRO C 355 56.65 -28.22 34.02
CA PRO C 355 56.83 -27.87 35.46
C PRO C 355 57.11 -29.05 36.41
N GLU C 356 58.04 -28.85 37.34
CA GLU C 356 58.40 -29.81 38.37
C GLU C 356 57.83 -29.27 39.69
N LEU C 357 56.73 -29.83 40.13
CA LEU C 357 56.04 -29.33 41.32
C LEU C 357 56.13 -30.34 42.46
N SER C 358 56.35 -29.87 43.68
CA SER C 358 56.53 -30.74 44.85
C SER C 358 55.23 -31.06 45.63
N SER C 359 54.12 -30.37 45.32
CA SER C 359 52.80 -30.58 45.93
C SER C 359 51.72 -29.85 45.10
N ASP C 360 50.45 -30.10 45.42
CA ASP C 360 49.32 -29.46 44.73
C ASP C 360 49.18 -27.95 45.03
N ILE C 361 49.94 -27.44 46.01
CA ILE C 361 49.94 -26.01 46.36
C ILE C 361 51.30 -25.34 46.11
N ASP C 362 52.19 -25.98 45.35
CA ASP C 362 53.49 -25.43 45.00
C ASP C 362 53.25 -24.22 44.08
N SER C 363 53.63 -23.04 44.57
CA SER C 363 53.50 -21.82 43.79
C SER C 363 54.86 -21.19 43.52
N SER C 364 55.91 -22.03 43.35
CA SER C 364 57.28 -21.59 43.11
C SER C 364 57.47 -20.86 41.78
N ASN C 365 56.55 -21.08 40.82
CA ASN C 365 56.60 -20.35 39.55
C ASN C 365 55.87 -18.97 39.61
N PHE C 366 55.49 -18.53 40.82
CA PHE C 366 54.83 -17.27 41.07
C PHE C 366 55.63 -16.49 42.10
N ASP C 367 55.94 -15.23 41.80
CA ASP C 367 56.66 -14.39 42.74
C ASP C 367 55.79 -14.10 43.95
N ASP C 368 56.41 -13.91 45.12
CA ASP C 368 55.66 -13.59 46.34
C ASP C 368 55.02 -12.22 46.21
N ILE C 369 53.80 -12.06 46.73
CA ILE C 369 53.07 -10.80 46.64
C ILE C 369 53.11 -10.13 48.03
N GLU C 370 53.43 -8.83 48.08
CA GLU C 370 53.52 -8.09 49.34
C GLU C 370 52.09 -7.85 49.88
N ASP C 371 51.71 -8.55 51.00
CA ASP C 371 50.36 -8.54 51.62
C ASP C 371 49.82 -7.13 52.04
N ASP C 372 48.48 -7.01 52.17
CA ASP C 372 47.81 -5.76 52.52
C ASP C 372 46.56 -6.03 53.37
N VAL C 376 41.09 -1.19 53.04
CA VAL C 376 40.00 -2.15 52.92
C VAL C 376 38.60 -1.48 53.18
N GLU C 377 38.25 -0.44 52.37
CA GLU C 377 37.05 0.40 52.53
C GLU C 377 35.72 -0.26 52.14
N THR C 378 34.70 -0.07 53.00
CA THR C 378 33.34 -0.60 52.82
C THR C 378 32.35 0.49 52.42
N PHE C 379 31.19 0.10 51.87
CA PHE C 379 30.13 1.03 51.49
C PHE C 379 29.53 1.65 52.75
N PRO C 380 29.27 2.96 52.74
CA PRO C 380 28.65 3.57 53.92
C PRO C 380 27.18 3.16 54.10
N ILE C 381 26.70 3.09 55.37
CA ILE C 381 25.30 2.74 55.63
C ILE C 381 24.41 3.86 55.09
N PRO C 382 23.49 3.51 54.17
CA PRO C 382 22.70 4.55 53.51
C PRO C 382 21.44 4.98 54.26
N LYS C 383 21.06 6.25 54.03
CA LYS C 383 19.85 6.83 54.59
C LYS C 383 18.64 6.57 53.66
N ALA C 384 18.90 6.36 52.34
CA ALA C 384 17.90 6.06 51.32
C ALA C 384 18.41 4.93 50.39
N PHE C 385 17.50 4.31 49.58
CA PHE C 385 17.88 3.24 48.64
C PHE C 385 18.88 3.72 47.63
N VAL C 386 20.04 3.04 47.55
CA VAL C 386 21.08 3.42 46.59
C VAL C 386 21.33 2.33 45.55
N GLY C 387 21.05 1.08 45.89
CA GLY C 387 21.22 -0.03 44.95
C GLY C 387 22.65 -0.37 44.57
N ASN C 388 23.57 -0.46 45.55
CA ASN C 388 24.97 -0.82 45.28
C ASN C 388 25.14 -2.28 44.83
N GLN C 389 24.19 -3.16 45.15
CA GLN C 389 24.27 -4.57 44.75
C GLN C 389 23.69 -4.83 43.34
N LEU C 390 22.88 -3.91 42.80
CA LEU C 390 22.23 -4.02 41.50
C LEU C 390 23.16 -4.29 40.32
N PRO C 391 24.38 -3.70 40.22
CA PRO C 391 25.23 -3.99 39.04
C PRO C 391 25.78 -5.42 39.00
N PHE C 392 25.67 -6.17 40.11
CA PHE C 392 26.23 -7.51 40.27
C PHE C 392 25.20 -8.65 40.14
N ILE C 393 23.93 -8.33 39.86
CA ILE C 393 22.84 -9.31 39.71
C ILE C 393 23.07 -10.10 38.44
N GLY C 394 23.21 -11.41 38.58
CA GLY C 394 23.48 -12.28 37.45
C GLY C 394 24.91 -12.78 37.38
N PHE C 395 25.76 -12.42 38.34
CA PHE C 395 27.14 -12.85 38.35
C PHE C 395 27.31 -14.32 38.74
N THR C 396 26.52 -14.80 39.70
CA THR C 396 26.58 -16.19 40.16
C THR C 396 26.41 -17.20 39.02
N TYR C 397 27.29 -18.19 38.99
CA TYR C 397 27.35 -19.26 38.01
C TYR C 397 27.96 -20.53 38.62
N TYR C 398 27.32 -21.68 38.45
CA TYR C 398 27.81 -22.95 38.93
C TYR C 398 27.89 -23.89 37.74
N ARG C 399 29.11 -24.41 37.42
CA ARG C 399 29.33 -25.28 36.26
C ARG C 399 28.56 -26.58 36.34
N SER D 7 23.19 -32.76 50.06
CA SER D 7 23.97 -31.72 49.38
C SER D 7 23.29 -30.37 49.50
N ARG D 8 24.12 -29.30 49.58
CA ARG D 8 23.65 -27.93 49.68
C ARG D 8 22.93 -27.53 48.39
N GLN D 9 23.47 -27.92 47.23
CA GLN D 9 22.83 -27.61 45.95
C GLN D 9 21.54 -28.39 45.75
N ARG D 10 21.44 -29.59 46.33
CA ARG D 10 20.24 -30.42 46.22
C ARG D 10 19.15 -29.84 47.14
N LYS D 11 19.52 -29.44 48.37
CA LYS D 11 18.64 -28.84 49.35
C LYS D 11 18.05 -27.54 48.78
N LEU D 12 18.91 -26.73 48.15
CA LEU D 12 18.50 -25.47 47.54
C LEU D 12 17.58 -25.67 46.33
N GLU D 13 17.84 -26.68 45.49
CA GLU D 13 17.00 -26.98 44.35
C GLU D 13 15.62 -27.50 44.76
N ALA D 14 15.55 -28.20 45.92
CA ALA D 14 14.28 -28.71 46.46
C ALA D 14 13.40 -27.55 46.95
N LEU D 15 14.02 -26.51 47.53
CA LEU D 15 13.33 -25.31 48.00
C LEU D 15 12.68 -24.57 46.82
N ILE D 16 13.36 -24.48 45.68
CA ILE D 16 12.83 -23.78 44.51
C ILE D 16 11.73 -24.59 43.80
N ARG D 17 11.76 -25.92 43.91
CA ARG D 17 10.77 -26.77 43.25
C ARG D 17 9.43 -26.81 43.99
N ASP D 18 9.46 -26.67 45.30
CA ASP D 18 8.28 -26.66 46.15
C ASP D 18 7.29 -25.53 45.75
N PRO D 19 6.03 -25.89 45.40
CA PRO D 19 5.04 -24.86 45.03
C PRO D 19 4.56 -24.00 46.18
N ARG D 20 4.74 -24.45 47.42
CA ARG D 20 4.39 -23.66 48.60
C ARG D 20 5.56 -22.75 49.03
N SER D 21 6.74 -22.88 48.43
CA SER D 21 7.96 -22.13 48.78
C SER D 21 7.96 -20.66 48.40
N PRO D 22 8.46 -19.80 49.30
CA PRO D 22 8.58 -18.37 48.95
C PRO D 22 9.61 -18.07 47.87
N ILE D 23 10.50 -19.04 47.55
CA ILE D 23 11.51 -18.86 46.51
C ILE D 23 11.31 -19.79 45.32
N ASN D 24 10.05 -20.16 45.00
CA ASN D 24 9.80 -20.93 43.79
C ASN D 24 10.05 -20.04 42.56
N VAL D 25 10.10 -20.59 41.34
CA VAL D 25 10.40 -19.79 40.17
C VAL D 25 9.38 -18.67 39.95
N GLU D 26 8.12 -18.91 40.28
CA GLU D 26 7.06 -17.92 40.16
C GLU D 26 7.31 -16.72 41.06
N SER D 27 7.76 -16.95 42.27
CA SER D 27 8.06 -15.89 43.22
C SER D 27 9.30 -15.14 42.82
N LEU D 28 10.31 -15.87 42.29
CA LEU D 28 11.55 -15.29 41.83
C LEU D 28 11.32 -14.35 40.66
N LEU D 29 10.42 -14.71 39.75
CA LEU D 29 10.06 -13.86 38.62
C LEU D 29 9.27 -12.65 39.11
N ASP D 30 8.44 -12.80 40.19
CA ASP D 30 7.73 -11.66 40.75
C ASP D 30 8.71 -10.68 41.31
N GLY D 31 9.70 -11.14 42.07
CA GLY D 31 10.75 -10.26 42.60
C GLY D 31 11.42 -9.43 41.53
N LEU D 32 11.78 -10.05 40.39
CA LEU D 32 12.40 -9.34 39.29
C LEU D 32 11.45 -8.35 38.62
N ASN D 33 10.19 -8.75 38.33
CA ASN D 33 9.18 -7.88 37.74
C ASN D 33 8.91 -6.65 38.62
N SER D 34 8.73 -6.89 39.93
CA SER D 34 8.44 -5.86 40.93
C SER D 34 9.59 -4.90 41.08
N LEU D 35 10.83 -5.42 41.06
CA LEU D 35 12.03 -4.60 41.15
C LEU D 35 12.11 -3.65 39.98
N VAL D 36 11.85 -4.14 38.76
CA VAL D 36 11.85 -3.31 37.55
C VAL D 36 10.71 -2.27 37.59
N LEU D 37 9.49 -2.67 37.99
CA LEU D 37 8.33 -1.77 38.09
C LEU D 37 8.60 -0.63 39.07
N ASP D 38 9.17 -0.95 40.25
CA ASP D 38 9.48 0.01 41.32
C ASP D 38 10.69 0.89 41.09
N LEU D 39 11.50 0.61 40.07
CA LEU D 39 12.69 1.39 39.78
C LEU D 39 12.58 2.16 38.45
N ASP D 40 11.69 1.73 37.53
CA ASP D 40 11.58 2.37 36.23
C ASP D 40 10.79 3.68 36.25
N PHE D 41 11.39 4.69 36.89
CA PHE D 41 10.89 6.05 37.01
C PHE D 41 12.01 7.02 36.67
N PRO D 42 11.73 8.10 35.94
CA PRO D 42 12.81 9.04 35.53
C PRO D 42 13.67 9.59 36.66
N ALA D 43 13.07 9.90 37.81
CA ALA D 43 13.78 10.43 38.97
C ALA D 43 14.79 9.41 39.52
N LEU D 44 14.37 8.13 39.64
CA LEU D 44 15.19 7.05 40.17
C LEU D 44 16.31 6.67 39.19
N ARG D 45 16.04 6.74 37.89
CA ARG D 45 16.99 6.48 36.82
C ARG D 45 18.19 7.46 36.78
N LYS D 46 18.15 8.53 37.60
CA LYS D 46 19.27 9.47 37.69
C LYS D 46 20.47 8.74 38.39
N ASN D 47 20.18 7.79 39.30
CA ASN D 47 21.13 6.93 39.98
C ASN D 47 21.68 5.96 38.90
N LYS D 48 23.03 5.92 38.72
CA LYS D 48 23.67 5.07 37.71
C LYS D 48 23.44 3.59 38.00
N ASN D 49 23.47 3.19 39.30
CA ASN D 49 23.23 1.80 39.71
C ASN D 49 21.88 1.30 39.17
N ILE D 50 20.84 2.10 39.39
CA ILE D 50 19.45 1.83 38.95
C ILE D 50 19.32 1.88 37.44
N ASP D 51 19.85 2.92 36.80
CA ASP D 51 19.75 3.05 35.35
C ASP D 51 20.45 1.93 34.60
N ASN D 52 21.65 1.53 35.03
CA ASN D 52 22.37 0.46 34.36
C ASN D 52 21.69 -0.90 34.53
N PHE D 53 21.17 -1.19 35.74
CA PHE D 53 20.44 -2.42 36.01
C PHE D 53 19.22 -2.54 35.11
N LEU D 54 18.43 -1.45 35.01
CA LEU D 54 17.25 -1.41 34.17
C LEU D 54 17.59 -1.61 32.71
N ASN D 55 18.74 -1.09 32.23
CA ASN D 55 19.13 -1.27 30.83
C ASN D 55 19.41 -2.76 30.52
N ARG D 56 20.08 -3.46 31.47
CA ARG D 56 20.38 -4.89 31.37
C ARG D 56 19.12 -5.75 31.36
N TYR D 57 18.15 -5.44 32.22
CA TYR D 57 16.96 -6.28 32.36
C TYR D 57 15.70 -5.81 31.63
N GLU D 58 15.78 -4.72 30.91
CA GLU D 58 14.65 -4.16 30.15
C GLU D 58 13.99 -5.16 29.13
N LYS D 59 14.79 -5.68 28.20
CA LYS D 59 14.32 -6.56 27.15
C LYS D 59 13.77 -7.86 27.70
N ILE D 60 14.48 -8.49 28.65
CA ILE D 60 14.06 -9.77 29.21
C ILE D 60 12.75 -9.65 30.04
N VAL D 61 12.56 -8.58 30.78
CA VAL D 61 11.35 -8.40 31.60
C VAL D 61 10.11 -8.09 30.75
N LYS D 62 10.32 -7.46 29.58
CA LYS D 62 9.23 -7.22 28.63
C LYS D 62 8.84 -8.58 27.93
N LYS D 63 9.84 -9.42 27.63
CA LYS D 63 9.64 -10.73 27.01
C LYS D 63 8.85 -11.68 27.98
N ILE D 64 9.21 -11.67 29.28
CA ILE D 64 8.58 -12.46 30.33
C ILE D 64 7.13 -12.01 30.53
N ARG D 65 6.87 -10.68 30.45
CA ARG D 65 5.52 -10.09 30.61
C ARG D 65 4.54 -10.54 29.53
N GLY D 66 5.05 -10.75 28.32
CA GLY D 66 4.27 -11.22 27.18
C GLY D 66 3.98 -12.69 27.27
N LEU D 67 4.87 -13.47 27.88
CA LEU D 67 4.69 -14.92 28.01
C LEU D 67 3.82 -15.29 29.18
N GLN D 68 3.89 -14.53 30.28
CA GLN D 68 3.14 -14.84 31.50
C GLN D 68 1.65 -14.54 31.36
N MET D 69 0.82 -15.22 32.17
CA MET D 69 -0.63 -15.05 32.15
C MET D 69 -0.99 -13.61 32.49
N LYS D 70 -1.93 -13.04 31.73
CA LYS D 70 -2.32 -11.66 31.90
C LYS D 70 -3.82 -11.48 31.68
N ALA D 71 -4.38 -10.36 32.16
CA ALA D 71 -5.79 -10.09 32.03
C ALA D 71 -6.29 -10.13 30.58
N GLU D 72 -5.40 -9.83 29.62
CA GLU D 72 -5.75 -9.81 28.21
C GLU D 72 -6.00 -11.21 27.62
N ASP D 73 -5.62 -12.28 28.35
CA ASP D 73 -5.90 -13.65 27.93
C ASP D 73 -7.38 -14.04 28.16
N TYR D 74 -8.16 -13.18 28.89
CA TYR D 74 -9.55 -13.45 29.22
C TYR D 74 -10.49 -12.43 28.62
N ASP D 75 -11.69 -12.86 28.28
CA ASP D 75 -12.74 -11.96 27.81
C ASP D 75 -13.69 -11.77 28.98
N VAL D 76 -13.97 -10.53 29.36
CA VAL D 76 -14.91 -10.29 30.46
C VAL D 76 -16.32 -10.39 29.93
N VAL D 77 -17.10 -11.30 30.52
CA VAL D 77 -18.49 -11.50 30.11
C VAL D 77 -19.42 -10.58 30.91
N LYS D 78 -19.26 -10.55 32.23
CA LYS D 78 -20.13 -9.75 33.09
C LYS D 78 -19.50 -9.59 34.48
N VAL D 79 -19.84 -8.51 35.22
CA VAL D 79 -19.37 -8.35 36.60
C VAL D 79 -20.44 -9.02 37.45
N ILE D 80 -20.10 -10.08 38.19
CA ILE D 80 -21.05 -10.80 39.03
C ILE D 80 -20.91 -10.50 40.53
N GLY D 81 -19.87 -9.76 40.92
CA GLY D 81 -19.60 -9.47 42.32
C GLY D 81 -18.78 -8.21 42.48
N ARG D 82 -18.96 -7.53 43.60
CA ARG D 82 -18.27 -6.29 43.91
C ARG D 82 -17.84 -6.35 45.38
N GLY D 83 -16.70 -5.75 45.70
CA GLY D 83 -16.18 -5.79 47.06
C GLY D 83 -15.40 -4.56 47.43
N ALA D 84 -14.85 -4.55 48.65
CA ALA D 84 -14.08 -3.43 49.18
C ALA D 84 -12.93 -2.98 48.29
N PHE D 85 -12.10 -3.94 47.76
CA PHE D 85 -10.96 -3.53 46.93
C PHE D 85 -11.03 -3.96 45.47
N GLY D 86 -12.22 -4.33 44.98
CA GLY D 86 -12.35 -4.72 43.58
C GLY D 86 -13.66 -5.35 43.20
N GLU D 87 -13.62 -6.26 42.20
CA GLU D 87 -14.80 -6.94 41.71
C GLU D 87 -14.53 -8.38 41.28
N VAL D 88 -15.58 -9.14 41.02
CA VAL D 88 -15.49 -10.52 40.56
C VAL D 88 -16.18 -10.52 39.21
N GLN D 89 -15.46 -10.96 38.17
CA GLN D 89 -15.97 -10.99 36.82
C GLN D 89 -16.19 -12.43 36.37
N LEU D 90 -17.21 -12.66 35.55
CA LEU D 90 -17.41 -13.94 34.90
C LEU D 90 -16.59 -13.77 33.60
N VAL D 91 -15.54 -14.56 33.42
CA VAL D 91 -14.64 -14.43 32.25
C VAL D 91 -14.58 -15.73 31.43
N ARG D 92 -14.11 -15.64 30.19
CA ARG D 92 -13.86 -16.81 29.35
C ARG D 92 -12.41 -16.71 28.87
N HIS D 93 -11.60 -17.77 29.09
CA HIS D 93 -10.21 -17.77 28.63
C HIS D 93 -10.23 -17.81 27.10
N LYS D 94 -9.60 -16.83 26.43
CA LYS D 94 -9.59 -16.74 24.99
C LYS D 94 -9.07 -17.97 24.25
N ALA D 95 -8.00 -18.60 24.72
CA ALA D 95 -7.44 -19.78 24.03
C ALA D 95 -8.19 -21.09 24.31
N SER D 96 -8.45 -21.41 25.58
CA SER D 96 -9.14 -22.64 25.94
C SER D 96 -10.65 -22.61 25.80
N GLN D 97 -11.24 -21.40 25.78
CA GLN D 97 -12.69 -21.15 25.73
C GLN D 97 -13.41 -21.58 27.03
N LYS D 98 -12.65 -21.83 28.12
CA LYS D 98 -13.19 -22.26 29.40
C LYS D 98 -13.62 -21.07 30.23
N VAL D 99 -14.73 -21.21 30.96
CA VAL D 99 -15.32 -20.15 31.78
C VAL D 99 -14.87 -20.23 33.23
N TYR D 100 -14.57 -19.08 33.82
CA TYR D 100 -14.12 -18.99 35.21
C TYR D 100 -14.72 -17.75 35.89
N ALA D 101 -14.56 -17.62 37.21
CA ALA D 101 -14.88 -16.42 37.96
C ALA D 101 -13.50 -15.81 38.31
N MET D 102 -13.29 -14.53 38.02
CA MET D 102 -12.02 -13.90 38.29
C MET D 102 -12.17 -12.75 39.27
N LYS D 103 -11.58 -12.89 40.46
CA LYS D 103 -11.65 -11.84 41.46
C LYS D 103 -10.41 -10.91 41.32
N LEU D 104 -10.64 -9.58 41.22
CA LEU D 104 -9.59 -8.58 41.05
C LEU D 104 -9.40 -7.81 42.35
N LEU D 105 -8.16 -7.50 42.72
CA LEU D 105 -7.87 -6.75 43.94
C LEU D 105 -6.94 -5.61 43.59
N SER D 106 -7.35 -4.37 43.84
CA SER D 106 -6.59 -3.16 43.52
C SER D 106 -5.42 -3.02 44.47
N LYS D 107 -4.19 -3.00 43.92
CA LYS D 107 -2.97 -2.84 44.71
C LYS D 107 -2.99 -1.48 45.38
N PHE D 108 -3.41 -0.43 44.64
CA PHE D 108 -3.52 0.92 45.20
C PHE D 108 -4.45 0.99 46.43
N GLU D 109 -5.67 0.43 46.33
CA GLU D 109 -6.62 0.46 47.45
C GLU D 109 -6.14 -0.36 48.64
N MET D 110 -5.51 -1.51 48.38
CA MET D 110 -5.01 -2.37 49.44
C MET D 110 -3.86 -1.70 50.21
N ILE D 111 -3.01 -0.94 49.50
CA ILE D 111 -1.91 -0.25 50.15
C ILE D 111 -2.43 0.99 50.89
N LYS D 112 -3.23 1.83 50.21
CA LYS D 112 -3.83 3.01 50.80
C LYS D 112 -4.62 2.69 52.08
N ARG D 113 -5.45 1.63 52.04
CA ARG D 113 -6.26 1.26 53.20
C ARG D 113 -5.58 0.24 54.10
N SER D 114 -4.21 0.28 54.13
CA SER D 114 -3.25 -0.53 54.90
C SER D 114 -3.72 -1.95 55.18
N ASP D 115 -4.34 -2.56 54.18
CA ASP D 115 -4.79 -3.93 54.29
C ASP D 115 -4.25 -4.63 53.06
N SER D 116 -3.02 -5.18 53.17
CA SER D 116 -2.33 -5.85 52.06
C SER D 116 -1.66 -7.19 52.44
N ALA D 117 -2.33 -8.01 53.28
CA ALA D 117 -1.79 -9.32 53.66
C ALA D 117 -2.84 -10.43 53.70
N PHE D 118 -4.15 -10.07 53.63
CA PHE D 118 -5.30 -10.99 53.69
C PHE D 118 -5.39 -11.95 52.51
N PHE D 119 -4.82 -11.56 51.37
CA PHE D 119 -4.90 -12.36 50.16
C PHE D 119 -4.01 -13.61 50.19
N TRP D 120 -3.02 -13.67 51.08
CA TRP D 120 -2.13 -14.84 51.14
C TRP D 120 -2.89 -16.06 51.57
N GLU D 121 -3.64 -15.97 52.69
CA GLU D 121 -4.44 -17.11 53.13
C GLU D 121 -5.61 -17.38 52.20
N GLU D 122 -6.17 -16.33 51.56
CA GLU D 122 -7.27 -16.51 50.63
C GLU D 122 -6.81 -17.32 49.42
N ARG D 123 -5.66 -16.95 48.87
CA ARG D 123 -5.09 -17.65 47.72
C ARG D 123 -4.71 -19.08 48.12
N ASP D 124 -4.04 -19.26 49.27
CA ASP D 124 -3.63 -20.58 49.74
C ASP D 124 -4.77 -21.53 50.01
N ILE D 125 -5.86 -21.06 50.64
CA ILE D 125 -7.03 -21.89 50.94
C ILE D 125 -7.63 -22.41 49.64
N MET D 126 -7.84 -21.52 48.66
CA MET D 126 -8.42 -21.90 47.39
C MET D 126 -7.50 -22.74 46.51
N ALA D 127 -6.18 -22.50 46.56
CA ALA D 127 -5.24 -23.27 45.77
C ALA D 127 -4.98 -24.66 46.33
N PHE D 128 -4.85 -24.79 47.67
CA PHE D 128 -4.38 -26.04 48.25
C PHE D 128 -5.35 -26.78 49.19
N ALA D 129 -6.63 -26.38 49.29
CA ALA D 129 -7.56 -27.10 50.18
C ALA D 129 -7.85 -28.53 49.75
N ASN D 130 -8.02 -28.76 48.43
CA ASN D 130 -8.40 -30.06 47.85
C ASN D 130 -9.65 -30.61 48.54
N SER D 131 -10.64 -29.72 48.69
CA SER D 131 -11.89 -30.02 49.34
C SER D 131 -13.04 -29.64 48.43
N PRO D 132 -14.06 -30.49 48.33
CA PRO D 132 -15.25 -30.11 47.57
C PRO D 132 -16.04 -28.98 48.23
N TRP D 133 -15.73 -28.59 49.47
CA TRP D 133 -16.42 -27.51 50.18
C TRP D 133 -15.79 -26.13 49.98
N VAL D 134 -14.65 -26.03 49.26
CA VAL D 134 -13.93 -24.78 49.05
C VAL D 134 -13.85 -24.50 47.57
N VAL D 135 -14.15 -23.25 47.16
CA VAL D 135 -13.99 -22.85 45.76
C VAL D 135 -12.51 -23.02 45.33
N GLN D 136 -12.28 -23.74 44.25
CA GLN D 136 -10.96 -24.02 43.75
C GLN D 136 -10.38 -22.84 42.92
N LEU D 137 -9.10 -22.52 43.16
CA LEU D 137 -8.36 -21.51 42.42
C LEU D 137 -7.44 -22.26 41.45
N PHE D 138 -7.45 -21.87 40.18
CA PHE D 138 -6.61 -22.48 39.16
C PHE D 138 -5.35 -21.62 38.97
N TYR D 139 -5.54 -20.29 38.88
CA TYR D 139 -4.44 -19.38 38.64
C TYR D 139 -4.52 -18.17 39.55
N ALA D 140 -3.37 -17.64 39.89
CA ALA D 140 -3.22 -16.41 40.64
C ALA D 140 -2.11 -15.68 39.87
N PHE D 141 -2.41 -14.49 39.39
CA PHE D 141 -1.43 -13.68 38.65
C PHE D 141 -1.62 -12.21 39.00
N GLN D 142 -0.78 -11.33 38.46
CA GLN D 142 -0.83 -9.92 38.79
C GLN D 142 -0.24 -9.07 37.67
N ASP D 143 -0.62 -7.79 37.68
CA ASP D 143 -0.05 -6.77 36.82
C ASP D 143 0.36 -5.56 37.73
N ASP D 144 0.74 -4.40 37.18
CA ASP D 144 1.12 -3.26 38.01
C ASP D 144 -0.03 -2.70 38.85
N ARG D 145 -1.31 -2.88 38.39
CA ARG D 145 -2.49 -2.37 39.11
C ARG D 145 -3.27 -3.39 39.95
N TYR D 146 -3.36 -4.66 39.51
CA TYR D 146 -4.20 -5.65 40.21
C TYR D 146 -3.56 -6.98 40.49
N LEU D 147 -4.16 -7.69 41.46
CA LEU D 147 -3.95 -9.11 41.77
C LEU D 147 -5.21 -9.80 41.16
N TYR D 148 -5.05 -10.96 40.52
CA TYR D 148 -6.16 -11.68 39.91
C TYR D 148 -6.22 -13.07 40.46
N MET D 149 -7.42 -13.57 40.74
CA MET D 149 -7.62 -14.94 41.21
C MET D 149 -8.65 -15.61 40.33
N VAL D 150 -8.22 -16.58 39.49
CA VAL D 150 -9.05 -17.30 38.55
C VAL D 150 -9.56 -18.53 39.25
N MET D 151 -10.86 -18.57 39.50
CA MET D 151 -11.49 -19.64 40.26
C MET D 151 -12.55 -20.37 39.47
N GLU D 152 -13.04 -21.52 40.00
CA GLU D 152 -14.14 -22.22 39.36
C GLU D 152 -15.41 -21.38 39.56
N TYR D 153 -16.16 -21.20 38.49
CA TYR D 153 -17.40 -20.44 38.52
C TYR D 153 -18.50 -21.30 39.19
N MET D 154 -19.27 -20.69 40.13
CA MET D 154 -20.36 -21.32 40.91
C MET D 154 -21.65 -20.74 40.41
N PRO D 155 -22.27 -21.40 39.41
CA PRO D 155 -23.44 -20.80 38.73
C PRO D 155 -24.79 -20.79 39.49
N GLY D 156 -24.86 -21.51 40.60
CA GLY D 156 -26.05 -21.57 41.42
C GLY D 156 -26.30 -20.33 42.29
N GLY D 157 -25.33 -19.41 42.35
CA GLY D 157 -25.47 -18.20 43.14
C GLY D 157 -25.28 -18.43 44.62
N ASP D 158 -25.52 -17.41 45.45
CA ASP D 158 -25.33 -17.56 46.91
C ASP D 158 -26.63 -17.93 47.69
N LEU D 159 -26.53 -18.17 49.01
CA LEU D 159 -27.69 -18.52 49.80
C LEU D 159 -28.55 -17.30 50.19
N VAL D 160 -28.10 -16.08 49.91
CA VAL D 160 -28.93 -14.89 50.07
C VAL D 160 -29.99 -14.94 48.96
N ASN D 161 -29.55 -15.22 47.71
CA ASN D 161 -30.39 -15.37 46.52
C ASN D 161 -31.36 -16.53 46.69
N LEU D 162 -30.90 -17.66 47.27
CA LEU D 162 -31.78 -18.81 47.48
C LEU D 162 -32.90 -18.44 48.46
N MET D 163 -32.56 -17.79 49.57
CA MET D 163 -33.51 -17.40 50.60
C MET D 163 -34.55 -16.40 50.11
N SER D 164 -34.19 -15.52 49.18
CA SER D 164 -35.15 -14.55 48.65
C SER D 164 -36.09 -15.12 47.60
N ASN D 165 -35.71 -16.24 46.95
CA ASN D 165 -36.57 -16.86 45.94
C ASN D 165 -37.37 -18.04 46.46
N TYR D 166 -37.06 -18.54 47.69
CA TYR D 166 -37.75 -19.69 48.25
C TYR D 166 -38.05 -19.51 49.72
N ASP D 167 -39.14 -20.13 50.15
CA ASP D 167 -39.53 -20.20 51.55
C ASP D 167 -38.83 -21.49 51.91
N VAL D 168 -37.75 -21.43 52.70
CA VAL D 168 -36.96 -22.63 52.98
C VAL D 168 -37.59 -23.56 54.01
N PRO D 169 -37.99 -24.77 53.59
CA PRO D 169 -38.52 -25.75 54.55
C PRO D 169 -37.41 -26.35 55.41
N GLU D 170 -37.74 -26.83 56.61
CA GLU D 170 -36.79 -27.42 57.54
C GLU D 170 -35.98 -28.57 56.96
N LYS D 171 -36.54 -29.33 56.00
CA LYS D 171 -35.81 -30.44 55.37
C LYS D 171 -34.62 -29.90 54.54
N TRP D 172 -34.83 -28.75 53.88
CA TRP D 172 -33.80 -28.08 53.10
C TRP D 172 -32.78 -27.45 54.04
N ALA D 173 -33.23 -26.73 55.09
CA ALA D 173 -32.34 -26.10 56.06
C ALA D 173 -31.48 -27.14 56.77
N LYS D 174 -31.97 -28.39 56.96
CA LYS D 174 -31.16 -29.45 57.59
C LYS D 174 -30.05 -29.95 56.64
N PHE D 175 -30.25 -29.81 55.32
CA PHE D 175 -29.27 -30.19 54.32
C PHE D 175 -28.23 -29.08 54.20
N TYR D 176 -28.71 -27.82 54.10
CA TYR D 176 -27.86 -26.66 53.93
C TYR D 176 -26.99 -26.38 55.14
N THR D 177 -27.54 -26.53 56.37
CA THR D 177 -26.78 -26.34 57.61
C THR D 177 -25.75 -27.43 57.77
N ALA D 178 -26.09 -28.67 57.44
CA ALA D 178 -25.14 -29.79 57.51
C ALA D 178 -23.99 -29.64 56.50
N GLU D 179 -24.30 -29.07 55.33
CA GLU D 179 -23.27 -28.83 54.32
C GLU D 179 -22.32 -27.70 54.80
N VAL D 180 -22.85 -26.69 55.54
CA VAL D 180 -22.03 -25.62 56.14
C VAL D 180 -21.17 -26.24 57.26
N VAL D 181 -21.77 -27.13 58.09
CA VAL D 181 -21.07 -27.80 59.18
C VAL D 181 -19.81 -28.53 58.67
N LEU D 182 -19.92 -29.29 57.56
CA LEU D 182 -18.78 -30.01 56.98
C LEU D 182 -17.75 -29.08 56.33
N ALA D 183 -18.24 -28.03 55.64
CA ALA D 183 -17.42 -27.02 55.01
C ALA D 183 -16.54 -26.31 56.09
N LEU D 184 -17.14 -25.96 57.22
CA LEU D 184 -16.42 -25.29 58.31
C LEU D 184 -15.44 -26.21 58.96
N ASP D 185 -15.84 -27.45 59.23
CA ASP D 185 -14.94 -28.47 59.79
C ASP D 185 -13.65 -28.64 58.93
N ALA D 186 -13.77 -28.50 57.58
CA ALA D 186 -12.64 -28.58 56.66
C ALA D 186 -11.71 -27.36 56.83
N ILE D 187 -12.28 -26.15 56.90
CA ILE D 187 -11.53 -24.92 57.17
C ILE D 187 -10.78 -25.04 58.53
N HIS D 188 -11.51 -25.43 59.63
CA HIS D 188 -10.92 -25.64 60.96
C HIS D 188 -9.82 -26.69 60.99
N SER D 189 -9.95 -27.77 60.19
CA SER D 189 -8.93 -28.82 60.09
C SER D 189 -7.64 -28.32 59.43
N MET D 190 -7.74 -27.31 58.57
CA MET D 190 -6.55 -26.70 57.97
C MET D 190 -5.89 -25.67 58.91
N GLY D 191 -6.36 -25.56 60.17
CA GLY D 191 -5.83 -24.60 61.14
C GLY D 191 -6.31 -23.17 60.97
N LEU D 192 -7.51 -23.01 60.37
CA LEU D 192 -8.08 -21.68 60.06
C LEU D 192 -9.43 -21.39 60.67
N ILE D 193 -9.69 -20.09 60.93
CA ILE D 193 -10.94 -19.54 61.42
C ILE D 193 -11.42 -18.56 60.36
N HIS D 194 -12.63 -18.78 59.82
CA HIS D 194 -13.24 -17.95 58.79
C HIS D 194 -13.47 -16.50 59.22
N ARG D 195 -14.19 -16.29 60.35
CA ARG D 195 -14.51 -14.96 60.93
C ARG D 195 -15.60 -14.17 60.17
N ASP D 196 -16.15 -14.70 59.08
CA ASP D 196 -17.18 -14.00 58.33
C ASP D 196 -18.16 -14.97 57.67
N VAL D 197 -18.61 -15.97 58.44
CA VAL D 197 -19.56 -16.95 57.92
C VAL D 197 -20.92 -16.27 57.81
N LYS D 198 -21.42 -16.17 56.59
CA LYS D 198 -22.70 -15.54 56.29
C LYS D 198 -23.18 -16.10 54.94
N PRO D 199 -24.50 -16.09 54.68
CA PRO D 199 -25.01 -16.69 53.42
C PRO D 199 -24.54 -16.03 52.11
N ASP D 200 -23.98 -14.82 52.19
CA ASP D 200 -23.43 -14.13 51.03
C ASP D 200 -22.16 -14.84 50.51
N ASN D 201 -21.42 -15.51 51.42
CA ASN D 201 -20.19 -16.27 51.19
C ASN D 201 -20.41 -17.79 51.03
N MET D 202 -21.66 -18.24 50.96
CA MET D 202 -22.01 -19.64 50.76
C MET D 202 -22.56 -19.74 49.36
N LEU D 203 -21.81 -20.34 48.43
CA LEU D 203 -22.19 -20.45 47.04
C LEU D 203 -22.63 -21.84 46.67
N LEU D 204 -23.46 -21.94 45.62
CA LEU D 204 -23.97 -23.22 45.14
C LEU D 204 -23.38 -23.52 43.75
N ASP D 205 -22.96 -24.77 43.54
CA ASP D 205 -22.35 -25.17 42.27
C ASP D 205 -23.42 -25.56 41.22
N LYS D 206 -23.00 -26.11 40.09
CA LYS D 206 -23.91 -26.52 39.02
C LYS D 206 -24.94 -27.58 39.48
N HIS D 207 -24.65 -28.31 40.55
CA HIS D 207 -25.55 -29.35 41.08
C HIS D 207 -26.36 -28.94 42.32
N GLY D 208 -26.16 -27.73 42.83
CA GLY D 208 -26.87 -27.25 44.02
C GLY D 208 -26.18 -27.50 45.34
N HIS D 209 -24.93 -27.98 45.32
CA HIS D 209 -24.13 -28.22 46.51
C HIS D 209 -23.32 -27.03 46.91
N LEU D 210 -23.08 -26.88 48.19
CA LEU D 210 -22.38 -25.74 48.76
C LEU D 210 -20.85 -25.79 48.68
N LYS D 211 -20.25 -24.60 48.57
CA LYS D 211 -18.83 -24.29 48.63
C LYS D 211 -18.72 -22.92 49.28
N LEU D 212 -17.73 -22.77 50.14
CA LEU D 212 -17.46 -21.48 50.76
C LEU D 212 -16.57 -20.65 49.84
N ALA D 213 -16.71 -19.33 49.91
CA ALA D 213 -15.96 -18.34 49.13
C ALA D 213 -15.66 -17.10 49.98
N ASP D 214 -14.79 -16.18 49.49
CA ASP D 214 -14.40 -14.99 50.24
C ASP D 214 -13.70 -15.42 51.54
N PHE D 215 -12.41 -15.69 51.40
CA PHE D 215 -11.57 -16.07 52.54
C PHE D 215 -10.69 -14.88 53.00
N GLY D 216 -11.12 -13.65 52.71
CA GLY D 216 -10.42 -12.42 53.03
C GLY D 216 -10.29 -12.11 54.50
N THR D 217 -11.10 -12.76 55.35
CA THR D 217 -11.02 -12.57 56.80
C THR D 217 -10.39 -13.78 57.51
N CYS D 218 -10.09 -14.87 56.79
CA CYS D 218 -9.53 -16.07 57.41
C CYS D 218 -8.21 -15.76 58.14
N MET D 219 -8.07 -16.26 59.39
CA MET D 219 -6.88 -16.11 60.22
C MET D 219 -6.45 -17.50 60.76
N LYS D 220 -5.13 -17.81 60.68
CA LYS D 220 -4.52 -19.05 61.18
C LYS D 220 -4.60 -19.05 62.73
N MET D 221 -4.74 -20.24 63.34
CA MET D 221 -4.84 -20.32 64.80
C MET D 221 -3.50 -20.34 65.51
N ASP D 237 -23.72 -7.93 61.77
CA ASP D 237 -25.06 -8.53 61.84
C ASP D 237 -25.02 -10.04 62.10
N TYR D 238 -24.03 -10.73 61.53
CA TYR D 238 -23.83 -12.18 61.74
C TYR D 238 -22.70 -12.48 62.77
N ILE D 239 -22.04 -11.41 63.27
CA ILE D 239 -20.90 -11.39 64.18
C ILE D 239 -21.24 -11.96 65.56
N SER D 240 -20.28 -12.74 66.09
CA SER D 240 -20.35 -13.42 67.39
C SER D 240 -20.12 -12.44 68.57
N PRO D 241 -20.54 -12.81 69.80
CA PRO D 241 -20.30 -11.91 70.94
C PRO D 241 -18.82 -11.83 71.33
N GLU D 242 -18.03 -12.88 71.01
CA GLU D 242 -16.58 -12.92 71.24
C GLU D 242 -15.84 -11.71 70.62
N VAL D 243 -16.49 -10.98 69.71
CA VAL D 243 -15.95 -9.79 69.04
C VAL D 243 -16.71 -8.53 69.50
N LEU D 244 -18.05 -8.59 69.49
CA LEU D 244 -18.91 -7.48 69.90
C LEU D 244 -18.86 -7.24 71.42
N TYR D 253 -12.12 -14.73 68.48
CA TYR D 253 -10.96 -15.39 69.09
C TYR D 253 -10.76 -16.89 68.71
N GLY D 254 -11.81 -17.70 68.86
CA GLY D 254 -11.72 -19.13 68.56
C GLY D 254 -12.61 -19.62 67.44
N ARG D 255 -12.54 -20.94 67.14
CA ARG D 255 -13.33 -21.53 66.07
C ARG D 255 -14.83 -21.40 66.30
N GLU D 256 -15.25 -21.37 67.59
CA GLU D 256 -16.66 -21.21 68.04
C GLU D 256 -17.28 -19.97 67.41
N CYS D 257 -16.47 -18.92 67.13
CA CYS D 257 -16.84 -17.68 66.44
C CYS D 257 -17.64 -17.98 65.16
N ASP D 258 -17.21 -19.00 64.39
CA ASP D 258 -17.86 -19.45 63.16
C ASP D 258 -19.11 -20.29 63.48
N TRP D 259 -19.03 -21.16 64.49
CA TRP D 259 -20.17 -21.98 64.89
C TRP D 259 -21.37 -21.13 65.35
N TRP D 260 -21.12 -19.91 65.85
CA TRP D 260 -22.19 -18.98 66.22
C TRP D 260 -22.94 -18.56 64.95
N SER D 261 -22.19 -18.21 63.90
CA SER D 261 -22.75 -17.74 62.64
C SER D 261 -23.61 -18.82 61.98
N VAL D 262 -23.32 -20.12 62.23
CA VAL D 262 -24.11 -21.26 61.75
C VAL D 262 -25.46 -21.20 62.41
N GLY D 263 -25.50 -21.00 63.73
CA GLY D 263 -26.73 -20.85 64.47
C GLY D 263 -27.58 -19.69 63.98
N VAL D 264 -26.94 -18.57 63.60
CA VAL D 264 -27.61 -17.39 63.04
C VAL D 264 -28.14 -17.70 61.62
N PHE D 265 -27.39 -18.50 60.83
CA PHE D 265 -27.80 -18.91 59.49
C PHE D 265 -28.99 -19.92 59.51
N LEU D 266 -29.04 -20.80 60.53
CA LEU D 266 -30.13 -21.79 60.69
C LEU D 266 -31.44 -21.07 61.06
N TYR D 267 -31.35 -20.00 61.87
CA TYR D 267 -32.51 -19.19 62.22
C TYR D 267 -32.96 -18.43 60.97
N GLU D 268 -32.04 -17.76 60.25
CA GLU D 268 -32.43 -17.02 59.04
C GLU D 268 -33.22 -17.87 58.01
N MET D 269 -32.84 -19.15 57.81
CA MET D 269 -33.57 -20.01 56.85
C MET D 269 -34.95 -20.49 57.38
N LEU D 270 -34.99 -21.04 58.62
CA LEU D 270 -36.18 -21.60 59.28
C LEU D 270 -37.25 -20.56 59.58
N VAL D 271 -36.81 -19.37 60.02
CA VAL D 271 -37.71 -18.29 60.38
C VAL D 271 -38.05 -17.41 59.16
N GLY D 272 -37.05 -16.75 58.59
CA GLY D 272 -37.27 -15.84 57.49
C GLY D 272 -36.52 -14.54 57.62
N ASP D 273 -36.01 -14.24 58.84
CA ASP D 273 -35.24 -13.02 59.13
C ASP D 273 -34.16 -13.23 60.23
N THR D 274 -33.37 -12.17 60.56
CA THR D 274 -32.25 -12.16 61.52
C THR D 274 -32.68 -12.39 62.98
N PRO D 275 -32.00 -13.30 63.71
CA PRO D 275 -32.36 -13.49 65.14
C PRO D 275 -32.05 -12.31 66.05
N PHE D 276 -31.19 -11.38 65.60
CA PHE D 276 -30.81 -10.19 66.35
C PHE D 276 -30.98 -8.91 65.49
N TYR D 277 -32.00 -8.92 64.59
CA TYR D 277 -32.30 -7.83 63.69
C TYR D 277 -32.85 -6.62 64.44
N ALA D 278 -32.45 -5.43 64.00
CA ALA D 278 -32.92 -4.15 64.51
C ALA D 278 -32.79 -3.09 63.40
N ASP D 279 -33.61 -2.03 63.45
CA ASP D 279 -33.59 -0.97 62.45
C ASP D 279 -32.23 -0.24 62.39
N SER D 280 -31.51 -0.19 63.51
CA SER D 280 -30.21 0.47 63.60
C SER D 280 -29.07 -0.53 63.85
N LEU D 281 -27.82 -0.10 63.62
CA LEU D 281 -26.66 -0.96 63.87
C LEU D 281 -26.45 -1.13 65.38
N VAL D 282 -26.61 -0.03 66.14
CA VAL D 282 -26.42 -0.06 67.59
C VAL D 282 -27.39 -1.00 68.30
N GLY D 283 -28.63 -1.09 67.81
CA GLY D 283 -29.67 -1.96 68.37
C GLY D 283 -29.40 -3.45 68.15
N THR D 284 -28.76 -3.77 67.02
CA THR D 284 -28.37 -5.13 66.65
C THR D 284 -27.19 -5.54 67.54
N TYR D 285 -26.22 -4.62 67.77
CA TYR D 285 -25.09 -4.86 68.67
C TYR D 285 -25.59 -5.16 70.09
N SER D 286 -26.62 -4.42 70.54
CA SER D 286 -27.20 -4.61 71.87
C SER D 286 -27.95 -5.94 71.94
N LYS D 287 -28.65 -6.32 70.84
CA LYS D 287 -29.39 -7.57 70.74
C LYS D 287 -28.47 -8.79 70.82
N ILE D 288 -27.34 -8.79 70.09
CA ILE D 288 -26.39 -9.90 70.11
C ILE D 288 -25.68 -10.03 71.47
N MET D 289 -25.40 -8.90 72.15
CA MET D 289 -24.76 -8.96 73.48
C MET D 289 -25.71 -9.59 74.52
N ASP D 290 -27.00 -9.26 74.47
CA ASP D 290 -27.98 -9.82 75.39
C ASP D 290 -28.65 -11.06 74.81
N HIS D 291 -27.90 -11.89 74.05
CA HIS D 291 -28.39 -13.10 73.36
C HIS D 291 -29.08 -14.13 74.28
N LYS D 292 -28.85 -14.01 75.61
CA LYS D 292 -29.47 -14.88 76.61
C LYS D 292 -30.97 -14.56 76.77
N ASN D 293 -31.40 -13.33 76.44
CA ASN D 293 -32.79 -12.93 76.57
C ASN D 293 -33.45 -12.52 75.23
N SER D 294 -32.66 -12.05 74.23
CA SER D 294 -33.22 -11.56 72.95
C SER D 294 -33.48 -12.65 71.86
N LEU D 295 -33.12 -13.91 72.12
CA LEU D 295 -33.38 -14.99 71.17
C LEU D 295 -34.66 -15.72 71.58
N CYS D 296 -35.69 -15.72 70.70
CA CYS D 296 -36.97 -16.38 70.99
C CYS D 296 -37.68 -16.91 69.74
N ALA D 301 -44.18 -19.33 62.00
CA ALA D 301 -44.00 -20.78 61.94
C ALA D 301 -43.31 -21.36 63.19
N GLU D 302 -43.54 -22.67 63.45
CA GLU D 302 -42.95 -23.37 64.59
C GLU D 302 -41.71 -24.17 64.17
N ILE D 303 -40.56 -23.88 64.78
CA ILE D 303 -39.32 -24.56 64.45
C ILE D 303 -39.04 -25.70 65.43
N SER D 304 -39.26 -26.97 65.00
CA SER D 304 -39.08 -28.23 65.75
C SER D 304 -38.32 -28.12 67.07
N LYS D 305 -38.58 -29.04 68.03
CA LYS D 305 -37.84 -29.01 69.31
C LYS D 305 -36.35 -29.27 69.10
N HIS D 306 -36.00 -30.10 68.09
CA HIS D 306 -34.62 -30.40 67.73
C HIS D 306 -33.98 -29.21 66.98
N ALA D 307 -34.77 -28.44 66.21
CA ALA D 307 -34.29 -27.25 65.50
C ALA D 307 -34.08 -26.09 66.47
N LYS D 308 -34.99 -25.95 67.44
CA LYS D 308 -34.95 -24.89 68.45
C LYS D 308 -33.77 -25.13 69.42
N ASN D 309 -33.46 -26.40 69.73
CA ASN D 309 -32.35 -26.73 70.62
C ASN D 309 -31.00 -26.60 69.89
N LEU D 310 -30.98 -26.83 68.56
CA LEU D 310 -29.75 -26.71 67.77
C LEU D 310 -29.32 -25.25 67.66
N ILE D 311 -30.25 -24.32 67.34
CA ILE D 311 -29.95 -22.89 67.19
C ILE D 311 -29.45 -22.27 68.49
N CYS D 312 -30.01 -22.75 69.63
CA CYS D 312 -29.68 -22.29 70.99
C CYS D 312 -28.32 -22.75 71.42
N ALA D 313 -27.94 -23.97 71.05
CA ALA D 313 -26.64 -24.50 71.43
C ALA D 313 -25.48 -23.72 70.74
N PHE D 314 -25.75 -23.13 69.57
CA PHE D 314 -24.76 -22.29 68.86
C PHE D 314 -24.76 -20.85 69.40
N LEU D 315 -25.95 -20.35 69.76
CA LEU D 315 -26.12 -19.00 70.27
C LEU D 315 -25.99 -18.93 71.82
N THR D 316 -24.77 -19.23 72.34
CA THR D 316 -24.39 -19.19 73.77
C THR D 316 -22.98 -18.52 73.92
N ASP D 317 -22.45 -18.39 75.16
CA ASP D 317 -21.10 -17.84 75.37
C ASP D 317 -20.07 -18.92 74.99
N ARG D 318 -18.92 -18.49 74.45
CA ARG D 318 -17.82 -19.34 73.97
C ARG D 318 -17.51 -20.59 74.83
N GLU D 319 -17.53 -20.46 76.16
CA GLU D 319 -17.24 -21.54 77.09
C GLU D 319 -18.24 -22.71 77.03
N VAL D 320 -19.51 -22.41 76.71
CA VAL D 320 -20.55 -23.42 76.65
C VAL D 320 -21.14 -23.65 75.23
N ARG D 321 -20.59 -22.96 74.19
CA ARG D 321 -21.04 -23.03 72.79
C ARG D 321 -20.86 -24.41 72.11
N LEU D 322 -21.86 -24.83 71.33
CA LEU D 322 -21.84 -26.09 70.60
C LEU D 322 -20.77 -25.98 69.53
N GLY D 323 -19.90 -26.98 69.47
CA GLY D 323 -18.78 -26.95 68.55
C GLY D 323 -17.51 -26.36 69.14
N ARG D 324 -17.52 -26.02 70.44
CA ARG D 324 -16.33 -25.49 71.10
C ARG D 324 -15.24 -26.54 71.13
N ASN D 325 -15.58 -27.80 71.41
CA ASN D 325 -14.60 -28.88 71.44
C ASN D 325 -14.25 -29.42 70.05
N GLY D 326 -15.24 -29.42 69.17
CA GLY D 326 -15.10 -29.89 67.80
C GLY D 326 -16.41 -30.17 67.12
N VAL D 327 -16.37 -30.76 65.92
CA VAL D 327 -17.52 -31.06 65.06
C VAL D 327 -18.34 -32.31 65.50
N GLU D 328 -17.75 -33.23 66.28
CA GLU D 328 -18.45 -34.46 66.70
C GLU D 328 -19.78 -34.21 67.44
N GLU D 329 -19.83 -33.18 68.31
CA GLU D 329 -21.01 -32.81 69.08
C GLU D 329 -22.13 -32.25 68.20
N ILE D 330 -21.76 -31.53 67.13
CA ILE D 330 -22.72 -30.93 66.18
C ILE D 330 -23.35 -32.04 65.32
N ARG D 331 -22.51 -32.97 64.85
CA ARG D 331 -22.95 -34.08 64.02
C ARG D 331 -23.98 -34.97 64.70
N GLN D 332 -23.79 -35.24 66.00
CA GLN D 332 -24.73 -36.11 66.73
C GLN D 332 -25.98 -35.38 67.23
N HIS D 333 -26.20 -34.10 66.87
CA HIS D 333 -27.39 -33.40 67.31
C HIS D 333 -28.64 -34.00 66.65
N PRO D 334 -29.73 -34.19 67.44
CA PRO D 334 -30.96 -34.78 66.87
C PRO D 334 -31.59 -34.05 65.68
N PHE D 335 -31.34 -32.75 65.52
CA PHE D 335 -31.89 -32.00 64.38
C PHE D 335 -31.50 -32.63 63.02
N PHE D 336 -30.26 -33.12 62.91
CA PHE D 336 -29.73 -33.67 61.67
C PHE D 336 -30.24 -35.08 61.32
N LYS D 337 -31.10 -35.69 62.16
CA LYS D 337 -31.67 -37.00 61.88
C LYS D 337 -32.61 -36.90 60.68
N ASN D 338 -32.38 -37.75 59.67
CA ASN D 338 -33.15 -37.76 58.43
C ASN D 338 -33.00 -39.12 57.69
N ASP D 339 -33.85 -39.36 56.66
CA ASP D 339 -33.78 -40.61 55.89
C ASP D 339 -33.26 -40.40 54.46
N GLN D 340 -32.52 -39.32 54.20
CA GLN D 340 -32.02 -39.01 52.87
C GLN D 340 -30.51 -39.11 52.73
N TRP D 341 -29.76 -38.62 53.74
CA TRP D 341 -28.30 -38.60 53.69
C TRP D 341 -27.63 -38.93 55.03
N HIS D 342 -26.35 -39.27 54.95
CA HIS D 342 -25.42 -39.50 56.05
C HIS D 342 -24.31 -38.44 55.93
N TRP D 343 -23.53 -38.24 57.00
CA TRP D 343 -22.43 -37.26 56.96
C TRP D 343 -21.35 -37.61 55.93
N ASP D 344 -21.15 -38.90 55.68
CA ASP D 344 -20.14 -39.38 54.74
C ASP D 344 -20.56 -39.33 53.27
N ASN D 345 -21.84 -39.03 52.97
CA ASN D 345 -22.29 -39.01 51.57
C ASN D 345 -23.19 -37.84 51.21
N ILE D 346 -23.48 -36.90 52.11
CA ILE D 346 -24.42 -35.80 51.84
C ILE D 346 -24.13 -35.05 50.52
N ARG D 347 -22.85 -34.77 50.21
CA ARG D 347 -22.53 -34.05 48.98
C ARG D 347 -22.72 -34.86 47.70
N GLU D 348 -22.94 -36.18 47.81
CA GLU D 348 -23.19 -37.03 46.67
C GLU D 348 -24.69 -37.50 46.59
N THR D 349 -25.59 -36.85 47.36
CA THR D 349 -27.02 -37.06 47.34
C THR D 349 -27.64 -35.88 46.58
N ALA D 350 -28.90 -35.98 46.15
CA ALA D 350 -29.56 -34.92 45.42
C ALA D 350 -29.74 -33.66 46.27
N ALA D 351 -29.31 -32.50 45.77
CA ALA D 351 -29.48 -31.22 46.47
C ALA D 351 -30.94 -30.77 46.39
N PRO D 352 -31.45 -29.98 47.37
CA PRO D 352 -32.86 -29.56 47.34
C PRO D 352 -33.23 -28.76 46.09
N VAL D 353 -32.34 -27.86 45.67
CA VAL D 353 -32.57 -27.04 44.47
C VAL D 353 -31.42 -27.26 43.49
N VAL D 354 -31.70 -27.86 42.34
CA VAL D 354 -30.69 -28.06 41.32
C VAL D 354 -30.82 -26.91 40.31
N PRO D 355 -29.74 -26.13 40.07
CA PRO D 355 -29.86 -24.98 39.14
C PRO D 355 -30.21 -25.39 37.70
N GLU D 356 -31.07 -24.59 37.06
CA GLU D 356 -31.45 -24.83 35.68
C GLU D 356 -30.74 -23.77 34.84
N LEU D 357 -29.63 -24.15 34.23
CA LEU D 357 -28.78 -23.21 33.49
C LEU D 357 -28.91 -23.40 32.00
N SER D 358 -28.93 -22.32 31.24
CA SER D 358 -29.11 -22.40 29.79
C SER D 358 -27.79 -22.44 28.99
N SER D 359 -26.64 -22.12 29.65
CA SER D 359 -25.32 -22.10 29.03
C SER D 359 -24.22 -22.00 30.08
N ASP D 360 -22.93 -22.12 29.65
CA ASP D 360 -21.78 -22.00 30.54
C ASP D 360 -21.55 -20.59 31.06
N ILE D 361 -22.25 -19.57 30.52
CA ILE D 361 -22.14 -18.18 30.98
C ILE D 361 -23.46 -17.65 31.58
N ASP D 362 -24.39 -18.53 31.92
CA ASP D 362 -25.66 -18.17 32.52
C ASP D 362 -25.38 -17.64 33.93
N SER D 363 -25.65 -16.35 34.16
CA SER D 363 -25.46 -15.75 35.47
C SER D 363 -26.79 -15.25 36.06
N SER D 364 -27.89 -15.96 35.76
CA SER D 364 -29.23 -15.60 36.22
C SER D 364 -29.40 -15.73 37.74
N ASN D 365 -28.54 -16.50 38.41
CA ASN D 365 -28.57 -16.60 39.87
C ASN D 365 -27.72 -15.53 40.57
N PHE D 366 -27.28 -14.50 39.80
CA PHE D 366 -26.49 -13.38 40.26
C PHE D 366 -27.20 -12.09 39.92
N ASP D 367 -27.33 -11.20 40.89
CA ASP D 367 -27.97 -9.91 40.66
C ASP D 367 -27.07 -9.05 39.79
N ASP D 368 -27.66 -8.18 38.97
CA ASP D 368 -26.88 -7.30 38.11
C ASP D 368 -26.08 -6.30 38.93
N ILE D 369 -24.82 -6.03 38.50
CA ILE D 369 -23.97 -5.09 39.22
C ILE D 369 -23.90 -3.74 38.48
N VAL D 376 -10.27 2.46 38.71
CA VAL D 376 -9.18 3.16 38.03
C VAL D 376 -8.69 4.37 38.86
N GLU D 377 -7.66 4.11 39.68
CA GLU D 377 -7.04 5.07 40.59
C GLU D 377 -5.62 4.56 40.78
N THR D 378 -4.63 5.34 40.35
CA THR D 378 -3.26 4.88 40.29
C THR D 378 -2.28 5.48 41.33
N PHE D 379 -1.17 4.77 41.56
CA PHE D 379 -0.10 5.20 42.44
C PHE D 379 0.57 6.44 41.81
N PRO D 380 0.92 7.43 42.63
CA PRO D 380 1.63 8.60 42.09
C PRO D 380 3.08 8.25 41.68
N ILE D 381 3.61 8.91 40.63
CA ILE D 381 5.00 8.70 40.20
C ILE D 381 5.94 9.15 41.32
N PRO D 382 6.79 8.23 41.82
CA PRO D 382 7.63 8.58 42.96
C PRO D 382 8.95 9.28 42.62
N LYS D 383 9.42 10.10 43.57
CA LYS D 383 10.68 10.83 43.51
C LYS D 383 11.85 9.94 44.03
N ALA D 384 11.54 8.98 44.92
CA ALA D 384 12.51 8.02 45.46
C ALA D 384 11.86 6.60 45.54
N PHE D 385 12.68 5.55 45.78
CA PHE D 385 12.20 4.19 45.90
C PHE D 385 11.21 4.05 47.02
N VAL D 386 9.98 3.58 46.70
CA VAL D 386 8.95 3.39 47.71
C VAL D 386 8.57 1.93 47.87
N GLY D 387 8.76 1.12 46.83
CA GLY D 387 8.47 -0.30 46.90
C GLY D 387 7.01 -0.68 47.01
N ASN D 388 6.11 -0.08 46.19
CA ASN D 388 4.69 -0.42 46.21
C ASN D 388 4.40 -1.84 45.69
N GLN D 389 5.29 -2.41 44.87
CA GLN D 389 5.10 -3.77 44.34
C GLN D 389 5.61 -4.87 45.30
N LEU D 390 6.47 -4.52 46.27
CA LEU D 390 7.05 -5.45 47.26
C LEU D 390 6.06 -6.31 48.02
N PRO D 391 4.88 -5.81 48.49
CA PRO D 391 3.97 -6.68 49.24
C PRO D 391 3.36 -7.80 48.43
N PHE D 392 3.45 -7.73 47.07
CA PHE D 392 2.79 -8.65 46.16
C PHE D 392 3.73 -9.72 45.56
N ILE D 393 5.03 -9.70 45.90
CA ILE D 393 6.00 -10.68 45.44
C ILE D 393 5.67 -12.08 46.01
N GLY D 394 5.42 -13.04 45.14
CA GLY D 394 5.10 -14.40 45.52
C GLY D 394 3.63 -14.74 45.30
N PHE D 395 2.83 -13.79 44.79
CA PHE D 395 1.40 -14.02 44.59
C PHE D 395 1.13 -14.93 43.41
N THR D 396 1.90 -14.80 42.31
CA THR D 396 1.75 -15.63 41.12
C THR D 396 1.83 -17.15 41.43
N TYR D 397 0.81 -17.90 40.95
CA TYR D 397 0.65 -19.34 41.10
C TYR D 397 -0.07 -19.93 39.90
N TYR D 398 0.46 -21.02 39.37
CA TYR D 398 -0.16 -21.72 38.23
C TYR D 398 -0.36 -23.18 38.65
N ARG D 399 -1.62 -23.66 38.66
CA ARG D 399 -1.93 -25.04 39.05
C ARG D 399 -1.26 -26.07 38.13
N GLY E 5 34.79 25.02 -49.91
CA GLY E 5 34.95 24.45 -48.58
C GLY E 5 33.82 24.82 -47.66
N ALA E 6 33.75 26.12 -47.29
CA ALA E 6 32.62 26.66 -46.51
C ALA E 6 31.36 26.82 -47.41
N SER E 7 31.56 26.94 -48.75
CA SER E 7 30.49 27.00 -49.73
C SER E 7 29.78 25.64 -49.78
N ARG E 8 30.53 24.52 -49.62
CA ARG E 8 29.97 23.17 -49.59
C ARG E 8 29.10 23.02 -48.34
N GLN E 9 29.57 23.50 -47.18
CA GLN E 9 28.81 23.46 -45.93
C GLN E 9 27.58 24.37 -45.96
N ARG E 10 27.63 25.47 -46.74
CA ARG E 10 26.51 26.40 -46.88
C ARG E 10 25.45 25.77 -47.78
N LYS E 11 25.87 25.15 -48.90
CA LYS E 11 25.00 24.46 -49.84
C LYS E 11 24.28 23.33 -49.13
N LEU E 12 25.01 22.56 -48.29
CA LEU E 12 24.45 21.44 -47.55
C LEU E 12 23.46 21.90 -46.48
N GLU E 13 23.75 23.01 -45.79
CA GLU E 13 22.85 23.54 -44.76
C GLU E 13 21.55 24.08 -45.36
N ALA E 14 21.63 24.61 -46.60
CA ALA E 14 20.47 25.12 -47.34
C ALA E 14 19.52 23.98 -47.70
N LEU E 15 20.09 22.82 -48.08
CA LEU E 15 19.33 21.63 -48.45
C LEU E 15 18.54 21.11 -47.25
N ILE E 16 19.12 21.14 -46.06
CA ILE E 16 18.45 20.65 -44.86
C ILE E 16 17.39 21.63 -44.34
N ARG E 17 17.54 22.94 -44.60
CA ARG E 17 16.57 23.94 -44.14
C ARG E 17 15.30 23.95 -44.97
N ASP E 18 15.41 23.67 -46.27
CA ASP E 18 14.30 23.63 -47.23
C ASP E 18 13.19 22.65 -46.78
N PRO E 19 11.96 23.16 -46.56
CA PRO E 19 10.86 22.27 -46.13
C PRO E 19 10.39 21.29 -47.22
N ARG E 20 10.69 21.58 -48.48
CA ARG E 20 10.36 20.67 -49.57
C ARG E 20 11.44 19.59 -49.77
N SER E 21 12.61 19.72 -49.11
CA SER E 21 13.78 18.84 -49.27
C SER E 21 13.61 17.43 -48.72
N PRO E 22 14.09 16.43 -49.46
CA PRO E 22 14.05 15.05 -48.94
C PRO E 22 15.01 14.81 -47.77
N ILE E 23 15.93 15.74 -47.51
CA ILE E 23 16.87 15.61 -46.39
C ILE E 23 16.67 16.70 -45.33
N ASN E 24 15.43 17.20 -45.15
CA ASN E 24 15.17 18.14 -44.07
C ASN E 24 15.27 17.39 -42.73
N VAL E 25 15.31 18.08 -41.59
CA VAL E 25 15.48 17.41 -40.30
C VAL E 25 14.35 16.41 -40.03
N GLU E 26 13.11 16.74 -40.41
CA GLU E 26 11.99 15.80 -40.24
C GLU E 26 12.21 14.50 -41.00
N SER E 27 12.70 14.60 -42.25
CA SER E 27 13.00 13.45 -43.13
C SER E 27 14.20 12.60 -42.61
N LEU E 28 15.18 13.28 -41.99
CA LEU E 28 16.34 12.64 -41.39
C LEU E 28 15.96 11.88 -40.13
N LEU E 29 15.02 12.43 -39.33
CA LEU E 29 14.49 11.75 -38.15
C LEU E 29 13.61 10.55 -38.57
N ASP E 30 12.88 10.66 -39.69
CA ASP E 30 12.09 9.55 -40.23
C ASP E 30 13.02 8.41 -40.61
N GLY E 31 14.14 8.70 -41.24
CA GLY E 31 15.13 7.72 -41.63
C GLY E 31 15.66 6.95 -40.44
N LEU E 32 15.97 7.63 -39.33
CA LEU E 32 16.44 6.97 -38.13
C LEU E 32 15.32 6.15 -37.46
N ASN E 33 14.12 6.71 -37.33
CA ASN E 33 12.98 6.01 -36.72
C ASN E 33 12.63 4.74 -37.48
N SER E 34 12.58 4.83 -38.83
CA SER E 34 12.25 3.73 -39.72
C SER E 34 13.29 2.63 -39.66
N LEU E 35 14.57 3.02 -39.59
CA LEU E 35 15.68 2.07 -39.50
C LEU E 35 15.56 1.28 -38.19
N VAL E 36 15.27 1.95 -37.06
CA VAL E 36 15.09 1.30 -35.77
C VAL E 36 13.85 0.36 -35.80
N LEU E 37 12.71 0.83 -36.35
CA LEU E 37 11.48 0.04 -36.46
C LEU E 37 11.69 -1.22 -37.29
N ASP E 38 12.37 -1.11 -38.42
CA ASP E 38 12.63 -2.22 -39.34
C ASP E 38 13.73 -3.19 -38.90
N LEU E 39 14.48 -2.88 -37.86
CA LEU E 39 15.56 -3.72 -37.34
C LEU E 39 15.25 -4.30 -35.95
N ASP E 40 14.35 -3.67 -35.18
CA ASP E 40 14.05 -4.12 -33.82
C ASP E 40 13.14 -5.33 -33.76
N PHE E 41 13.67 -6.47 -34.21
CA PHE E 41 13.03 -7.79 -34.22
C PHE E 41 14.03 -8.82 -33.69
N PRO E 42 13.56 -9.78 -32.89
CA PRO E 42 14.50 -10.77 -32.28
C PRO E 42 15.38 -11.54 -33.27
N ALA E 43 14.83 -11.93 -34.41
CA ALA E 43 15.59 -12.65 -35.42
C ALA E 43 16.73 -11.80 -36.01
N LEU E 44 16.46 -10.51 -36.29
CA LEU E 44 17.44 -9.59 -36.87
C LEU E 44 18.51 -9.20 -35.84
N ARG E 45 18.11 -9.06 -34.58
CA ARG E 45 19.00 -8.74 -33.46
C ARG E 45 20.07 -9.85 -33.20
N LYS E 46 20.00 -11.01 -33.90
CA LYS E 46 21.01 -12.04 -33.77
C LYS E 46 22.34 -11.51 -34.37
N ASN E 47 22.25 -10.65 -35.43
CA ASN E 47 23.35 -9.96 -36.07
C ASN E 47 23.90 -8.94 -35.06
N LYS E 48 25.23 -9.00 -34.76
CA LYS E 48 25.87 -8.11 -33.79
C LYS E 48 25.83 -6.66 -34.24
N ASN E 49 26.04 -6.39 -35.56
CA ASN E 49 25.97 -5.04 -36.12
C ASN E 49 24.62 -4.38 -35.79
N ILE E 50 23.51 -5.10 -36.02
CA ILE E 50 22.14 -4.65 -35.77
C ILE E 50 21.86 -4.51 -34.27
N ASP E 51 22.23 -5.52 -33.48
CA ASP E 51 21.99 -5.49 -32.04
C ASP E 51 22.75 -4.37 -31.34
N ASN E 52 24.02 -4.16 -31.67
CA ASN E 52 24.80 -3.10 -31.05
C ASN E 52 24.30 -1.71 -31.44
N PHE E 53 23.91 -1.50 -32.71
CA PHE E 53 23.35 -0.23 -33.17
C PHE E 53 22.07 0.11 -32.40
N LEU E 54 21.16 -0.87 -32.26
CA LEU E 54 19.92 -0.65 -31.51
C LEU E 54 20.18 -0.35 -30.04
N ASN E 55 21.21 -0.96 -29.43
CA ASN E 55 21.58 -0.68 -28.04
C ASN E 55 22.12 0.75 -27.87
N ARG E 56 22.92 1.25 -28.84
CA ARG E 56 23.45 2.62 -28.85
C ARG E 56 22.35 3.67 -29.01
N TYR E 57 21.39 3.43 -29.92
CA TYR E 57 20.33 4.39 -30.18
C TYR E 57 19.07 4.20 -29.36
N GLU E 58 19.05 3.25 -28.41
CA GLU E 58 17.87 2.96 -27.60
C GLU E 58 17.34 4.16 -26.80
N LYS E 59 18.19 4.75 -25.95
CA LYS E 59 17.77 5.87 -25.10
C LYS E 59 17.34 7.12 -25.90
N ILE E 60 18.11 7.50 -26.93
CA ILE E 60 17.79 8.67 -27.73
C ILE E 60 16.50 8.47 -28.57
N VAL E 61 16.26 7.25 -29.09
CA VAL E 61 15.08 6.97 -29.91
C VAL E 61 13.81 6.96 -29.04
N LYS E 62 13.91 6.55 -27.77
CA LYS E 62 12.77 6.58 -26.85
C LYS E 62 12.46 8.05 -26.50
N LYS E 63 13.50 8.86 -26.30
CA LYS E 63 13.38 10.28 -25.97
C LYS E 63 12.68 11.05 -27.11
N ILE E 64 13.10 10.85 -28.38
CA ILE E 64 12.49 11.57 -29.50
C ILE E 64 11.08 11.05 -29.80
N ARG E 65 10.81 9.78 -29.53
CA ARG E 65 9.46 9.25 -29.71
C ARG E 65 8.45 9.96 -28.80
N GLY E 66 8.89 10.34 -27.59
CA GLY E 66 8.05 11.06 -26.64
C GLY E 66 7.90 12.52 -26.96
N LEU E 67 8.90 13.12 -27.59
CA LEU E 67 8.86 14.53 -27.94
C LEU E 67 8.12 14.78 -29.25
N GLN E 68 8.22 13.88 -30.22
CA GLN E 68 7.61 14.06 -31.53
C GLN E 68 6.11 13.92 -31.52
N MET E 69 5.43 14.58 -32.48
CA MET E 69 3.98 14.53 -32.58
C MET E 69 3.50 13.09 -32.78
N LYS E 70 2.50 12.71 -32.02
CA LYS E 70 1.94 11.36 -32.08
C LYS E 70 0.42 11.38 -31.93
N ALA E 71 -0.24 10.28 -32.32
CA ALA E 71 -1.70 10.18 -32.26
C ALA E 71 -2.26 10.42 -30.86
N GLU E 72 -1.46 10.14 -29.81
CA GLU E 72 -1.87 10.33 -28.42
C GLU E 72 -1.95 11.81 -28.02
N ASP E 73 -1.42 12.72 -28.84
CA ASP E 73 -1.55 14.16 -28.58
C ASP E 73 -2.97 14.69 -28.91
N TYR E 74 -3.81 13.86 -29.56
CA TYR E 74 -5.15 14.24 -29.98
C TYR E 74 -6.21 13.39 -29.32
N ASP E 75 -7.36 13.98 -29.07
CA ASP E 75 -8.52 13.28 -28.54
C ASP E 75 -9.41 13.02 -29.72
N VAL E 76 -9.80 11.77 -29.99
CA VAL E 76 -10.70 11.48 -31.11
C VAL E 76 -12.11 11.76 -30.68
N VAL E 77 -12.79 12.64 -31.40
CA VAL E 77 -14.16 13.01 -31.09
C VAL E 77 -15.13 12.12 -31.84
N LYS E 78 -14.93 11.93 -33.16
CA LYS E 78 -15.88 11.16 -33.98
C LYS E 78 -15.25 10.82 -35.32
N VAL E 79 -15.71 9.74 -35.98
CA VAL E 79 -15.23 9.42 -37.33
C VAL E 79 -16.16 10.12 -38.30
N ILE E 80 -15.65 11.06 -39.10
CA ILE E 80 -16.46 11.82 -40.04
C ILE E 80 -16.30 11.40 -41.50
N GLY E 81 -15.39 10.48 -41.79
CA GLY E 81 -15.19 10.01 -43.15
C GLY E 81 -14.50 8.67 -43.21
N ARG E 82 -14.62 8.02 -44.37
CA ARG E 82 -14.01 6.73 -44.62
C ARG E 82 -13.52 6.59 -46.03
N GLY E 83 -12.48 5.78 -46.20
CA GLY E 83 -11.96 5.49 -47.52
C GLY E 83 -11.21 4.19 -47.54
N ALA E 84 -10.72 3.83 -48.72
CA ALA E 84 -10.00 2.61 -49.01
C ALA E 84 -8.94 2.22 -48.01
N PHE E 85 -8.09 3.20 -47.55
CA PHE E 85 -6.99 2.84 -46.66
C PHE E 85 -7.05 3.43 -45.28
N GLY E 86 -8.19 3.98 -44.88
CA GLY E 86 -8.31 4.58 -43.56
C GLY E 86 -9.57 5.36 -43.36
N GLU E 87 -9.51 6.30 -42.44
CA GLU E 87 -10.64 7.13 -42.09
C GLU E 87 -10.19 8.58 -41.77
N VAL E 88 -11.18 9.47 -41.59
CA VAL E 88 -10.95 10.86 -41.22
C VAL E 88 -11.67 11.04 -39.91
N GLN E 89 -10.96 11.47 -38.90
CA GLN E 89 -11.51 11.66 -37.58
C GLN E 89 -11.57 13.14 -37.26
N LEU E 90 -12.59 13.55 -36.52
CA LEU E 90 -12.67 14.91 -35.99
C LEU E 90 -11.92 14.77 -34.66
N VAL E 91 -10.82 15.50 -34.48
CA VAL E 91 -9.99 15.40 -33.28
C VAL E 91 -9.79 16.77 -32.60
N ARG E 92 -9.35 16.77 -31.34
CA ARG E 92 -8.99 18.00 -30.63
C ARG E 92 -7.57 17.82 -30.12
N HIS E 93 -6.66 18.75 -30.41
CA HIS E 93 -5.30 18.65 -29.91
C HIS E 93 -5.33 18.88 -28.39
N LYS E 94 -4.83 17.92 -27.60
CA LYS E 94 -4.87 17.99 -26.14
C LYS E 94 -4.21 19.23 -25.52
N ALA E 95 -3.06 19.66 -26.03
CA ALA E 95 -2.37 20.82 -25.47
C ALA E 95 -2.96 22.17 -25.89
N SER E 96 -3.20 22.38 -27.19
CA SER E 96 -3.73 23.64 -27.69
C SER E 96 -5.23 23.79 -27.58
N GLN E 97 -5.96 22.66 -27.46
CA GLN E 97 -7.43 22.58 -27.43
C GLN E 97 -8.09 22.93 -28.78
N LYS E 98 -7.29 23.00 -29.86
CA LYS E 98 -7.76 23.34 -31.19
C LYS E 98 -8.31 22.11 -31.91
N VAL E 99 -9.38 22.30 -32.68
CA VAL E 99 -10.07 21.22 -33.39
C VAL E 99 -9.57 21.08 -34.83
N TYR E 100 -9.34 19.85 -35.29
CA TYR E 100 -8.86 19.58 -36.63
C TYR E 100 -9.55 18.33 -37.20
N ALA E 101 -9.35 18.06 -38.51
CA ALA E 101 -9.78 16.83 -39.14
C ALA E 101 -8.47 16.05 -39.39
N MET E 102 -8.40 14.78 -38.98
CA MET E 102 -7.20 13.99 -39.13
C MET E 102 -7.44 12.78 -40.00
N LYS E 103 -6.78 12.71 -41.15
CA LYS E 103 -6.89 11.60 -42.07
C LYS E 103 -5.79 10.55 -41.72
N LEU E 104 -6.19 9.27 -41.57
CA LEU E 104 -5.29 8.16 -41.24
C LEU E 104 -5.16 7.23 -42.44
N LEU E 105 -3.95 6.71 -42.70
CA LEU E 105 -3.70 5.84 -43.82
C LEU E 105 -2.92 4.64 -43.29
N SER E 106 -3.45 3.44 -43.47
CA SER E 106 -2.83 2.21 -43.01
C SER E 106 -1.63 1.85 -43.89
N LYS E 107 -0.43 1.78 -43.29
CA LYS E 107 0.79 1.40 -43.99
C LYS E 107 0.67 -0.03 -44.52
N PHE E 108 0.12 -0.93 -43.71
CA PHE E 108 -0.11 -2.31 -44.10
C PHE E 108 -1.01 -2.43 -45.35
N GLU E 109 -2.18 -1.77 -45.35
CA GLU E 109 -3.09 -1.84 -46.50
C GLU E 109 -2.51 -1.22 -47.75
N MET E 110 -1.78 -0.11 -47.60
CA MET E 110 -1.16 0.57 -48.73
C MET E 110 -0.07 -0.31 -49.36
N ILE E 111 0.69 -1.06 -48.54
CA ILE E 111 1.73 -1.94 -49.07
C ILE E 111 1.09 -3.17 -49.69
N LYS E 112 0.18 -3.84 -48.97
CA LYS E 112 -0.54 -5.01 -49.45
C LYS E 112 -1.24 -4.76 -50.79
N ARG E 113 -1.99 -3.65 -50.87
CA ARG E 113 -2.71 -3.34 -52.09
C ARG E 113 -1.92 -2.48 -53.07
N SER E 114 -0.56 -2.62 -53.04
CA SER E 114 0.45 -1.95 -53.87
C SER E 114 0.10 -0.52 -54.30
N ASP E 115 -0.44 0.27 -53.37
CA ASP E 115 -0.81 1.66 -53.62
C ASP E 115 -0.14 2.51 -52.52
N SER E 116 1.21 2.69 -52.59
CA SER E 116 1.93 3.42 -51.53
C SER E 116 2.73 4.65 -52.02
N ALA E 117 2.18 5.42 -52.97
CA ALA E 117 2.85 6.61 -53.46
C ALA E 117 1.91 7.81 -53.67
N PHE E 118 0.57 7.57 -53.65
CA PHE E 118 -0.47 8.59 -53.86
C PHE E 118 -0.46 9.71 -52.83
N PHE E 119 -0.02 9.43 -51.59
CA PHE E 119 -0.05 10.38 -50.47
C PHE E 119 0.99 11.51 -50.57
N TRP E 120 2.02 11.36 -51.43
CA TRP E 120 3.03 12.40 -51.57
C TRP E 120 2.42 13.64 -52.18
N GLU E 121 1.70 13.51 -53.33
CA GLU E 121 1.03 14.66 -53.92
C GLU E 121 -0.10 15.16 -53.04
N GLU E 122 -0.82 14.27 -52.34
CA GLU E 122 -1.92 14.67 -51.48
C GLU E 122 -1.41 15.54 -50.34
N ARG E 123 -0.33 15.11 -49.68
CA ARG E 123 0.27 15.87 -48.59
C ARG E 123 0.83 17.21 -49.11
N ASP E 124 1.55 17.19 -50.24
CA ASP E 124 2.13 18.39 -50.84
C ASP E 124 1.11 19.41 -51.29
N ILE E 125 -0.01 18.99 -51.90
CA ILE E 125 -1.09 19.90 -52.35
C ILE E 125 -1.66 20.64 -51.13
N MET E 126 -1.95 19.92 -50.05
CA MET E 126 -2.50 20.49 -48.84
C MET E 126 -1.50 21.33 -48.04
N ALA E 127 -0.23 20.93 -48.03
CA ALA E 127 0.79 21.69 -47.29
C ALA E 127 1.22 22.97 -48.02
N PHE E 128 1.37 22.91 -49.35
CA PHE E 128 1.98 24.01 -50.09
C PHE E 128 1.15 24.69 -51.20
N ALA E 129 -0.16 24.44 -51.30
CA ALA E 129 -0.98 25.10 -52.33
C ALA E 129 -1.11 26.61 -52.08
N ASN E 130 -1.26 27.02 -50.79
CA ASN E 130 -1.49 28.43 -50.41
C ASN E 130 -2.68 29.02 -51.19
N SER E 131 -3.77 28.24 -51.16
CA SER E 131 -4.97 28.59 -51.88
C SER E 131 -6.14 28.47 -50.97
N PRO E 132 -7.05 29.44 -51.00
CA PRO E 132 -8.27 29.31 -50.19
C PRO E 132 -9.20 28.20 -50.72
N TRP E 133 -8.92 27.63 -51.89
CA TRP E 133 -9.72 26.56 -52.47
C TRP E 133 -9.26 25.14 -52.09
N VAL E 134 -8.17 25.01 -51.36
CA VAL E 134 -7.59 23.72 -50.98
C VAL E 134 -7.55 23.62 -49.47
N VAL E 135 -8.02 22.48 -48.90
CA VAL E 135 -7.96 22.25 -47.46
C VAL E 135 -6.47 22.29 -47.01
N GLN E 136 -6.19 23.09 -46.00
CA GLN E 136 -4.84 23.27 -45.49
C GLN E 136 -4.43 22.15 -44.54
N LEU E 137 -3.18 21.67 -44.70
CA LEU E 137 -2.60 20.67 -43.83
C LEU E 137 -1.62 21.40 -42.89
N PHE E 138 -1.75 21.17 -41.58
CA PHE E 138 -0.86 21.78 -40.60
C PHE E 138 0.26 20.83 -40.25
N TYR E 139 -0.06 19.56 -40.03
CA TYR E 139 0.93 18.56 -39.66
C TYR E 139 0.73 17.27 -40.44
N ALA E 140 1.84 16.59 -40.68
CA ALA E 140 1.87 15.29 -41.29
C ALA E 140 2.87 14.52 -40.41
N PHE E 141 2.43 13.44 -39.81
CA PHE E 141 3.27 12.62 -38.96
C PHE E 141 2.95 11.13 -39.21
N GLN E 142 3.65 10.23 -38.51
CA GLN E 142 3.46 8.81 -38.69
C GLN E 142 3.89 8.03 -37.48
N ASP E 143 3.39 6.81 -37.36
CA ASP E 143 3.82 5.82 -36.37
C ASP E 143 4.10 4.49 -37.13
N ASP E 144 4.29 3.35 -36.42
CA ASP E 144 4.56 2.08 -37.10
C ASP E 144 3.39 1.58 -37.96
N ARG E 145 2.16 1.94 -37.62
CA ARG E 145 0.99 1.46 -38.37
C ARG E 145 0.36 2.47 -39.34
N TYR E 146 0.39 3.77 -39.02
CA TYR E 146 -0.29 4.77 -39.84
C TYR E 146 0.49 5.99 -40.21
N LEU E 147 0.02 6.67 -41.29
CA LEU E 147 0.38 8.00 -41.73
C LEU E 147 -0.80 8.88 -41.24
N TYR E 148 -0.52 10.06 -40.71
CA TYR E 148 -1.57 10.96 -40.25
C TYR E 148 -1.46 12.31 -40.96
N MET E 149 -2.58 12.91 -41.31
CA MET E 149 -2.61 14.23 -41.91
C MET E 149 -3.60 15.10 -41.15
N VAL E 150 -3.09 16.08 -40.38
CA VAL E 150 -3.88 17.00 -39.57
C VAL E 150 -4.23 18.20 -40.42
N MET E 151 -5.51 18.36 -40.74
CA MET E 151 -6.00 19.40 -41.64
C MET E 151 -6.99 20.33 -40.96
N GLU E 152 -7.31 21.47 -41.62
CA GLU E 152 -8.35 22.35 -41.07
C GLU E 152 -9.70 21.64 -41.23
N TYR E 153 -10.52 21.66 -40.19
CA TYR E 153 -11.83 21.02 -40.18
C TYR E 153 -12.81 21.93 -40.96
N MET E 154 -13.61 21.35 -41.90
CA MET E 154 -14.61 22.03 -42.72
C MET E 154 -15.97 21.65 -42.18
N PRO E 155 -16.54 22.43 -41.26
CA PRO E 155 -17.79 22.01 -40.58
C PRO E 155 -19.08 22.07 -41.39
N GLY E 156 -19.05 22.68 -42.55
CA GLY E 156 -20.21 22.79 -43.41
C GLY E 156 -20.59 21.53 -44.16
N GLY E 157 -19.73 20.52 -44.13
CA GLY E 157 -19.99 19.25 -44.80
C GLY E 157 -19.75 19.31 -46.29
N ASP E 158 -20.13 18.25 -47.01
CA ASP E 158 -19.89 18.21 -48.45
C ASP E 158 -21.13 18.63 -49.26
N LEU E 159 -20.96 18.71 -50.60
CA LEU E 159 -22.05 19.13 -51.47
C LEU E 159 -23.08 18.02 -51.71
N VAL E 160 -22.78 16.77 -51.36
CA VAL E 160 -23.76 15.68 -51.41
C VAL E 160 -24.83 15.97 -50.33
N ASN E 161 -24.37 16.30 -49.11
CA ASN E 161 -25.18 16.64 -47.97
C ASN E 161 -26.01 17.90 -48.23
N LEU E 162 -25.43 18.90 -48.90
CA LEU E 162 -26.15 20.12 -49.22
C LEU E 162 -27.31 19.82 -50.17
N MET E 163 -27.05 19.03 -51.21
CA MET E 163 -28.05 18.68 -52.20
C MET E 163 -29.20 17.86 -51.66
N SER E 164 -28.94 17.02 -50.64
CA SER E 164 -30.01 16.22 -50.07
C SER E 164 -30.87 16.99 -49.06
N ASN E 165 -30.37 18.10 -48.49
CA ASN E 165 -31.15 18.90 -47.54
C ASN E 165 -31.80 20.13 -48.16
N TYR E 166 -31.45 20.48 -49.40
CA TYR E 166 -31.99 21.66 -50.06
C TYR E 166 -32.33 21.38 -51.50
N ASP E 167 -33.34 22.08 -51.99
CA ASP E 167 -33.73 22.08 -53.39
C ASP E 167 -32.88 23.24 -53.85
N VAL E 168 -31.84 22.96 -54.65
CA VAL E 168 -30.91 24.01 -55.04
C VAL E 168 -31.43 24.92 -56.14
N PRO E 169 -31.65 26.21 -55.84
CA PRO E 169 -32.03 27.16 -56.90
C PRO E 169 -30.84 27.49 -57.79
N GLU E 170 -31.12 27.91 -59.02
CA GLU E 170 -30.09 28.24 -60.01
C GLU E 170 -29.10 29.31 -59.56
N LYS E 171 -29.53 30.24 -58.70
CA LYS E 171 -28.65 31.30 -58.18
C LYS E 171 -27.54 30.67 -57.28
N TRP E 172 -27.91 29.63 -56.52
CA TRP E 172 -26.99 28.91 -55.66
C TRP E 172 -26.07 28.05 -56.52
N ALA E 173 -26.62 27.32 -57.48
CA ALA E 173 -25.88 26.46 -58.40
C ALA E 173 -24.80 27.25 -59.14
N LYS E 174 -25.11 28.49 -59.50
CA LYS E 174 -24.20 29.40 -60.20
C LYS E 174 -23.01 29.71 -59.31
N PHE E 175 -23.26 30.00 -58.02
CA PHE E 175 -22.23 30.29 -57.04
C PHE E 175 -21.31 29.09 -56.81
N TYR E 176 -21.89 27.89 -56.55
CA TYR E 176 -21.10 26.69 -56.28
C TYR E 176 -20.31 26.21 -57.49
N THR E 177 -20.86 26.37 -58.69
CA THR E 177 -20.17 25.98 -59.92
C THR E 177 -18.99 26.90 -60.14
N ALA E 178 -19.18 28.20 -59.93
CA ALA E 178 -18.10 29.17 -60.12
C ALA E 178 -16.97 28.91 -59.16
N GLU E 179 -17.28 28.56 -57.92
CA GLU E 179 -16.26 28.21 -56.93
C GLU E 179 -15.54 26.95 -57.34
N VAL E 180 -16.26 25.95 -57.87
CA VAL E 180 -15.64 24.70 -58.38
C VAL E 180 -14.70 25.01 -59.51
N VAL E 181 -15.11 25.85 -60.46
CA VAL E 181 -14.27 26.31 -61.56
C VAL E 181 -12.98 26.95 -61.06
N LEU E 182 -13.07 27.80 -60.03
CA LEU E 182 -11.89 28.45 -59.47
C LEU E 182 -10.98 27.49 -58.76
N ALA E 183 -11.57 26.52 -58.07
CA ALA E 183 -10.84 25.50 -57.35
C ALA E 183 -10.10 24.61 -58.33
N LEU E 184 -10.74 24.17 -59.43
CA LEU E 184 -10.08 23.33 -60.45
C LEU E 184 -8.99 24.09 -61.18
N ASP E 185 -9.22 25.39 -61.41
CA ASP E 185 -8.25 26.27 -62.02
C ASP E 185 -6.95 26.31 -61.16
N ALA E 186 -7.10 26.35 -59.84
CA ALA E 186 -5.96 26.35 -58.94
C ALA E 186 -5.17 25.02 -58.99
N ILE E 187 -5.87 23.88 -59.03
CA ILE E 187 -5.24 22.58 -59.13
C ILE E 187 -4.52 22.44 -60.49
N HIS E 188 -5.19 22.78 -61.59
CA HIS E 188 -4.60 22.71 -62.93
C HIS E 188 -3.35 23.62 -63.03
N SER E 189 -3.38 24.82 -62.36
CA SER E 189 -2.26 25.76 -62.31
C SER E 189 -1.05 25.19 -61.62
N MET E 190 -1.26 24.28 -60.66
CA MET E 190 -0.14 23.60 -60.00
C MET E 190 0.40 22.41 -60.85
N GLY E 191 -0.06 22.25 -62.10
CA GLY E 191 0.35 21.16 -62.99
C GLY E 191 -0.30 19.82 -62.67
N LEU E 192 -1.53 19.84 -62.13
CA LEU E 192 -2.22 18.61 -61.76
C LEU E 192 -3.58 18.46 -62.43
N ILE E 193 -4.00 17.18 -62.65
CA ILE E 193 -5.34 16.76 -63.12
C ILE E 193 -5.97 16.03 -61.90
N HIS E 194 -7.10 16.53 -61.33
CA HIS E 194 -7.77 15.95 -60.16
C HIS E 194 -8.14 14.47 -60.38
N ARG E 195 -8.86 14.19 -61.50
CA ARG E 195 -9.34 12.86 -61.91
C ARG E 195 -10.52 12.30 -61.09
N ASP E 196 -11.00 13.00 -60.05
CA ASP E 196 -12.11 12.52 -59.24
C ASP E 196 -12.97 13.67 -58.73
N VAL E 197 -13.31 14.59 -59.63
CA VAL E 197 -14.15 15.71 -59.27
C VAL E 197 -15.58 15.21 -59.05
N LYS E 198 -16.08 15.33 -57.82
CA LYS E 198 -17.42 14.89 -57.46
C LYS E 198 -17.83 15.63 -56.19
N PRO E 199 -19.15 15.82 -55.96
CA PRO E 199 -19.58 16.61 -54.79
C PRO E 199 -19.19 16.04 -53.43
N ASP E 200 -18.80 14.78 -53.36
CA ASP E 200 -18.34 14.14 -52.13
C ASP E 200 -17.00 14.76 -51.64
N ASN E 201 -16.17 15.22 -52.59
CA ASN E 201 -14.86 15.85 -52.40
C ASN E 201 -14.89 17.39 -52.38
N MET E 202 -16.08 17.99 -52.40
CA MET E 202 -16.26 19.43 -52.36
C MET E 202 -16.79 19.73 -50.96
N LEU E 203 -15.97 20.33 -50.08
CA LEU E 203 -16.36 20.65 -48.71
C LEU E 203 -16.64 22.11 -48.51
N LEU E 204 -17.46 22.44 -47.52
CA LEU E 204 -17.83 23.82 -47.20
C LEU E 204 -17.25 24.19 -45.84
N ASP E 205 -16.64 25.36 -45.75
CA ASP E 205 -15.98 25.81 -44.52
C ASP E 205 -16.99 26.42 -43.54
N LYS E 206 -16.50 27.03 -42.43
CA LYS E 206 -17.36 27.66 -41.43
C LYS E 206 -18.23 28.78 -41.99
N HIS E 207 -17.86 29.34 -43.16
CA HIS E 207 -18.60 30.44 -43.80
C HIS E 207 -19.46 30.03 -45.00
N GLY E 208 -19.43 28.76 -45.39
CA GLY E 208 -20.20 28.26 -46.53
C GLY E 208 -19.45 28.27 -47.85
N HIS E 209 -18.14 28.54 -47.82
CA HIS E 209 -17.33 28.59 -49.04
C HIS E 209 -16.61 27.29 -49.29
N LEU E 210 -16.42 26.97 -50.55
CA LEU E 210 -15.85 25.70 -50.97
C LEU E 210 -14.33 25.55 -50.85
N LYS E 211 -13.89 24.34 -50.55
CA LYS E 211 -12.52 23.85 -50.56
C LYS E 211 -12.57 22.41 -51.06
N LEU E 212 -11.60 22.03 -51.87
CA LEU E 212 -11.50 20.69 -52.36
C LEU E 212 -10.71 19.87 -51.33
N ALA E 213 -11.03 18.56 -51.28
CA ALA E 213 -10.40 17.59 -50.41
C ALA E 213 -10.26 16.25 -51.18
N ASP E 214 -9.50 15.31 -50.61
CA ASP E 214 -9.18 14.02 -51.22
C ASP E 214 -8.42 14.25 -52.50
N PHE E 215 -7.13 14.37 -52.37
CA PHE E 215 -6.26 14.54 -53.52
C PHE E 215 -5.49 13.22 -53.83
N GLY E 216 -6.05 12.08 -53.41
CA GLY E 216 -5.48 10.75 -53.59
C GLY E 216 -5.41 10.31 -55.04
N THR E 217 -6.21 10.96 -55.94
CA THR E 217 -6.18 10.65 -57.36
C THR E 217 -5.44 11.70 -58.20
N CYS E 218 -5.03 12.83 -57.60
CA CYS E 218 -4.30 13.86 -58.34
C CYS E 218 -2.98 13.34 -58.92
N MET E 219 -2.71 13.71 -60.16
CA MET E 219 -1.49 13.30 -60.84
C MET E 219 -0.91 14.51 -61.54
N LYS E 220 0.44 14.60 -61.52
CA LYS E 220 1.16 15.65 -62.19
C LYS E 220 1.09 15.37 -63.71
N MET E 221 0.82 16.38 -64.54
CA MET E 221 0.77 16.21 -65.99
C MET E 221 2.17 16.04 -66.60
N ASP E 222 2.27 15.35 -67.74
CA ASP E 222 3.57 15.23 -68.42
C ASP E 222 3.77 16.44 -69.34
N GLU E 223 4.81 16.43 -70.18
CA GLU E 223 5.11 17.52 -71.09
C GLU E 223 3.95 17.80 -72.06
N THR E 224 3.19 16.76 -72.41
CA THR E 224 2.03 16.88 -73.30
C THR E 224 0.74 17.39 -72.62
N GLY E 225 0.74 17.47 -71.30
CA GLY E 225 -0.44 17.88 -70.55
C GLY E 225 -1.37 16.72 -70.24
N MET E 226 -0.90 15.47 -70.44
CA MET E 226 -1.66 14.24 -70.25
C MET E 226 -1.17 13.51 -69.01
N VAL E 227 -2.00 12.60 -68.54
CA VAL E 227 -1.68 11.73 -67.43
C VAL E 227 -1.98 10.32 -67.95
N HIS E 228 -0.97 9.44 -67.90
CA HIS E 228 -1.07 8.05 -68.37
C HIS E 228 -1.15 7.13 -67.15
N CYS E 229 -2.38 6.77 -66.72
CA CYS E 229 -2.62 5.94 -65.55
C CYS E 229 -4.03 5.25 -65.56
N ASP E 230 -4.27 4.32 -64.60
CA ASP E 230 -5.50 3.51 -64.45
C ASP E 230 -6.54 4.10 -63.49
N THR E 235 -17.35 5.42 -58.03
CA THR E 235 -18.08 6.59 -58.52
C THR E 235 -17.94 6.78 -60.02
N PRO E 236 -18.63 5.94 -60.80
CA PRO E 236 -18.61 6.11 -62.25
C PRO E 236 -19.55 7.23 -62.74
N ASP E 237 -20.51 7.69 -61.89
CA ASP E 237 -21.47 8.73 -62.25
C ASP E 237 -20.87 10.02 -62.82
N TYR E 238 -19.63 10.31 -62.43
CA TYR E 238 -18.91 11.52 -62.78
C TYR E 238 -17.77 11.33 -63.77
N ILE E 239 -17.42 10.08 -64.12
CA ILE E 239 -16.31 9.83 -65.04
C ILE E 239 -16.70 10.11 -66.51
N SER E 240 -15.75 10.68 -67.28
CA SER E 240 -15.92 11.10 -68.67
C SER E 240 -15.72 9.96 -69.67
N PRO E 241 -16.32 10.05 -70.87
CA PRO E 241 -16.15 8.99 -71.86
C PRO E 241 -14.72 8.65 -72.20
N GLU E 242 -13.82 9.64 -72.35
CA GLU E 242 -12.42 9.35 -72.70
C GLU E 242 -11.69 8.61 -71.61
N VAL E 243 -11.96 8.92 -70.33
CA VAL E 243 -11.34 8.22 -69.21
C VAL E 243 -11.85 6.78 -69.18
N LEU E 244 -13.17 6.60 -69.37
CA LEU E 244 -13.77 5.27 -69.40
C LEU E 244 -13.20 4.40 -70.53
N LYS E 245 -13.17 4.93 -71.77
CA LYS E 245 -12.67 4.23 -72.95
C LYS E 245 -11.17 3.98 -72.90
N SER E 246 -10.42 4.84 -72.20
CA SER E 246 -8.98 4.67 -72.06
C SER E 246 -8.62 3.65 -70.99
N GLN E 247 -9.53 3.41 -69.99
CA GLN E 247 -9.30 2.44 -68.90
C GLN E 247 -9.04 0.99 -69.42
N GLY E 248 -9.42 0.71 -70.66
CA GLY E 248 -9.18 -0.56 -71.30
C GLY E 248 -8.22 -0.43 -72.48
N GLY E 249 -7.08 0.18 -72.22
CA GLY E 249 -6.03 0.42 -73.20
C GLY E 249 -4.98 1.32 -72.58
N ASP E 250 -4.46 2.27 -73.36
CA ASP E 250 -3.48 3.23 -72.83
C ASP E 250 -4.30 4.42 -72.32
N GLY E 251 -4.41 4.51 -71.00
CA GLY E 251 -5.21 5.53 -70.31
C GLY E 251 -4.61 6.92 -70.31
N PHE E 252 -4.45 7.54 -71.50
CA PHE E 252 -3.87 8.88 -71.69
C PHE E 252 -4.91 9.97 -71.91
N TYR E 253 -5.25 10.71 -70.83
CA TYR E 253 -6.24 11.80 -70.80
C TYR E 253 -5.69 13.11 -70.23
N GLY E 254 -6.34 14.22 -70.58
CA GLY E 254 -5.95 15.55 -70.16
C GLY E 254 -6.83 16.16 -69.10
N ARG E 255 -6.69 17.47 -68.87
CA ARG E 255 -7.48 18.14 -67.83
C ARG E 255 -8.93 18.40 -68.19
N GLU E 256 -9.32 18.13 -69.46
CA GLU E 256 -10.70 18.27 -69.94
C GLU E 256 -11.64 17.32 -69.20
N CYS E 257 -11.11 16.20 -68.64
CA CYS E 257 -11.91 15.25 -67.87
C CYS E 257 -12.46 15.86 -66.56
N ASP E 258 -11.77 16.83 -66.02
CA ASP E 258 -12.18 17.57 -64.85
C ASP E 258 -13.31 18.55 -65.21
N TRP E 259 -13.32 19.11 -66.43
CA TRP E 259 -14.40 20.00 -66.87
C TRP E 259 -15.69 19.24 -67.22
N TRP E 260 -15.57 17.97 -67.63
CA TRP E 260 -16.74 17.10 -67.83
C TRP E 260 -17.48 16.94 -66.49
N SER E 261 -16.72 16.63 -65.42
CA SER E 261 -17.23 16.42 -64.06
C SER E 261 -18.00 17.62 -63.52
N VAL E 262 -17.63 18.84 -63.99
CA VAL E 262 -18.27 20.09 -63.61
C VAL E 262 -19.67 20.20 -64.27
N GLY E 263 -19.79 19.74 -65.52
CA GLY E 263 -21.06 19.65 -66.22
C GLY E 263 -22.04 18.65 -65.60
N VAL E 264 -21.51 17.52 -65.12
CA VAL E 264 -22.31 16.52 -64.43
C VAL E 264 -22.81 17.09 -63.09
N PHE E 265 -21.92 17.82 -62.39
CA PHE E 265 -22.23 18.44 -61.10
C PHE E 265 -23.30 19.54 -61.24
N LEU E 266 -23.18 20.38 -62.26
CA LEU E 266 -24.16 21.44 -62.50
C LEU E 266 -25.53 20.85 -62.84
N TYR E 267 -25.54 19.75 -63.62
CA TYR E 267 -26.76 19.04 -63.95
C TYR E 267 -27.38 18.46 -62.67
N GLU E 268 -26.59 17.75 -61.83
CA GLU E 268 -27.13 17.16 -60.62
C GLU E 268 -27.71 18.20 -59.67
N MET E 269 -27.11 19.38 -59.62
CA MET E 269 -27.57 20.45 -58.76
C MET E 269 -28.91 21.02 -59.18
N LEU E 270 -29.09 21.22 -60.50
CA LEU E 270 -30.30 21.82 -61.01
C LEU E 270 -31.46 20.83 -61.23
N VAL E 271 -31.14 19.59 -61.60
CA VAL E 271 -32.15 18.59 -61.90
C VAL E 271 -32.52 17.73 -60.69
N GLY E 272 -31.54 17.45 -59.84
CA GLY E 272 -31.78 16.63 -58.65
C GLY E 272 -31.30 15.20 -58.79
N ASP E 273 -30.90 14.81 -60.02
CA ASP E 273 -30.39 13.47 -60.36
C ASP E 273 -29.16 13.65 -61.27
N THR E 274 -28.28 12.64 -61.32
CA THR E 274 -27.12 12.73 -62.21
C THR E 274 -27.59 12.52 -63.66
N PRO E 275 -26.90 13.10 -64.67
CA PRO E 275 -27.36 12.96 -66.07
C PRO E 275 -27.33 11.54 -66.65
N PHE E 276 -26.44 10.69 -66.16
CA PHE E 276 -26.30 9.33 -66.68
C PHE E 276 -26.60 8.28 -65.61
N TYR E 277 -27.48 8.62 -64.66
CA TYR E 277 -27.92 7.68 -63.66
C TYR E 277 -28.61 6.46 -64.29
N ALA E 278 -28.29 5.28 -63.73
CA ALA E 278 -28.83 3.98 -64.07
C ALA E 278 -28.72 3.07 -62.86
N ASP E 279 -29.57 2.04 -62.79
CA ASP E 279 -29.61 1.12 -61.65
C ASP E 279 -28.27 0.42 -61.39
N SER E 280 -27.53 0.06 -62.45
CA SER E 280 -26.25 -0.64 -62.30
C SER E 280 -25.05 0.22 -62.74
N LEU E 281 -23.81 -0.17 -62.33
CA LEU E 281 -22.60 0.54 -62.75
C LEU E 281 -22.44 0.43 -64.27
N VAL E 282 -22.71 -0.73 -64.84
CA VAL E 282 -22.59 -1.00 -66.29
C VAL E 282 -23.60 -0.14 -67.11
N GLY E 283 -24.79 0.04 -66.55
CA GLY E 283 -25.81 0.88 -67.15
C GLY E 283 -25.39 2.32 -67.24
N THR E 284 -24.76 2.86 -66.15
CA THR E 284 -24.23 4.21 -66.06
C THR E 284 -23.09 4.37 -67.10
N TYR E 285 -22.17 3.41 -67.12
CA TYR E 285 -21.07 3.43 -68.07
C TYR E 285 -21.58 3.48 -69.54
N SER E 286 -22.64 2.69 -69.86
CA SER E 286 -23.26 2.64 -71.20
C SER E 286 -23.96 3.95 -71.57
N LYS E 287 -24.55 4.62 -70.57
CA LYS E 287 -25.19 5.92 -70.74
C LYS E 287 -24.16 7.01 -70.99
N ILE E 288 -23.01 7.00 -70.29
CA ILE E 288 -21.94 7.96 -70.50
C ILE E 288 -21.39 7.80 -71.90
N MET E 289 -21.09 6.56 -72.33
CA MET E 289 -20.56 6.34 -73.68
C MET E 289 -21.52 6.86 -74.77
N ASP E 290 -22.83 6.70 -74.55
CA ASP E 290 -23.88 7.15 -75.45
C ASP E 290 -24.39 8.57 -75.12
N HIS E 291 -23.56 9.41 -74.48
CA HIS E 291 -23.97 10.75 -74.07
C HIS E 291 -24.63 11.60 -75.15
N LYS E 292 -24.27 11.39 -76.43
CA LYS E 292 -24.86 12.15 -77.54
C LYS E 292 -26.38 11.95 -77.65
N ASN E 293 -26.89 10.80 -77.17
CA ASN E 293 -28.31 10.48 -77.23
C ASN E 293 -28.93 10.27 -75.84
N SER E 294 -28.12 9.93 -74.82
CA SER E 294 -28.64 9.65 -73.48
C SER E 294 -28.85 10.89 -72.61
N LEU E 295 -28.18 12.02 -72.94
CA LEU E 295 -28.36 13.23 -72.16
C LEU E 295 -29.65 13.93 -72.56
N CYS E 296 -30.56 14.10 -71.61
CA CYS E 296 -31.79 14.85 -71.87
C CYS E 296 -32.34 15.48 -70.61
N PHE E 297 -32.80 16.72 -70.71
CA PHE E 297 -33.33 17.43 -69.56
C PHE E 297 -34.80 17.12 -69.37
N PRO E 298 -35.18 16.66 -68.17
CA PRO E 298 -36.61 16.40 -67.91
C PRO E 298 -37.43 17.71 -67.94
N GLU E 299 -38.71 17.63 -68.34
CA GLU E 299 -39.56 18.83 -68.39
C GLU E 299 -40.03 19.24 -66.99
N ALA E 301 -38.80 20.48 -63.72
CA ALA E 301 -37.41 20.86 -63.87
C ALA E 301 -37.28 22.06 -64.77
N GLU E 302 -37.41 23.25 -64.18
CA GLU E 302 -37.35 24.50 -64.93
C GLU E 302 -35.95 25.11 -64.87
N ILE E 303 -35.07 24.73 -65.81
CA ILE E 303 -33.71 25.29 -65.82
C ILE E 303 -33.55 26.29 -66.98
N SER E 304 -32.68 27.30 -66.84
CA SER E 304 -32.53 28.33 -67.87
C SER E 304 -31.86 27.83 -69.15
N LYS E 305 -31.95 28.62 -70.23
CA LYS E 305 -31.32 28.29 -71.50
C LYS E 305 -29.80 28.36 -71.37
N HIS E 306 -29.27 29.32 -70.58
CA HIS E 306 -27.84 29.48 -70.34
C HIS E 306 -27.27 28.31 -69.53
N ALA E 307 -28.07 27.80 -68.57
CA ALA E 307 -27.68 26.65 -67.74
C ALA E 307 -27.62 25.39 -68.60
N LYS E 308 -28.61 25.17 -69.48
CA LYS E 308 -28.62 24.02 -70.37
C LYS E 308 -27.46 24.14 -71.35
N ASN E 309 -27.20 25.33 -71.88
CA ASN E 309 -26.08 25.55 -72.79
C ASN E 309 -24.73 25.25 -72.13
N LEU E 310 -24.53 25.68 -70.87
CA LEU E 310 -23.28 25.43 -70.15
C LEU E 310 -23.08 23.94 -69.86
N ILE E 311 -24.13 23.23 -69.41
CA ILE E 311 -24.07 21.79 -69.16
C ILE E 311 -23.70 21.05 -70.45
N CYS E 312 -24.35 21.43 -71.55
CA CYS E 312 -24.10 20.84 -72.87
C CYS E 312 -22.72 21.13 -73.41
N ALA E 313 -22.14 22.31 -73.12
CA ALA E 313 -20.78 22.65 -73.58
C ALA E 313 -19.70 21.83 -72.84
N PHE E 314 -19.99 21.36 -71.63
CA PHE E 314 -19.10 20.53 -70.83
C PHE E 314 -19.32 19.04 -71.16
N LEU E 315 -20.58 18.65 -71.42
CA LEU E 315 -20.91 17.25 -71.69
C LEU E 315 -20.88 16.90 -73.19
N THR E 316 -19.73 17.14 -73.81
CA THR E 316 -19.45 16.84 -75.21
C THR E 316 -18.15 16.00 -75.29
N ASP E 317 -17.73 15.57 -76.50
CA ASP E 317 -16.48 14.86 -76.68
C ASP E 317 -15.32 15.80 -76.33
N ARG E 318 -14.22 15.27 -75.78
CA ARG E 318 -13.05 16.03 -75.35
C ARG E 318 -12.52 17.07 -76.36
N GLU E 319 -12.61 16.76 -77.66
CA GLU E 319 -12.08 17.60 -78.74
C GLU E 319 -12.75 18.97 -78.82
N VAL E 320 -14.05 19.02 -78.55
CA VAL E 320 -14.81 20.26 -78.64
C VAL E 320 -15.32 20.79 -77.27
N ARG E 321 -14.93 20.12 -76.16
CA ARG E 321 -15.36 20.42 -74.79
C ARG E 321 -14.91 21.80 -74.26
N LEU E 322 -15.81 22.49 -73.55
CA LEU E 322 -15.54 23.78 -72.92
C LEU E 322 -14.48 23.61 -71.83
N GLY E 323 -13.47 24.48 -71.85
CA GLY E 323 -12.34 24.40 -70.92
C GLY E 323 -11.07 23.87 -71.57
N ARG E 324 -11.15 23.37 -72.81
CA ARG E 324 -10.01 22.87 -73.58
C ARG E 324 -9.04 24.03 -73.88
N ASN E 325 -9.56 25.25 -74.12
CA ASN E 325 -8.74 26.44 -74.39
C ASN E 325 -8.53 27.31 -73.12
N GLY E 326 -8.66 26.73 -71.95
CA GLY E 326 -8.48 27.47 -70.70
C GLY E 326 -9.76 27.86 -69.96
N VAL E 327 -9.60 28.47 -68.78
CA VAL E 327 -10.71 28.87 -67.92
C VAL E 327 -11.43 30.17 -68.36
N GLU E 328 -10.77 31.08 -69.14
CA GLU E 328 -11.47 32.31 -69.59
C GLU E 328 -12.75 32.02 -70.32
N GLU E 329 -12.70 31.10 -71.28
CA GLU E 329 -13.84 30.55 -72.04
C GLU E 329 -15.05 30.25 -71.11
N ILE E 330 -14.79 29.56 -69.96
CA ILE E 330 -15.78 29.16 -68.95
C ILE E 330 -16.28 30.41 -68.22
N ARG E 331 -15.34 31.24 -67.76
CA ARG E 331 -15.62 32.49 -67.05
C ARG E 331 -16.52 33.48 -67.81
N GLN E 332 -16.33 33.59 -69.14
CA GLN E 332 -17.16 34.48 -69.94
C GLN E 332 -18.48 33.87 -70.37
N HIS E 333 -18.83 32.64 -69.93
CA HIS E 333 -20.11 32.05 -70.31
C HIS E 333 -21.25 32.85 -69.71
N PRO E 334 -22.33 33.09 -70.51
CA PRO E 334 -23.46 33.89 -70.01
C PRO E 334 -24.15 33.39 -68.75
N PHE E 335 -24.08 32.09 -68.45
CA PHE E 335 -24.70 31.53 -67.25
C PHE E 335 -24.22 32.22 -65.98
N PHE E 336 -22.92 32.55 -65.90
CA PHE E 336 -22.30 33.16 -64.72
C PHE E 336 -22.60 34.64 -64.50
N LYS E 337 -23.36 35.30 -65.41
CA LYS E 337 -23.77 36.70 -65.23
C LYS E 337 -24.75 36.79 -64.04
N ASN E 338 -24.40 37.65 -63.07
CA ASN E 338 -25.16 37.83 -61.83
C ASN E 338 -24.91 39.22 -61.19
N ASP E 339 -25.73 39.59 -60.19
CA ASP E 339 -25.56 40.88 -59.53
C ASP E 339 -25.00 40.77 -58.09
N GLN E 340 -24.40 39.60 -57.72
CA GLN E 340 -23.90 39.40 -56.35
C GLN E 340 -22.38 39.21 -56.23
N TRP E 341 -21.65 38.81 -57.30
CA TRP E 341 -20.21 38.58 -57.22
C TRP E 341 -19.50 38.71 -58.56
N HIS E 342 -18.18 38.85 -58.51
CA HIS E 342 -17.22 38.86 -59.61
C HIS E 342 -16.26 37.68 -59.38
N TRP E 343 -15.51 37.26 -60.41
CA TRP E 343 -14.57 36.15 -60.28
C TRP E 343 -13.46 36.45 -59.29
N ASP E 344 -13.08 37.72 -59.14
CA ASP E 344 -12.00 38.11 -58.24
C ASP E 344 -12.41 38.25 -56.78
N ASN E 345 -13.72 38.24 -56.47
CA ASN E 345 -14.17 38.40 -55.08
C ASN E 345 -15.24 37.42 -54.61
N ILE E 346 -15.65 36.43 -55.42
CA ILE E 346 -16.72 35.50 -55.05
C ILE E 346 -16.53 34.86 -53.65
N ARG E 347 -15.30 34.46 -53.29
CA ARG E 347 -15.02 33.84 -51.99
C ARG E 347 -15.11 34.80 -50.80
N GLU E 348 -15.22 36.11 -51.06
CA GLU E 348 -15.36 37.15 -50.05
C GLU E 348 -16.78 37.75 -49.98
N THR E 349 -17.73 37.20 -50.75
CA THR E 349 -19.15 37.56 -50.74
C THR E 349 -19.92 36.52 -49.87
N ALA E 350 -21.16 36.84 -49.49
CA ALA E 350 -21.99 35.95 -48.68
C ALA E 350 -22.33 34.65 -49.43
N ALA E 351 -22.03 33.50 -48.81
CA ALA E 351 -22.32 32.19 -49.39
C ALA E 351 -23.83 31.92 -49.29
N PRO E 352 -24.41 31.08 -50.18
CA PRO E 352 -25.85 30.82 -50.12
C PRO E 352 -26.33 30.24 -48.78
N VAL E 353 -25.58 29.28 -48.26
CA VAL E 353 -25.88 28.65 -46.98
C VAL E 353 -24.68 28.83 -46.05
N VAL E 354 -24.88 29.57 -44.96
CA VAL E 354 -23.84 29.74 -43.96
C VAL E 354 -24.13 28.74 -42.85
N PRO E 355 -23.17 27.87 -42.50
CA PRO E 355 -23.46 26.84 -41.48
C PRO E 355 -23.82 27.36 -40.09
N GLU E 356 -24.83 26.74 -39.47
CA GLU E 356 -25.23 27.10 -38.10
C GLU E 356 -24.76 25.95 -37.20
N LEU E 357 -23.67 26.20 -36.49
CA LEU E 357 -23.03 25.19 -35.67
C LEU E 357 -23.24 25.49 -34.19
N SER E 358 -23.48 24.45 -33.37
CA SER E 358 -23.73 24.65 -31.93
C SER E 358 -22.47 24.58 -31.05
N SER E 359 -21.34 24.10 -31.59
CA SER E 359 -20.05 24.03 -30.91
C SER E 359 -18.90 23.81 -31.92
N ASP E 360 -17.63 23.86 -31.45
CA ASP E 360 -16.46 23.62 -32.30
C ASP E 360 -16.31 22.14 -32.74
N ILE E 361 -17.11 21.23 -32.15
CA ILE E 361 -17.09 19.81 -32.52
C ILE E 361 -18.43 19.34 -33.15
N ASP E 362 -19.29 20.28 -33.57
CA ASP E 362 -20.54 19.98 -34.21
C ASP E 362 -20.25 19.37 -35.59
N SER E 363 -20.63 18.10 -35.75
CA SER E 363 -20.44 17.40 -37.01
C SER E 363 -21.77 16.95 -37.62
N SER E 364 -22.83 17.73 -37.39
CA SER E 364 -24.17 17.45 -37.89
C SER E 364 -24.27 17.50 -39.43
N ASN E 365 -23.33 18.17 -40.10
CA ASN E 365 -23.30 18.20 -41.56
C ASN E 365 -22.52 16.99 -42.15
N PHE E 366 -22.19 15.99 -41.30
CA PHE E 366 -21.51 14.76 -41.67
C PHE E 366 -22.35 13.56 -41.26
N ASP E 367 -22.61 12.67 -42.21
CA ASP E 367 -23.38 11.47 -41.94
C ASP E 367 -22.55 10.51 -41.10
N ASP E 368 -23.22 9.68 -40.29
CA ASP E 368 -22.49 8.68 -39.50
C ASP E 368 -21.94 7.59 -40.43
N ILE E 369 -20.81 6.97 -40.07
CA ILE E 369 -20.09 6.05 -40.96
C ILE E 369 -20.67 4.59 -41.01
N VAL E 376 -7.94 -5.11 -36.67
CA VAL E 376 -7.13 -4.76 -37.85
C VAL E 376 -5.77 -5.49 -37.85
N GLU E 377 -5.34 -6.00 -39.01
CA GLU E 377 -4.06 -6.70 -39.09
C GLU E 377 -2.91 -5.80 -39.55
N THR E 378 -1.75 -5.99 -38.91
CA THR E 378 -0.53 -5.27 -39.25
C THR E 378 0.52 -6.28 -39.75
N PHE E 379 1.67 -5.77 -40.24
CA PHE E 379 2.75 -6.58 -40.80
C PHE E 379 3.18 -7.74 -39.91
N PRO E 380 3.37 -8.94 -40.52
CA PRO E 380 3.92 -10.06 -39.74
C PRO E 380 5.36 -9.77 -39.28
N ILE E 381 5.76 -10.33 -38.13
CA ILE E 381 7.12 -10.15 -37.60
C ILE E 381 8.08 -10.84 -38.55
N PRO E 382 9.06 -10.10 -39.08
CA PRO E 382 9.94 -10.67 -40.10
C PRO E 382 11.15 -11.46 -39.57
N LYS E 383 11.57 -12.43 -40.37
CA LYS E 383 12.74 -13.26 -40.08
C LYS E 383 14.04 -12.60 -40.62
N ALA E 384 13.91 -11.73 -41.63
CA ALA E 384 14.99 -10.98 -42.27
C ALA E 384 14.54 -9.52 -42.55
N PHE E 385 15.50 -8.62 -42.85
CA PHE E 385 15.17 -7.23 -43.16
C PHE E 385 14.26 -7.11 -44.39
N VAL E 386 13.08 -6.49 -44.20
CA VAL E 386 12.14 -6.31 -45.30
C VAL E 386 11.92 -4.83 -45.66
N GLY E 387 12.15 -3.94 -44.71
CA GLY E 387 12.03 -2.50 -44.97
C GLY E 387 10.63 -1.99 -45.24
N ASN E 388 9.64 -2.38 -44.42
CA ASN E 388 8.25 -1.91 -44.60
C ASN E 388 8.07 -0.42 -44.30
N GLN E 389 8.97 0.18 -43.53
CA GLN E 389 8.92 1.59 -43.18
C GLN E 389 9.59 2.50 -44.21
N LEU E 390 10.44 1.95 -45.09
CA LEU E 390 11.17 2.68 -46.12
C LEU E 390 10.32 3.53 -47.06
N PRO E 391 9.12 3.08 -47.54
CA PRO E 391 8.34 3.94 -48.46
C PRO E 391 7.77 5.21 -47.83
N PHE E 392 7.79 5.29 -46.48
CA PHE E 392 7.19 6.39 -45.72
C PHE E 392 8.19 7.42 -45.16
N ILE E 393 9.50 7.24 -45.43
CA ILE E 393 10.53 8.16 -44.98
C ILE E 393 10.39 9.49 -45.74
N GLY E 394 10.23 10.56 -44.97
CA GLY E 394 10.03 11.90 -45.53
C GLY E 394 8.59 12.40 -45.48
N PHE E 395 7.68 11.59 -44.89
CA PHE E 395 6.28 11.99 -44.79
C PHE E 395 6.08 13.08 -43.74
N THR E 396 6.79 13.00 -42.61
CA THR E 396 6.67 13.96 -41.53
C THR E 396 6.89 15.40 -42.02
N TYR E 397 6.01 16.31 -41.55
CA TYR E 397 6.02 17.72 -41.88
C TYR E 397 5.35 18.53 -40.75
N TYR E 398 5.98 19.61 -40.31
CA TYR E 398 5.41 20.47 -39.29
C TYR E 398 5.39 21.89 -39.86
N ARG E 399 4.18 22.50 -39.98
CA ARG E 399 4.04 23.86 -40.53
C ARG E 399 4.73 24.90 -39.66
N SER F 7 8.78 23.82 -24.61
CA SER F 7 8.13 23.15 -25.73
C SER F 7 8.83 21.86 -26.15
N ARG F 8 8.03 20.89 -26.65
CA ARG F 8 8.56 19.62 -27.12
C ARG F 8 9.40 19.85 -28.37
N GLN F 9 8.96 20.71 -29.29
CA GLN F 9 9.71 21.02 -30.50
C GLN F 9 11.01 21.78 -30.18
N ARG F 10 11.03 22.56 -29.10
CA ARG F 10 12.21 23.31 -28.69
C ARG F 10 13.23 22.34 -28.06
N LYS F 11 12.74 21.42 -27.20
CA LYS F 11 13.58 20.41 -26.54
C LYS F 11 14.22 19.48 -27.60
N LEU F 12 13.44 19.11 -28.61
CA LEU F 12 13.92 18.26 -29.70
C LEU F 12 14.93 18.97 -30.59
N GLU F 13 14.72 20.26 -30.85
CA GLU F 13 15.66 21.04 -31.67
C GLU F 13 16.99 21.25 -30.96
N ALA F 14 16.97 21.32 -29.61
CA ALA F 14 18.16 21.47 -28.77
C ALA F 14 19.04 20.19 -28.85
N LEU F 15 18.37 19.02 -28.88
CA LEU F 15 19.04 17.71 -29.01
C LEU F 15 19.79 17.61 -30.32
N ILE F 16 19.21 18.10 -31.43
CA ILE F 16 19.83 18.03 -32.74
C ILE F 16 20.97 19.07 -32.90
N ARG F 17 20.89 20.20 -32.19
CA ARG F 17 21.92 21.23 -32.30
C ARG F 17 23.22 20.88 -31.56
N ASP F 18 23.10 20.13 -30.45
CA ASP F 18 24.21 19.67 -29.63
C ASP F 18 25.23 18.86 -30.43
N PRO F 19 26.51 19.31 -30.48
CA PRO F 19 27.55 18.56 -31.22
C PRO F 19 27.95 17.24 -30.58
N ARG F 20 27.68 17.06 -29.29
CA ARG F 20 27.96 15.80 -28.61
C ARG F 20 26.77 14.81 -28.74
N SER F 21 25.62 15.24 -29.30
CA SER F 21 24.40 14.44 -29.44
C SER F 21 24.46 13.32 -30.49
N PRO F 22 23.91 12.14 -30.17
CA PRO F 22 23.85 11.07 -31.17
C PRO F 22 22.91 11.36 -32.34
N ILE F 23 22.03 12.37 -32.20
CA ILE F 23 21.09 12.73 -33.26
C ILE F 23 21.36 14.12 -33.84
N ASN F 24 22.64 14.56 -33.85
CA ASN F 24 22.96 15.82 -34.50
C ASN F 24 22.81 15.65 -36.03
N VAL F 25 22.85 16.73 -36.81
CA VAL F 25 22.67 16.64 -38.25
C VAL F 25 23.74 15.75 -38.89
N GLU F 26 25.01 15.80 -38.43
CA GLU F 26 26.07 14.95 -38.99
C GLU F 26 25.75 13.46 -38.79
N SER F 27 25.24 13.09 -37.60
CA SER F 27 24.85 11.71 -37.28
C SER F 27 23.65 11.28 -38.09
N LEU F 28 22.66 12.17 -38.27
CA LEU F 28 21.47 11.90 -39.06
C LEU F 28 21.81 11.68 -40.52
N LEU F 29 22.79 12.42 -41.05
CA LEU F 29 23.25 12.23 -42.42
C LEU F 29 24.03 10.92 -42.52
N ASP F 30 24.79 10.53 -41.48
CA ASP F 30 25.50 9.25 -41.44
C ASP F 30 24.49 8.09 -41.51
N GLY F 31 23.37 8.21 -40.78
CA GLY F 31 22.30 7.23 -40.79
C GLY F 31 21.73 7.02 -42.19
N LEU F 32 21.48 8.11 -42.93
CA LEU F 32 20.97 8.02 -44.30
C LEU F 32 22.02 7.44 -45.24
N ASN F 33 23.28 7.91 -45.16
CA ASN F 33 24.37 7.42 -46.03
C ASN F 33 24.59 5.91 -45.83
N SER F 34 24.64 5.48 -44.57
CA SER F 34 24.89 4.09 -44.19
C SER F 34 23.75 3.20 -44.65
N LEU F 35 22.50 3.67 -44.53
CA LEU F 35 21.31 2.93 -44.97
C LEU F 35 21.40 2.70 -46.49
N VAL F 36 21.74 3.72 -47.25
CA VAL F 36 21.90 3.60 -48.70
C VAL F 36 23.05 2.64 -49.07
N LEU F 37 24.22 2.78 -48.42
CA LEU F 37 25.38 1.92 -48.64
C LEU F 37 25.07 0.45 -48.37
N ASP F 38 24.38 0.17 -47.25
CA ASP F 38 24.02 -1.18 -46.83
C ASP F 38 22.86 -1.84 -47.60
N LEU F 39 22.13 -1.06 -48.42
CA LEU F 39 21.01 -1.57 -49.21
C LEU F 39 21.29 -1.59 -50.71
N ASP F 40 22.25 -0.80 -51.20
CA ASP F 40 22.55 -0.72 -52.62
C ASP F 40 23.37 -1.90 -53.14
N PHE F 41 22.74 -3.08 -53.16
CA PHE F 41 23.28 -4.33 -53.68
C PHE F 41 22.23 -4.98 -54.55
N PRO F 42 22.63 -5.57 -55.70
CA PRO F 42 21.65 -6.17 -56.62
C PRO F 42 20.67 -7.18 -56.00
N ALA F 43 21.16 -8.02 -55.08
CA ALA F 43 20.33 -9.02 -54.43
C ALA F 43 19.24 -8.38 -53.56
N LEU F 44 19.60 -7.34 -52.80
CA LEU F 44 18.68 -6.64 -51.90
C LEU F 44 17.66 -5.80 -52.67
N ARG F 45 18.09 -5.24 -53.81
CA ARG F 45 17.24 -4.43 -54.70
C ARG F 45 16.09 -5.24 -55.34
N LYS F 46 16.06 -6.57 -55.16
CA LYS F 46 14.96 -7.39 -55.64
C LYS F 46 13.68 -7.05 -54.84
N ASN F 47 13.83 -6.65 -53.55
CA ASN F 47 12.76 -6.20 -52.67
C ASN F 47 12.30 -4.82 -53.18
N LYS F 48 10.99 -4.66 -53.45
CA LYS F 48 10.43 -3.42 -53.98
C LYS F 48 10.57 -2.26 -53.00
N ASN F 49 10.39 -2.51 -51.68
CA ASN F 49 10.56 -1.47 -50.64
C ASN F 49 11.96 -0.84 -50.73
N ILE F 50 13.00 -1.70 -50.81
CA ILE F 50 14.41 -1.31 -50.91
C ILE F 50 14.70 -0.62 -52.24
N ASP F 51 14.27 -1.21 -53.36
CA ASP F 51 14.54 -0.65 -54.67
C ASP F 51 13.90 0.72 -54.87
N ASN F 52 12.65 0.89 -54.46
CA ASN F 52 11.97 2.18 -54.62
C ASN F 52 12.57 3.27 -53.76
N PHE F 53 12.95 2.94 -52.49
CA PHE F 53 13.61 3.88 -51.58
C PHE F 53 14.93 4.36 -52.18
N LEU F 54 15.76 3.44 -52.70
CA LEU F 54 17.04 3.78 -53.32
C LEU F 54 16.84 4.69 -54.54
N ASN F 55 15.77 4.47 -55.33
CA ASN F 55 15.48 5.30 -56.49
C ASN F 55 15.12 6.73 -56.08
N ARG F 56 14.32 6.88 -54.99
CA ARG F 56 13.93 8.19 -54.44
C ARG F 56 15.12 8.97 -53.86
N TYR F 57 16.01 8.29 -53.12
CA TYR F 57 17.13 8.96 -52.48
C TYR F 57 18.42 8.96 -53.28
N GLU F 58 18.43 8.44 -54.51
CA GLU F 58 19.64 8.39 -55.35
C GLU F 58 20.27 9.77 -55.64
N LYS F 59 19.48 10.71 -56.18
CA LYS F 59 19.99 12.05 -56.52
C LYS F 59 20.47 12.85 -55.30
N ILE F 60 19.70 12.86 -54.22
CA ILE F 60 20.08 13.61 -53.02
C ILE F 60 21.32 12.99 -52.31
N VAL F 61 21.47 11.66 -52.33
CA VAL F 61 22.60 11.01 -51.66
C VAL F 61 23.89 11.25 -52.45
N LYS F 62 23.81 11.32 -53.77
CA LYS F 62 24.97 11.62 -54.61
C LYS F 62 25.39 13.07 -54.39
N LYS F 63 24.41 13.99 -54.25
CA LYS F 63 24.65 15.41 -54.01
C LYS F 63 25.33 15.60 -52.64
N ILE F 64 24.84 14.92 -51.58
CA ILE F 64 25.38 14.98 -50.21
C ILE F 64 26.83 14.48 -50.17
N ARG F 65 27.12 13.39 -50.93
CA ARG F 65 28.43 12.75 -51.03
C ARG F 65 29.49 13.68 -51.64
N GLY F 66 29.08 14.52 -52.59
CA GLY F 66 29.95 15.47 -53.24
C GLY F 66 30.22 16.69 -52.40
N LEU F 67 29.25 17.08 -51.53
CA LEU F 67 29.40 18.23 -50.66
C LEU F 67 30.19 17.91 -49.41
N GLN F 68 30.02 16.70 -48.87
CA GLN F 68 30.68 16.32 -47.62
C GLN F 68 32.18 16.11 -47.78
N MET F 69 32.92 16.29 -46.67
CA MET F 69 34.35 16.10 -46.66
C MET F 69 34.71 14.66 -47.04
N LYS F 70 35.69 14.52 -47.92
CA LYS F 70 36.11 13.22 -48.41
C LYS F 70 37.61 13.15 -48.58
N ALA F 71 38.16 11.92 -48.66
CA ALA F 71 39.60 11.71 -48.79
C ALA F 71 40.20 12.45 -50.00
N GLU F 72 39.40 12.68 -51.04
CA GLU F 72 39.84 13.35 -52.26
C GLU F 72 40.07 14.86 -52.07
N ASP F 73 39.62 15.44 -50.94
CA ASP F 73 39.89 16.82 -50.61
C ASP F 73 41.35 17.02 -50.11
N TYR F 74 42.11 15.93 -49.86
CA TYR F 74 43.47 15.99 -49.34
C TYR F 74 44.46 15.36 -50.30
N ASP F 75 45.68 15.90 -50.33
CA ASP F 75 46.77 15.35 -51.11
C ASP F 75 47.64 14.60 -50.12
N VAL F 76 47.93 13.32 -50.38
CA VAL F 76 48.78 12.56 -49.50
C VAL F 76 50.23 12.88 -49.80
N VAL F 77 50.96 13.36 -48.79
CA VAL F 77 52.37 13.71 -48.95
C VAL F 77 53.24 12.49 -48.62
N LYS F 78 53.02 11.85 -47.49
CA LYS F 78 53.82 10.71 -47.07
C LYS F 78 53.13 9.94 -45.96
N VAL F 79 53.44 8.62 -45.78
CA VAL F 79 52.89 7.85 -44.66
C VAL F 79 53.87 8.02 -43.51
N ILE F 80 53.42 8.60 -42.41
CA ILE F 80 54.28 8.85 -41.25
C ILE F 80 54.05 7.90 -40.05
N GLY F 81 53.06 7.04 -40.14
CA GLY F 81 52.77 6.10 -39.07
C GLY F 81 51.94 4.95 -39.57
N ARG F 82 51.98 3.86 -38.82
CA ARG F 82 51.23 2.65 -39.16
C ARG F 82 50.76 2.02 -37.89
N GLY F 83 49.65 1.33 -38.01
CA GLY F 83 49.00 0.68 -36.89
C GLY F 83 48.15 -0.49 -37.34
N ALA F 84 47.64 -1.25 -36.35
CA ALA F 84 46.79 -2.43 -36.56
C ALA F 84 45.72 -2.25 -37.69
N PHE F 85 44.81 -1.24 -37.57
CA PHE F 85 43.77 -1.07 -38.57
C PHE F 85 44.01 0.03 -39.62
N GLY F 86 45.25 0.44 -39.84
CA GLY F 86 45.53 1.45 -40.85
C GLY F 86 46.82 2.23 -40.68
N GLU F 87 46.79 3.48 -41.13
CA GLU F 87 47.98 4.32 -41.14
C GLU F 87 47.68 5.79 -40.86
N VAL F 88 48.73 6.57 -40.69
CA VAL F 88 48.64 8.00 -40.48
C VAL F 88 49.43 8.57 -41.64
N GLN F 89 48.79 9.48 -42.38
CA GLN F 89 49.39 10.14 -43.52
C GLN F 89 49.60 11.60 -43.24
N LEU F 90 50.69 12.18 -43.75
CA LEU F 90 50.90 13.62 -43.68
C LEU F 90 50.19 14.10 -44.95
N VAL F 91 49.15 14.92 -44.81
CA VAL F 91 48.35 15.36 -45.95
C VAL F 91 48.28 16.89 -46.03
N ARG F 92 47.88 17.40 -47.19
CA ARG F 92 47.65 18.84 -47.37
C ARG F 92 46.23 19.00 -47.90
N HIS F 93 45.41 19.83 -47.26
CA HIS F 93 44.05 20.06 -47.74
C HIS F 93 44.15 20.82 -49.08
N LYS F 94 43.60 20.27 -50.17
CA LYS F 94 43.68 20.87 -51.50
C LYS F 94 43.18 22.29 -51.60
N ALA F 95 42.07 22.63 -50.95
CA ALA F 95 41.51 23.97 -51.05
C ALA F 95 42.22 24.99 -50.16
N SER F 96 42.39 24.69 -48.86
CA SER F 96 43.01 25.62 -47.93
C SER F 96 44.54 25.64 -47.95
N GLN F 97 45.16 24.59 -48.48
CA GLN F 97 46.60 24.39 -48.56
C GLN F 97 47.24 24.14 -47.16
N LYS F 98 46.42 23.88 -46.13
CA LYS F 98 46.86 23.64 -44.77
C LYS F 98 47.26 22.18 -44.58
N VAL F 99 48.31 21.94 -43.77
CA VAL F 99 48.86 20.62 -43.53
C VAL F 99 48.32 19.98 -42.26
N TYR F 100 47.97 18.69 -42.34
CA TYR F 100 47.45 17.95 -41.19
C TYR F 100 48.06 16.51 -41.17
N ALA F 101 47.81 15.77 -40.10
CA ALA F 101 48.13 14.36 -40.01
C ALA F 101 46.76 13.67 -40.05
N MET F 102 46.57 12.70 -40.94
CA MET F 102 45.29 12.03 -41.09
C MET F 102 45.36 10.57 -40.78
N LYS F 103 44.57 10.13 -39.80
CA LYS F 103 44.52 8.74 -39.41
C LYS F 103 43.40 7.97 -40.08
N LEU F 104 43.73 6.87 -40.73
CA LEU F 104 42.77 6.03 -41.42
C LEU F 104 42.54 4.74 -40.61
N LEU F 105 41.28 4.29 -40.53
CA LEU F 105 40.92 3.07 -39.82
C LEU F 105 40.05 2.25 -40.76
N SER F 106 40.48 1.03 -41.10
CA SER F 106 39.74 0.12 -41.96
C SER F 106 38.51 -0.43 -41.27
N LYS F 107 37.32 -0.17 -41.84
CA LYS F 107 36.04 -0.67 -41.32
C LYS F 107 36.03 -2.20 -41.35
N PHE F 108 36.52 -2.79 -42.45
CA PHE F 108 36.63 -4.23 -42.61
C PHE F 108 37.47 -4.89 -41.50
N GLU F 109 38.68 -4.38 -41.23
CA GLU F 109 39.56 -4.93 -40.20
C GLU F 109 38.96 -4.77 -38.81
N MET F 110 38.33 -3.62 -38.54
CA MET F 110 37.72 -3.37 -37.25
C MET F 110 36.53 -4.31 -36.99
N ILE F 111 35.75 -4.64 -38.02
CA ILE F 111 34.63 -5.56 -37.88
C ILE F 111 35.14 -7.01 -37.76
N LYS F 112 36.03 -7.42 -38.68
CA LYS F 112 36.63 -8.76 -38.67
C LYS F 112 37.31 -9.07 -37.33
N ARG F 113 38.10 -8.13 -36.80
CA ARG F 113 38.81 -8.36 -35.55
C ARG F 113 38.03 -7.88 -34.33
N SER F 114 36.67 -7.88 -34.43
CA SER F 114 35.67 -7.48 -33.42
C SER F 114 36.12 -6.34 -32.47
N ASP F 115 36.80 -5.33 -33.04
CA ASP F 115 37.29 -4.17 -32.29
C ASP F 115 36.75 -2.92 -33.00
N SER F 116 35.44 -2.62 -32.86
CA SER F 116 34.80 -1.50 -33.55
C SER F 116 34.09 -0.51 -32.61
N ALA F 117 34.67 -0.23 -31.43
CA ALA F 117 34.08 0.74 -30.50
C ALA F 117 35.10 1.68 -29.84
N PHE F 118 36.41 1.35 -29.98
CA PHE F 118 37.53 2.09 -29.41
C PHE F 118 37.66 3.52 -29.94
N PHE F 119 37.23 3.77 -31.19
CA PHE F 119 37.38 5.06 -31.86
C PHE F 119 36.47 6.17 -31.31
N TRP F 120 35.41 5.82 -30.56
CA TRP F 120 34.52 6.82 -30.01
C TRP F 120 35.24 7.67 -28.98
N GLU F 121 35.92 7.04 -28.00
CA GLU F 121 36.68 7.79 -27.01
C GLU F 121 37.91 8.45 -27.63
N GLU F 122 38.53 7.82 -28.63
CA GLU F 122 39.69 8.41 -29.28
C GLU F 122 39.31 9.71 -30.00
N ARG F 123 38.20 9.67 -30.75
CA ARG F 123 37.71 10.84 -31.45
C ARG F 123 37.30 11.92 -30.47
N ASP F 124 36.55 11.55 -29.41
CA ASP F 124 36.09 12.50 -28.41
C ASP F 124 37.20 13.17 -27.61
N ILE F 125 38.27 12.42 -27.25
CA ILE F 125 39.41 12.98 -26.49
C ILE F 125 40.10 14.07 -27.34
N MET F 126 40.36 13.76 -28.60
CA MET F 126 41.02 14.69 -29.50
C MET F 126 40.14 15.85 -29.92
N ALA F 127 38.82 15.64 -30.07
CA ALA F 127 37.91 16.71 -30.47
C ALA F 127 37.60 17.65 -29.33
N PHE F 128 37.40 17.15 -28.11
CA PHE F 128 36.88 17.97 -27.02
C PHE F 128 37.78 18.14 -25.77
N ALA F 129 39.05 17.75 -25.81
CA ALA F 129 39.92 17.92 -24.64
C ALA F 129 40.24 19.38 -24.32
N ASN F 130 40.50 20.20 -25.37
CA ASN F 130 40.88 21.61 -25.22
C ASN F 130 42.09 21.74 -24.29
N SER F 131 43.08 20.87 -24.55
CA SER F 131 44.29 20.79 -23.76
C SER F 131 45.49 20.88 -24.67
N PRO F 132 46.51 21.65 -24.29
CA PRO F 132 47.74 21.68 -25.08
C PRO F 132 48.50 20.35 -25.00
N TRP F 133 48.11 19.42 -24.11
CA TRP F 133 48.77 18.12 -23.98
C TRP F 133 48.17 17.01 -24.84
N VAL F 134 47.08 17.28 -25.56
CA VAL F 134 46.39 16.28 -26.37
C VAL F 134 46.41 16.77 -27.82
N VAL F 135 46.74 15.88 -28.77
CA VAL F 135 46.68 16.22 -30.19
C VAL F 135 45.21 16.57 -30.58
N GLN F 136 45.02 17.71 -31.20
CA GLN F 136 43.72 18.23 -31.57
C GLN F 136 43.21 17.62 -32.87
N LEU F 137 41.91 17.23 -32.88
CA LEU F 137 41.26 16.72 -34.06
C LEU F 137 40.38 17.85 -34.61
N PHE F 138 40.47 18.12 -35.90
CA PHE F 138 39.67 19.17 -36.54
C PHE F 138 38.44 18.54 -37.20
N TYR F 139 38.65 17.42 -37.92
CA TYR F 139 37.58 16.75 -38.61
C TYR F 139 37.62 15.24 -38.40
N ALA F 140 36.44 14.63 -38.44
CA ALA F 140 36.26 13.20 -38.40
C ALA F 140 35.21 12.93 -39.50
N PHE F 141 35.57 12.12 -40.47
CA PHE F 141 34.69 11.79 -41.57
C PHE F 141 34.88 10.30 -41.94
N GLN F 142 34.14 9.82 -42.92
CA GLN F 142 34.20 8.42 -43.32
C GLN F 142 33.71 8.22 -44.75
N ASP F 143 34.11 7.10 -45.32
CA ASP F 143 33.61 6.63 -46.60
C ASP F 143 33.17 5.13 -46.43
N ASP F 144 32.89 4.39 -47.51
CA ASP F 144 32.48 3.00 -47.39
C ASP F 144 33.57 2.10 -46.80
N ARG F 145 34.87 2.43 -46.99
CA ARG F 145 35.96 1.61 -46.51
C ARG F 145 36.66 2.07 -45.22
N TYR F 146 36.75 3.39 -45.01
CA TYR F 146 37.51 3.91 -43.88
C TYR F 146 36.83 4.99 -43.04
N LEU F 147 37.34 5.13 -41.79
CA LEU F 147 37.10 6.22 -40.85
C LEU F 147 38.37 7.09 -40.99
N TYR F 148 38.21 8.42 -41.02
CA TYR F 148 39.33 9.35 -41.11
C TYR F 148 39.35 10.31 -39.93
N MET F 149 40.53 10.61 -39.41
CA MET F 149 40.67 11.56 -38.32
C MET F 149 41.74 12.58 -38.72
N VAL F 150 41.32 13.81 -39.01
CA VAL F 150 42.21 14.88 -39.42
C VAL F 150 42.67 15.62 -38.18
N MET F 151 43.95 15.52 -37.87
CA MET F 151 44.53 16.07 -36.64
C MET F 151 45.62 17.09 -36.92
N GLU F 152 46.06 17.82 -35.87
CA GLU F 152 47.19 18.72 -36.04
C GLU F 152 48.46 17.87 -36.18
N TYR F 153 49.29 18.22 -37.14
CA TYR F 153 50.55 17.53 -37.40
C TYR F 153 51.59 17.93 -36.34
N MET F 154 52.33 16.95 -35.82
CA MET F 154 53.36 17.13 -34.83
C MET F 154 54.69 16.86 -35.51
N PRO F 155 55.39 17.92 -35.97
CA PRO F 155 56.60 17.70 -36.79
C PRO F 155 57.88 17.31 -36.07
N GLY F 156 57.88 17.37 -34.75
CA GLY F 156 59.04 17.03 -33.93
C GLY F 156 59.27 15.53 -33.77
N GLY F 157 58.30 14.72 -34.19
CA GLY F 157 58.38 13.26 -34.08
C GLY F 157 58.08 12.74 -32.68
N ASP F 158 58.30 11.45 -32.42
CA ASP F 158 58.01 10.89 -31.09
C ASP F 158 59.27 10.82 -30.16
N LEU F 159 59.07 10.38 -28.91
CA LEU F 159 60.18 10.26 -27.97
C LEU F 159 61.07 9.05 -28.20
N VAL F 160 60.62 8.08 -29.03
CA VAL F 160 61.45 6.95 -29.42
C VAL F 160 62.58 7.49 -30.30
N ASN F 161 62.21 8.33 -31.30
CA ASN F 161 63.11 9.00 -32.23
C ASN F 161 64.08 9.93 -31.48
N LEU F 162 63.59 10.64 -30.46
CA LEU F 162 64.45 11.53 -29.69
C LEU F 162 65.53 10.73 -28.95
N MET F 163 65.14 9.64 -28.29
CA MET F 163 66.05 8.80 -27.54
C MET F 163 67.10 8.12 -28.41
N SER F 164 66.77 7.78 -29.67
CA SER F 164 67.75 7.14 -30.54
C SER F 164 68.74 8.13 -31.17
N ASN F 165 68.41 9.43 -31.23
CA ASN F 165 69.33 10.43 -31.77
C ASN F 165 70.10 11.22 -30.73
N TYR F 166 69.73 11.09 -29.45
CA TYR F 166 70.39 11.83 -28.38
C TYR F 166 70.69 10.96 -27.18
N ASP F 167 71.75 11.31 -26.47
CA ASP F 167 72.10 10.76 -25.18
C ASP F 167 71.33 11.71 -24.28
N VAL F 168 70.24 11.24 -23.67
CA VAL F 168 69.39 12.14 -22.88
C VAL F 168 69.97 12.49 -21.51
N PRO F 169 70.32 13.76 -21.27
CA PRO F 169 70.73 14.15 -19.92
C PRO F 169 69.52 14.25 -18.98
N GLU F 170 69.75 14.08 -17.69
CA GLU F 170 68.73 14.14 -16.67
C GLU F 170 67.92 15.44 -16.64
N LYS F 171 68.51 16.59 -17.06
CA LYS F 171 67.75 17.85 -17.11
C LYS F 171 66.64 17.76 -18.17
N TRP F 172 66.92 17.07 -19.31
CA TRP F 172 65.97 16.85 -20.38
C TRP F 172 64.91 15.86 -19.92
N ALA F 173 65.33 14.74 -19.33
CA ALA F 173 64.45 13.70 -18.82
C ALA F 173 63.45 14.26 -17.78
N LYS F 174 63.90 15.21 -16.97
CA LYS F 174 63.07 15.87 -15.98
C LYS F 174 61.97 16.65 -16.66
N PHE F 175 62.30 17.39 -17.74
CA PHE F 175 61.36 18.20 -18.51
C PHE F 175 60.33 17.33 -19.18
N TYR F 176 60.75 16.27 -19.93
CA TYR F 176 59.82 15.39 -20.62
C TYR F 176 58.95 14.58 -19.67
N THR F 177 59.49 14.17 -18.50
CA THR F 177 58.69 13.42 -17.53
C THR F 177 57.63 14.34 -16.95
N ALA F 178 58.00 15.60 -16.63
CA ALA F 178 57.09 16.57 -16.07
C ALA F 178 55.94 16.85 -17.01
N GLU F 179 56.21 16.91 -18.32
CA GLU F 179 55.20 17.17 -19.35
C GLU F 179 54.27 15.96 -19.46
N VAL F 180 54.81 14.72 -19.39
CA VAL F 180 54.02 13.50 -19.41
C VAL F 180 53.10 13.43 -18.15
N VAL F 181 53.59 13.89 -16.97
CA VAL F 181 52.88 13.93 -15.69
C VAL F 181 51.67 14.87 -15.83
N LEU F 182 51.86 16.06 -16.46
CA LEU F 182 50.77 17.01 -16.70
C LEU F 182 49.78 16.52 -17.77
N ALA F 183 50.28 15.84 -18.80
CA ALA F 183 49.45 15.28 -19.88
C ALA F 183 48.56 14.15 -19.36
N LEU F 184 49.14 13.26 -18.52
CA LEU F 184 48.39 12.16 -17.93
C LEU F 184 47.42 12.67 -16.90
N ASP F 185 47.78 13.68 -16.11
CA ASP F 185 46.88 14.29 -15.17
C ASP F 185 45.65 14.86 -15.88
N ALA F 186 45.83 15.44 -17.10
CA ALA F 186 44.72 15.98 -17.91
C ALA F 186 43.80 14.85 -18.40
N ILE F 187 44.37 13.74 -18.86
CA ILE F 187 43.59 12.58 -19.31
C ILE F 187 42.82 11.99 -18.13
N HIS F 188 43.48 11.83 -16.99
CA HIS F 188 42.87 11.31 -15.77
C HIS F 188 41.73 12.21 -15.28
N SER F 189 41.89 13.55 -15.37
CA SER F 189 40.89 14.55 -15.01
C SER F 189 39.65 14.47 -15.89
N MET F 190 39.80 14.04 -17.14
CA MET F 190 38.65 13.81 -18.03
C MET F 190 37.94 12.47 -17.73
N GLY F 191 38.35 11.76 -16.68
CA GLY F 191 37.78 10.49 -16.30
C GLY F 191 38.28 9.32 -17.09
N LEU F 192 39.50 9.40 -17.64
CA LEU F 192 40.04 8.29 -18.45
C LEU F 192 41.37 7.72 -17.95
N ILE F 193 41.61 6.45 -18.29
CA ILE F 193 42.87 5.75 -18.03
C ILE F 193 43.39 5.39 -19.42
N HIS F 194 44.61 5.84 -19.73
CA HIS F 194 45.25 5.64 -21.04
C HIS F 194 45.48 4.15 -21.35
N ARG F 195 46.15 3.41 -20.44
CA ARG F 195 46.44 1.96 -20.57
C ARG F 195 47.60 1.61 -21.56
N ASP F 196 48.19 2.61 -22.24
CA ASP F 196 49.26 2.33 -23.19
C ASP F 196 50.25 3.49 -23.26
N VAL F 197 50.66 4.00 -22.09
CA VAL F 197 51.62 5.08 -22.04
C VAL F 197 52.99 4.49 -22.38
N LYS F 198 53.56 4.96 -23.49
CA LYS F 198 54.86 4.56 -24.00
C LYS F 198 55.40 5.71 -24.89
N PRO F 199 56.73 5.81 -25.06
CA PRO F 199 57.30 6.93 -25.84
C PRO F 199 56.90 7.01 -27.31
N ASP F 200 56.35 5.94 -27.85
CA ASP F 200 55.88 5.91 -29.24
C ASP F 200 54.64 6.82 -29.42
N ASN F 201 53.84 6.97 -28.34
CA ASN F 201 52.61 7.76 -28.23
C ASN F 201 52.84 9.17 -27.64
N MET F 202 54.09 9.56 -27.44
CA MET F 202 54.44 10.88 -26.92
C MET F 202 55.05 11.63 -28.09
N LEU F 203 54.36 12.63 -28.64
CA LEU F 203 54.80 13.40 -29.81
C LEU F 203 55.25 14.76 -29.45
N LEU F 204 56.15 15.35 -30.26
CA LEU F 204 56.68 16.69 -30.02
C LEU F 204 56.19 17.64 -31.10
N ASP F 205 55.77 18.84 -30.70
CA ASP F 205 55.23 19.81 -31.65
C ASP F 205 56.35 20.63 -32.33
N LYS F 206 55.99 21.68 -33.10
CA LYS F 206 56.92 22.56 -33.77
C LYS F 206 57.91 23.25 -32.82
N HIS F 207 57.57 23.37 -31.54
CA HIS F 207 58.42 24.01 -30.53
C HIS F 207 59.19 23.05 -29.60
N GLY F 208 58.98 21.74 -29.75
CA GLY F 208 59.62 20.73 -28.92
C GLY F 208 58.84 20.34 -27.68
N HIS F 209 57.57 20.77 -27.56
CA HIS F 209 56.73 20.45 -26.43
C HIS F 209 55.87 19.22 -26.71
N LEU F 210 55.59 18.45 -25.66
CA LEU F 210 54.84 17.19 -25.76
C LEU F 210 53.33 17.30 -25.89
N LYS F 211 52.75 16.33 -26.60
CA LYS F 211 51.33 16.02 -26.73
C LYS F 211 51.20 14.50 -26.80
N LEU F 212 50.16 13.96 -26.16
CA LEU F 212 49.86 12.54 -26.25
C LEU F 212 49.01 12.27 -27.52
N ALA F 213 49.16 11.07 -28.08
CA ALA F 213 48.45 10.60 -29.26
C ALA F 213 48.13 9.09 -29.07
N ASP F 214 47.36 8.47 -30.00
CA ASP F 214 46.93 7.07 -29.93
C ASP F 214 46.10 6.81 -28.68
N PHE F 215 44.82 7.23 -28.69
CA PHE F 215 43.90 7.03 -27.57
C PHE F 215 42.98 5.81 -27.76
N GLY F 216 43.42 4.84 -28.59
CA GLY F 216 42.71 3.62 -28.91
C GLY F 216 42.50 2.67 -27.75
N THR F 217 43.27 2.81 -26.67
CA THR F 217 43.12 1.96 -25.49
C THR F 217 42.47 2.70 -24.30
N CYS F 218 42.20 4.00 -24.42
CA CYS F 218 41.61 4.77 -23.33
C CYS F 218 40.25 4.22 -22.90
N MET F 219 40.01 4.19 -21.58
CA MET F 219 38.76 3.71 -21.01
C MET F 219 38.26 4.66 -19.95
N LYS F 220 36.93 4.90 -19.92
CA LYS F 220 36.33 5.77 -18.91
C LYS F 220 36.33 5.01 -17.55
N MET F 221 36.69 5.70 -16.45
CA MET F 221 36.72 5.08 -15.13
C MET F 221 35.31 5.03 -14.50
N ASP F 222 35.10 4.10 -13.55
CA ASP F 222 33.86 3.97 -12.75
C ASP F 222 33.88 5.09 -11.67
N GLU F 223 32.83 5.15 -10.80
CA GLU F 223 32.81 6.08 -9.65
C GLU F 223 33.99 5.73 -8.67
N THR F 224 34.44 4.45 -8.65
CA THR F 224 35.54 3.92 -7.84
C THR F 224 36.94 4.34 -8.36
N GLY F 225 37.00 4.81 -9.61
CA GLY F 225 38.24 5.19 -10.29
C GLY F 225 38.91 4.02 -10.97
N MET F 226 38.13 2.96 -11.26
CA MET F 226 38.64 1.73 -11.84
C MET F 226 38.13 1.45 -13.25
N VAL F 227 38.80 0.53 -13.94
CA VAL F 227 38.48 0.12 -15.30
C VAL F 227 38.46 -1.40 -15.33
N HIS F 228 37.33 -1.97 -15.73
CA HIS F 228 37.10 -3.40 -15.82
C HIS F 228 37.36 -3.81 -17.25
N CYS F 229 38.34 -4.67 -17.51
CA CYS F 229 38.63 -5.14 -18.86
C CYS F 229 39.16 -6.55 -18.87
N ASP F 230 38.77 -7.33 -19.89
CA ASP F 230 39.18 -8.72 -20.04
C ASP F 230 40.43 -8.81 -20.92
N THR F 231 40.44 -8.05 -22.04
CA THR F 231 41.57 -8.04 -22.96
C THR F 231 42.77 -7.31 -22.38
N ALA F 232 43.98 -7.84 -22.62
CA ALA F 232 45.20 -7.24 -22.13
C ALA F 232 45.84 -6.38 -23.21
N VAL F 233 46.04 -5.10 -22.89
CA VAL F 233 46.67 -4.15 -23.81
C VAL F 233 47.96 -3.59 -23.18
N GLY F 234 48.81 -2.97 -24.00
CA GLY F 234 50.04 -2.39 -23.54
C GLY F 234 51.22 -3.16 -24.07
N THR F 235 52.28 -2.45 -24.45
CA THR F 235 53.49 -3.09 -24.96
C THR F 235 54.20 -3.88 -23.86
N PRO F 236 54.87 -4.98 -24.23
CA PRO F 236 55.51 -5.81 -23.20
C PRO F 236 56.44 -5.07 -22.23
N ASP F 237 57.30 -4.18 -22.72
CA ASP F 237 58.22 -3.45 -21.87
C ASP F 237 57.59 -2.46 -20.90
N TYR F 238 56.41 -1.91 -21.26
CA TYR F 238 55.74 -0.86 -20.46
C TYR F 238 54.54 -1.34 -19.66
N ILE F 239 54.09 -2.62 -19.88
CA ILE F 239 52.95 -3.22 -19.17
C ILE F 239 53.21 -3.42 -17.67
N SER F 240 52.20 -3.11 -16.85
CA SER F 240 52.26 -3.12 -15.38
C SER F 240 52.08 -4.53 -14.77
N PRO F 241 52.48 -4.74 -13.48
CA PRO F 241 52.28 -6.06 -12.87
C PRO F 241 50.81 -6.42 -12.67
N GLU F 242 49.96 -5.44 -12.27
CA GLU F 242 48.52 -5.70 -12.05
C GLU F 242 47.78 -6.22 -13.28
N VAL F 243 48.22 -5.81 -14.47
CA VAL F 243 47.63 -6.24 -15.73
C VAL F 243 48.11 -7.65 -16.05
N LEU F 244 49.40 -7.94 -15.80
CA LEU F 244 49.99 -9.24 -16.02
C LEU F 244 49.37 -10.33 -15.13
N LYS F 245 49.14 -10.02 -13.85
CA LYS F 245 48.53 -10.95 -12.91
C LYS F 245 47.00 -11.17 -13.18
N SER F 246 46.53 -10.88 -14.41
CA SER F 246 45.14 -11.09 -14.88
C SER F 246 45.16 -12.16 -16.00
N GLY F 251 40.69 -8.37 -15.18
CA GLY F 251 40.96 -7.63 -13.95
C GLY F 251 40.41 -6.21 -13.85
N PHE F 252 40.67 -5.55 -12.71
CA PHE F 252 40.21 -4.18 -12.43
C PHE F 252 41.42 -3.28 -12.18
N TYR F 253 41.56 -2.17 -12.95
CA TYR F 253 42.76 -1.31 -12.80
C TYR F 253 42.48 0.15 -12.54
N GLY F 254 43.34 0.78 -11.74
CA GLY F 254 43.24 2.20 -11.45
C GLY F 254 44.19 3.04 -12.29
N ARG F 255 44.21 4.35 -12.06
CA ARG F 255 45.07 5.30 -12.76
C ARG F 255 46.57 5.04 -12.52
N GLU F 256 46.92 4.41 -11.38
CA GLU F 256 48.29 4.13 -11.02
C GLU F 256 48.97 3.15 -11.99
N CYS F 257 48.20 2.45 -12.88
CA CYS F 257 48.82 1.59 -13.89
C CYS F 257 49.48 2.46 -14.98
N ASP F 258 48.91 3.65 -15.26
CA ASP F 258 49.53 4.59 -16.21
C ASP F 258 50.82 5.13 -15.59
N TRP F 259 50.83 5.36 -14.26
CA TRP F 259 51.99 5.88 -13.54
C TRP F 259 53.13 4.88 -13.49
N TRP F 260 52.84 3.58 -13.59
CA TRP F 260 53.86 2.56 -13.69
C TRP F 260 54.69 2.81 -14.96
N SER F 261 54.01 3.08 -16.08
CA SER F 261 54.55 3.33 -17.41
C SER F 261 55.46 4.54 -17.45
N VAL F 262 55.15 5.57 -16.63
CA VAL F 262 55.95 6.78 -16.46
C VAL F 262 57.28 6.43 -15.79
N GLY F 263 57.26 5.50 -14.84
CA GLY F 263 58.49 5.04 -14.18
C GLY F 263 59.42 4.32 -15.15
N VAL F 264 58.83 3.49 -16.00
CA VAL F 264 59.55 2.74 -17.02
C VAL F 264 60.19 3.71 -18.04
N PHE F 265 59.42 4.75 -18.43
CA PHE F 265 59.85 5.78 -19.38
C PHE F 265 61.01 6.60 -18.83
N LEU F 266 60.94 7.01 -17.55
CA LEU F 266 62.01 7.78 -16.93
C LEU F 266 63.29 6.94 -16.86
N TYR F 267 63.13 5.63 -16.54
CA TYR F 267 64.26 4.70 -16.49
C TYR F 267 64.87 4.57 -17.91
N GLU F 268 64.04 4.30 -18.95
CA GLU F 268 64.56 4.16 -20.30
C GLU F 268 65.30 5.41 -20.78
N MET F 269 64.83 6.60 -20.41
CA MET F 269 65.46 7.84 -20.82
C MET F 269 66.83 8.06 -20.21
N LEU F 270 66.97 7.70 -18.92
CA LEU F 270 68.20 7.92 -18.19
C LEU F 270 69.24 6.81 -18.36
N VAL F 271 68.78 5.57 -18.50
CA VAL F 271 69.66 4.40 -18.59
C VAL F 271 69.96 4.01 -20.02
N GLY F 272 69.00 4.16 -20.90
CA GLY F 272 69.17 3.80 -22.32
C GLY F 272 68.54 2.47 -22.68
N ASP F 273 68.06 1.73 -21.69
CA ASP F 273 67.39 0.45 -21.88
C ASP F 273 66.15 0.43 -20.97
N THR F 274 65.18 -0.44 -21.27
CA THR F 274 64.01 -0.58 -20.41
C THR F 274 64.42 -1.33 -19.13
N PRO F 275 63.73 -1.08 -17.99
CA PRO F 275 64.14 -1.74 -16.74
C PRO F 275 63.97 -3.26 -16.65
N PHE F 276 63.02 -3.80 -17.41
CA PHE F 276 62.72 -5.24 -17.37
C PHE F 276 62.96 -5.90 -18.71
N TYR F 277 63.98 -5.42 -19.45
CA TYR F 277 64.32 -5.98 -20.74
C TYR F 277 64.79 -7.41 -20.57
N ALA F 278 64.35 -8.28 -21.48
CA ALA F 278 64.76 -9.67 -21.61
C ALA F 278 64.56 -10.11 -23.07
N ASP F 279 65.28 -11.13 -23.52
CA ASP F 279 65.17 -11.61 -24.90
C ASP F 279 63.78 -12.07 -25.29
N SER F 280 63.05 -12.69 -24.36
CA SER F 280 61.71 -13.19 -24.67
C SER F 280 60.58 -12.37 -24.03
N LEU F 281 59.36 -12.54 -24.55
CA LEU F 281 58.19 -11.87 -23.99
C LEU F 281 57.93 -12.41 -22.58
N VAL F 282 58.03 -13.74 -22.39
CA VAL F 282 57.82 -14.36 -21.07
C VAL F 282 58.88 -13.95 -20.05
N GLY F 283 60.12 -13.77 -20.54
CA GLY F 283 61.25 -13.32 -19.75
C GLY F 283 61.07 -11.92 -19.22
N THR F 284 60.48 -11.02 -20.05
CA THR F 284 60.20 -9.64 -19.67
C THR F 284 59.05 -9.64 -18.67
N TYR F 285 57.98 -10.42 -18.92
CA TYR F 285 56.84 -10.49 -18.01
C TYR F 285 57.26 -11.00 -16.64
N SER F 286 58.14 -11.99 -16.59
CA SER F 286 58.66 -12.56 -15.35
C SER F 286 59.46 -11.50 -14.57
N LYS F 287 60.26 -10.68 -15.27
CA LYS F 287 61.03 -9.60 -14.67
C LYS F 287 60.10 -8.51 -14.10
N ILE F 288 59.00 -8.21 -14.81
CA ILE F 288 58.02 -7.18 -14.38
C ILE F 288 57.36 -7.59 -13.08
N MET F 289 56.98 -8.86 -12.98
CA MET F 289 56.32 -9.41 -11.81
C MET F 289 57.27 -9.49 -10.60
N ASP F 290 58.55 -9.77 -10.87
CA ASP F 290 59.60 -9.85 -9.86
C ASP F 290 60.30 -8.48 -9.68
N HIS F 291 59.60 -7.35 -9.92
CA HIS F 291 60.23 -6.03 -9.84
C HIS F 291 60.94 -5.72 -8.52
N LYS F 292 60.54 -6.40 -7.43
CA LYS F 292 61.16 -6.21 -6.12
C LYS F 292 62.65 -6.64 -6.13
N ASN F 293 63.03 -7.58 -7.01
CA ASN F 293 64.39 -8.09 -7.11
C ASN F 293 65.03 -7.82 -8.48
N SER F 294 64.21 -7.66 -9.54
CA SER F 294 64.73 -7.51 -10.90
C SER F 294 65.15 -6.10 -11.29
N LEU F 295 64.63 -5.10 -10.58
CA LEU F 295 64.98 -3.73 -10.89
C LEU F 295 66.31 -3.37 -10.27
N CYS F 296 67.29 -3.02 -11.11
CA CYS F 296 68.57 -2.56 -10.60
C CYS F 296 69.25 -1.62 -11.59
N PHE F 297 69.82 -0.55 -11.06
CA PHE F 297 70.46 0.44 -11.86
C PHE F 297 71.89 0.05 -12.17
N PRO F 298 72.27 0.11 -13.47
CA PRO F 298 73.66 -0.19 -13.84
C PRO F 298 74.64 0.79 -13.22
N GLU F 299 75.87 0.33 -12.89
CA GLU F 299 76.84 1.19 -12.22
C GLU F 299 77.41 2.30 -13.11
N ASP F 300 77.26 2.19 -14.42
CA ASP F 300 77.67 3.24 -15.36
C ASP F 300 76.50 4.21 -15.75
N ALA F 301 75.30 3.99 -15.22
CA ALA F 301 74.17 4.86 -15.53
C ALA F 301 74.27 6.22 -14.86
N GLU F 302 74.20 7.30 -15.66
CA GLU F 302 74.30 8.66 -15.15
C GLU F 302 72.97 9.09 -14.56
N ILE F 303 72.75 8.82 -13.26
CA ILE F 303 71.47 9.09 -12.63
C ILE F 303 71.65 9.60 -11.22
N SER F 304 70.77 10.52 -10.79
CA SER F 304 70.80 11.09 -9.45
C SER F 304 70.06 10.18 -8.44
N LYS F 305 70.22 10.45 -7.13
CA LYS F 305 69.55 9.71 -6.07
C LYS F 305 68.04 9.99 -6.11
N HIS F 306 67.64 11.23 -6.43
CA HIS F 306 66.24 11.62 -6.55
C HIS F 306 65.56 10.94 -7.75
N ALA F 307 66.30 10.75 -8.85
CA ALA F 307 65.81 10.09 -10.05
C ALA F 307 65.60 8.61 -9.78
N LYS F 308 66.54 7.97 -9.07
CA LYS F 308 66.37 6.56 -8.71
C LYS F 308 65.21 6.41 -7.75
N ASN F 309 65.06 7.33 -6.79
CA ASN F 309 63.96 7.28 -5.83
C ASN F 309 62.59 7.44 -6.54
N LEU F 310 62.49 8.36 -7.53
CA LEU F 310 61.24 8.55 -8.27
C LEU F 310 60.89 7.35 -9.13
N ILE F 311 61.88 6.73 -9.81
CA ILE F 311 61.65 5.54 -10.62
C ILE F 311 61.13 4.40 -9.74
N CYS F 312 61.77 4.22 -8.56
CA CYS F 312 61.38 3.22 -7.57
C CYS F 312 60.01 3.47 -6.97
N ALA F 313 59.60 4.74 -6.76
CA ALA F 313 58.27 5.04 -6.22
C ALA F 313 57.12 4.71 -7.22
N PHE F 314 57.44 4.69 -8.52
CA PHE F 314 56.49 4.33 -9.58
C PHE F 314 56.52 2.81 -9.83
N LEU F 315 57.72 2.21 -9.76
CA LEU F 315 57.87 0.79 -10.02
C LEU F 315 57.72 -0.08 -8.76
N THR F 316 56.55 0.02 -8.10
CA THR F 316 56.14 -0.75 -6.91
C THR F 316 54.76 -1.39 -7.19
N ASP F 317 54.21 -2.19 -6.25
CA ASP F 317 52.87 -2.77 -6.37
C ASP F 317 51.84 -1.62 -6.34
N ARG F 318 50.72 -1.77 -7.05
CA ARG F 318 49.68 -0.74 -7.16
C ARG F 318 49.21 -0.11 -5.85
N GLU F 319 49.17 -0.89 -4.77
CA GLU F 319 48.71 -0.45 -3.45
C GLU F 319 49.55 0.67 -2.84
N VAL F 320 50.86 0.64 -3.06
CA VAL F 320 51.75 1.63 -2.48
C VAL F 320 52.42 2.57 -3.53
N ARG F 321 52.03 2.43 -4.83
CA ARG F 321 52.55 3.19 -5.98
C ARG F 321 52.27 4.68 -5.95
N LEU F 322 53.27 5.48 -6.35
CA LEU F 322 53.15 6.93 -6.43
C LEU F 322 52.16 7.30 -7.56
N GLY F 323 51.21 8.18 -7.25
CA GLY F 323 50.17 8.56 -8.20
C GLY F 323 48.81 7.94 -7.91
N ARG F 324 48.74 7.01 -6.93
CA ARG F 324 47.51 6.33 -6.55
C ARG F 324 46.51 7.33 -5.97
N ASN F 325 46.99 8.29 -5.15
CA ASN F 325 46.17 9.33 -4.52
C ASN F 325 46.20 10.66 -5.29
N GLY F 326 46.48 10.63 -6.57
CA GLY F 326 46.56 11.86 -7.36
C GLY F 326 47.96 12.35 -7.69
N VAL F 327 48.01 13.42 -8.49
CA VAL F 327 49.25 14.00 -8.98
C VAL F 327 49.98 14.87 -7.96
N GLU F 328 49.33 15.30 -6.84
CA GLU F 328 50.00 16.19 -5.87
C GLU F 328 51.28 15.61 -5.30
N GLU F 329 51.26 14.31 -4.99
CA GLU F 329 52.43 13.63 -4.45
C GLU F 329 53.59 13.55 -5.46
N ILE F 330 53.28 13.39 -6.76
CA ILE F 330 54.25 13.33 -7.87
C ILE F 330 54.85 14.72 -8.13
N ARG F 331 53.99 15.75 -8.10
CA ARG F 331 54.36 17.14 -8.31
C ARG F 331 55.35 17.64 -7.28
N GLN F 332 55.26 17.15 -6.04
CA GLN F 332 56.18 17.62 -5.01
C GLN F 332 57.39 16.70 -4.78
N HIS F 333 57.64 15.74 -5.69
CA HIS F 333 58.82 14.89 -5.56
C HIS F 333 60.07 15.73 -5.78
N PRO F 334 61.11 15.54 -4.94
CA PRO F 334 62.35 16.32 -5.10
C PRO F 334 63.05 16.24 -6.45
N PHE F 335 62.82 15.15 -7.24
CA PHE F 335 63.43 15.05 -8.57
C PHE F 335 63.10 16.25 -9.48
N PHE F 336 61.85 16.73 -9.42
CA PHE F 336 61.40 17.81 -10.28
C PHE F 336 61.88 19.22 -9.88
N LYS F 337 62.66 19.36 -8.78
CA LYS F 337 63.21 20.66 -8.39
C LYS F 337 64.25 21.09 -9.42
N ASN F 338 64.11 22.31 -9.94
CA ASN F 338 65.00 22.85 -11.00
C ASN F 338 64.95 24.39 -11.03
N ASP F 339 65.83 25.04 -11.81
CA ASP F 339 65.84 26.50 -11.90
C ASP F 339 65.32 27.06 -13.24
N GLN F 340 64.63 26.24 -14.04
CA GLN F 340 64.16 26.63 -15.35
C GLN F 340 62.62 26.81 -15.44
N TRP F 341 61.86 25.88 -14.85
CA TRP F 341 60.41 25.92 -14.96
C TRP F 341 59.69 25.56 -13.66
N HIS F 342 58.40 25.93 -13.60
CA HIS F 342 57.42 25.60 -12.58
C HIS F 342 56.33 24.76 -13.26
N TRP F 343 55.49 24.08 -12.48
CA TRP F 343 54.41 23.27 -13.06
C TRP F 343 53.40 24.09 -13.85
N ASP F 344 53.19 25.35 -13.43
CA ASP F 344 52.22 26.22 -14.08
C ASP F 344 52.74 26.91 -15.35
N ASN F 345 54.04 26.81 -15.67
CA ASN F 345 54.56 27.44 -16.87
C ASN F 345 55.49 26.58 -17.73
N ILE F 346 55.72 25.31 -17.39
CA ILE F 346 56.67 24.46 -18.13
C ILE F 346 56.46 24.45 -19.64
N ARG F 347 55.21 24.35 -20.11
CA ARG F 347 54.92 24.32 -21.55
C ARG F 347 55.19 25.66 -22.27
N GLU F 348 55.43 26.75 -21.52
CA GLU F 348 55.73 28.04 -22.11
C GLU F 348 57.21 28.47 -21.88
N THR F 349 58.06 27.53 -21.46
CA THR F 349 59.50 27.70 -21.30
C THR F 349 60.19 27.00 -22.50
N ALA F 350 61.47 27.28 -22.74
CA ALA F 350 62.18 26.69 -23.86
C ALA F 350 62.35 25.16 -23.71
N ALA F 351 61.93 24.40 -24.75
CA ALA F 351 62.04 22.94 -24.75
C ALA F 351 63.51 22.55 -24.96
N PRO F 352 63.95 21.35 -24.50
CA PRO F 352 65.37 20.95 -24.66
C PRO F 352 65.83 20.88 -26.10
N VAL F 353 65.00 20.30 -26.97
CA VAL F 353 65.29 20.18 -28.40
C VAL F 353 64.21 20.88 -29.18
N VAL F 354 64.55 21.97 -29.87
CA VAL F 354 63.58 22.67 -30.70
C VAL F 354 63.77 22.18 -32.12
N PRO F 355 62.72 21.63 -32.75
CA PRO F 355 62.89 21.10 -34.14
C PRO F 355 63.31 22.16 -35.18
N GLU F 356 64.23 21.77 -36.06
CA GLU F 356 64.71 22.63 -37.15
C GLU F 356 64.03 22.11 -38.42
N LEU F 357 62.93 22.75 -38.83
CA LEU F 357 62.15 22.28 -39.96
C LEU F 357 62.36 23.17 -41.17
N SER F 358 62.46 22.57 -42.36
CA SER F 358 62.70 23.32 -43.56
C SER F 358 61.43 23.77 -44.30
N SER F 359 60.25 23.20 -43.96
CA SER F 359 58.97 23.54 -44.57
C SER F 359 57.80 22.97 -43.75
N ASP F 360 56.54 23.27 -44.14
CA ASP F 360 55.34 22.77 -43.49
C ASP F 360 55.10 21.26 -43.72
N ILE F 361 55.84 20.62 -44.63
CA ILE F 361 55.72 19.17 -44.88
C ILE F 361 57.02 18.41 -44.56
N ASP F 362 57.92 19.02 -43.78
CA ASP F 362 59.14 18.38 -43.36
C ASP F 362 58.80 17.23 -42.41
N SER F 363 59.08 15.98 -42.81
CA SER F 363 58.82 14.82 -41.95
C SER F 363 60.13 14.07 -41.60
N SER F 364 61.22 14.81 -41.47
CA SER F 364 62.54 14.27 -41.18
C SER F 364 62.64 13.64 -39.80
N ASN F 365 61.74 14.02 -38.86
CA ASN F 365 61.71 13.40 -37.53
C ASN F 365 60.84 12.13 -37.49
N PHE F 366 60.45 11.62 -38.65
CA PHE F 366 59.66 10.41 -38.82
C PHE F 366 60.41 9.45 -39.73
N ASP F 367 60.60 8.23 -39.26
CA ASP F 367 61.25 7.20 -40.03
C ASP F 367 60.31 6.78 -41.15
N ASP F 368 60.89 6.32 -42.26
CA ASP F 368 60.10 5.88 -43.40
C ASP F 368 59.31 4.63 -43.02
N ILE F 369 58.09 4.53 -43.55
CA ILE F 369 57.21 3.41 -43.24
C ILE F 369 57.20 2.40 -44.39
N GLU F 370 57.31 1.10 -44.07
CA GLU F 370 57.27 0.03 -45.05
C GLU F 370 55.82 -0.46 -45.21
N ASP F 371 55.31 -0.58 -46.44
CA ASP F 371 53.94 -1.06 -46.67
C ASP F 371 53.82 -2.61 -46.54
N VAL F 376 44.79 -5.31 -48.76
CA VAL F 376 43.63 -4.43 -48.63
C VAL F 376 42.33 -5.17 -48.98
N GLU F 377 41.77 -5.92 -48.02
CA GLU F 377 40.54 -6.69 -48.27
C GLU F 377 39.25 -5.88 -48.01
N THR F 378 38.27 -6.03 -48.91
CA THR F 378 36.98 -5.36 -48.83
C THR F 378 35.87 -6.32 -48.31
N PHE F 379 34.74 -5.76 -47.87
CA PHE F 379 33.59 -6.56 -47.42
C PHE F 379 33.00 -7.29 -48.64
N PRO F 380 32.62 -8.57 -48.48
CA PRO F 380 32.00 -9.29 -49.60
C PRO F 380 30.60 -8.76 -49.93
N ILE F 381 30.20 -8.79 -51.22
CA ILE F 381 28.87 -8.35 -51.65
C ILE F 381 27.83 -9.26 -50.99
N PRO F 382 26.93 -8.68 -50.17
CA PRO F 382 25.98 -9.53 -49.44
C PRO F 382 24.72 -9.94 -50.22
N LYS F 383 24.20 -11.12 -49.84
CA LYS F 383 22.97 -11.69 -50.37
C LYS F 383 21.73 -11.15 -49.61
N ALA F 384 21.92 -10.77 -48.33
CA ALA F 384 20.89 -10.17 -47.48
C ALA F 384 21.50 -9.00 -46.65
N PHE F 385 20.64 -8.16 -46.03
CA PHE F 385 21.08 -7.04 -45.22
C PHE F 385 21.95 -7.51 -44.06
N VAL F 386 23.18 -6.97 -43.98
CA VAL F 386 24.10 -7.31 -42.90
C VAL F 386 24.41 -6.11 -42.00
N GLY F 387 24.29 -4.90 -42.53
CA GLY F 387 24.51 -3.69 -41.74
C GLY F 387 25.93 -3.43 -41.31
N ASN F 388 26.91 -3.56 -42.24
CA ASN F 388 28.32 -3.31 -41.91
C ASN F 388 28.63 -1.83 -41.65
N GLN F 389 27.79 -0.90 -42.12
CA GLN F 389 27.98 0.52 -41.91
C GLN F 389 27.38 1.04 -40.60
N LEU F 390 26.44 0.28 -40.00
CA LEU F 390 25.76 0.61 -38.74
C LEU F 390 26.66 0.95 -37.55
N PRO F 391 27.82 0.26 -37.31
CA PRO F 391 28.65 0.63 -36.13
C PRO F 391 29.34 1.98 -36.22
N PHE F 392 29.37 2.59 -37.42
CA PHE F 392 30.08 3.84 -37.72
C PHE F 392 29.17 5.07 -37.80
N ILE F 393 27.85 4.92 -37.63
CA ILE F 393 26.89 6.03 -37.67
C ILE F 393 27.13 6.97 -36.48
N GLY F 394 27.41 8.23 -36.78
CA GLY F 394 27.70 9.22 -35.75
C GLY F 394 29.18 9.57 -35.63
N PHE F 395 30.03 8.98 -36.50
CA PHE F 395 31.47 9.26 -36.44
C PHE F 395 31.81 10.63 -37.00
N THR F 396 31.10 11.07 -38.06
CA THR F 396 31.30 12.37 -38.68
C THR F 396 31.20 13.53 -37.67
N TYR F 397 32.20 14.42 -37.71
CA TYR F 397 32.33 15.59 -36.86
C TYR F 397 33.12 16.69 -37.59
N TYR F 398 32.60 17.93 -37.54
CA TYR F 398 33.26 19.07 -38.15
C TYR F 398 33.42 20.13 -37.07
N ARG F 399 34.67 20.53 -36.74
CA ARG F 399 34.95 21.53 -35.70
C ARG F 399 34.37 22.90 -36.07
N GLY G 5 -34.08 -12.25 5.37
CA GLY G 5 -34.12 -11.44 4.16
C GLY G 5 -32.78 -10.82 3.81
N ALA G 6 -32.53 -9.57 4.32
CA ALA G 6 -31.35 -8.69 4.20
C ALA G 6 -30.00 -9.38 4.47
N SER G 7 -30.08 -10.58 5.06
CA SER G 7 -28.94 -11.42 5.32
C SER G 7 -28.33 -11.88 3.99
N ARG G 8 -29.16 -12.07 2.92
CA ARG G 8 -28.65 -12.45 1.60
C ARG G 8 -27.84 -11.31 1.02
N GLN G 9 -28.33 -10.07 1.13
CA GLN G 9 -27.62 -8.91 0.62
C GLN G 9 -26.33 -8.62 1.42
N ARG G 10 -26.32 -8.98 2.71
CA ARG G 10 -25.17 -8.78 3.59
C ARG G 10 -24.10 -9.83 3.24
N LYS G 11 -24.51 -11.09 3.06
CA LYS G 11 -23.64 -12.20 2.70
C LYS G 11 -22.98 -11.91 1.36
N LEU G 12 -23.75 -11.40 0.39
CA LEU G 12 -23.26 -11.06 -0.94
C LEU G 12 -22.28 -9.90 -0.93
N GLU G 13 -22.54 -8.87 -0.11
CA GLU G 13 -21.64 -7.71 -0.01
C GLU G 13 -20.32 -8.08 0.65
N ALA G 14 -20.35 -9.07 1.59
CA ALA G 14 -19.17 -9.58 2.26
C ALA G 14 -18.27 -10.32 1.27
N LEU G 15 -18.87 -11.06 0.32
CA LEU G 15 -18.14 -11.81 -0.70
C LEU G 15 -17.39 -10.88 -1.61
N ILE G 16 -17.98 -9.75 -1.98
CA ILE G 16 -17.32 -8.80 -2.88
C ILE G 16 -16.23 -7.97 -2.18
N ARG G 17 -16.37 -7.75 -0.85
CA ARG G 17 -15.37 -6.99 -0.08
C ARG G 17 -14.10 -7.78 0.20
N ASP G 18 -14.22 -9.09 0.38
CA ASP G 18 -13.13 -10.00 0.66
C ASP G 18 -12.04 -9.93 -0.43
N PRO G 19 -10.81 -9.57 -0.05
CA PRO G 19 -9.73 -9.49 -1.05
C PRO G 19 -9.29 -10.84 -1.59
N ARG G 20 -9.57 -11.94 -0.85
CA ARG G 20 -9.26 -13.29 -1.33
C ARG G 20 -10.37 -13.86 -2.23
N SER G 21 -11.51 -13.18 -2.35
CA SER G 21 -12.69 -13.62 -3.12
C SER G 21 -12.54 -13.58 -4.64
N PRO G 22 -13.03 -14.64 -5.31
CA PRO G 22 -13.02 -14.62 -6.79
C PRO G 22 -13.96 -13.59 -7.41
N ILE G 23 -14.89 -13.02 -6.62
CA ILE G 23 -15.82 -12.00 -7.11
C ILE G 23 -15.61 -10.63 -6.45
N ASN G 24 -14.36 -10.30 -6.08
CA ASN G 24 -14.08 -8.95 -5.59
C ASN G 24 -14.17 -7.98 -6.79
N VAL G 25 -14.16 -6.66 -6.56
CA VAL G 25 -14.33 -5.71 -7.66
C VAL G 25 -13.21 -5.85 -8.72
N GLU G 26 -11.98 -6.14 -8.32
CA GLU G 26 -10.89 -6.32 -9.29
C GLU G 26 -11.15 -7.49 -10.22
N SER G 27 -11.59 -8.63 -9.65
CA SER G 27 -11.98 -9.82 -10.44
C SER G 27 -13.16 -9.55 -11.38
N LEU G 28 -14.18 -8.80 -10.90
CA LEU G 28 -15.35 -8.43 -11.69
C LEU G 28 -14.97 -7.53 -12.86
N LEU G 29 -14.03 -6.60 -12.66
CA LEU G 29 -13.52 -5.75 -13.73
C LEU G 29 -12.69 -6.58 -14.72
N ASP G 30 -11.97 -7.61 -14.25
CA ASP G 30 -11.21 -8.51 -15.13
C ASP G 30 -12.16 -9.24 -16.03
N GLY G 31 -13.29 -9.71 -15.50
CA GLY G 31 -14.33 -10.37 -16.27
C GLY G 31 -14.84 -9.50 -17.41
N LEU G 32 -15.11 -8.22 -17.14
CA LEU G 32 -15.57 -7.30 -18.17
C LEU G 32 -14.45 -7.01 -19.19
N ASN G 33 -13.22 -6.72 -18.74
CA ASN G 33 -12.09 -6.42 -19.64
C ASN G 33 -11.78 -7.59 -20.56
N SER G 34 -11.76 -8.82 -20.01
CA SER G 34 -11.47 -10.05 -20.74
C SER G 34 -12.55 -10.34 -21.75
N LEU G 35 -13.82 -10.10 -21.40
CA LEU G 35 -14.96 -10.31 -22.29
C LEU G 35 -14.82 -9.36 -23.49
N VAL G 36 -14.49 -8.09 -23.25
CA VAL G 36 -14.29 -7.11 -24.31
C VAL G 36 -13.09 -7.48 -25.19
N LEU G 37 -11.95 -7.88 -24.60
CA LEU G 37 -10.73 -8.29 -25.33
C LEU G 37 -11.01 -9.50 -26.24
N ASP G 38 -11.71 -10.50 -25.72
CA ASP G 38 -12.04 -11.73 -26.44
C ASP G 38 -13.14 -11.62 -27.49
N LEU G 39 -13.87 -10.48 -27.53
CA LEU G 39 -14.96 -10.26 -28.47
C LEU G 39 -14.63 -9.16 -29.48
N ASP G 40 -13.70 -8.25 -29.19
CA ASP G 40 -13.39 -7.14 -30.08
C ASP G 40 -12.51 -7.52 -31.26
N PHE G 41 -13.08 -8.33 -32.16
CA PHE G 41 -12.48 -8.80 -33.40
C PHE G 41 -13.49 -8.62 -34.53
N PRO G 42 -13.05 -8.16 -35.71
CA PRO G 42 -13.99 -7.90 -36.81
C PRO G 42 -14.91 -9.06 -37.19
N ALA G 43 -14.40 -10.30 -37.17
CA ALA G 43 -15.20 -11.49 -37.50
C ALA G 43 -16.32 -11.71 -36.49
N LEU G 44 -16.03 -11.55 -35.20
CA LEU G 44 -17.00 -11.75 -34.11
C LEU G 44 -18.04 -10.63 -34.06
N ARG G 45 -17.61 -9.40 -34.37
CA ARG G 45 -18.47 -8.22 -34.43
C ARG G 45 -19.56 -8.31 -35.55
N LYS G 46 -19.52 -9.34 -36.40
CA LYS G 46 -20.57 -9.54 -37.40
C LYS G 46 -21.89 -9.90 -36.67
N ASN G 47 -21.79 -10.62 -35.52
CA ASN G 47 -22.89 -10.99 -34.63
C ASN G 47 -23.40 -9.67 -34.00
N LYS G 48 -24.72 -9.38 -34.12
CA LYS G 48 -25.33 -8.16 -33.61
C LYS G 48 -25.26 -8.09 -32.09
N ASN G 49 -25.47 -9.24 -31.39
CA ASN G 49 -25.37 -9.30 -29.93
C ASN G 49 -24.02 -8.78 -29.44
N ILE G 50 -22.92 -9.29 -30.05
CA ILE G 50 -21.54 -8.91 -29.76
C ILE G 50 -21.25 -7.47 -30.14
N ASP G 51 -21.62 -7.07 -31.35
CA ASP G 51 -21.34 -5.71 -31.82
C ASP G 51 -22.06 -4.64 -30.99
N ASN G 52 -23.33 -4.86 -30.64
CA ASN G 52 -24.07 -3.89 -29.85
C ASN G 52 -23.55 -3.79 -28.42
N PHE G 53 -23.16 -4.93 -27.81
CA PHE G 53 -22.57 -4.95 -26.46
C PHE G 53 -21.28 -4.14 -26.44
N LEU G 54 -20.39 -4.34 -27.43
CA LEU G 54 -19.13 -3.61 -27.52
C LEU G 54 -19.36 -2.12 -27.73
N ASN G 55 -20.42 -1.73 -28.47
CA ASN G 55 -20.74 -0.32 -28.67
C ASN G 55 -21.24 0.33 -27.36
N ARG G 56 -22.02 -0.40 -26.54
CA ARG G 56 -22.52 0.07 -25.25
C ARG G 56 -21.38 0.25 -24.23
N TYR G 57 -20.46 -0.71 -24.17
CA TYR G 57 -19.37 -0.68 -23.20
C TYR G 57 -18.09 -0.03 -23.72
N GLU G 58 -18.09 0.54 -24.92
CA GLU G 58 -16.90 1.18 -25.51
C GLU G 58 -16.35 2.34 -24.68
N LYS G 59 -17.17 3.36 -24.38
CA LYS G 59 -16.72 4.52 -23.62
C LYS G 59 -16.25 4.18 -22.20
N ILE G 60 -17.01 3.34 -21.47
CA ILE G 60 -16.65 2.97 -20.11
C ILE G 60 -15.39 2.08 -20.06
N VAL G 61 -15.20 1.16 -21.02
CA VAL G 61 -14.04 0.28 -21.03
C VAL G 61 -12.76 1.04 -21.38
N LYS G 62 -12.85 2.08 -22.21
CA LYS G 62 -11.72 2.93 -22.54
C LYS G 62 -11.33 3.75 -21.30
N LYS G 63 -12.35 4.25 -20.56
CA LYS G 63 -12.17 5.04 -19.34
C LYS G 63 -11.49 4.20 -18.24
N ILE G 64 -11.96 2.95 -18.03
CA ILE G 64 -11.42 2.00 -17.05
C ILE G 64 -9.97 1.64 -17.38
N ARG G 65 -9.65 1.47 -18.67
CA ARG G 65 -8.33 1.12 -19.15
C ARG G 65 -7.28 2.19 -18.86
N GLY G 66 -7.70 3.46 -18.92
CA GLY G 66 -6.82 4.58 -18.63
C GLY G 66 -6.60 4.79 -17.15
N LEU G 67 -7.60 4.44 -16.32
CA LEU G 67 -7.50 4.58 -14.88
C LEU G 67 -6.71 3.44 -14.22
N GLN G 68 -6.89 2.21 -14.71
CA GLN G 68 -6.27 1.04 -14.13
C GLN G 68 -4.79 0.97 -14.37
N MET G 69 -4.09 0.30 -13.45
CA MET G 69 -2.66 0.14 -13.53
C MET G 69 -2.25 -0.59 -14.82
N LYS G 70 -1.24 -0.07 -15.49
CA LYS G 70 -0.76 -0.63 -16.73
C LYS G 70 0.78 -0.57 -16.82
N ALA G 71 1.38 -1.37 -17.70
CA ALA G 71 2.83 -1.40 -17.86
C ALA G 71 3.43 -0.03 -18.18
N GLU G 72 2.64 0.87 -18.82
CA GLU G 72 3.11 2.22 -19.16
C GLU G 72 3.28 3.11 -17.93
N ASP G 73 2.75 2.72 -16.75
CA ASP G 73 2.95 3.47 -15.51
C ASP G 73 4.37 3.29 -14.93
N TYR G 74 5.15 2.34 -15.47
CA TYR G 74 6.49 2.02 -15.01
C TYR G 74 7.54 2.28 -16.08
N ASP G 75 8.73 2.68 -15.65
CA ASP G 75 9.87 2.85 -16.53
C ASP G 75 10.73 1.62 -16.34
N VAL G 76 11.05 0.89 -17.41
CA VAL G 76 11.92 -0.29 -17.27
C VAL G 76 13.35 0.15 -17.20
N VAL G 77 14.02 -0.20 -16.10
CA VAL G 77 15.43 0.17 -15.92
C VAL G 77 16.35 -0.89 -16.47
N LYS G 78 16.11 -2.16 -16.15
CA LYS G 78 16.98 -3.27 -16.59
C LYS G 78 16.28 -4.61 -16.40
N VAL G 79 16.66 -5.65 -17.16
CA VAL G 79 16.16 -7.01 -16.96
C VAL G 79 17.09 -7.67 -15.95
N ILE G 80 16.58 -8.02 -14.76
CA ILE G 80 17.40 -8.63 -13.72
C ILE G 80 17.21 -10.14 -13.56
N GLY G 81 16.25 -10.71 -14.26
CA GLY G 81 15.97 -12.14 -14.17
C GLY G 81 15.23 -12.64 -15.39
N ARG G 82 15.31 -13.94 -15.61
CA ARG G 82 14.66 -14.59 -16.73
C ARG G 82 14.17 -15.94 -16.27
N GLY G 83 13.05 -16.39 -16.86
CA GLY G 83 12.45 -17.67 -16.56
C GLY G 83 11.68 -18.23 -17.72
N ALA G 84 11.13 -19.42 -17.54
CA ALA G 84 10.39 -20.20 -18.52
C ALA G 84 9.33 -19.44 -19.30
N PHE G 85 8.54 -18.55 -18.64
CA PHE G 85 7.46 -17.84 -19.31
C PHE G 85 7.60 -16.32 -19.34
N GLY G 86 8.77 -15.79 -19.06
CA GLY G 86 8.98 -14.35 -19.06
C GLY G 86 10.25 -13.87 -18.42
N GLU G 87 10.20 -12.71 -17.77
CA GLU G 87 11.36 -12.09 -17.17
C GLU G 87 11.02 -11.20 -15.95
N VAL G 88 12.04 -10.81 -15.19
CA VAL G 88 11.89 -9.92 -14.07
C VAL G 88 12.63 -8.62 -14.42
N GLN G 89 11.93 -7.51 -14.35
CA GLN G 89 12.50 -6.22 -14.68
C GLN G 89 12.62 -5.37 -13.44
N LEU G 90 13.69 -4.58 -13.36
CA LEU G 90 13.83 -3.58 -12.31
C LEU G 90 13.12 -2.37 -12.90
N VAL G 91 12.06 -1.90 -12.25
CA VAL G 91 11.25 -0.79 -12.80
C VAL G 91 11.11 0.34 -11.79
N ARG G 92 10.72 1.52 -12.25
CA ARG G 92 10.44 2.65 -11.38
C ARG G 92 9.03 3.13 -11.70
N HIS G 93 8.16 3.27 -10.70
CA HIS G 93 6.81 3.77 -10.93
C HIS G 93 6.91 5.25 -11.30
N LYS G 94 6.40 5.64 -12.48
CA LYS G 94 6.50 7.01 -12.98
C LYS G 94 5.93 8.08 -12.05
N ALA G 95 4.79 7.83 -11.42
CA ALA G 95 4.19 8.83 -10.54
C ALA G 95 4.84 8.94 -9.15
N SER G 96 5.00 7.80 -8.45
CA SER G 96 5.58 7.79 -7.11
C SER G 96 7.11 7.82 -7.05
N GLN G 97 7.77 7.50 -8.18
CA GLN G 97 9.23 7.41 -8.32
C GLN G 97 9.84 6.25 -7.50
N LYS G 98 9.00 5.32 -7.00
CA LYS G 98 9.42 4.19 -6.18
C LYS G 98 9.88 3.05 -7.07
N VAL G 99 10.93 2.38 -6.65
CA VAL G 99 11.52 1.27 -7.38
C VAL G 99 10.97 -0.10 -6.93
N TYR G 100 10.69 -0.99 -7.89
CA TYR G 100 10.17 -2.30 -7.65
C TYR G 100 10.81 -3.31 -8.59
N ALA G 101 10.57 -4.61 -8.35
CA ALA G 101 10.93 -5.67 -9.28
C ALA G 101 9.60 -6.14 -9.87
N MET G 102 9.47 -6.20 -11.21
CA MET G 102 8.24 -6.61 -11.86
C MET G 102 8.40 -7.88 -12.66
N LYS G 103 7.67 -8.94 -12.28
CA LYS G 103 7.73 -10.22 -12.95
C LYS G 103 6.61 -10.32 -14.01
N LEU G 104 7.00 -10.62 -15.26
CA LEU G 104 6.09 -10.72 -16.40
C LEU G 104 5.91 -12.18 -16.80
N LEU G 105 4.68 -12.56 -17.13
CA LEU G 105 4.37 -13.91 -17.56
C LEU G 105 3.58 -13.84 -18.85
N SER G 106 4.08 -14.47 -19.93
CA SER G 106 3.44 -14.48 -21.24
C SER G 106 2.20 -15.34 -21.24
N LYS G 107 1.03 -14.74 -21.55
CA LYS G 107 -0.24 -15.46 -21.61
C LYS G 107 -0.19 -16.51 -22.72
N PHE G 108 0.36 -16.13 -23.88
CA PHE G 108 0.53 -17.03 -25.01
C PHE G 108 1.35 -18.30 -24.65
N GLU G 109 2.55 -18.13 -24.05
CA GLU G 109 3.39 -19.26 -23.68
C GLU G 109 2.76 -20.14 -22.62
N MET G 110 2.07 -19.53 -21.64
CA MET G 110 1.43 -20.28 -20.59
C MET G 110 0.27 -21.12 -21.12
N ILE G 111 -0.48 -20.61 -22.12
CA ILE G 111 -1.57 -21.36 -22.71
C ILE G 111 -1.01 -22.47 -23.61
N LYS G 112 -0.08 -22.09 -24.53
CA LYS G 112 0.56 -23.03 -25.45
C LYS G 112 1.22 -24.19 -24.70
N ARG G 113 1.99 -23.90 -23.65
CA ARG G 113 2.68 -24.95 -22.90
C ARG G 113 1.88 -25.48 -21.75
N SER G 114 0.53 -25.44 -21.86
CA SER G 114 -0.50 -25.91 -20.91
C SER G 114 -0.11 -25.78 -19.43
N ASP G 115 0.50 -24.65 -19.06
CA ASP G 115 0.91 -24.38 -17.69
C ASP G 115 0.34 -23.00 -17.31
N SER G 116 -0.99 -22.92 -17.08
CA SER G 116 -1.65 -21.65 -16.79
C SER G 116 -2.45 -21.63 -15.47
N ALA G 117 -1.90 -22.26 -14.41
CA ALA G 117 -2.56 -22.25 -13.11
C ALA G 117 -1.59 -22.04 -11.93
N PHE G 118 -0.28 -22.17 -12.17
CA PHE G 118 0.78 -22.03 -11.16
C PHE G 118 0.86 -20.64 -10.49
N PHE G 119 0.47 -19.58 -11.22
CA PHE G 119 0.56 -18.20 -10.77
C PHE G 119 -0.44 -17.82 -9.66
N TRP G 120 -1.49 -18.61 -9.46
CA TRP G 120 -2.48 -18.32 -8.42
C TRP G 120 -1.87 -18.42 -7.03
N GLU G 121 -1.17 -19.54 -6.73
CA GLU G 121 -0.49 -19.68 -5.44
C GLU G 121 0.68 -18.74 -5.33
N GLU G 122 1.39 -18.47 -6.43
CA GLU G 122 2.51 -17.55 -6.41
C GLU G 122 2.06 -16.14 -6.04
N ARG G 123 0.99 -15.67 -6.66
CA ARG G 123 0.45 -14.35 -6.38
C ARG G 123 -0.07 -14.29 -4.94
N ASP G 124 -0.83 -15.32 -4.51
CA ASP G 124 -1.37 -15.36 -3.16
C ASP G 124 -0.33 -15.41 -2.05
N ILE G 125 0.76 -16.18 -2.23
CA ILE G 125 1.84 -16.28 -1.24
C ILE G 125 2.46 -14.91 -1.05
N MET G 126 2.79 -14.24 -2.15
CA MET G 126 3.44 -12.93 -2.09
C MET G 126 2.50 -11.82 -1.61
N ALA G 127 1.22 -11.89 -1.97
CA ALA G 127 0.26 -10.87 -1.54
C ALA G 127 -0.15 -11.00 -0.07
N PHE G 128 -0.36 -12.23 0.41
CA PHE G 128 -0.95 -12.41 1.72
C PHE G 128 -0.13 -13.16 2.78
N ALA G 129 1.16 -13.42 2.55
CA ALA G 129 1.97 -14.11 3.55
C ALA G 129 2.16 -13.29 4.83
N ASN G 130 2.41 -11.96 4.69
CA ASN G 130 2.74 -11.04 5.79
C ASN G 130 3.90 -11.63 6.64
N SER G 131 4.92 -12.08 5.93
CA SER G 131 6.09 -12.70 6.51
C SER G 131 7.30 -11.98 6.01
N PRO G 132 8.25 -11.69 6.90
CA PRO G 132 9.51 -11.08 6.43
C PRO G 132 10.35 -12.05 5.57
N TRP G 133 10.00 -13.33 5.51
CA TRP G 133 10.72 -14.33 4.72
C TRP G 133 10.25 -14.50 3.29
N VAL G 134 9.16 -13.82 2.90
CA VAL G 134 8.56 -13.94 1.60
C VAL G 134 8.57 -12.57 0.93
N VAL G 135 8.99 -12.51 -0.36
CA VAL G 135 8.98 -11.26 -1.12
C VAL G 135 7.52 -10.77 -1.22
N GLN G 136 7.28 -9.53 -0.83
CA GLN G 136 5.97 -8.94 -0.83
C GLN G 136 5.57 -8.45 -2.23
N LEU G 137 4.31 -8.71 -2.61
CA LEU G 137 3.72 -8.25 -3.84
C LEU G 137 2.80 -7.08 -3.50
N PHE G 138 2.94 -5.97 -4.21
CA PHE G 138 2.12 -4.79 -3.98
C PHE G 138 0.96 -4.77 -4.97
N TYR G 139 1.26 -5.07 -6.24
CA TYR G 139 0.26 -5.05 -7.29
C TYR G 139 0.39 -6.25 -8.22
N ALA G 140 -0.74 -6.70 -8.72
CA ALA G 140 -0.83 -7.75 -9.70
C ALA G 140 -1.83 -7.19 -10.72
N PHE G 141 -1.39 -7.05 -11.95
CA PHE G 141 -2.23 -6.53 -13.03
C PHE G 141 -1.94 -7.31 -14.32
N GLN G 142 -2.65 -6.97 -15.39
CA GLN G 142 -2.50 -7.69 -16.64
C GLN G 142 -2.92 -6.82 -17.82
N ASP G 143 -2.44 -7.20 -18.99
CA ASP G 143 -2.84 -6.59 -20.25
C ASP G 143 -3.20 -7.78 -21.21
N ASP G 144 -3.37 -7.50 -22.52
CA ASP G 144 -3.73 -8.57 -23.45
C ASP G 144 -2.64 -9.64 -23.61
N ARG G 145 -1.35 -9.26 -23.42
CA ARG G 145 -0.23 -10.19 -23.60
C ARG G 145 0.38 -10.76 -22.33
N TYR G 146 0.43 -9.98 -21.24
CA TYR G 146 1.10 -10.43 -20.02
C TYR G 146 0.33 -10.29 -18.73
N LEU G 147 0.79 -11.06 -17.73
CA LEU G 147 0.45 -10.95 -16.31
C LEU G 147 1.66 -10.23 -15.68
N TYR G 148 1.41 -9.28 -14.78
CA TYR G 148 2.49 -8.55 -14.13
C TYR G 148 2.40 -8.70 -12.62
N MET G 149 3.54 -8.85 -11.95
CA MET G 149 3.59 -8.94 -10.50
C MET G 149 4.63 -7.95 -10.01
N VAL G 150 4.19 -6.84 -9.37
CA VAL G 150 5.03 -5.76 -8.84
C VAL G 150 5.39 -6.11 -7.42
N MET G 151 6.65 -6.40 -7.19
CA MET G 151 7.13 -6.86 -5.88
C MET G 151 8.20 -5.93 -5.30
N GLU G 152 8.54 -6.15 -4.01
CA GLU G 152 9.62 -5.37 -3.41
C GLU G 152 10.93 -5.83 -4.02
N TYR G 153 11.78 -4.87 -4.41
CA TYR G 153 13.05 -5.17 -5.03
C TYR G 153 14.05 -5.63 -3.94
N MET G 154 14.79 -6.73 -4.20
CA MET G 154 15.80 -7.29 -3.30
C MET G 154 17.16 -6.97 -3.87
N PRO G 155 17.77 -5.83 -3.46
CA PRO G 155 19.02 -5.38 -4.13
C PRO G 155 20.27 -6.14 -3.79
N GLY G 156 20.23 -7.01 -2.79
CA GLY G 156 21.36 -7.83 -2.37
C GLY G 156 21.68 -9.00 -3.30
N GLY G 157 20.77 -9.31 -4.25
CA GLY G 157 20.98 -10.41 -5.18
C GLY G 157 20.67 -11.76 -4.57
N ASP G 158 20.97 -12.86 -5.28
CA ASP G 158 20.67 -14.19 -4.78
C ASP G 158 21.88 -14.86 -4.10
N LEU G 159 21.68 -16.06 -3.52
CA LEU G 159 22.76 -16.78 -2.85
C LEU G 159 23.71 -17.48 -3.81
N VAL G 160 23.36 -17.59 -5.11
CA VAL G 160 24.28 -18.11 -6.12
C VAL G 160 25.41 -17.05 -6.31
N ASN G 161 25.00 -15.77 -6.42
CA ASN G 161 25.87 -14.63 -6.58
C ASN G 161 26.77 -14.47 -5.35
N LEU G 162 26.21 -14.66 -4.14
CA LEU G 162 26.97 -14.55 -2.91
C LEU G 162 28.06 -15.60 -2.87
N MET G 163 27.72 -16.86 -3.20
CA MET G 163 28.66 -17.96 -3.19
C MET G 163 29.79 -17.83 -4.18
N SER G 164 29.55 -17.20 -5.33
CA SER G 164 30.60 -17.03 -6.33
C SER G 164 31.55 -15.86 -6.01
N ASN G 165 31.11 -14.88 -5.20
CA ASN G 165 31.96 -13.75 -4.83
C ASN G 165 32.63 -13.88 -3.47
N TYR G 166 32.25 -14.89 -2.67
CA TYR G 166 32.80 -15.08 -1.35
C TYR G 166 33.07 -16.54 -1.08
N ASP G 167 34.12 -16.76 -0.27
CA ASP G 167 34.47 -18.06 0.26
C ASP G 167 33.65 -18.03 1.53
N VAL G 168 32.56 -18.82 1.58
CA VAL G 168 31.66 -18.77 2.72
C VAL G 168 32.20 -19.47 3.97
N PRO G 169 32.46 -18.71 5.05
CA PRO G 169 32.85 -19.35 6.32
C PRO G 169 31.64 -19.99 6.99
N GLU G 170 31.89 -21.02 7.81
CA GLU G 170 30.86 -21.77 8.51
C GLU G 170 29.95 -20.90 9.38
N LYS G 171 30.44 -19.77 9.91
CA LYS G 171 29.60 -18.88 10.71
C LYS G 171 28.52 -18.21 9.84
N TRP G 172 28.86 -17.90 8.58
CA TRP G 172 27.94 -17.31 7.62
C TRP G 172 26.95 -18.36 7.16
N ALA G 173 27.45 -19.57 6.82
CA ALA G 173 26.63 -20.70 6.40
C ALA G 173 25.56 -21.05 7.44
N LYS G 174 25.89 -20.96 8.72
CA LYS G 174 24.99 -21.21 9.82
C LYS G 174 23.87 -20.16 9.84
N PHE G 175 24.19 -18.89 9.62
CA PHE G 175 23.20 -17.80 9.56
C PHE G 175 22.24 -17.97 8.35
N TYR G 176 22.77 -18.23 7.14
CA TYR G 176 21.94 -18.39 5.95
C TYR G 176 21.08 -19.65 6.00
N THR G 177 21.61 -20.73 6.57
CA THR G 177 20.85 -21.98 6.70
C THR G 177 19.72 -21.78 7.68
N ALA G 178 19.98 -21.09 8.80
CA ALA G 178 18.94 -20.82 9.80
C ALA G 178 17.82 -19.96 9.24
N GLU G 179 18.18 -19.02 8.37
CA GLU G 179 17.22 -18.14 7.74
C GLU G 179 16.35 -18.91 6.73
N VAL G 180 16.96 -19.87 6.03
CA VAL G 180 16.24 -20.74 5.08
C VAL G 180 15.31 -21.68 5.85
N VAL G 181 15.74 -22.18 6.99
CA VAL G 181 14.98 -23.05 7.90
C VAL G 181 13.74 -22.31 8.40
N LEU G 182 13.86 -21.01 8.76
CA LEU G 182 12.69 -20.22 9.18
C LEU G 182 11.80 -19.85 8.02
N ALA G 183 12.37 -19.58 6.84
CA ALA G 183 11.59 -19.21 5.65
C ALA G 183 10.76 -20.40 5.18
N LEU G 184 11.35 -21.60 5.19
CA LEU G 184 10.66 -22.82 4.80
C LEU G 184 9.64 -23.17 5.86
N ASP G 185 9.96 -23.00 7.15
CA ASP G 185 8.96 -23.22 8.21
C ASP G 185 7.73 -22.30 8.03
N ALA G 186 7.92 -21.05 7.57
CA ALA G 186 6.81 -20.13 7.32
C ALA G 186 5.96 -20.58 6.13
N ILE G 187 6.61 -21.08 5.06
CA ILE G 187 5.91 -21.58 3.89
C ILE G 187 5.14 -22.84 4.27
N HIS G 188 5.77 -23.73 5.04
CA HIS G 188 5.16 -24.97 5.50
C HIS G 188 3.97 -24.68 6.42
N SER G 189 4.07 -23.65 7.29
CA SER G 189 2.99 -23.22 8.18
C SER G 189 1.78 -22.68 7.43
N MET G 190 1.99 -22.12 6.22
CA MET G 190 0.88 -21.69 5.38
C MET G 190 0.25 -22.88 4.62
N GLY G 191 0.68 -24.10 4.91
CA GLY G 191 0.17 -25.30 4.26
C GLY G 191 0.77 -25.55 2.89
N LEU G 192 1.99 -25.08 2.62
CA LEU G 192 2.61 -25.25 1.30
C LEU G 192 3.95 -25.98 1.32
N ILE G 193 4.27 -26.62 0.20
CA ILE G 193 5.57 -27.26 -0.04
C ILE G 193 6.15 -26.50 -1.22
N HIS G 194 7.37 -25.98 -1.06
CA HIS G 194 8.05 -25.21 -2.11
C HIS G 194 8.36 -26.04 -3.36
N ARG G 195 9.04 -27.19 -3.20
CA ARG G 195 9.41 -28.12 -4.28
C ARG G 195 10.58 -27.66 -5.19
N ASP G 196 11.13 -26.47 -4.95
CA ASP G 196 12.25 -25.98 -5.75
C ASP G 196 13.18 -25.11 -4.93
N VAL G 197 13.55 -25.58 -3.72
CA VAL G 197 14.45 -24.83 -2.85
C VAL G 197 15.84 -24.95 -3.41
N LYS G 198 16.40 -23.82 -3.80
CA LYS G 198 17.73 -23.70 -4.38
C LYS G 198 18.21 -22.27 -4.18
N PRO G 199 19.54 -22.04 -4.12
CA PRO G 199 20.05 -20.67 -3.85
C PRO G 199 19.69 -19.61 -4.87
N ASP G 200 19.22 -20.00 -6.06
CA ASP G 200 18.78 -19.06 -7.11
C ASP G 200 17.48 -18.33 -6.66
N ASN G 201 16.65 -19.01 -5.84
CA ASN G 201 15.39 -18.55 -5.28
C ASN G 201 15.50 -17.96 -3.88
N MET G 202 16.72 -17.80 -3.35
CA MET G 202 16.97 -17.21 -2.05
C MET G 202 17.57 -15.84 -2.33
N LEU G 203 16.80 -14.76 -2.11
CA LEU G 203 17.26 -13.39 -2.36
C LEU G 203 17.58 -12.65 -1.06
N LEU G 204 18.46 -11.64 -1.15
CA LEU G 204 18.88 -10.85 -0.01
C LEU G 204 18.35 -9.44 -0.14
N ASP G 205 17.78 -8.88 0.93
CA ASP G 205 17.20 -7.54 0.90
C ASP G 205 18.28 -6.43 1.06
N LYS G 206 17.86 -5.16 1.25
CA LYS G 206 18.80 -4.06 1.41
C LYS G 206 19.68 -4.21 2.65
N HIS G 207 19.30 -5.04 3.63
CA HIS G 207 20.05 -5.27 4.86
C HIS G 207 20.85 -6.59 4.90
N GLY G 208 20.75 -7.42 3.85
CA GLY G 208 21.46 -8.69 3.77
C GLY G 208 20.69 -9.89 4.32
N HIS G 209 19.41 -9.70 4.64
CA HIS G 209 18.55 -10.76 5.15
C HIS G 209 17.78 -11.44 4.05
N LEU G 210 17.52 -12.73 4.20
CA LEU G 210 16.89 -13.57 3.21
C LEU G 210 15.38 -13.44 3.09
N LYS G 211 14.90 -13.62 1.86
CA LYS G 211 13.49 -13.73 1.45
C LYS G 211 13.47 -14.75 0.31
N LEU G 212 12.45 -15.59 0.30
CA LEU G 212 12.27 -16.54 -0.76
C LEU G 212 11.50 -15.85 -1.89
N ALA G 213 11.75 -16.33 -3.11
CA ALA G 213 11.09 -15.84 -4.33
C ALA G 213 10.85 -17.04 -5.28
N ASP G 214 10.04 -16.84 -6.34
CA ASP G 214 9.70 -17.88 -7.30
C ASP G 214 8.91 -18.99 -6.66
N PHE G 215 7.63 -18.72 -6.47
CA PHE G 215 6.72 -19.68 -5.87
C PHE G 215 5.87 -20.43 -6.93
N GLY G 216 6.40 -20.53 -8.15
CA GLY G 216 5.77 -21.21 -9.27
C GLY G 216 5.60 -22.70 -9.12
N THR G 217 6.34 -23.31 -8.19
CA THR G 217 6.23 -24.75 -7.94
C THR G 217 5.51 -25.08 -6.61
N CYS G 218 5.14 -24.06 -5.83
CA CYS G 218 4.47 -24.30 -4.54
C CYS G 218 3.16 -25.01 -4.70
N MET G 219 2.88 -25.94 -3.78
CA MET G 219 1.64 -26.71 -3.78
C MET G 219 1.06 -26.81 -2.39
N LYS G 220 -0.27 -26.68 -2.28
CA LYS G 220 -0.97 -26.79 -1.00
C LYS G 220 -0.99 -28.28 -0.56
N MET G 221 -0.65 -28.57 0.70
CA MET G 221 -0.66 -29.94 1.25
C MET G 221 -2.07 -30.40 1.65
N ASP G 222 -2.28 -31.72 1.82
CA ASP G 222 -3.53 -32.21 2.38
C ASP G 222 -3.34 -32.50 3.90
N GLU G 223 -4.41 -32.92 4.60
CA GLU G 223 -4.31 -33.24 6.03
C GLU G 223 -3.32 -34.35 6.34
N THR G 224 -2.88 -35.10 5.31
CA THR G 224 -1.84 -36.15 5.38
C THR G 224 -0.40 -35.56 5.50
N GLY G 225 -0.25 -34.27 5.15
CA GLY G 225 1.01 -33.55 5.10
C GLY G 225 1.73 -33.74 3.76
N MET G 226 0.97 -34.14 2.70
CA MET G 226 1.50 -34.48 1.38
C MET G 226 0.84 -33.71 0.22
N VAL G 227 1.51 -33.70 -0.92
CA VAL G 227 1.05 -33.12 -2.18
C VAL G 227 1.46 -34.11 -3.31
N HIS G 228 0.89 -33.99 -4.51
CA HIS G 228 1.30 -34.89 -5.63
C HIS G 228 0.97 -34.29 -6.98
N CYS G 229 1.85 -34.50 -8.01
CA CYS G 229 1.62 -33.87 -9.31
C CYS G 229 2.60 -34.38 -10.47
N ASP G 230 3.66 -33.61 -10.83
CA ASP G 230 4.62 -33.91 -11.89
C ASP G 230 5.93 -33.12 -11.67
N THR G 231 7.08 -33.78 -11.89
CA THR G 231 8.43 -33.25 -11.74
C THR G 231 8.71 -31.97 -12.55
N THR G 235 15.47 -28.33 -9.80
CA THR G 235 16.72 -28.45 -10.54
C THR G 235 17.41 -29.77 -10.28
N PRO G 236 18.16 -30.28 -11.28
CA PRO G 236 18.83 -31.57 -11.10
C PRO G 236 19.71 -31.70 -9.84
N ASP G 237 20.53 -30.69 -9.54
CA ASP G 237 21.44 -30.72 -8.40
C ASP G 237 20.75 -30.71 -7.04
N TYR G 238 19.57 -30.12 -6.94
CA TYR G 238 18.85 -29.96 -5.68
C TYR G 238 17.66 -30.91 -5.50
N ILE G 239 17.30 -31.69 -6.55
CA ILE G 239 16.19 -32.65 -6.52
C ILE G 239 16.45 -33.82 -5.59
N SER G 240 15.45 -34.19 -4.78
CA SER G 240 15.54 -35.27 -3.81
C SER G 240 15.42 -36.65 -4.48
N PRO G 241 15.85 -37.76 -3.81
CA PRO G 241 15.69 -39.08 -4.42
C PRO G 241 14.23 -39.50 -4.62
N GLU G 242 13.35 -39.24 -3.62
CA GLU G 242 11.94 -39.62 -3.73
C GLU G 242 11.22 -38.93 -4.88
N VAL G 243 11.60 -37.68 -5.19
CA VAL G 243 11.00 -36.97 -6.32
C VAL G 243 11.44 -37.63 -7.61
N LEU G 244 12.72 -38.00 -7.71
CA LEU G 244 13.25 -38.66 -8.88
C LEU G 244 12.58 -40.01 -9.12
N LYS G 245 12.50 -40.86 -8.07
CA LYS G 245 11.87 -42.20 -8.16
C LYS G 245 10.36 -42.14 -8.41
N SER G 246 9.72 -41.10 -7.91
CA SER G 246 8.28 -40.93 -8.08
C SER G 246 7.93 -40.34 -9.45
N GLN G 247 8.88 -39.63 -10.12
CA GLN G 247 8.67 -39.07 -11.46
C GLN G 247 8.26 -40.12 -12.52
N GLY G 248 8.48 -41.41 -12.22
CA GLY G 248 8.01 -42.50 -13.06
C GLY G 248 6.55 -42.71 -12.67
N GLY G 249 5.71 -41.77 -13.10
CA GLY G 249 4.28 -41.69 -12.79
C GLY G 249 3.94 -40.35 -12.18
N ASP G 250 3.53 -40.32 -10.88
CA ASP G 250 3.24 -39.07 -10.16
C ASP G 250 3.96 -39.02 -8.76
N GLY G 251 3.44 -39.74 -7.75
CA GLY G 251 4.07 -39.80 -6.43
C GLY G 251 3.65 -38.75 -5.43
N PHE G 252 3.66 -39.11 -4.13
CA PHE G 252 3.28 -38.21 -3.03
C PHE G 252 4.52 -37.71 -2.32
N TYR G 253 4.57 -36.41 -2.02
CA TYR G 253 5.72 -35.78 -1.38
C TYR G 253 5.34 -35.00 -0.17
N GLY G 254 6.19 -35.06 0.82
CA GLY G 254 5.99 -34.29 2.04
C GLY G 254 6.89 -33.08 2.10
N ARG G 255 6.83 -32.40 3.23
CA ARG G 255 7.66 -31.24 3.49
C ARG G 255 9.16 -31.59 3.55
N GLU G 256 9.50 -32.88 3.83
CA GLU G 256 10.85 -33.40 3.94
C GLU G 256 11.64 -33.29 2.61
N CYS G 257 10.95 -33.19 1.45
CA CYS G 257 11.66 -32.95 0.16
C CYS G 257 12.24 -31.53 0.07
N ASP G 258 11.67 -30.58 0.83
CA ASP G 258 12.25 -29.25 0.93
C ASP G 258 13.47 -29.31 1.86
N TRP G 259 13.46 -30.16 2.92
CA TRP G 259 14.61 -30.24 3.85
C TRP G 259 15.80 -30.93 3.25
N TRP G 260 15.59 -31.80 2.23
CA TRP G 260 16.69 -32.40 1.47
C TRP G 260 17.46 -31.28 0.80
N SER G 261 16.73 -30.33 0.17
CA SER G 261 17.26 -29.19 -0.55
C SER G 261 18.13 -28.29 0.34
N VAL G 262 17.78 -28.18 1.62
CA VAL G 262 18.53 -27.46 2.65
C VAL G 262 19.88 -28.13 2.94
N GLY G 263 19.92 -29.46 2.94
CA GLY G 263 21.18 -30.19 3.15
C GLY G 263 22.13 -30.04 1.99
N VAL G 264 21.57 -30.03 0.78
CA VAL G 264 22.36 -29.82 -0.45
C VAL G 264 22.96 -28.39 -0.42
N PHE G 265 22.14 -27.41 0.01
CA PHE G 265 22.53 -26.02 0.09
C PHE G 265 23.63 -25.80 1.14
N LEU G 266 23.50 -26.40 2.33
CA LEU G 266 24.51 -26.27 3.36
C LEU G 266 25.84 -26.91 2.91
N TYR G 267 25.78 -28.03 2.18
CA TYR G 267 26.95 -28.68 1.60
C TYR G 267 27.58 -27.75 0.58
N GLU G 268 26.80 -27.21 -0.38
CA GLU G 268 27.36 -26.33 -1.40
C GLU G 268 28.03 -25.10 -0.80
N MET G 269 27.47 -24.56 0.29
CA MET G 269 28.03 -23.39 0.94
C MET G 269 29.37 -23.64 1.60
N LEU G 270 29.52 -24.79 2.25
CA LEU G 270 30.73 -25.13 2.98
C LEU G 270 31.82 -25.78 2.15
N VAL G 271 31.44 -26.56 1.14
CA VAL G 271 32.38 -27.27 0.29
C VAL G 271 32.75 -26.49 -0.97
N GLY G 272 31.79 -25.76 -1.52
CA GLY G 272 32.04 -24.98 -2.73
C GLY G 272 31.50 -25.62 -4.00
N ASP G 273 31.04 -26.87 -3.90
CA ASP G 273 30.45 -27.65 -4.99
C ASP G 273 29.20 -28.36 -4.45
N THR G 274 28.25 -28.73 -5.35
CA THR G 274 27.05 -29.47 -4.95
C THR G 274 27.43 -30.93 -4.64
N PRO G 275 26.78 -31.59 -3.66
CA PRO G 275 27.20 -32.95 -3.26
C PRO G 275 27.11 -34.03 -4.32
N PHE G 276 26.21 -33.88 -5.29
CA PHE G 276 26.03 -34.88 -6.34
C PHE G 276 26.35 -34.32 -7.73
N TYR G 277 27.31 -33.40 -7.81
CA TYR G 277 27.70 -32.82 -9.08
C TYR G 277 28.27 -33.89 -10.01
N ALA G 278 27.90 -33.81 -11.29
CA ALA G 278 28.39 -34.63 -12.40
C ALA G 278 28.25 -33.84 -13.70
N ASP G 279 29.09 -34.18 -14.70
CA ASP G 279 29.10 -33.49 -16.00
C ASP G 279 27.77 -33.55 -16.75
N SER G 280 27.03 -34.66 -16.62
CA SER G 280 25.74 -34.80 -17.30
C SER G 280 24.54 -34.82 -16.33
N LEU G 281 23.32 -34.62 -16.87
CA LEU G 281 22.11 -34.68 -16.06
C LEU G 281 21.92 -36.09 -15.53
N VAL G 282 22.16 -37.12 -16.36
CA VAL G 282 22.02 -38.52 -15.96
C VAL G 282 23.03 -38.92 -14.87
N GLY G 283 24.23 -38.35 -14.93
CA GLY G 283 25.26 -38.60 -13.94
C GLY G 283 24.86 -38.11 -12.56
N THR G 284 24.28 -36.90 -12.50
CA THR G 284 23.78 -36.29 -11.26
C THR G 284 22.62 -37.12 -10.72
N TYR G 285 21.67 -37.54 -11.58
CA TYR G 285 20.54 -38.36 -11.13
C TYR G 285 21.01 -39.68 -10.53
N SER G 286 22.00 -40.31 -11.17
CA SER G 286 22.58 -41.56 -10.69
C SER G 286 23.27 -41.39 -9.33
N LYS G 287 23.96 -40.24 -9.13
CA LYS G 287 24.62 -39.91 -7.87
C LYS G 287 23.61 -39.63 -6.77
N ILE G 288 22.48 -38.97 -7.07
CA ILE G 288 21.45 -38.71 -6.06
C ILE G 288 20.78 -40.00 -5.61
N MET G 289 20.46 -40.90 -6.57
CA MET G 289 19.84 -42.18 -6.22
C MET G 289 20.79 -43.01 -5.33
N ASP G 290 22.09 -42.94 -5.60
CA ASP G 290 23.14 -43.67 -4.86
C ASP G 290 23.71 -42.83 -3.70
N HIS G 291 22.94 -41.86 -3.16
CA HIS G 291 23.41 -40.98 -2.08
C HIS G 291 24.03 -41.70 -0.88
N LYS G 292 23.61 -42.94 -0.59
CA LYS G 292 24.16 -43.71 0.52
C LYS G 292 25.66 -43.98 0.36
N ASN G 293 26.16 -44.02 -0.88
CA ASN G 293 27.57 -44.27 -1.18
C ASN G 293 28.24 -43.10 -1.90
N SER G 294 27.47 -42.24 -2.60
CA SER G 294 28.04 -41.14 -3.39
C SER G 294 28.34 -39.88 -2.59
N LEU G 295 27.71 -39.71 -1.42
CA LEU G 295 27.96 -38.55 -0.59
C LEU G 295 29.25 -38.72 0.20
N CYS G 296 30.22 -37.84 -0.05
CA CYS G 296 31.46 -37.85 0.70
C CYS G 296 32.10 -36.47 0.77
N PHE G 297 32.57 -36.12 1.95
CA PHE G 297 33.18 -34.83 2.18
C PHE G 297 34.64 -34.86 1.80
N PRO G 298 35.10 -33.90 0.99
CA PRO G 298 36.53 -33.88 0.64
C PRO G 298 37.41 -33.68 1.87
N GLU G 299 38.59 -34.33 1.89
CA GLU G 299 39.49 -34.27 3.05
C GLU G 299 40.06 -32.87 3.30
N ASP G 300 40.09 -32.01 2.26
CA ASP G 300 40.58 -30.64 2.39
C ASP G 300 39.48 -29.61 2.74
N ALA G 301 38.21 -30.04 2.78
CA ALA G 301 37.11 -29.13 3.09
C ALA G 301 37.10 -28.77 4.59
N GLU G 302 37.12 -27.47 4.90
CA GLU G 302 37.07 -27.01 6.28
C GLU G 302 35.61 -27.10 6.75
N ILE G 303 35.25 -28.23 7.36
CA ILE G 303 33.88 -28.45 7.83
C ILE G 303 33.90 -29.15 9.17
N SER G 304 33.06 -28.68 10.11
CA SER G 304 32.98 -29.23 11.45
C SER G 304 32.20 -30.55 11.50
N LYS G 305 32.29 -31.26 12.64
CA LYS G 305 31.58 -32.52 12.84
C LYS G 305 30.07 -32.26 12.90
N HIS G 306 29.64 -31.13 13.50
CA HIS G 306 28.23 -30.75 13.61
C HIS G 306 27.65 -30.41 12.23
N ALA G 307 28.45 -29.77 11.37
CA ALA G 307 28.04 -29.42 10.02
C ALA G 307 27.88 -30.69 9.18
N LYS G 308 28.83 -31.65 9.28
CA LYS G 308 28.73 -32.90 8.54
C LYS G 308 27.53 -33.70 9.04
N ASN G 309 27.30 -33.70 10.34
CA ASN G 309 26.17 -34.41 10.92
C ASN G 309 24.84 -33.84 10.43
N LEU G 310 24.72 -32.50 10.38
CA LEU G 310 23.50 -31.85 9.91
C LEU G 310 23.22 -32.14 8.43
N ILE G 311 24.25 -32.05 7.58
CA ILE G 311 24.14 -32.34 6.15
C ILE G 311 23.69 -33.78 5.95
N CYS G 312 24.30 -34.71 6.69
CA CYS G 312 23.95 -36.12 6.64
C CYS G 312 22.55 -36.42 7.16
N ALA G 313 22.06 -35.69 8.17
CA ALA G 313 20.71 -35.91 8.68
C ALA G 313 19.62 -35.46 7.67
N PHE G 314 19.97 -34.53 6.76
CA PHE G 314 19.08 -34.05 5.70
C PHE G 314 19.21 -34.93 4.45
N LEU G 315 20.43 -35.37 4.14
CA LEU G 315 20.68 -36.16 2.95
C LEU G 315 20.56 -37.67 3.18
N THR G 316 19.41 -38.10 3.65
CA THR G 316 19.04 -39.50 3.90
C THR G 316 17.71 -39.79 3.16
N ASP G 317 17.21 -41.05 3.21
CA ASP G 317 15.92 -41.41 2.64
C ASP G 317 14.81 -40.66 3.42
N ARG G 318 13.73 -40.29 2.76
CA ARG G 318 12.64 -39.52 3.34
C ARG G 318 12.10 -40.04 4.68
N GLU G 319 12.09 -41.36 4.87
CA GLU G 319 11.53 -42.00 6.06
C GLU G 319 12.27 -41.64 7.35
N VAL G 320 13.60 -41.48 7.25
CA VAL G 320 14.42 -41.17 8.42
C VAL G 320 15.06 -39.76 8.39
N ARG G 321 14.69 -38.93 7.38
CA ARG G 321 15.18 -37.57 7.16
C ARG G 321 14.78 -36.55 8.24
N LEU G 322 15.74 -35.67 8.61
CA LEU G 322 15.54 -34.60 9.58
C LEU G 322 14.55 -33.57 9.00
N GLY G 323 13.56 -33.21 9.81
CA GLY G 323 12.51 -32.28 9.39
C GLY G 323 11.20 -32.93 8.99
N ARG G 324 11.17 -34.27 8.94
CA ARG G 324 9.97 -35.04 8.59
C ARG G 324 8.89 -34.83 9.64
N ASN G 325 9.27 -34.76 10.93
CA ASN G 325 8.28 -34.56 11.99
C ASN G 325 7.90 -33.06 12.16
N GLY G 326 8.87 -32.19 11.93
CA GLY G 326 8.73 -30.75 12.08
C GLY G 326 10.06 -30.04 12.20
N VAL G 327 10.03 -28.70 12.36
CA VAL G 327 11.23 -27.86 12.43
C VAL G 327 11.92 -27.85 13.82
N GLU G 328 11.23 -28.29 14.89
CA GLU G 328 11.82 -28.28 16.24
C GLU G 328 13.12 -29.09 16.32
N GLU G 329 13.16 -30.26 15.67
CA GLU G 329 14.35 -31.11 15.67
C GLU G 329 15.53 -30.45 14.96
N ILE G 330 15.25 -29.62 13.93
CA ILE G 330 16.28 -28.89 13.17
C ILE G 330 16.82 -27.73 14.01
N ARG G 331 15.94 -27.01 14.68
CA ARG G 331 16.31 -25.90 15.54
C ARG G 331 17.25 -26.30 16.67
N GLN G 332 17.02 -27.49 17.28
CA GLN G 332 17.88 -27.95 18.38
C GLN G 332 19.14 -28.64 17.94
N HIS G 333 19.47 -28.65 16.64
CA HIS G 333 20.69 -29.29 16.19
C HIS G 333 21.90 -28.52 16.68
N PRO G 334 22.94 -29.22 17.19
CA PRO G 334 24.13 -28.52 17.70
C PRO G 334 24.84 -27.57 16.74
N PHE G 335 24.70 -27.78 15.42
CA PHE G 335 25.34 -26.90 14.43
C PHE G 335 24.93 -25.42 14.61
N PHE G 336 23.67 -25.18 14.93
CA PHE G 336 23.11 -23.83 15.08
C PHE G 336 23.47 -23.09 16.39
N LYS G 337 24.22 -23.74 17.31
CA LYS G 337 24.64 -23.11 18.56
C LYS G 337 25.63 -21.99 18.22
N ASN G 338 25.31 -20.78 18.72
CA ASN G 338 26.09 -19.56 18.48
C ASN G 338 25.79 -18.48 19.56
N ASP G 339 26.66 -17.46 19.62
CA ASP G 339 26.51 -16.35 20.57
C ASP G 339 26.09 -15.03 19.89
N GLN G 340 25.53 -15.09 18.68
CA GLN G 340 25.13 -13.89 17.94
C GLN G 340 23.62 -13.73 17.83
N TRP G 341 22.90 -14.82 17.56
CA TRP G 341 21.46 -14.74 17.38
C TRP G 341 20.71 -15.91 18.00
N HIS G 342 19.39 -15.73 18.17
CA HIS G 342 18.39 -16.72 18.59
C HIS G 342 17.41 -16.89 17.41
N TRP G 343 16.63 -17.96 17.42
CA TRP G 343 15.64 -18.21 16.38
C TRP G 343 14.58 -17.12 16.29
N ASP G 344 14.24 -16.50 17.44
CA ASP G 344 13.21 -15.47 17.47
C ASP G 344 13.68 -14.08 17.05
N ASN G 345 15.01 -13.88 16.90
CA ASN G 345 15.53 -12.56 16.54
C ASN G 345 16.58 -12.54 15.42
N ILE G 346 16.92 -13.68 14.79
CA ILE G 346 17.98 -13.73 13.78
C ILE G 346 17.83 -12.68 12.67
N ARG G 347 16.60 -12.45 12.19
CA ARG G 347 16.35 -11.47 11.14
C ARG G 347 16.49 -9.99 11.59
N GLU G 348 16.64 -9.76 12.90
CA GLU G 348 16.82 -8.43 13.48
C GLU G 348 18.25 -8.21 14.01
N THR G 349 19.19 -9.14 13.69
CA THR G 349 20.61 -9.07 14.03
C THR G 349 21.38 -8.70 12.74
N ALA G 350 22.67 -8.33 12.87
CA ALA G 350 23.52 -7.99 11.72
C ALA G 350 23.74 -9.16 10.78
N ALA G 351 23.44 -8.99 9.48
CA ALA G 351 23.66 -10.00 8.45
C ALA G 351 25.16 -10.08 8.10
N PRO G 352 25.66 -11.24 7.63
CA PRO G 352 27.10 -11.35 7.32
C PRO G 352 27.58 -10.36 6.28
N VAL G 353 26.80 -10.17 5.22
CA VAL G 353 27.12 -9.23 4.15
C VAL G 353 25.99 -8.24 4.00
N VAL G 354 26.25 -6.97 4.31
CA VAL G 354 25.25 -5.91 4.14
C VAL G 354 25.52 -5.22 2.83
N PRO G 355 24.55 -5.19 1.90
CA PRO G 355 24.80 -4.57 0.59
C PRO G 355 25.15 -3.09 0.60
N GLU G 356 26.15 -2.72 -0.21
CA GLU G 356 26.54 -1.32 -0.38
C GLU G 356 26.03 -0.90 -1.75
N LEU G 357 24.96 -0.13 -1.75
CA LEU G 357 24.31 0.28 -2.98
C LEU G 357 24.51 1.77 -3.20
N SER G 358 24.81 2.18 -4.45
CA SER G 358 25.05 3.60 -4.77
C SER G 358 23.79 4.42 -5.15
N SER G 359 22.70 3.73 -5.46
CA SER G 359 21.43 4.37 -5.79
C SER G 359 20.28 3.37 -5.65
N ASP G 360 19.03 3.85 -5.75
CA ASP G 360 17.87 2.98 -5.66
C ASP G 360 17.69 2.04 -6.86
N ILE G 361 18.48 2.21 -7.93
CA ILE G 361 18.44 1.34 -9.10
C ILE G 361 19.75 0.58 -9.33
N ASP G 362 20.58 0.47 -8.28
CA ASP G 362 21.84 -0.25 -8.33
C ASP G 362 21.51 -1.74 -8.42
N SER G 363 21.85 -2.37 -9.55
CA SER G 363 21.63 -3.80 -9.74
C SER G 363 22.93 -4.56 -9.91
N SER G 364 24.01 -4.09 -9.24
CA SER G 364 25.34 -4.69 -9.30
C SER G 364 25.40 -6.10 -8.73
N ASN G 365 24.43 -6.47 -7.86
CA ASN G 365 24.38 -7.83 -7.33
C ASN G 365 23.58 -8.80 -8.25
N PHE G 366 23.27 -8.37 -9.49
CA PHE G 366 22.57 -9.14 -10.49
C PHE G 366 23.38 -9.20 -11.74
N ASP G 367 23.67 -10.41 -12.22
CA ASP G 367 24.41 -10.55 -13.47
C ASP G 367 23.55 -10.11 -14.64
N ASP G 368 24.18 -9.64 -15.71
CA ASP G 368 23.47 -9.22 -16.91
C ASP G 368 22.77 -10.43 -17.56
N ILE G 369 21.59 -10.17 -18.11
CA ILE G 369 20.76 -11.20 -18.72
C ILE G 369 20.93 -11.20 -20.26
N GLU G 370 21.17 -12.39 -20.85
CA GLU G 370 21.36 -12.51 -22.29
C GLU G 370 20.02 -12.76 -22.98
N ASP G 371 19.76 -12.04 -24.10
CA ASP G 371 18.50 -12.20 -24.84
C ASP G 371 18.43 -13.45 -25.73
N VAL G 376 8.90 -13.87 -30.18
CA VAL G 376 7.88 -13.21 -29.36
C VAL G 376 6.52 -13.33 -30.06
N GLU G 377 5.93 -14.54 -30.01
CA GLU G 377 4.65 -14.84 -30.67
C GLU G 377 3.41 -14.41 -29.87
N THR G 378 2.47 -13.79 -30.60
CA THR G 378 1.17 -13.34 -30.12
C THR G 378 0.05 -14.34 -30.50
N PHE G 379 -1.12 -14.24 -29.83
CA PHE G 379 -2.27 -15.09 -30.16
C PHE G 379 -2.80 -14.67 -31.55
N PRO G 380 -3.15 -15.63 -32.40
CA PRO G 380 -3.69 -15.27 -33.72
C PRO G 380 -5.08 -14.63 -33.62
N ILE G 381 -5.42 -13.72 -34.57
CA ILE G 381 -6.74 -13.08 -34.60
C ILE G 381 -7.77 -14.16 -34.91
N PRO G 382 -8.75 -14.35 -34.01
CA PRO G 382 -9.68 -15.47 -34.18
C PRO G 382 -10.89 -15.19 -35.08
N LYS G 383 -11.36 -16.27 -35.71
CA LYS G 383 -12.55 -16.25 -36.57
C LYS G 383 -13.84 -16.46 -35.74
N ALA G 384 -13.71 -17.15 -34.59
CA ALA G 384 -14.77 -17.43 -33.62
C ALA G 384 -14.26 -17.20 -32.16
N PHE G 385 -15.18 -17.10 -31.19
CA PHE G 385 -14.81 -16.92 -29.79
C PHE G 385 -13.93 -18.07 -29.29
N VAL G 386 -12.74 -17.74 -28.76
CA VAL G 386 -11.85 -18.76 -28.23
C VAL G 386 -11.63 -18.61 -26.71
N GLY G 387 -11.76 -17.40 -26.20
CA GLY G 387 -11.63 -17.15 -24.77
C GLY G 387 -10.23 -17.31 -24.20
N ASN G 388 -9.23 -16.72 -24.87
CA ASN G 388 -7.85 -16.79 -24.37
C ASN G 388 -7.60 -15.98 -23.09
N GLN G 389 -8.45 -14.99 -22.81
CA GLN G 389 -8.33 -14.16 -21.62
C GLN G 389 -8.99 -14.76 -20.37
N LEU G 390 -9.90 -15.73 -20.56
CA LEU G 390 -10.65 -16.42 -19.50
C LEU G 390 -9.81 -17.05 -18.38
N PRO G 391 -8.63 -17.69 -18.65
CA PRO G 391 -7.88 -18.30 -17.52
C PRO G 391 -7.22 -17.29 -16.55
N PHE G 392 -7.18 -16.02 -16.95
CA PHE G 392 -6.54 -14.94 -16.22
C PHE G 392 -7.50 -14.01 -15.45
N ILE G 393 -8.81 -14.30 -15.49
CA ILE G 393 -9.82 -13.51 -14.78
C ILE G 393 -9.65 -13.72 -13.27
N GLY G 394 -9.40 -12.62 -12.57
CA GLY G 394 -9.19 -12.66 -11.13
C GLY G 394 -7.75 -12.45 -10.70
N PHE G 395 -6.85 -12.24 -11.67
CA PHE G 395 -5.44 -12.03 -11.37
C PHE G 395 -5.16 -10.67 -10.78
N THR G 396 -5.83 -9.63 -11.27
CA THR G 396 -5.67 -8.27 -10.75
C THR G 396 -5.87 -8.17 -9.22
N TYR G 397 -4.96 -7.47 -8.56
CA TYR G 397 -4.91 -7.23 -7.14
C TYR G 397 -4.19 -5.91 -6.84
N TYR G 398 -4.76 -5.08 -5.99
CA TYR G 398 -4.16 -3.82 -5.56
C TYR G 398 -4.11 -3.81 -4.04
N ARG G 399 -2.89 -3.73 -3.46
CA ARG G 399 -2.74 -3.73 -1.99
C ARG G 399 -3.42 -2.49 -1.35
N SER H 7 -6.73 11.12 -7.47
CA SER H 7 -6.20 9.80 -7.73
C SER H 7 -6.98 9.10 -8.85
N ARG H 8 -6.37 8.07 -9.46
CA ARG H 8 -7.00 7.24 -10.50
C ARG H 8 -7.87 6.17 -9.83
N GLN H 9 -7.40 5.61 -8.70
CA GLN H 9 -8.17 4.61 -7.94
C GLN H 9 -9.41 5.21 -7.31
N ARG H 10 -9.39 6.52 -7.00
CA ARG H 10 -10.55 7.20 -6.41
C ARG H 10 -11.60 7.43 -7.49
N LYS H 11 -11.15 7.87 -8.69
CA LYS H 11 -12.02 8.11 -9.85
C LYS H 11 -12.71 6.80 -10.26
N LEU H 12 -11.95 5.70 -10.27
CA LEU H 12 -12.47 4.39 -10.62
C LEU H 12 -13.46 3.85 -9.60
N GLU H 13 -13.20 4.09 -8.30
CA GLU H 13 -14.10 3.62 -7.23
C GLU H 13 -15.42 4.39 -7.25
N ALA H 14 -15.38 5.68 -7.68
CA ALA H 14 -16.56 6.53 -7.79
C ALA H 14 -17.49 6.02 -8.92
N LEU H 15 -16.89 5.55 -10.02
CA LEU H 15 -17.61 5.00 -11.16
C LEU H 15 -18.39 3.75 -10.75
N ILE H 16 -17.80 2.89 -9.93
CA ILE H 16 -18.45 1.65 -9.50
C ILE H 16 -19.55 1.89 -8.45
N ARG H 17 -19.42 2.97 -7.66
CA ARG H 17 -20.41 3.28 -6.61
C ARG H 17 -21.70 3.87 -7.16
N ASP H 18 -21.58 4.63 -8.27
CA ASP H 18 -22.71 5.27 -8.95
C ASP H 18 -23.78 4.25 -9.40
N PRO H 19 -25.03 4.38 -8.90
CA PRO H 19 -26.10 3.45 -9.30
C PRO H 19 -26.56 3.58 -10.75
N ARG H 20 -26.28 4.73 -11.38
CA ARG H 20 -26.59 4.94 -12.79
C ARG H 20 -25.46 4.42 -13.71
N SER H 21 -24.30 4.00 -13.15
CA SER H 21 -23.13 3.56 -13.88
C SER H 21 -23.23 2.18 -14.54
N PRO H 22 -22.76 2.03 -15.78
CA PRO H 22 -22.77 0.69 -16.41
C PRO H 22 -21.79 -0.30 -15.79
N ILE H 23 -20.88 0.19 -14.92
CA ILE H 23 -19.93 -0.68 -14.24
C ILE H 23 -20.14 -0.72 -12.72
N ASN H 24 -21.39 -0.54 -12.26
CA ASN H 24 -21.67 -0.71 -10.84
C ASN H 24 -21.57 -2.22 -10.50
N VAL H 25 -21.58 -2.59 -9.22
CA VAL H 25 -21.45 -3.98 -8.81
C VAL H 25 -22.54 -4.86 -9.40
N GLU H 26 -23.79 -4.38 -9.48
CA GLU H 26 -24.87 -5.21 -10.05
C GLU H 26 -24.61 -5.55 -11.50
N SER H 27 -24.18 -4.56 -12.28
CA SER H 27 -23.85 -4.75 -13.70
C SER H 27 -22.66 -5.69 -13.86
N LEU H 28 -21.59 -5.54 -13.02
CA LEU H 28 -20.41 -6.42 -13.01
C LEU H 28 -20.77 -7.87 -12.67
N LEU H 29 -21.73 -8.09 -11.77
CA LEU H 29 -22.23 -9.44 -11.45
C LEU H 29 -23.03 -10.01 -12.62
N ASP H 30 -23.80 -9.15 -13.37
CA ASP H 30 -24.53 -9.57 -14.56
C ASP H 30 -23.56 -10.05 -15.62
N GLY H 31 -22.43 -9.34 -15.80
CA GLY H 31 -21.37 -9.69 -16.73
C GLY H 31 -20.81 -11.07 -16.44
N LEU H 32 -20.60 -11.40 -15.17
CA LEU H 32 -20.11 -12.72 -14.80
C LEU H 32 -21.19 -13.78 -14.99
N ASN H 33 -22.43 -13.51 -14.56
CA ASN H 33 -23.56 -14.44 -14.72
C ASN H 33 -23.83 -14.75 -16.19
N SER H 34 -23.85 -13.73 -17.04
CA SER H 34 -24.13 -13.86 -18.46
C SER H 34 -23.03 -14.63 -19.16
N LEU H 35 -21.76 -14.40 -18.76
CA LEU H 35 -20.62 -15.10 -19.32
C LEU H 35 -20.73 -16.58 -19.02
N VAL H 36 -21.08 -16.94 -17.79
CA VAL H 36 -21.27 -18.33 -17.40
C VAL H 36 -22.44 -18.97 -18.15
N LEU H 37 -23.61 -18.27 -18.23
CA LEU H 37 -24.80 -18.75 -18.92
C LEU H 37 -24.51 -19.01 -20.40
N ASP H 38 -23.82 -18.09 -21.06
CA ASP H 38 -23.49 -18.18 -22.48
C ASP H 38 -22.38 -19.16 -22.85
N LEU H 39 -21.65 -19.70 -21.86
CA LEU H 39 -20.55 -20.64 -22.09
C LEU H 39 -20.87 -22.05 -21.56
N ASP H 40 -21.81 -22.19 -20.63
CA ASP H 40 -22.10 -23.49 -20.04
C ASP H 40 -22.98 -24.39 -20.92
N PHE H 41 -22.40 -24.83 -22.04
CA PHE H 41 -23.01 -25.74 -23.01
C PHE H 41 -21.98 -26.82 -23.34
N PRO H 42 -22.41 -28.08 -23.47
CA PRO H 42 -21.45 -29.18 -23.73
C PRO H 42 -20.53 -29.00 -24.94
N ALA H 43 -21.05 -28.41 -26.04
CA ALA H 43 -20.25 -28.18 -27.24
C ALA H 43 -19.11 -27.17 -26.98
N LEU H 44 -19.43 -26.07 -26.27
CA LEU H 44 -18.48 -25.02 -25.95
C LEU H 44 -17.44 -25.47 -24.93
N ARG H 45 -17.86 -26.31 -23.97
CA ARG H 45 -17.00 -26.90 -22.95
C ARG H 45 -15.89 -27.83 -23.50
N LYS H 46 -15.91 -28.12 -24.81
CA LYS H 46 -14.85 -28.89 -25.45
C LYS H 46 -13.54 -28.05 -25.43
N ASN H 47 -13.66 -26.70 -25.54
CA ASN H 47 -12.57 -25.72 -25.46
C ASN H 47 -12.08 -25.73 -24.00
N LYS H 48 -10.75 -25.96 -23.80
CA LYS H 48 -10.15 -26.05 -22.47
C LYS H 48 -10.24 -24.72 -21.72
N ASN H 49 -10.06 -23.59 -22.42
CA ASN H 49 -10.17 -22.25 -21.82
C ASN H 49 -11.54 -22.08 -21.15
N ILE H 50 -12.62 -22.41 -21.89
CA ILE H 50 -13.99 -22.33 -21.43
C ILE H 50 -14.30 -23.32 -20.32
N ASP H 51 -13.91 -24.58 -20.49
CA ASP H 51 -14.16 -25.62 -19.49
C ASP H 51 -13.46 -25.35 -18.16
N ASN H 52 -12.20 -24.90 -18.19
CA ASN H 52 -11.47 -24.63 -16.96
C ASN H 52 -12.01 -23.40 -16.22
N PHE H 53 -12.39 -22.36 -16.96
CA PHE H 53 -12.98 -21.15 -16.38
C PHE H 53 -14.30 -21.50 -15.66
N LEU H 54 -15.17 -22.30 -16.29
CA LEU H 54 -16.44 -22.73 -15.71
C LEU H 54 -16.22 -23.57 -14.46
N ASN H 55 -15.18 -24.40 -14.45
CA ASN H 55 -14.86 -25.21 -13.26
C ASN H 55 -14.40 -24.33 -12.08
N ARG H 56 -13.62 -23.28 -12.35
CA ARG H 56 -13.14 -22.32 -11.34
C ARG H 56 -14.30 -21.51 -10.74
N TYR H 57 -15.21 -21.00 -11.59
CA TYR H 57 -16.31 -20.15 -11.16
C TYR H 57 -17.59 -20.88 -10.84
N GLU H 58 -17.61 -22.21 -10.85
CA GLU H 58 -18.81 -23.00 -10.54
C GLU H 58 -19.37 -22.74 -9.13
N LYS H 59 -18.55 -22.91 -8.08
CA LYS H 59 -18.98 -22.73 -6.70
C LYS H 59 -19.45 -21.28 -6.39
N ILE H 60 -18.67 -20.28 -6.81
CA ILE H 60 -19.01 -18.88 -6.55
C ILE H 60 -20.27 -18.44 -7.30
N VAL H 61 -20.47 -18.91 -8.53
CA VAL H 61 -21.63 -18.53 -9.34
C VAL H 61 -22.92 -19.18 -8.79
N LYS H 62 -22.83 -20.39 -8.22
CA LYS H 62 -23.96 -21.04 -7.61
C LYS H 62 -24.34 -20.31 -6.30
N LYS H 63 -23.33 -19.85 -5.54
CA LYS H 63 -23.51 -19.10 -4.29
C LYS H 63 -24.19 -17.74 -4.58
N ILE H 64 -23.72 -16.98 -5.60
CA ILE H 64 -24.30 -15.69 -5.98
C ILE H 64 -25.76 -15.89 -6.42
N ARG H 65 -26.02 -16.92 -7.25
CA ARG H 65 -27.35 -17.25 -7.77
C ARG H 65 -28.39 -17.45 -6.70
N GLY H 66 -27.99 -18.06 -5.58
CA GLY H 66 -28.86 -18.34 -4.44
C GLY H 66 -29.11 -17.11 -3.59
N LEU H 67 -28.13 -16.20 -3.52
CA LEU H 67 -28.27 -14.99 -2.73
C LEU H 67 -29.06 -13.90 -3.45
N GLN H 68 -28.88 -13.78 -4.78
CA GLN H 68 -29.52 -12.75 -5.57
C GLN H 68 -31.04 -12.98 -5.72
N MET H 69 -31.75 -11.88 -5.95
CA MET H 69 -33.20 -11.92 -6.13
C MET H 69 -33.57 -12.75 -7.36
N LYS H 70 -34.56 -13.61 -7.21
CA LYS H 70 -35.00 -14.49 -8.28
C LYS H 70 -36.54 -14.64 -8.28
N ALA H 71 -37.11 -15.09 -9.40
CA ALA H 71 -38.56 -15.27 -9.52
C ALA H 71 -39.15 -16.17 -8.44
N GLU H 72 -38.34 -17.10 -7.91
CA GLU H 72 -38.79 -18.03 -6.86
C GLU H 72 -39.01 -17.36 -5.51
N ASP H 73 -38.54 -16.11 -5.34
CA ASP H 73 -38.79 -15.34 -4.12
C ASP H 73 -40.23 -14.79 -4.08
N TYR H 74 -41.01 -14.87 -5.20
CA TYR H 74 -42.35 -14.34 -5.28
C TYR H 74 -43.37 -15.42 -5.55
N ASP H 75 -44.58 -15.24 -5.00
CA ASP H 75 -45.70 -16.13 -5.26
C ASP H 75 -46.56 -15.40 -6.27
N VAL H 76 -46.90 -16.06 -7.39
CA VAL H 76 -47.76 -15.42 -8.38
C VAL H 76 -49.20 -15.55 -7.93
N VAL H 77 -49.89 -14.41 -7.77
CA VAL H 77 -51.28 -14.43 -7.37
C VAL H 77 -52.21 -14.49 -8.58
N LYS H 78 -51.98 -13.64 -9.57
CA LYS H 78 -52.83 -13.57 -10.76
C LYS H 78 -52.13 -12.82 -11.90
N VAL H 79 -52.51 -13.08 -13.16
CA VAL H 79 -51.97 -12.30 -14.29
C VAL H 79 -52.90 -11.12 -14.49
N ILE H 80 -52.40 -9.89 -14.33
CA ILE H 80 -53.25 -8.70 -14.46
C ILE H 80 -53.02 -7.89 -15.76
N GLY H 81 -52.07 -8.31 -16.57
CA GLY H 81 -51.75 -7.61 -17.80
C GLY H 81 -51.00 -8.48 -18.77
N ARG H 82 -51.05 -8.10 -20.03
CA ARG H 82 -50.37 -8.85 -21.08
C ARG H 82 -49.88 -7.86 -22.08
N GLY H 83 -48.70 -8.13 -22.59
CA GLY H 83 -48.08 -7.29 -23.59
C GLY H 83 -47.37 -8.10 -24.65
N ALA H 84 -46.79 -7.41 -25.63
CA ALA H 84 -46.10 -8.08 -26.75
C ALA H 84 -45.01 -9.11 -26.28
N PHE H 85 -44.13 -8.68 -25.36
CA PHE H 85 -43.04 -9.54 -24.93
C PHE H 85 -43.21 -10.24 -23.61
N GLY H 86 -44.40 -10.18 -23.02
CA GLY H 86 -44.63 -10.84 -21.74
C GLY H 86 -45.93 -10.49 -21.07
N GLU H 87 -45.91 -10.52 -19.74
CA GLU H 87 -47.09 -10.26 -18.94
C GLU H 87 -46.76 -9.52 -17.63
N VAL H 88 -47.81 -9.03 -16.95
CA VAL H 88 -47.67 -8.39 -15.66
C VAL H 88 -48.45 -9.24 -14.66
N GLN H 89 -47.76 -9.68 -13.62
CA GLN H 89 -48.36 -10.52 -12.61
C GLN H 89 -48.51 -9.77 -11.32
N LEU H 90 -49.56 -10.04 -10.57
CA LEU H 90 -49.74 -9.52 -9.22
C LEU H 90 -49.03 -10.58 -8.36
N VAL H 91 -47.95 -10.21 -7.67
CA VAL H 91 -47.16 -11.17 -6.88
C VAL H 91 -47.06 -10.77 -5.40
N ARG H 92 -46.69 -11.72 -4.55
CA ARG H 92 -46.43 -11.43 -3.14
C ARG H 92 -45.02 -11.94 -2.83
N HIS H 93 -44.16 -11.09 -2.26
CA HIS H 93 -42.80 -11.52 -1.90
C HIS H 93 -42.91 -12.52 -0.75
N LYS H 94 -42.39 -13.73 -0.93
CA LYS H 94 -42.45 -14.80 0.07
C LYS H 94 -41.89 -14.44 1.46
N ALA H 95 -40.77 -13.73 1.53
CA ALA H 95 -40.17 -13.40 2.82
C ALA H 95 -40.83 -12.19 3.52
N SER H 96 -41.01 -11.08 2.81
CA SER H 96 -41.59 -9.87 3.38
C SER H 96 -43.12 -9.87 3.44
N GLN H 97 -43.78 -10.71 2.64
CA GLN H 97 -45.22 -10.81 2.50
C GLN H 97 -45.85 -9.54 1.83
N LYS H 98 -45.02 -8.68 1.21
CA LYS H 98 -45.42 -7.45 0.54
C LYS H 98 -45.87 -7.73 -0.89
N VAL H 99 -46.92 -7.03 -1.34
CA VAL H 99 -47.51 -7.21 -2.67
C VAL H 99 -46.96 -6.23 -3.68
N TYR H 100 -46.63 -6.72 -4.90
CA TYR H 100 -46.14 -5.87 -5.99
C TYR H 100 -46.77 -6.28 -7.32
N ALA H 101 -46.51 -5.51 -8.38
CA ALA H 101 -46.86 -5.86 -9.76
C ALA H 101 -45.52 -6.17 -10.42
N MET H 102 -45.38 -7.36 -11.03
CA MET H 102 -44.13 -7.75 -11.66
C MET H 102 -44.28 -7.91 -13.17
N LYS H 103 -43.53 -7.08 -13.93
CA LYS H 103 -43.55 -7.13 -15.40
C LYS H 103 -42.43 -8.05 -15.91
N LEU H 104 -42.79 -9.02 -16.74
CA LEU H 104 -41.84 -9.97 -17.30
C LEU H 104 -41.63 -9.65 -18.79
N LEU H 105 -40.39 -9.77 -19.26
CA LEU H 105 -40.06 -9.54 -20.66
C LEU H 105 -39.24 -10.72 -21.15
N SER H 106 -39.72 -11.42 -22.18
CA SER H 106 -39.05 -12.58 -22.75
C SER H 106 -37.83 -12.18 -23.53
N LYS H 107 -36.65 -12.67 -23.10
CA LYS H 107 -35.37 -12.39 -23.78
C LYS H 107 -35.40 -12.92 -25.21
N PHE H 108 -35.95 -14.14 -25.39
CA PHE H 108 -36.11 -14.77 -26.70
C PHE H 108 -36.94 -13.91 -27.66
N GLU H 109 -38.14 -13.45 -27.25
CA GLU H 109 -38.99 -12.63 -28.11
C GLU H 109 -38.36 -11.29 -28.42
N MET H 110 -37.69 -10.67 -27.45
CA MET H 110 -37.05 -9.37 -27.66
C MET H 110 -35.88 -9.48 -28.65
N ILE H 111 -35.15 -10.61 -28.64
CA ILE H 111 -34.05 -10.81 -29.56
C ILE H 111 -34.61 -11.14 -30.95
N LYS H 112 -35.52 -12.14 -31.02
CA LYS H 112 -36.18 -12.55 -32.27
C LYS H 112 -36.84 -11.36 -33.00
N ARG H 113 -37.58 -10.52 -32.27
CA ARG H 113 -38.24 -9.38 -32.90
C ARG H 113 -37.39 -8.11 -32.87
N SER H 114 -36.05 -8.26 -32.85
CA SER H 114 -35.01 -7.21 -32.85
C SER H 114 -35.37 -5.93 -32.08
N ASP H 115 -36.02 -6.08 -30.90
CA ASP H 115 -36.43 -4.96 -30.05
C ASP H 115 -35.89 -5.24 -28.63
N SER H 116 -34.58 -5.06 -28.44
CA SER H 116 -33.93 -5.37 -27.16
C SER H 116 -33.15 -4.19 -26.54
N ALA H 117 -33.69 -2.97 -26.64
CA ALA H 117 -33.05 -1.79 -26.02
C ALA H 117 -34.05 -0.84 -25.34
N PHE H 118 -35.36 -1.03 -25.58
CA PHE H 118 -36.45 -0.20 -25.06
C PHE H 118 -36.55 -0.21 -23.54
N PHE H 119 -36.16 -1.33 -22.89
CA PHE H 119 -36.28 -1.55 -21.45
C PHE H 119 -35.33 -0.71 -20.60
N TRP H 120 -34.25 -0.15 -21.20
CA TRP H 120 -33.31 0.67 -20.47
C TRP H 120 -33.98 1.92 -19.97
N GLU H 121 -34.62 2.69 -20.87
CA GLU H 121 -35.32 3.90 -20.45
C GLU H 121 -36.56 3.59 -19.59
N GLU H 122 -37.23 2.46 -19.85
CA GLU H 122 -38.38 2.08 -19.05
C GLU H 122 -37.97 1.79 -17.60
N ARG H 123 -36.90 1.03 -17.42
CA ARG H 123 -36.39 0.72 -16.08
C ARG H 123 -35.90 2.01 -15.40
N ASP H 124 -35.15 2.84 -16.11
CA ASP H 124 -34.63 4.09 -15.56
C ASP H 124 -35.68 5.10 -15.15
N ILE H 125 -36.76 5.25 -15.93
CA ILE H 125 -37.85 6.17 -15.60
C ILE H 125 -38.52 5.75 -14.29
N MET H 126 -38.82 4.46 -14.17
CA MET H 126 -39.48 3.94 -13.00
C MET H 126 -38.57 3.90 -11.76
N ALA H 127 -37.26 3.64 -11.95
CA ALA H 127 -36.33 3.60 -10.83
C ALA H 127 -35.95 4.96 -10.32
N PHE H 128 -35.74 5.94 -11.21
CA PHE H 128 -35.17 7.23 -10.82
C PHE H 128 -36.02 8.48 -11.03
N ALA H 129 -37.30 8.37 -11.36
CA ALA H 129 -38.13 9.57 -11.57
C ALA H 129 -38.36 10.37 -10.29
N ASN H 130 -38.59 9.68 -9.17
CA ASN H 130 -38.94 10.28 -7.87
C ASN H 130 -40.14 11.21 -8.01
N SER H 131 -41.14 10.69 -8.73
CA SER H 131 -42.35 11.44 -9.04
C SER H 131 -43.55 10.65 -8.63
N PRO H 132 -44.53 11.29 -7.97
CA PRO H 132 -45.77 10.58 -7.66
C PRO H 132 -46.60 10.25 -8.91
N TRP H 133 -46.23 10.77 -10.08
CA TRP H 133 -46.94 10.51 -11.33
C TRP H 133 -46.43 9.32 -12.13
N VAL H 134 -45.35 8.69 -11.68
CA VAL H 134 -44.71 7.59 -12.37
C VAL H 134 -44.74 6.38 -11.46
N VAL H 135 -45.13 5.21 -11.99
CA VAL H 135 -45.09 3.98 -11.21
C VAL H 135 -43.62 3.69 -10.77
N GLN H 136 -43.43 3.49 -9.48
CA GLN H 136 -42.12 3.26 -8.90
C GLN H 136 -41.68 1.80 -9.06
N LEU H 137 -40.41 1.61 -9.45
CA LEU H 137 -39.78 0.32 -9.58
C LEU H 137 -38.90 0.13 -8.34
N PHE H 138 -39.02 -1.00 -7.67
CA PHE H 138 -38.21 -1.30 -6.48
C PHE H 138 -37.01 -2.17 -6.88
N TYR H 139 -37.27 -3.19 -7.71
CA TYR H 139 -36.24 -4.10 -8.14
C TYR H 139 -36.33 -4.40 -9.64
N ALA H 140 -35.19 -4.67 -10.22
CA ALA H 140 -35.05 -5.10 -11.60
C ALA H 140 -34.05 -6.24 -11.52
N PHE H 141 -34.45 -7.41 -11.95
CA PHE H 141 -33.59 -8.58 -11.92
C PHE H 141 -33.82 -9.43 -13.20
N GLN H 142 -33.11 -10.54 -13.35
CA GLN H 142 -33.22 -11.36 -14.54
C GLN H 142 -32.81 -12.79 -14.29
N ASP H 143 -33.28 -13.68 -15.15
CA ASP H 143 -32.84 -15.05 -15.19
C ASP H 143 -32.46 -15.39 -16.66
N ASP H 144 -32.22 -16.67 -17.00
CA ASP H 144 -31.84 -17.02 -18.36
C ASP H 144 -32.94 -16.72 -19.40
N ARG H 145 -34.24 -16.76 -19.00
CA ARG H 145 -35.36 -16.54 -19.91
C ARG H 145 -36.01 -15.15 -19.88
N TYR H 146 -36.10 -14.51 -18.69
CA TYR H 146 -36.80 -13.23 -18.59
C TYR H 146 -36.07 -12.15 -17.81
N LEU H 147 -36.47 -10.89 -18.13
CA LEU H 147 -36.15 -9.68 -17.40
C LEU H 147 -37.39 -9.46 -16.50
N TYR H 148 -37.19 -9.05 -15.24
CA TYR H 148 -38.29 -8.81 -14.31
C TYR H 148 -38.24 -7.38 -13.79
N MET H 149 -39.40 -6.74 -13.64
CA MET H 149 -39.48 -5.40 -13.09
C MET H 149 -40.52 -5.42 -11.99
N VAL H 150 -40.08 -5.32 -10.72
CA VAL H 150 -40.95 -5.32 -9.54
C VAL H 150 -41.35 -3.90 -9.24
N MET H 151 -42.63 -3.59 -9.40
CA MET H 151 -43.14 -2.23 -9.26
C MET H 151 -44.23 -2.13 -8.19
N GLU H 152 -44.61 -0.89 -7.83
CA GLU H 152 -45.72 -0.72 -6.89
C GLU H 152 -47.02 -1.08 -7.63
N TYR H 153 -47.85 -1.88 -6.99
CA TYR H 153 -49.13 -2.31 -7.54
C TYR H 153 -50.15 -1.15 -7.50
N MET H 154 -50.98 -1.01 -8.56
CA MET H 154 -51.98 0.04 -8.68
C MET H 154 -53.29 -0.66 -8.70
N PRO H 155 -53.96 -0.74 -7.53
CA PRO H 155 -55.18 -1.53 -7.45
C PRO H 155 -56.45 -0.91 -8.06
N GLY H 156 -56.39 0.36 -8.43
CA GLY H 156 -57.54 1.06 -9.00
C GLY H 156 -57.83 0.75 -10.46
N GLY H 157 -56.90 0.06 -11.12
CA GLY H 157 -57.07 -0.29 -12.53
C GLY H 157 -56.71 0.86 -13.46
N ASP H 158 -56.95 0.70 -14.78
CA ASP H 158 -56.62 1.77 -15.74
C ASP H 158 -57.85 2.66 -16.09
N LEU H 159 -57.63 3.70 -16.91
CA LEU H 159 -58.71 4.60 -17.31
C LEU H 159 -59.64 4.01 -18.38
N VAL H 160 -59.24 2.88 -19.02
CA VAL H 160 -60.11 2.19 -19.96
C VAL H 160 -61.24 1.56 -19.14
N ASN H 161 -60.87 0.87 -18.03
CA ASN H 161 -61.77 0.22 -17.10
C ASN H 161 -62.72 1.25 -16.45
N LEU H 162 -62.21 2.44 -16.08
CA LEU H 162 -63.00 3.48 -15.49
C LEU H 162 -64.07 3.94 -16.46
N MET H 163 -63.68 4.19 -17.72
CA MET H 163 -64.60 4.68 -18.74
C MET H 163 -65.69 3.68 -19.09
N SER H 164 -65.42 2.37 -19.01
CA SER H 164 -66.43 1.37 -19.32
C SER H 164 -67.41 1.13 -18.18
N ASN H 165 -67.05 1.45 -16.93
CA ASN H 165 -67.96 1.27 -15.80
C ASN H 165 -68.71 2.54 -15.39
N TYR H 166 -68.31 3.71 -15.91
CA TYR H 166 -68.91 5.00 -15.54
C TYR H 166 -69.13 5.89 -16.74
N ASP H 167 -70.16 6.72 -16.66
CA ASP H 167 -70.44 7.75 -17.64
C ASP H 167 -69.67 8.89 -17.02
N VAL H 168 -68.57 9.30 -17.63
CA VAL H 168 -67.69 10.29 -17.03
C VAL H 168 -68.21 11.72 -17.11
N PRO H 169 -68.51 12.35 -15.96
CA PRO H 169 -68.88 13.77 -15.98
C PRO H 169 -67.66 14.65 -16.18
N GLU H 170 -67.84 15.81 -16.81
CA GLU H 170 -66.78 16.78 -17.07
C GLU H 170 -65.95 17.17 -15.85
N LYS H 171 -66.53 17.15 -14.63
CA LYS H 171 -65.76 17.49 -13.41
C LYS H 171 -64.67 16.44 -13.19
N TRP H 172 -64.99 15.15 -13.48
CA TRP H 172 -64.07 14.03 -13.36
C TRP H 172 -63.03 14.12 -14.45
N ALA H 173 -63.46 14.35 -15.69
CA ALA H 173 -62.59 14.48 -16.85
C ALA H 173 -61.55 15.58 -16.65
N LYS H 174 -61.94 16.68 -16.00
CA LYS H 174 -61.08 17.82 -15.70
C LYS H 174 -59.96 17.39 -14.75
N PHE H 175 -60.32 16.60 -13.72
CA PHE H 175 -59.38 16.10 -12.74
C PHE H 175 -58.36 15.15 -13.37
N TYR H 176 -58.82 14.13 -14.14
CA TYR H 176 -57.95 13.15 -14.75
C TYR H 176 -57.07 13.76 -15.85
N THR H 177 -57.59 14.75 -16.60
CA THR H 177 -56.80 15.42 -17.62
C THR H 177 -55.69 16.22 -16.97
N ALA H 178 -55.98 16.94 -15.85
CA ALA H 178 -54.98 17.74 -15.11
C ALA H 178 -53.85 16.92 -14.55
N GLU H 179 -54.15 15.72 -14.02
CA GLU H 179 -53.14 14.80 -13.51
C GLU H 179 -52.32 14.23 -14.69
N VAL H 180 -52.93 14.04 -15.89
CA VAL H 180 -52.19 13.54 -17.07
C VAL H 180 -51.25 14.66 -17.53
N VAL H 181 -51.70 15.92 -17.53
CA VAL H 181 -50.88 17.08 -17.84
C VAL H 181 -49.66 17.15 -16.90
N LEU H 182 -49.86 17.05 -15.56
CA LEU H 182 -48.74 17.09 -14.62
C LEU H 182 -47.78 15.90 -14.78
N ALA H 183 -48.34 14.72 -15.10
CA ALA H 183 -47.57 13.49 -15.30
C ALA H 183 -46.72 13.58 -16.59
N LEU H 184 -47.29 14.15 -17.65
CA LEU H 184 -46.59 14.32 -18.92
C LEU H 184 -45.54 15.40 -18.83
N ASP H 185 -45.84 16.48 -18.11
CA ASP H 185 -44.89 17.53 -17.83
C ASP H 185 -43.67 16.96 -17.07
N ALA H 186 -43.87 15.99 -16.17
CA ALA H 186 -42.79 15.36 -15.43
C ALA H 186 -41.91 14.53 -16.37
N ILE H 187 -42.53 13.77 -17.28
CA ILE H 187 -41.81 12.94 -18.25
C ILE H 187 -41.01 13.85 -19.21
N HIS H 188 -41.65 14.94 -19.69
CA HIS H 188 -41.01 15.90 -20.57
C HIS H 188 -39.83 16.58 -19.88
N SER H 189 -39.97 16.92 -18.58
CA SER H 189 -38.92 17.54 -17.76
C SER H 189 -37.72 16.65 -17.59
N MET H 190 -37.90 15.34 -17.63
CA MET H 190 -36.79 14.39 -17.60
C MET H 190 -36.11 14.23 -18.98
N GLY H 191 -36.50 15.03 -19.98
CA GLY H 191 -35.97 14.97 -21.32
C GLY H 191 -36.54 13.84 -22.16
N LEU H 192 -37.79 13.40 -21.88
CA LEU H 192 -38.39 12.30 -22.65
C LEU H 192 -39.71 12.61 -23.33
N ILE H 193 -40.04 11.86 -24.38
CA ILE H 193 -41.31 11.94 -25.10
C ILE H 193 -41.90 10.55 -24.97
N HIS H 194 -43.13 10.45 -24.42
CA HIS H 194 -43.83 9.18 -24.18
C HIS H 194 -44.11 8.40 -25.49
N ARG H 195 -44.78 9.06 -26.48
CA ARG H 195 -45.13 8.48 -27.79
C ARG H 195 -46.29 7.47 -27.79
N ASP H 196 -46.85 7.15 -26.61
CA ASP H 196 -47.95 6.19 -26.54
C ASP H 196 -48.92 6.54 -25.42
N VAL H 197 -49.28 7.83 -25.32
CA VAL H 197 -50.21 8.28 -24.31
C VAL H 197 -51.60 7.80 -24.70
N LYS H 198 -52.17 6.93 -23.88
CA LYS H 198 -53.50 6.35 -24.07
C LYS H 198 -54.02 5.90 -22.67
N PRO H 199 -55.34 5.81 -22.50
CA PRO H 199 -55.90 5.46 -21.18
C PRO H 199 -55.53 4.08 -20.64
N ASP H 200 -55.03 3.20 -21.49
CA ASP H 200 -54.60 1.86 -21.09
C ASP H 200 -53.34 1.93 -20.19
N ASN H 201 -52.51 2.97 -20.41
CA ASN H 201 -51.25 3.29 -19.72
C ASN H 201 -51.42 4.30 -18.56
N MET H 202 -52.64 4.66 -18.23
CA MET H 202 -52.94 5.59 -17.14
C MET H 202 -53.55 4.74 -16.04
N LEU H 203 -52.83 4.51 -14.95
CA LEU H 203 -53.28 3.66 -13.83
C LEU H 203 -53.69 4.46 -12.63
N LEU H 204 -54.57 3.90 -11.79
CA LEU H 204 -55.06 4.57 -10.59
C LEU H 204 -54.56 3.82 -9.38
N ASP H 205 -54.08 4.56 -8.39
CA ASP H 205 -53.54 3.95 -7.15
C ASP H 205 -54.66 3.62 -6.13
N LYS H 206 -54.30 3.22 -4.90
CA LYS H 206 -55.23 2.90 -3.83
C LYS H 206 -56.19 4.06 -3.48
N HIS H 207 -55.80 5.29 -3.79
CA HIS H 207 -56.62 6.47 -3.48
C HIS H 207 -57.40 7.05 -4.69
N GLY H 208 -57.21 6.48 -5.88
CA GLY H 208 -57.84 6.97 -7.09
C GLY H 208 -57.02 7.98 -7.86
N HIS H 209 -55.74 8.14 -7.49
CA HIS H 209 -54.86 9.09 -8.18
C HIS H 209 -54.06 8.43 -9.27
N LEU H 210 -53.74 9.21 -10.31
CA LEU H 210 -53.08 8.71 -11.51
C LEU H 210 -51.58 8.58 -11.44
N LYS H 211 -51.07 7.57 -12.11
CA LYS H 211 -49.65 7.31 -12.38
C LYS H 211 -49.58 6.73 -13.80
N LEU H 212 -48.55 7.11 -14.53
CA LEU H 212 -48.30 6.58 -15.86
C LEU H 212 -47.53 5.28 -15.72
N ALA H 213 -47.71 4.38 -16.69
CA ALA H 213 -47.03 3.10 -16.77
C ALA H 213 -46.76 2.79 -18.30
N ASP H 214 -46.00 1.70 -18.62
CA ASP H 214 -45.59 1.31 -19.97
C ASP H 214 -44.76 2.39 -20.58
N PHE H 215 -43.48 2.43 -20.22
CA PHE H 215 -42.56 3.41 -20.79
C PHE H 215 -41.69 2.77 -21.93
N GLY H 216 -42.20 1.70 -22.55
CA GLY H 216 -41.54 0.99 -23.63
C GLY H 216 -41.36 1.77 -24.91
N THR H 217 -42.08 2.87 -25.08
CA THR H 217 -41.94 3.70 -26.28
C THR H 217 -41.24 5.04 -26.00
N CYS H 218 -40.92 5.34 -24.74
CA CYS H 218 -40.27 6.60 -24.38
C CYS H 218 -38.92 6.76 -25.07
N MET H 219 -38.62 7.98 -25.49
CA MET H 219 -37.37 8.30 -26.16
C MET H 219 -36.79 9.59 -25.60
N LYS H 220 -35.47 9.64 -25.43
CA LYS H 220 -34.79 10.84 -24.95
C LYS H 220 -34.74 11.86 -26.11
N MET H 221 -35.03 13.13 -25.82
CA MET H 221 -35.00 14.17 -26.83
C MET H 221 -33.56 14.65 -27.07
N ASP H 222 -33.31 15.17 -28.28
CA ASP H 222 -32.04 15.79 -28.68
C ASP H 222 -31.95 17.19 -28.00
N GLU H 223 -30.84 17.94 -28.24
CA GLU H 223 -30.75 19.33 -27.76
C GLU H 223 -31.86 20.20 -28.41
N THR H 224 -32.37 19.80 -29.61
CA THR H 224 -33.44 20.47 -30.38
C THR H 224 -34.85 20.23 -29.77
N GLY H 225 -34.98 19.23 -28.90
CA GLY H 225 -36.23 18.81 -28.28
C GLY H 225 -36.99 17.82 -29.14
N MET H 226 -36.28 17.16 -30.07
CA MET H 226 -36.87 16.24 -31.04
C MET H 226 -36.44 14.80 -30.85
N VAL H 227 -37.19 13.89 -31.46
CA VAL H 227 -36.93 12.45 -31.40
C VAL H 227 -37.01 11.93 -32.84
N HIS H 228 -35.93 11.29 -33.32
CA HIS H 228 -35.95 10.73 -34.66
C HIS H 228 -36.42 9.29 -34.57
N CYS H 229 -37.58 8.99 -35.16
CA CYS H 229 -38.11 7.65 -35.15
C CYS H 229 -38.06 7.08 -36.54
N ASP H 230 -37.83 5.78 -36.65
CA ASP H 230 -37.86 5.07 -37.92
C ASP H 230 -39.17 4.26 -37.99
N THR H 231 -39.58 3.64 -36.87
CA THR H 231 -40.80 2.84 -36.75
C THR H 231 -41.98 3.67 -36.24
N ALA H 232 -43.20 3.29 -36.63
CA ALA H 232 -44.39 3.99 -36.19
C ALA H 232 -45.03 3.25 -35.03
N VAL H 233 -45.10 3.94 -33.87
CA VAL H 233 -45.71 3.40 -32.65
C VAL H 233 -46.95 4.23 -32.27
N GLY H 234 -47.79 3.67 -31.40
CA GLY H 234 -48.98 4.35 -30.93
C GLY H 234 -50.20 3.61 -31.42
N THR H 235 -51.23 3.53 -30.57
CA THR H 235 -52.47 2.87 -30.99
C THR H 235 -53.15 3.68 -32.11
N PRO H 236 -53.89 2.99 -32.98
CA PRO H 236 -54.51 3.69 -34.11
C PRO H 236 -55.36 4.91 -33.73
N ASP H 237 -56.20 4.77 -32.69
CA ASP H 237 -57.10 5.85 -32.27
C ASP H 237 -56.41 7.08 -31.66
N TYR H 238 -55.23 6.88 -31.05
CA TYR H 238 -54.49 7.93 -30.35
C TYR H 238 -53.27 8.49 -31.10
N ILE H 239 -52.88 7.87 -32.24
CA ILE H 239 -51.74 8.29 -33.05
C ILE H 239 -51.95 9.66 -33.68
N SER H 240 -50.95 10.54 -33.56
CA SER H 240 -50.97 11.92 -34.03
C SER H 240 -50.83 12.04 -35.57
N PRO H 241 -51.12 13.22 -36.18
CA PRO H 241 -51.00 13.33 -37.65
C PRO H 241 -49.55 13.36 -38.15
N GLU H 242 -48.62 14.12 -37.48
CA GLU H 242 -47.21 14.16 -37.90
C GLU H 242 -46.52 12.79 -37.91
N VAL H 243 -47.01 11.84 -37.10
CA VAL H 243 -46.48 10.49 -37.08
C VAL H 243 -47.01 9.71 -38.30
N LEU H 244 -48.31 9.91 -38.62
CA LEU H 244 -48.95 9.27 -39.77
C LEU H 244 -48.35 9.73 -41.11
N LYS H 245 -48.00 11.02 -41.25
CA LYS H 245 -47.38 11.53 -42.48
C LYS H 245 -45.87 11.20 -42.55
N ASP H 250 -41.26 7.50 -40.43
CA ASP H 250 -39.91 8.07 -40.23
C ASP H 250 -39.93 9.62 -40.15
N GLY H 251 -39.23 10.17 -39.15
CA GLY H 251 -39.20 11.63 -38.98
C GLY H 251 -38.86 12.11 -37.58
N PHE H 252 -38.77 13.44 -37.41
CA PHE H 252 -38.43 14.09 -36.15
C PHE H 252 -39.66 14.69 -35.47
N TYR H 253 -40.02 14.17 -34.28
CA TYR H 253 -41.19 14.61 -33.52
C TYR H 253 -40.83 15.34 -32.22
N GLY H 254 -41.64 16.31 -31.83
CA GLY H 254 -41.44 17.04 -30.58
C GLY H 254 -42.39 16.63 -29.46
N ARG H 255 -42.38 17.39 -28.36
CA ARG H 255 -43.21 17.12 -27.17
C ARG H 255 -44.71 17.28 -27.46
N GLU H 256 -45.06 18.27 -28.29
CA GLU H 256 -46.45 18.54 -28.70
C GLU H 256 -47.15 17.32 -29.33
N CYS H 257 -46.38 16.27 -29.69
CA CYS H 257 -46.87 15.01 -30.21
C CYS H 257 -47.67 14.27 -29.12
N ASP H 258 -47.19 14.30 -27.88
CA ASP H 258 -47.83 13.67 -26.73
C ASP H 258 -49.13 14.39 -26.35
N TRP H 259 -49.17 15.72 -26.51
CA TRP H 259 -50.32 16.56 -26.21
C TRP H 259 -51.49 16.36 -27.14
N TRP H 260 -51.24 15.87 -28.35
CA TRP H 260 -52.29 15.51 -29.30
C TRP H 260 -53.14 14.36 -28.67
N SER H 261 -52.46 13.40 -28.04
CA SER H 261 -53.08 12.24 -27.40
C SER H 261 -53.88 12.65 -26.17
N VAL H 262 -53.50 13.75 -25.49
CA VAL H 262 -54.25 14.32 -24.36
C VAL H 262 -55.59 14.87 -24.87
N GLY H 263 -55.59 15.52 -26.04
CA GLY H 263 -56.81 15.99 -26.70
C GLY H 263 -57.74 14.84 -27.04
N VAL H 264 -57.18 13.76 -27.60
CA VAL H 264 -57.97 12.57 -27.94
C VAL H 264 -58.58 11.94 -26.69
N PHE H 265 -57.80 11.89 -25.60
CA PHE H 265 -58.20 11.32 -24.30
C PHE H 265 -59.35 12.13 -23.67
N LEU H 266 -59.23 13.45 -23.69
CA LEU H 266 -60.25 14.32 -23.14
C LEU H 266 -61.54 14.19 -23.96
N TYR H 267 -61.43 14.07 -25.30
CA TYR H 267 -62.57 13.85 -26.19
C TYR H 267 -63.22 12.51 -25.85
N GLU H 268 -62.43 11.41 -25.77
CA GLU H 268 -63.00 10.10 -25.47
C GLU H 268 -63.72 10.07 -24.15
N MET H 269 -63.19 10.77 -23.13
CA MET H 269 -63.81 10.79 -21.80
C MET H 269 -65.15 11.48 -21.78
N LEU H 270 -65.27 12.58 -22.51
CA LEU H 270 -66.47 13.40 -22.53
C LEU H 270 -67.54 12.96 -23.52
N VAL H 271 -67.11 12.41 -24.66
CA VAL H 271 -68.02 12.00 -25.71
C VAL H 271 -68.40 10.52 -25.60
N GLY H 272 -67.44 9.69 -25.18
CA GLY H 272 -67.68 8.26 -25.06
C GLY H 272 -67.11 7.45 -26.22
N ASP H 273 -66.63 8.14 -27.26
CA ASP H 273 -66.01 7.52 -28.42
C ASP H 273 -64.75 8.32 -28.78
N THR H 274 -63.86 7.72 -29.58
CA THR H 274 -62.63 8.34 -30.09
C THR H 274 -62.99 9.35 -31.20
N PRO H 275 -62.29 10.50 -31.31
CA PRO H 275 -62.69 11.51 -32.31
C PRO H 275 -62.63 11.11 -33.76
N PHE H 276 -61.76 10.15 -34.04
CA PHE H 276 -61.46 9.70 -35.38
C PHE H 276 -61.80 8.25 -35.63
N TYR H 277 -62.70 7.67 -34.80
CA TYR H 277 -63.17 6.31 -34.92
C TYR H 277 -63.75 6.07 -36.32
N ALA H 278 -63.43 4.90 -36.88
CA ALA H 278 -63.90 4.39 -38.15
C ALA H 278 -64.03 2.86 -38.03
N ASP H 279 -64.83 2.26 -38.93
CA ASP H 279 -65.06 0.82 -38.95
C ASP H 279 -63.79 0.08 -39.39
N SER H 280 -62.89 0.75 -40.17
CA SER H 280 -61.61 0.18 -40.60
C SER H 280 -60.41 0.95 -39.99
N LEU H 281 -59.21 0.31 -39.96
CA LEU H 281 -57.97 0.91 -39.46
C LEU H 281 -57.53 2.03 -40.38
N VAL H 282 -57.63 1.83 -41.70
CA VAL H 282 -57.25 2.86 -42.67
C VAL H 282 -58.21 4.08 -42.66
N GLY H 283 -59.47 3.82 -42.32
CA GLY H 283 -60.49 4.85 -42.19
C GLY H 283 -60.21 5.77 -41.02
N THR H 284 -59.53 5.24 -39.98
CA THR H 284 -59.17 6.01 -38.79
C THR H 284 -58.03 6.96 -39.12
N TYR H 285 -57.07 6.56 -39.94
CA TYR H 285 -55.93 7.40 -40.30
C TYR H 285 -56.34 8.54 -41.23
N SER H 286 -57.36 8.30 -42.12
CA SER H 286 -57.96 9.28 -43.03
C SER H 286 -58.60 10.45 -42.21
N LYS H 287 -59.41 10.11 -41.19
CA LYS H 287 -60.02 11.08 -40.29
C LYS H 287 -58.95 11.79 -39.44
N ILE H 288 -57.93 11.07 -38.91
CA ILE H 288 -56.83 11.72 -38.16
C ILE H 288 -56.14 12.77 -39.03
N MET H 289 -55.85 12.40 -40.28
CA MET H 289 -55.20 13.28 -41.23
C MET H 289 -56.09 14.48 -41.67
N ASP H 290 -57.39 14.22 -41.93
CA ASP H 290 -58.36 15.26 -42.32
C ASP H 290 -59.00 15.92 -41.06
N HIS H 291 -58.29 15.92 -39.92
CA HIS H 291 -58.81 16.45 -38.66
C HIS H 291 -59.45 17.84 -38.74
N LYS H 292 -58.99 18.71 -39.66
CA LYS H 292 -59.56 20.06 -39.79
C LYS H 292 -61.05 20.04 -40.18
N ASN H 293 -61.50 18.95 -40.83
CA ASN H 293 -62.89 18.80 -41.25
C ASN H 293 -63.58 17.57 -40.62
N SER H 294 -62.83 16.56 -40.19
CA SER H 294 -63.39 15.34 -39.63
C SER H 294 -63.74 15.42 -38.13
N LEU H 295 -63.14 16.36 -37.40
CA LEU H 295 -63.44 16.52 -35.99
C LEU H 295 -64.74 17.27 -35.79
N CYS H 296 -65.70 16.61 -35.15
CA CYS H 296 -66.93 17.28 -34.81
C CYS H 296 -67.58 16.65 -33.61
N PHE H 297 -68.13 17.50 -32.76
CA PHE H 297 -68.76 17.08 -31.54
C PHE H 297 -70.19 16.68 -31.80
N PRO H 298 -70.59 15.48 -31.38
CA PRO H 298 -72.00 15.08 -31.54
C PRO H 298 -72.93 15.98 -30.73
N GLU H 299 -74.16 16.20 -31.25
CA GLU H 299 -75.11 17.06 -30.58
C GLU H 299 -75.67 16.52 -29.27
N ASP H 300 -75.47 15.22 -28.98
CA ASP H 300 -75.85 14.67 -27.68
C ASP H 300 -74.67 14.60 -26.67
N ALA H 301 -73.45 15.01 -27.07
CA ALA H 301 -72.29 15.00 -26.16
C ALA H 301 -72.46 16.07 -25.13
N GLU H 302 -72.28 15.70 -23.87
CA GLU H 302 -72.38 16.62 -22.73
C GLU H 302 -71.01 17.27 -22.57
N ILE H 303 -70.81 18.44 -23.17
CA ILE H 303 -69.51 19.10 -23.14
C ILE H 303 -69.62 20.61 -23.06
N SER H 304 -68.70 21.24 -22.31
CA SER H 304 -68.69 22.70 -22.20
C SER H 304 -67.95 23.38 -23.40
N LYS H 305 -68.09 24.71 -23.51
CA LYS H 305 -67.44 25.46 -24.56
C LYS H 305 -65.91 25.46 -24.34
N HIS H 306 -65.46 25.53 -23.07
CA HIS H 306 -64.05 25.49 -22.68
C HIS H 306 -63.44 24.11 -22.96
N ALA H 307 -64.21 23.03 -22.79
CA ALA H 307 -63.77 21.66 -23.07
C ALA H 307 -63.60 21.47 -24.57
N LYS H 308 -64.54 21.99 -25.39
CA LYS H 308 -64.43 21.89 -26.84
C LYS H 308 -63.24 22.72 -27.32
N ASN H 309 -63.04 23.92 -26.74
CA ASN H 309 -61.92 24.77 -27.09
C ASN H 309 -60.57 24.10 -26.75
N LEU H 310 -60.46 23.43 -25.59
CA LEU H 310 -59.24 22.74 -25.20
C LEU H 310 -58.93 21.57 -26.11
N ILE H 311 -59.93 20.76 -26.42
CA ILE H 311 -59.78 19.61 -27.33
C ILE H 311 -59.29 20.10 -28.70
N CYS H 312 -59.90 21.18 -29.20
CA CYS H 312 -59.55 21.78 -30.48
C CYS H 312 -58.15 22.41 -30.47
N ALA H 313 -57.69 22.99 -29.36
CA ALA H 313 -56.34 23.56 -29.28
C ALA H 313 -55.23 22.48 -29.32
N PHE H 314 -55.57 21.25 -28.91
CA PHE H 314 -54.67 20.10 -28.94
C PHE H 314 -54.77 19.38 -30.29
N LEU H 315 -55.97 19.28 -30.84
CA LEU H 315 -56.17 18.57 -32.10
C LEU H 315 -56.04 19.49 -33.33
N THR H 316 -54.87 20.14 -33.46
CA THR H 316 -54.47 21.00 -34.56
C THR H 316 -53.13 20.47 -35.13
N ASP H 317 -52.60 21.07 -36.22
CA ASP H 317 -51.30 20.69 -36.76
C ASP H 317 -50.23 21.07 -35.72
N ARG H 318 -49.13 20.29 -35.67
CA ARG H 318 -48.00 20.43 -34.74
C ARG H 318 -47.36 21.81 -34.61
N GLU H 319 -47.53 22.66 -35.64
CA GLU H 319 -46.96 24.00 -35.70
C GLU H 319 -47.70 24.99 -34.83
N VAL H 320 -49.01 24.84 -34.72
CA VAL H 320 -49.82 25.76 -33.91
C VAL H 320 -50.46 25.10 -32.66
N ARG H 321 -50.12 23.81 -32.38
CA ARG H 321 -50.65 22.99 -31.28
C ARG H 321 -50.34 23.49 -29.89
N LEU H 322 -51.34 23.40 -28.98
CA LEU H 322 -51.18 23.78 -27.58
C LEU H 322 -50.19 22.80 -26.89
N GLY H 323 -49.21 23.34 -26.16
CA GLY H 323 -48.19 22.55 -25.49
C GLY H 323 -46.89 22.38 -26.25
N ARG H 324 -46.78 23.03 -27.45
CA ARG H 324 -45.57 23.04 -28.30
C ARG H 324 -44.48 23.73 -27.46
N ASN H 325 -44.84 24.92 -26.92
CA ASN H 325 -44.06 25.72 -26.00
C ASN H 325 -44.10 25.00 -24.59
N GLY H 326 -44.22 25.75 -23.50
CA GLY H 326 -44.29 25.15 -22.18
C GLY H 326 -45.66 24.63 -21.81
N VAL H 327 -45.72 23.84 -20.73
CA VAL H 327 -46.97 23.36 -20.15
C VAL H 327 -47.76 24.55 -19.51
N GLU H 328 -47.12 25.73 -19.30
CA GLU H 328 -47.74 26.92 -18.74
C GLU H 328 -48.99 27.33 -19.52
N GLU H 329 -48.98 27.24 -20.86
CA GLU H 329 -50.15 27.61 -21.68
C GLU H 329 -51.31 26.64 -21.44
N ILE H 330 -51.02 25.35 -21.20
CA ILE H 330 -52.01 24.31 -20.91
C ILE H 330 -52.60 24.52 -19.50
N ARG H 331 -51.72 24.80 -18.53
CA ARG H 331 -52.07 25.07 -17.15
C ARG H 331 -53.05 26.26 -16.99
N GLN H 332 -52.95 27.30 -17.84
CA GLN H 332 -53.83 28.46 -17.72
C GLN H 332 -55.04 28.42 -18.63
N HIS H 333 -55.33 27.28 -19.26
CA HIS H 333 -56.54 27.15 -20.05
C HIS H 333 -57.78 27.27 -19.16
N PRO H 334 -58.80 28.04 -19.60
CA PRO H 334 -60.01 28.19 -18.77
C PRO H 334 -60.76 26.90 -18.40
N PHE H 335 -60.60 25.82 -19.16
CA PHE H 335 -61.24 24.53 -18.85
C PHE H 335 -60.91 24.06 -17.44
N PHE H 336 -59.64 24.21 -17.01
CA PHE H 336 -59.16 23.74 -15.72
C PHE H 336 -59.56 24.58 -14.50
N LYS H 337 -60.27 25.70 -14.70
CA LYS H 337 -60.74 26.51 -13.59
C LYS H 337 -61.85 25.75 -12.85
N ASN H 338 -61.70 25.58 -11.54
CA ASN H 338 -62.63 24.85 -10.69
C ASN H 338 -62.52 25.32 -9.21
N ASP H 339 -63.40 24.87 -8.32
CA ASP H 339 -63.27 25.25 -6.89
C ASP H 339 -62.96 24.07 -5.98
N GLN H 340 -62.30 23.05 -6.51
CA GLN H 340 -61.91 21.89 -5.71
C GLN H 340 -60.38 21.78 -5.53
N TRP H 341 -59.61 22.05 -6.58
CA TRP H 341 -58.16 21.89 -6.54
C TRP H 341 -57.40 22.98 -7.31
N HIS H 342 -56.11 23.09 -7.01
CA HIS H 342 -55.12 23.95 -7.67
C HIS H 342 -54.07 22.98 -8.25
N TRP H 343 -53.23 23.47 -9.17
CA TRP H 343 -52.17 22.63 -9.76
C TRP H 343 -51.17 22.13 -8.72
N ASP H 344 -50.93 22.93 -7.67
CA ASP H 344 -49.96 22.60 -6.62
C ASP H 344 -50.50 21.65 -5.55
N ASN H 345 -51.81 21.33 -5.55
CA ASN H 345 -52.34 20.40 -4.53
C ASN H 345 -53.29 19.33 -5.06
N ILE H 346 -53.54 19.24 -6.38
CA ILE H 346 -54.51 18.30 -6.92
C ILE H 346 -54.33 16.84 -6.42
N ARG H 347 -53.08 16.36 -6.27
CA ARG H 347 -52.72 15.01 -5.78
C ARG H 347 -53.07 14.75 -4.31
N GLU H 348 -53.35 15.82 -3.56
CA GLU H 348 -53.72 15.70 -2.17
C GLU H 348 -55.20 16.11 -1.89
N THR H 349 -56.02 16.18 -2.95
CA THR H 349 -57.45 16.41 -2.89
C THR H 349 -58.14 15.06 -3.19
N ALA H 350 -59.40 14.91 -2.80
CA ALA H 350 -60.13 13.66 -3.01
C ALA H 350 -60.34 13.36 -4.50
N ALA H 351 -59.99 12.14 -4.90
CA ALA H 351 -60.14 11.69 -6.28
C ALA H 351 -61.62 11.41 -6.58
N PRO H 352 -62.05 11.49 -7.85
CA PRO H 352 -63.48 11.26 -8.14
C PRO H 352 -63.99 9.88 -7.75
N VAL H 353 -63.19 8.85 -8.03
CA VAL H 353 -63.52 7.46 -7.71
C VAL H 353 -62.43 6.90 -6.83
N VAL H 354 -62.79 6.60 -5.57
CA VAL H 354 -61.83 6.03 -4.65
C VAL H 354 -62.07 4.55 -4.69
N PRO H 355 -61.03 3.72 -4.97
CA PRO H 355 -61.25 2.27 -4.99
C PRO H 355 -61.70 1.67 -3.64
N GLU H 356 -62.66 0.74 -3.68
CA GLU H 356 -63.12 0.02 -2.48
C GLU H 356 -62.51 -1.38 -2.57
N LEU H 357 -61.39 -1.60 -1.87
CA LEU H 357 -60.66 -2.86 -1.99
C LEU H 357 -60.90 -3.75 -0.78
N SER H 358 -61.03 -5.06 -0.99
CA SER H 358 -61.29 -5.98 0.11
C SER H 358 -60.03 -6.60 0.74
N SER H 359 -58.84 -6.44 0.09
CA SER H 359 -57.57 -6.98 0.56
C SER H 359 -56.39 -6.41 -0.24
N ASP H 360 -55.13 -6.73 0.17
CA ASP H 360 -53.93 -6.31 -0.55
C ASP H 360 -53.74 -7.00 -1.91
N ILE H 361 -54.52 -8.07 -2.20
CA ILE H 361 -54.45 -8.74 -3.50
C ILE H 361 -55.76 -8.62 -4.32
N ASP H 362 -56.60 -7.65 -3.98
CA ASP H 362 -57.84 -7.42 -4.69
C ASP H 362 -57.51 -6.90 -6.08
N SER H 363 -57.84 -7.68 -7.12
CA SER H 363 -57.59 -7.24 -8.51
C SER H 363 -58.89 -7.14 -9.30
N SER H 364 -59.98 -6.75 -8.62
CA SER H 364 -61.32 -6.61 -9.21
C SER H 364 -61.39 -5.50 -10.26
N ASN H 365 -60.48 -4.51 -10.21
CA ASN H 365 -60.44 -3.44 -11.22
C ASN H 365 -59.58 -3.83 -12.45
N PHE H 366 -59.23 -5.14 -12.56
CA PHE H 366 -58.47 -5.70 -13.66
C PHE H 366 -59.26 -6.84 -14.27
N ASP H 367 -59.50 -6.77 -15.57
CA ASP H 367 -60.20 -7.85 -16.26
C ASP H 367 -59.32 -9.08 -16.30
N ASP H 368 -59.95 -10.27 -16.32
CA ASP H 368 -59.19 -11.51 -16.40
C ASP H 368 -58.44 -11.59 -17.74
N ILE H 369 -57.25 -12.18 -17.72
CA ILE H 369 -56.40 -12.24 -18.90
C ILE H 369 -56.48 -13.61 -19.60
N GLU H 370 -56.55 -13.60 -20.95
CA GLU H 370 -56.62 -14.84 -21.73
C GLU H 370 -55.21 -15.44 -21.85
N ASP H 371 -54.98 -16.63 -21.24
CA ASP H 371 -53.71 -17.38 -21.17
C ASP H 371 -52.78 -17.27 -22.42
N ASP H 372 -53.34 -17.20 -23.65
CA ASP H 372 -52.62 -17.03 -24.93
C ASP H 372 -51.27 -17.76 -25.02
N VAL H 376 -44.53 -21.09 -26.18
CA VAL H 376 -43.41 -20.76 -25.29
C VAL H 376 -42.07 -21.27 -25.85
N GLU H 377 -41.44 -20.47 -26.74
CA GLU H 377 -40.18 -20.87 -27.33
C GLU H 377 -38.94 -20.37 -26.56
N THR H 378 -37.99 -21.28 -26.35
CA THR H 378 -36.71 -21.00 -25.69
C THR H 378 -35.57 -20.87 -26.74
N PHE H 379 -34.41 -20.31 -26.34
CA PHE H 379 -33.24 -20.21 -27.23
C PHE H 379 -32.70 -21.62 -27.46
N PRO H 380 -32.32 -21.94 -28.70
CA PRO H 380 -31.78 -23.29 -28.98
C PRO H 380 -30.39 -23.46 -28.36
N ILE H 381 -30.04 -24.71 -27.93
CA ILE H 381 -28.71 -24.99 -27.38
C ILE H 381 -27.67 -24.76 -28.48
N PRO H 382 -26.72 -23.84 -28.24
CA PRO H 382 -25.79 -23.48 -29.31
C PRO H 382 -24.57 -24.39 -29.45
N LYS H 383 -24.09 -24.46 -30.70
CA LYS H 383 -22.89 -25.23 -31.07
C LYS H 383 -21.61 -24.37 -30.88
N ALA H 384 -21.74 -23.04 -30.95
CA ALA H 384 -20.67 -22.06 -30.76
C ALA H 384 -21.20 -20.85 -29.93
N PHE H 385 -20.29 -20.00 -29.41
CA PHE H 385 -20.68 -18.84 -28.63
C PHE H 385 -21.54 -17.88 -29.44
N VAL H 386 -22.74 -17.59 -28.92
CA VAL H 386 -23.66 -16.67 -29.60
C VAL H 386 -23.89 -15.39 -28.81
N GLY H 387 -23.75 -15.44 -27.49
CA GLY H 387 -23.92 -14.26 -26.65
C GLY H 387 -25.32 -13.71 -26.53
N ASN H 388 -26.32 -14.58 -26.30
CA ASN H 388 -27.71 -14.13 -26.17
C ASN H 388 -27.98 -13.34 -24.88
N GLN H 389 -27.12 -13.52 -23.84
CA GLN H 389 -27.26 -12.82 -22.57
C GLN H 389 -26.63 -11.44 -22.56
N LEU H 390 -25.71 -11.16 -23.51
CA LEU H 390 -24.98 -9.90 -23.63
C LEU H 390 -25.85 -8.62 -23.67
N PRO H 391 -27.01 -8.58 -24.39
CA PRO H 391 -27.79 -7.33 -24.41
C PRO H 391 -28.46 -6.96 -23.09
N PHE H 392 -28.49 -7.90 -22.13
CA PHE H 392 -29.17 -7.74 -20.85
C PHE H 392 -28.23 -7.45 -19.65
N ILE H 393 -26.90 -7.34 -19.90
CA ILE H 393 -25.93 -7.05 -18.85
C ILE H 393 -26.14 -5.62 -18.35
N GLY H 394 -26.37 -5.48 -17.05
CA GLY H 394 -26.62 -4.20 -16.41
C GLY H 394 -28.08 -3.95 -16.02
N PHE H 395 -28.96 -4.88 -16.36
CA PHE H 395 -30.38 -4.70 -16.08
C PHE H 395 -30.67 -4.75 -14.60
N THR H 396 -29.97 -5.62 -13.85
CA THR H 396 -30.15 -5.76 -12.41
C THR H 396 -29.99 -4.42 -11.66
N TYR H 397 -30.95 -4.16 -10.76
CA TYR H 397 -31.02 -2.97 -9.92
C TYR H 397 -31.78 -3.27 -8.64
N TYR H 398 -31.21 -2.86 -7.50
CA TYR H 398 -31.85 -3.03 -6.20
C TYR H 398 -31.96 -1.66 -5.53
N ARG H 399 -33.18 -1.20 -5.23
CA ARG H 399 -33.41 0.11 -4.62
C ARG H 399 -32.79 0.20 -3.23
C1 VFA I . 11.99 18.88 16.61
C1 VFA I . 12.10 18.92 16.55
C2 VFA I . 12.89 17.91 16.17
C2 VFA I . 12.96 17.92 16.10
C3 VFA I . 11.12 18.59 17.65
C3 VFA I . 11.25 18.68 17.63
C4 VFA I . 12.89 16.67 16.77
C4 VFA I . 12.94 16.69 16.71
C5 VFA I . 13.88 18.23 15.07
C5 VFA I . 13.95 18.22 15.00
C6 VFA I . 11.11 17.34 18.26
C6 VFA I . 11.23 17.43 18.23
C7 VFA I . 12.01 16.38 17.81
C7 VFA I . 12.08 16.44 17.77
C8 VFA I . 10.07 20.75 17.60
C8 VFA I . 10.37 20.91 17.63
C9 VFA I . 16.95 9.74 10.91
C9 VFA I . 14.86 9.74 9.38
C10 VFA I . 16.66 10.96 11.47
C10 VFA I . 14.35 10.89 9.92
C11 VFA I . 15.53 11.64 11.01
C11 VFA I . 15.12 11.59 10.83
C12 VFA I . 14.75 11.05 10.00
C12 VFA I . 16.39 11.09 11.17
C13 VFA I . 15.14 9.82 9.54
C13 VFA I . 16.78 9.92 10.58
C14 VFA I . 15.11 12.95 11.54
C14 VFA I . 14.67 12.87 11.43
C15 VFA I . 13.83 13.41 11.26
C15 VFA I . 15.49 13.48 12.38
C16 VFA I . 13.60 11.87 9.48
C16 VFA I . 17.24 11.91 12.10
O1 VFA I . 10.18 19.46 18.17
O1 VFA I . 10.42 19.60 18.19
C17 VFA I . 15.93 13.71 12.38
C17 VFA I . 13.49 13.49 11.08
C18 VFA I . 15.45 14.88 12.94
C18 VFA I . 13.13 14.70 11.66
O2 VFA I . 12.97 12.76 10.42
O2 VFA I . 16.58 12.85 12.95
N1 VFA I . 14.33 17.07 14.34
N1 VFA I . 14.33 17.05 14.21
C19 VFA I . 14.16 15.32 12.68
C19 VFA I . 13.96 15.31 12.59
O3 VFA I . 12.50 16.96 13.05
O3 VFA I . 12.44 17.08 12.98
C20 VFA I . 13.36 14.59 11.82
C20 VFA I . 15.16 14.71 12.93
C21 VFA I . 13.59 16.52 13.36
C21 VFA I . 13.52 16.56 13.26
N2 VFA I . 16.22 9.16 9.97
N2 VFA I . 16.06 9.24 9.69
O1 MES J . 9.65 23.56 16.89
C2 MES J . 9.98 24.80 17.55
C3 MES J . 9.88 25.97 16.59
N4 MES J . 8.51 26.03 15.99
C5 MES J . 8.16 24.72 15.37
C6 MES J . 8.32 23.61 16.38
C7 MES J . 8.39 27.14 14.98
C8 MES J . 6.94 27.48 14.75
S MES J . 6.75 28.52 13.32
O1S MES J . 7.77 29.55 13.42
O2S MES J . 5.39 29.07 13.40
O3S MES J . 6.93 27.65 12.16
C1 VFA K . -44.62 9.92 22.69
C1 VFA K . -44.57 9.93 22.69
C2 VFA K . -45.51 9.81 21.63
C2 VFA K . -45.45 9.81 21.63
C3 VFA K . -43.73 10.97 22.74
C3 VFA K . -43.70 11.01 22.75
C4 VFA K . -45.48 10.75 20.62
C4 VFA K . -45.44 10.78 20.63
C5 VFA K . -46.53 8.69 21.59
C5 VFA K . -46.42 8.65 21.57
C6 VFA K . -43.69 11.92 21.73
C6 VFA K . -43.68 11.96 21.75
C7 VFA K . -44.57 11.80 20.67
C7 VFA K . -44.56 11.84 20.70
C8 VFA K . -42.80 10.29 24.86
C8 VFA K . -42.72 10.31 24.84
C9 VFA K . -47.36 5.73 11.85
C9 VFA K . -49.54 6.97 12.24
C10 VFA K . -46.94 5.83 13.16
C10 VFA K . -49.24 7.19 13.56
C11 VFA K . -47.68 6.63 14.03
C11 VFA K . -48.03 6.72 14.05
C12 VFA K . -48.80 7.30 13.54
C12 VFA K . -47.18 6.02 13.19
C13 VFA K . -49.11 7.12 12.22
C13 VFA K . -47.59 5.85 11.89
C14 VFA K . -47.33 6.75 15.45
C14 VFA K . -47.59 6.94 15.44
C15 VFA K . -48.16 7.50 16.31
C15 VFA K . -46.25 6.77 15.74
C16 VFA K . -49.52 8.22 14.49
C16 VFA K . -45.90 5.52 13.79
O1 VFA K . -42.84 11.21 23.76
O1 VFA K . -42.79 11.24 23.77
C17 VFA K . -46.19 6.17 16.00
C17 VFA K . -48.46 7.29 16.47
C18 VFA K . -45.86 6.36 17.32
C18 VFA K . -47.99 7.45 17.77
O2 VFA K . -49.37 8.01 15.90
O2 VFA K . -45.33 6.39 14.78
N1 VFA K . -46.90 8.31 20.24
N1 VFA K . -46.82 8.33 20.20
C19 VFA K . -46.65 7.14 18.15
C19 VFA K . -46.64 7.28 18.05
O3 VFA K . -45.14 6.94 19.96
O3 VFA K . -45.09 6.96 19.82
C20 VFA K . -47.83 7.69 17.64
C20 VFA K . -45.76 6.93 17.03
C21 VFA K . -46.17 7.44 19.53
C21 VFA K . -46.12 7.50 19.43
N2 VFA K . -48.43 6.36 11.37
N2 VFA K . -48.75 6.31 11.40
CL CL L . -56.72 -21.31 14.81
C1 VFA M . 42.93 -7.95 38.10
C1 VFA M . 43.02 -7.99 38.10
C2 VFA M . 43.76 -9.05 38.23
C2 VFA M . 43.86 -9.08 38.29
C3 VFA M . 42.11 -7.56 39.16
C3 VFA M . 42.15 -7.59 39.11
C4 VFA M . 43.76 -9.75 39.43
C4 VFA M . 43.79 -9.77 39.49
C5 VFA M . 44.70 -9.44 37.11
C5 VFA M . 44.89 -9.44 37.25
C6 VFA M . 42.12 -8.25 40.36
C6 VFA M . 42.10 -8.27 40.31
C7 VFA M . 42.95 -9.35 40.48
C7 VFA M . 42.92 -9.37 40.49
C8 VFA M . 41.16 -5.73 37.91
C8 VFA M . 41.33 -5.74 37.81
C9 VFA M . 47.44 -18.94 38.55
C9 VFA M . 45.11 -19.65 37.13
C10 VFA M . 47.17 -17.60 38.40
C10 VFA M . 44.74 -18.35 36.88
C11 VFA M . 46.00 -17.25 37.73
C11 VFA M . 45.55 -17.33 37.37
C12 VFA M . 45.16 -18.25 37.24
C12 VFA M . 46.68 -17.67 38.13
C13 VFA M . 45.55 -19.55 37.45
C13 VFA M . 46.94 -19.00 38.32
C14 VFA M . 45.62 -15.84 37.50
C14 VFA M . 45.31 -15.91 37.04
C15 VFA M . 44.37 -15.56 36.94
C15 VFA M . 46.20 -14.95 37.50
C16 VFA M . 43.94 -17.82 36.47
C16 VFA M . 47.48 -16.53 38.69
O1 VFA M . 41.26 -6.48 39.12
O1 VFA M . 41.31 -6.50 39.02
C17 VFA M . 46.47 -14.76 37.75
C17 VFA M . 44.18 -15.49 36.32
C18 VFA M . 46.10 -13.47 37.44
C18 VFA M . 43.94 -14.14 36.14
O2 VFA M . 43.40 -16.53 36.80
O2 VFA M . 47.44 -15.27 37.99
N1 VFA M . 45.13 -10.83 37.15
N1 VFA M . 45.21 -10.86 37.18
C19 VFA M . 44.86 -13.21 36.86
C19 VFA M . 44.79 -13.18 36.67
O3 VFA M . 43.42 -11.58 35.92
O3 VFA M . 43.35 -11.40 36.06
C20 VFA M . 44.00 -14.27 36.59
C20 VFA M . 45.95 -13.60 37.34
C21 VFA M . 44.42 -11.81 36.58
C21 VFA M . 44.39 -11.75 36.60
N2 VFA M . 46.65 -19.92 38.10
N2 VFA M . 46.19 -20.00 37.84
CL CL N . 54.20 -25.83 10.28
C1 VFA O . -14.01 -8.86 47.91
C1 VFA O . -13.90 -8.72 47.89
C2 VFA O . -14.97 -9.57 47.19
C2 VFA O . -14.85 -9.44 47.21
C3 VFA O . -13.21 -7.92 47.27
C3 VFA O . -13.09 -7.81 47.22
C4 VFA O . -15.08 -9.34 45.83
C4 VFA O . -14.97 -9.26 45.83
C5 VFA O . -15.92 -10.50 47.90
C5 VFA O . -15.77 -10.38 47.94
C6 VFA O . -13.31 -7.71 45.91
C6 VFA O . -13.21 -7.63 45.85
C7 VFA O . -14.25 -8.43 45.19
C7 VFA O . -14.16 -8.36 45.16
C8 VFA O . -12.23 -7.23 49.36
C8 VFA O . -11.98 -7.14 49.26
C9 VFA O . -17.25 -18.64 41.90
C9 VFA O . -19.29 -16.87 41.27
C10 VFA O . -16.65 -17.74 42.76
C10 VFA O . -18.89 -15.93 42.19
C11 VFA O . -17.33 -16.57 43.05
C11 VFA O . -17.80 -16.22 43.00
C12 VFA O . -18.56 -16.32 42.42
C12 VFA O . -17.16 -17.46 42.85
C13 VFA O . -19.05 -17.28 41.58
C13 VFA O . -17.65 -18.30 41.88
C14 VFA O . -16.87 -15.64 44.09
C14 VFA O . -17.27 -15.27 44.00
C15 VFA O . -17.68 -14.56 44.45
C15 VFA O . -16.06 -15.55 44.63
C16 VFA O . -19.23 -15.00 42.70
C16 VFA O . -16.02 -17.75 43.78
O1 VFA O . -12.32 -7.11 47.94
O1 VFA O . -12.15 -7.01 47.84
C17 VFA O . -15.63 -15.78 44.71
C17 VFA O . -17.95 -14.11 44.35
C18 VFA O . -15.21 -14.85 45.66
C18 VFA O . -17.43 -13.26 45.31
O2 VFA O . -18.97 -14.44 44.01
O2 VFA O . -15.29 -16.63 44.28
N1 VFA O . -16.32 -11.66 47.10
N1 VFA O . -16.30 -11.45 47.11
C19 VFA O . -16.01 -13.77 45.97
C19 VFA O . -16.22 -13.55 45.94
O3 VFA O . -14.46 -12.85 47.53
O3 VFA O . -14.57 -12.84 47.47
C20 VFA O . -17.25 -13.62 45.36
C20 VFA O . -15.55 -14.72 45.60
C21 VFA O . -15.53 -12.72 46.94
C21 VFA O . -15.63 -12.59 46.92
N2 VFA O . -18.43 -18.44 41.31
N2 VFA O . -18.69 -18.04 41.09
O1 MES P . -10.88 -6.76 52.40
C2 MES P . -10.56 -8.09 52.83
C3 MES P . -9.82 -8.07 54.14
N4 MES P . -10.64 -7.36 55.18
C5 MES P . -11.03 -6.00 54.70
C6 MES P . -11.70 -6.09 53.35
C7 MES P . -9.94 -7.30 56.51
C8 MES P . -9.87 -8.69 57.11
S MES P . -8.46 -8.79 58.20
O1S MES P . -8.99 -9.25 59.48
O2S MES P . -7.89 -7.46 58.27
O3S MES P . -7.55 -9.77 57.60
C1 VFA Q . -9.73 8.12 -48.65
C1 VFA Q . -9.46 7.89 -48.51
C2 VFA Q . -10.53 8.94 -47.87
C2 VFA Q . -10.32 8.77 -47.84
C3 VFA Q . -8.85 7.23 -48.04
C3 VFA Q . -8.60 7.08 -47.79
C4 VFA Q . -10.44 8.86 -46.49
C4 VFA Q . -10.28 8.81 -46.46
C5 VFA Q . -11.52 9.86 -48.55
C5 VFA Q . -11.30 9.63 -48.62
C6 VFA Q . -8.75 7.17 -46.67
C6 VFA Q . -8.55 7.14 -46.41
C7 VFA Q . -9.55 7.99 -45.89
C7 VFA Q . -9.40 8.01 -45.75
C8 VFA Q . -8.06 6.47 -50.18
C8 VFA Q . -7.59 6.10 -49.74
C9 VFA Q . -11.63 18.65 -43.31
C9 VFA Q . -14.03 17.28 -42.77
C10 VFA Q . -11.20 17.57 -44.04
C10 VFA Q . -13.83 16.25 -43.65
C11 VFA Q . -12.10 16.52 -44.27
C11 VFA Q . -12.66 16.25 -44.40
C12 VFA Q . -13.36 16.57 -43.68
C12 VFA Q . -11.74 17.31 -44.25
C13 VFA Q . -13.67 17.71 -42.98
C13 VFA Q . -12.06 18.27 -43.32
C14 VFA Q . -11.77 15.41 -45.19
C14 VFA Q . -12.30 15.16 -45.33
C15 VFA Q . -12.73 14.40 -45.42
C15 VFA Q . -11.00 15.09 -45.83
C16 VFA Q . -14.19 15.33 -43.76
C16 VFA Q . -10.57 17.32 -45.17
O1 VFA Q . -8.03 6.40 -48.75
O1 VFA Q . -7.69 6.19 -48.32
C17 VFA Q . -10.55 15.30 -45.84
C17 VFA Q . -13.20 14.14 -45.68
C18 VFA Q . -10.27 14.24 -46.66
C18 VFA Q . -12.79 13.10 -46.50
O2 VFA Q . -13.99 14.44 -44.88
O2 VFA Q . -10.05 16.03 -45.55
N1 VFA Q . -11.77 11.09 -47.82
N1 VFA Q . -11.74 10.81 -47.91
C19 VFA Q . -11.22 13.24 -46.87
C19 VFA Q . -11.48 13.03 -46.96
O3 VFA Q . -9.78 12.01 -48.30
O3 VFA Q . -9.84 11.95 -48.30
C20 VFA Q . -12.46 13.34 -46.26
C20 VFA Q . -10.59 14.04 -46.63
C21 VFA Q . -10.87 12.06 -47.72
C21 VFA Q . -10.96 11.89 -47.79
N2 VFA Q . -12.85 18.75 -42.78
N2 VFA Q . -13.17 18.29 -42.59
O1 MES R . -6.80 5.17 -52.66
C2 MES R . -7.16 4.44 -53.83
C3 MES R . -7.34 5.35 -55.02
N4 MES R . -6.10 6.18 -55.25
C5 MES R . -5.65 6.83 -53.98
C6 MES R . -5.56 5.84 -52.87
C7 MES R . -5.02 5.46 -56.01
C8 MES R . -4.09 6.44 -56.72
S MES R . -4.07 6.20 -58.49
O1S MES R . -5.04 7.13 -59.04
O2S MES R . -2.71 6.49 -58.92
O3S MES R . -4.44 4.80 -58.71
C1 VFA S . 46.66 2.67 -34.92
C1 VFA S . 46.71 2.76 -35.07
C2 VFA S . 47.60 3.67 -35.18
C2 VFA S . 47.70 3.71 -35.33
C3 VFA S . 45.85 2.21 -35.94
C3 VFA S . 45.84 2.35 -36.07
C4 VFA S . 47.68 4.20 -36.46
C4 VFA S . 47.77 4.25 -36.60
C5 VFA S . 48.55 4.11 -34.10
C5 VFA S . 48.65 4.15 -34.25
C6 VFA S . 45.95 2.73 -37.22
C6 VFA S . 45.94 2.89 -37.34
C7 VFA S . 46.86 3.73 -37.47
C7 VFA S . 46.90 3.84 -37.60
C8 VFA S . 44.69 0.67 -34.53
C8 VFA S . 44.63 0.83 -34.65
C9 VFA S . 50.19 14.10 -35.47
C9 VFA S . 52.31 13.14 -36.58
C10 VFA S . 49.61 12.89 -35.15
C10 VFA S . 51.90 11.85 -36.30
C11 VFA S . 50.38 11.73 -35.29
C11 VFA S . 50.72 11.68 -35.57
C12 VFA S . 51.68 11.84 -35.79
C12 VFA S . 50.00 12.82 -35.16
C13 VFA S . 52.13 13.10 -36.11
C13 VFA S . 50.52 14.04 -35.52
C14 VFA S . 49.89 10.42 -34.84
C14 VFA S . 50.20 10.35 -35.22
C15 VFA S . 50.62 9.28 -35.17
C15 VFA S . 48.91 10.26 -34.68
C16 VFA S . 52.51 10.58 -35.83
C16 VFA S . 48.79 12.58 -34.33
O1 VFA S . 44.87 1.24 -35.81
O1 VFA S . 44.84 1.42 -35.94
C17 VFA S . 48.72 10.27 -34.11
C17 VFA S . 50.95 9.19 -35.35
C18 VFA S . 48.25 9.01 -33.77
C18 VFA S . 50.42 7.98 -34.94
O2 VFA S . 51.79 9.34 -35.89
O2 VFA S . 48.08 11.36 -34.58
N1 VFA S . 49.04 5.47 -34.29
N1 VFA S . 49.18 5.48 -34.45
C19 VFA S . 48.96 7.88 -34.15
C19 VFA S . 49.14 7.89 -34.41
O3 VFA S . 47.27 6.44 -33.32
O3 VFA S . 47.50 6.51 -33.39
C20 VFA S . 50.16 8.02 -34.84
C20 VFA S . 48.39 9.05 -34.27
C21 VFA S . 48.35 6.55 -33.89
C21 VFA S . 48.54 6.57 -34.04
N2 VFA S . 51.43 14.22 -35.94
N2 VFA S . 51.64 14.24 -36.21
CL CL T . 59.02 22.61 -9.47
O1 MES U . 43.60 -1.30 -32.36
C2 MES U . 43.84 -2.50 -31.62
C3 MES U . 44.16 -2.19 -30.17
N4 MES U . 43.06 -1.36 -29.56
C5 MES U . 42.72 -0.18 -30.42
C6 MES U . 42.48 -0.62 -31.83
C7 MES U . 41.91 -2.14 -28.97
C8 MES U . 40.97 -1.26 -28.17
S MES U . 40.66 -2.00 -26.58
O1S MES U . 41.83 -1.72 -25.77
O2S MES U . 39.46 -1.33 -26.06
O3S MES U . 40.45 -3.41 -26.82
C1 VFA V . 9.99 -17.59 -13.98
C1 VFA V . 10.00 -17.53 -13.94
C2 VFA V . 10.91 -16.72 -13.41
C2 VFA V . 10.85 -16.63 -13.31
C3 VFA V . 9.13 -17.15 -14.97
C3 VFA V . 9.17 -17.11 -14.98
C4 VFA V . 10.94 -15.40 -13.85
C4 VFA V . 10.84 -15.30 -13.73
C5 VFA V . 11.90 -17.21 -12.37
C5 VFA V . 11.78 -17.09 -12.22
C6 VFA V . 9.17 -15.84 -15.41
C6 VFA V . 9.17 -15.80 -15.39
C7 VFA V . 10.07 -14.96 -14.83
C7 VFA V . 10.00 -14.89 -14.76
C8 VFA V . 7.97 -19.25 -15.11
C8 VFA V . 8.07 -19.24 -15.14
C9 VFA V . 14.98 -9.03 -7.53
C9 VFA V . 12.69 -8.96 -6.10
C10 VFA V . 14.68 -10.19 -8.20
C10 VFA V . 12.19 -10.08 -6.73
C11 VFA V . 13.48 -10.83 -7.91
C11 VFA V . 12.99 -10.74 -7.66
C12 VFA V . 12.64 -10.28 -6.94
C12 VFA V . 14.26 -10.22 -7.95
C13 VFA V . 13.04 -9.11 -6.35
C13 VFA V . 14.65 -9.10 -7.26
C14 VFA V . 13.04 -12.05 -8.63
C14 VFA V . 12.59 -12.00 -8.27
C15 VFA V . 11.78 -12.58 -8.34
C15 VFA V . 13.47 -12.65 -9.16
C16 VFA V . 11.45 -11.11 -6.54
C16 VFA V . 15.02 -10.86 -9.07
O1 VFA V . 8.17 -17.91 -15.58
O1 VFA V . 8.25 -17.91 -15.61
C17 VFA V . 13.85 -12.73 -9.53
C17 VFA V . 11.35 -12.60 -8.03
C18 VFA V . 13.42 -13.89 -10.12
C18 VFA V . 11.00 -13.77 -8.67
O2 VFA V . 10.86 -11.91 -7.58
O2 VFA V . 14.77 -12.25 -9.32
N1 VFA V . 12.39 -16.16 -11.48
N1 VFA V . 12.19 -16.03 -11.30
C19 VFA V . 12.17 -14.42 -9.84
C19 VFA V . 11.85 -14.37 -9.59
O3 VFA V . 10.48 -16.02 -10.29
O3 VFA V . 10.29 -16.07 -10.10
C20 VFA V . 11.35 -13.76 -8.92
C20 VFA V . 13.10 -13.81 -9.82
C21 VFA V . 11.61 -15.61 -10.54
C21 VFA V . 11.38 -15.57 -10.34
N2 VFA V . 14.17 -8.47 -6.62
N2 VFA V . 13.91 -8.47 -6.34
O1 MES W . 7.39 -22.38 -14.50
C2 MES W . 7.49 -23.58 -15.27
C3 MES W . 7.18 -24.80 -14.43
N4 MES W . 5.82 -24.68 -13.83
C5 MES W . 5.70 -23.39 -13.07
C6 MES W . 6.07 -22.23 -13.96
C7 MES W . 5.49 -25.87 -12.96
C8 MES W . 4.03 -25.94 -12.54
S MES W . 3.76 -27.18 -11.30
O1S MES W . 5.06 -27.44 -10.69
O2S MES W . 2.82 -26.61 -10.35
O3S MES W . 3.23 -28.35 -11.99
C1 VFA X . -45.72 -4.92 -22.48
C1 VFA X . -45.56 -4.93 -22.32
C2 VFA X . -46.65 -4.81 -21.45
C2 VFA X . -46.49 -4.80 -21.29
C3 VFA X . -44.91 -6.04 -22.57
C3 VFA X . -44.78 -6.08 -22.41
C4 VFA X . -46.71 -5.80 -20.49
C4 VFA X . -46.61 -5.83 -20.36
C5 VFA X . -47.66 -3.68 -21.45
C5 VFA X . -47.36 -3.57 -21.21
C6 VFA X . -44.98 -7.04 -21.62
C6 VFA X . -44.91 -7.10 -21.48
C7 VFA X . -45.88 -6.92 -20.57
C7 VFA X . -45.83 -6.97 -20.46
C8 VFA X . -43.76 -5.27 -24.55
C8 VFA X . -43.59 -5.27 -24.34
C9 VFA X . -48.73 -1.44 -11.55
C9 VFA X . -51.07 -2.87 -11.98
C10 VFA X . -48.20 -1.53 -12.83
C10 VFA X . -50.68 -2.95 -13.29
C11 VFA X . -48.99 -2.14 -13.81
C11 VFA X . -49.48 -2.37 -13.67
C12 VFA X . -50.26 -2.63 -13.46
C12 VFA X . -48.70 -1.73 -12.69
C13 VFA X . -50.64 -2.50 -12.14
C13 VFA X . -49.18 -1.72 -11.41
C14 VFA X . -48.56 -2.21 -15.21
C14 VFA X . -48.99 -2.38 -15.06
C15 VFA X . -49.31 -2.98 -16.11
C15 VFA X . -47.66 -2.03 -15.30
C16 VFA X . -51.09 -3.22 -14.56
C16 VFA X . -47.44 -1.06 -13.16
O1 VFA X . -43.99 -6.29 -23.57
O1 VFA X . -43.83 -6.31 -23.37
C17 VFA X . -47.44 -1.54 -15.69
C17 VFA X . -49.78 -2.75 -16.14
C18 VFA X . -47.08 -1.63 -17.02
C18 VFA X . -49.25 -2.77 -17.43
O2 VFA X . -50.38 -3.74 -15.70
O2 VFA X . -46.79 -1.68 -14.28
N1 VFA X . -48.13 -3.29 -20.13
N1 VFA X . -47.91 -3.33 -19.88
C19 VFA X . -47.83 -2.39 -17.91
C19 VFA X . -47.93 -2.42 -17.65
O3 VFA X . -46.37 -1.95 -19.73
O3 VFA X . -46.28 -1.90 -19.28
C20 VFA X . -48.97 -3.06 -17.44
C20 VFA X . -47.13 -2.03 -16.58
C21 VFA X . -47.39 -2.51 -19.33
C21 VFA X . -47.30 -2.52 -19.01
N2 VFA X . -49.93 -1.91 -11.20
N2 VFA X . -50.34 -2.26 -11.03
O1 MES Y . -43.06 -3.42 -26.96
C2 MES Y . -43.04 -3.54 -28.39
C3 MES Y . -42.88 -2.18 -29.05
N4 MES Y . -41.63 -1.50 -28.55
C5 MES Y . -41.64 -1.43 -27.06
C6 MES Y . -41.85 -2.81 -26.47
C7 MES Y . -41.44 -0.15 -29.18
C8 MES Y . -40.02 0.07 -29.69
S MES Y . -39.69 1.79 -29.98
O1S MES Y . -40.91 2.51 -29.62
O2S MES Y . -38.57 2.14 -29.12
O3S MES Y . -39.39 1.92 -31.39
#